data_6N7L
#
_entry.id   6N7L
#
_cell.length_a   70.150
_cell.length_b   168.290
_cell.length_c   199.730
_cell.angle_alpha   90.000
_cell.angle_beta   97.970
_cell.angle_gamma   90.000
#
_symmetry.space_group_name_H-M   'P 1 21 1'
#
loop_
_entity.id
_entity.type
_entity.pdbx_description
1 polymer 'Alcohol dehydrogenase'
2 non-polymer 1,2-ETHANEDIOL
3 non-polymer NICOTINAMIDE-ADENINE-DINUCLEOTIDE
4 non-polymer 'ZINC ION'
5 non-polymer 'CHLORIDE ION'
6 water water
#
_entity_poly.entity_id   1
_entity_poly.type   'polypeptide(L)'
_entity_poly.pdbx_seq_one_letter_code
;MAHHHHHHMIPKTMKAAVVQGYGEPLKIQEVPVREPGRYEVLVKVMACGVCHTDLHAVDGDWPAKPKMPLIPGHEGVGIV
VACGPDAMVKEGDAVGVPWLYSACGCCDYCITGWETLCEAQQNGGYSVDGGFAEYVIADSRYVGHLKSNVNFLEIAPILC
AGVTVYKGLKETETKPGEWVAISGIGGLGHVAVQYAKAMGMHVAAIDVADDKLELAKKLGADLTVNAKTTDPGTYLHKEV
GGMHGALITAVSPIAFKQGIDVLRRKGTIALNGLPPGSFELPIFETVLKRITVRGSIVGTRKDLQEALDFANEGLVKATV
TSAKLEDINDVFDKMKKGQIDGRIVLDIAGSQN
;
_entity_poly.pdbx_strand_id   A,B,C,D,E,F,G,H,I,J,K,L
#
loop_
_chem_comp.id
_chem_comp.type
_chem_comp.name
_chem_comp.formula
CL non-polymer 'CHLORIDE ION' 'Cl -1'
EDO non-polymer 1,2-ETHANEDIOL 'C2 H6 O2'
NAD non-polymer NICOTINAMIDE-ADENINE-DINUCLEOTIDE 'C21 H27 N7 O14 P2'
ZN non-polymer 'ZINC ION' 'Zn 2'
#
# COMPACT_ATOMS: atom_id res chain seq x y z
N MET A 9 10.70 20.64 -35.01
CA MET A 9 12.14 20.46 -34.90
C MET A 9 12.54 19.02 -34.55
N ILE A 10 11.54 18.22 -34.21
CA ILE A 10 11.75 16.80 -33.87
C ILE A 10 12.02 16.02 -35.17
N PRO A 11 13.07 15.21 -35.24
CA PRO A 11 13.35 14.50 -36.48
C PRO A 11 12.32 13.41 -36.74
N LYS A 12 12.19 13.05 -38.02
CA LYS A 12 11.33 11.93 -38.39
C LYS A 12 11.99 10.58 -38.12
N THR A 13 13.31 10.54 -38.11
CA THR A 13 14.07 9.30 -37.92
C THR A 13 15.16 9.52 -36.88
N MET A 14 15.62 8.41 -36.30
CA MET A 14 16.61 8.45 -35.24
C MET A 14 17.52 7.24 -35.30
N LYS A 15 18.66 7.35 -34.61
CA LYS A 15 19.55 6.23 -34.40
C LYS A 15 19.14 5.47 -33.15
N ALA A 16 19.26 4.14 -33.20
CA ALA A 16 18.91 3.31 -32.07
C ALA A 16 19.73 2.02 -32.14
N ALA A 17 20.10 1.49 -30.97
CA ALA A 17 20.73 0.18 -30.91
C ALA A 17 19.64 -0.88 -30.89
N VAL A 18 19.61 -1.75 -31.90
CA VAL A 18 18.54 -2.70 -32.12
C VAL A 18 19.10 -4.11 -32.08
N VAL A 19 18.43 -5.01 -31.36
CA VAL A 19 18.74 -6.43 -31.44
C VAL A 19 17.67 -7.11 -32.29
N GLN A 20 18.10 -7.96 -33.23
CA GLN A 20 17.23 -8.68 -34.16
C GLN A 20 16.95 -10.11 -33.73
N GLY A 21 17.92 -10.79 -33.13
CA GLY A 21 17.73 -12.17 -32.69
C GLY A 21 18.52 -12.39 -31.41
N TYR A 22 18.15 -13.43 -30.68
CA TYR A 22 18.76 -13.67 -29.37
C TYR A 22 20.24 -13.99 -29.53
N GLY A 23 21.06 -13.38 -28.67
CA GLY A 23 22.50 -13.58 -28.71
C GLY A 23 23.21 -12.89 -29.84
N GLU A 24 22.49 -12.23 -30.74
CA GLU A 24 23.12 -11.59 -31.89
C GLU A 24 23.72 -10.24 -31.48
N PRO A 25 24.76 -9.80 -32.18
CA PRO A 25 25.27 -8.45 -31.94
C PRO A 25 24.20 -7.43 -32.25
N LEU A 26 24.18 -6.36 -31.46
CA LEU A 26 23.29 -5.25 -31.74
C LEU A 26 23.89 -4.41 -32.87
N LYS A 27 23.02 -3.78 -33.64
CA LYS A 27 23.43 -2.88 -34.70
C LYS A 27 22.72 -1.55 -34.55
N ILE A 28 23.44 -0.48 -34.83
CA ILE A 28 22.86 0.85 -34.80
C ILE A 28 22.04 1.02 -36.08
N GLN A 29 20.74 1.28 -35.93
CA GLN A 29 19.85 1.39 -37.07
C GLN A 29 19.12 2.72 -37.04
N GLU A 30 18.64 3.11 -38.21
CA GLU A 30 17.78 4.27 -38.38
C GLU A 30 16.32 3.80 -38.30
N VAL A 31 15.62 4.24 -37.26
CA VAL A 31 14.26 3.80 -36.95
C VAL A 31 13.36 5.04 -36.92
N PRO A 32 12.08 4.92 -37.25
CA PRO A 32 11.21 6.09 -37.19
C PRO A 32 10.96 6.58 -35.78
N VAL A 33 10.80 7.90 -35.67
CA VAL A 33 10.40 8.54 -34.42
C VAL A 33 8.89 8.71 -34.44
N ARG A 34 8.21 8.22 -33.41
CA ARG A 34 6.75 8.21 -33.40
C ARG A 34 6.20 9.44 -32.69
N GLU A 35 5.03 9.87 -33.12
CA GLU A 35 4.48 10.96 -32.32
C GLU A 35 3.71 10.40 -31.11
N PRO A 36 3.81 11.05 -29.97
CA PRO A 36 3.16 10.51 -28.76
C PRO A 36 1.65 10.56 -28.84
N GLY A 37 1.02 9.47 -28.45
CA GLY A 37 -0.43 9.39 -28.32
C GLY A 37 -0.87 9.77 -26.93
N ARG A 38 -2.10 9.37 -26.60
CA ARG A 38 -2.70 9.71 -25.31
C ARG A 38 -1.85 9.23 -24.14
N TYR A 39 -1.62 10.12 -23.18
CA TYR A 39 -0.81 9.91 -21.98
C TYR A 39 0.68 9.84 -22.28
N GLU A 40 1.05 9.78 -23.55
CA GLU A 40 2.43 9.58 -23.94
C GLU A 40 3.17 10.91 -24.09
N VAL A 41 4.49 10.83 -23.93
CA VAL A 41 5.37 11.94 -24.29
C VAL A 41 6.53 11.35 -25.07
N LEU A 42 7.13 12.17 -25.91
CA LEU A 42 8.37 11.83 -26.59
C LEU A 42 9.49 12.48 -25.79
N VAL A 43 10.45 11.67 -25.38
CA VAL A 43 11.57 12.12 -24.55
C VAL A 43 12.82 12.14 -25.42
N LYS A 44 13.52 13.27 -25.42
CA LYS A 44 14.85 13.34 -26.02
C LYS A 44 15.85 12.75 -25.04
N VAL A 45 16.47 11.63 -25.41
CA VAL A 45 17.28 10.85 -24.47
C VAL A 45 18.64 11.51 -24.30
N MET A 46 18.98 11.87 -23.06
CA MET A 46 20.31 12.41 -22.82
C MET A 46 21.31 11.32 -22.44
N ALA A 47 20.90 10.38 -21.59
CA ALA A 47 21.75 9.26 -21.20
C ALA A 47 20.87 8.06 -20.93
N CYS A 48 21.47 6.87 -20.95
CA CYS A 48 20.72 5.68 -20.59
C CYS A 48 21.67 4.67 -19.97
N GLY A 49 21.40 4.28 -18.73
CA GLY A 49 22.22 3.29 -18.08
C GLY A 49 22.05 1.93 -18.73
N VAL A 50 23.10 1.12 -18.67
CA VAL A 50 23.05 -0.23 -19.20
C VAL A 50 22.90 -1.16 -18.02
N CYS A 51 21.75 -1.84 -17.96
CA CYS A 51 21.38 -2.74 -16.88
C CYS A 51 21.59 -4.18 -17.36
N HIS A 52 21.93 -5.08 -16.43
CA HIS A 52 22.16 -6.47 -16.82
C HIS A 52 20.88 -7.08 -17.37
N THR A 53 19.73 -6.53 -16.97
CA THR A 53 18.46 -6.94 -17.57
C THR A 53 18.48 -6.75 -19.08
N ASP A 54 19.07 -5.66 -19.57
CA ASP A 54 19.25 -5.48 -21.01
C ASP A 54 20.01 -6.65 -21.63
N LEU A 55 20.99 -7.20 -20.91
CA LEU A 55 21.72 -8.34 -21.43
C LEU A 55 20.88 -9.61 -21.39
N HIS A 56 20.13 -9.82 -20.31
CA HIS A 56 19.21 -10.95 -20.25
C HIS A 56 18.19 -10.87 -21.38
N ALA A 57 17.77 -9.66 -21.75
CA ALA A 57 16.83 -9.50 -22.85
C ALA A 57 17.45 -9.89 -24.18
N VAL A 58 18.62 -9.31 -24.51
CA VAL A 58 19.22 -9.59 -25.82
C VAL A 58 19.59 -11.05 -25.94
N ASP A 59 19.90 -11.72 -24.83
CA ASP A 59 20.23 -13.13 -24.85
C ASP A 59 19.00 -14.04 -24.73
N GLY A 60 17.84 -13.49 -24.44
CA GLY A 60 16.67 -14.33 -24.22
C GLY A 60 16.78 -15.30 -23.07
N ASP A 61 17.41 -14.89 -21.96
CA ASP A 61 17.64 -15.76 -20.80
C ASP A 61 16.35 -16.11 -20.06
N TRP A 62 15.27 -15.30 -20.21
CA TRP A 62 14.11 -15.47 -19.34
C TRP A 62 13.00 -16.22 -20.05
N PRO A 63 12.12 -16.91 -19.30
CA PRO A 63 11.02 -17.62 -19.97
C PRO A 63 9.99 -16.67 -20.57
N ALA A 64 9.71 -15.55 -19.92
CA ALA A 64 8.92 -14.47 -20.51
C ALA A 64 9.85 -13.63 -21.38
N LYS A 65 9.69 -13.75 -22.71
CA LYS A 65 10.60 -13.22 -23.71
C LYS A 65 10.25 -11.78 -24.06
N PRO A 66 11.23 -10.97 -24.48
CA PRO A 66 10.92 -9.60 -24.93
C PRO A 66 10.36 -9.62 -26.34
N LYS A 67 9.85 -8.47 -26.76
CA LYS A 67 9.54 -8.31 -28.17
C LYS A 67 10.82 -8.37 -28.98
N MET A 68 10.69 -8.75 -30.27
CA MET A 68 11.81 -8.83 -31.21
C MET A 68 11.26 -8.28 -32.53
N PRO A 69 11.99 -7.37 -33.19
CA PRO A 69 13.24 -6.76 -32.72
C PRO A 69 12.99 -5.82 -31.55
N LEU A 70 14.05 -5.39 -30.88
CA LEU A 70 13.93 -4.68 -29.62
C LEU A 70 14.99 -3.61 -29.50
N ILE A 71 14.58 -2.43 -29.03
CA ILE A 71 15.49 -1.42 -28.52
C ILE A 71 15.50 -1.54 -27.00
N PRO A 72 16.60 -2.00 -26.39
CA PRO A 72 16.64 -2.13 -24.92
C PRO A 72 16.76 -0.78 -24.22
N GLY A 73 16.90 -0.82 -22.90
CA GLY A 73 17.19 0.38 -22.14
C GLY A 73 16.01 0.89 -21.33
N HIS A 74 16.14 0.80 -20.01
CA HIS A 74 15.12 1.31 -19.11
C HIS A 74 15.79 2.07 -17.98
N GLU A 75 16.95 2.64 -18.24
CA GLU A 75 17.56 3.64 -17.38
C GLU A 75 17.78 4.92 -18.15
N GLY A 76 16.83 5.21 -19.05
CA GLY A 76 16.93 6.36 -19.93
C GLY A 76 16.41 7.62 -19.27
N VAL A 77 17.17 8.70 -19.41
CA VAL A 77 16.81 9.98 -18.82
C VAL A 77 16.98 11.05 -19.90
N GLY A 78 16.10 12.04 -19.91
CA GLY A 78 16.18 13.08 -20.92
C GLY A 78 15.13 14.15 -20.73
N ILE A 79 14.86 14.88 -21.80
CA ILE A 79 14.00 16.07 -21.78
C ILE A 79 12.77 15.79 -22.63
N VAL A 80 11.59 16.10 -22.10
CA VAL A 80 10.36 15.96 -22.86
C VAL A 80 10.33 17.00 -23.97
N VAL A 81 10.15 16.55 -25.22
CA VAL A 81 10.10 17.43 -26.37
C VAL A 81 8.74 17.44 -27.07
N ALA A 82 7.84 16.51 -26.75
CA ALA A 82 6.51 16.52 -27.34
C ALA A 82 5.57 15.78 -26.41
N CYS A 83 4.32 16.25 -26.39
CA CYS A 83 3.31 15.73 -25.47
C CYS A 83 2.10 15.25 -26.26
N GLY A 84 1.63 14.05 -25.96
CA GLY A 84 0.34 13.64 -26.47
C GLY A 84 -0.78 14.25 -25.66
N PRO A 85 -2.01 14.00 -26.08
CA PRO A 85 -3.16 14.43 -25.28
C PRO A 85 -3.12 13.78 -23.91
N ASP A 86 -3.51 14.56 -22.89
CA ASP A 86 -3.60 14.11 -21.50
C ASP A 86 -2.24 13.69 -20.94
N ALA A 87 -1.16 14.28 -21.43
CA ALA A 87 0.14 14.01 -20.85
C ALA A 87 0.24 14.63 -19.45
N MET A 88 0.97 13.94 -18.56
CA MET A 88 1.13 14.38 -17.18
C MET A 88 2.46 15.07 -16.90
N VAL A 89 3.31 15.25 -17.92
CA VAL A 89 4.51 16.07 -17.83
C VAL A 89 4.51 17.02 -19.02
N LYS A 90 5.26 18.11 -18.88
CA LYS A 90 5.28 19.17 -19.86
C LYS A 90 6.59 19.17 -20.64
N GLU A 91 6.55 19.86 -21.79
CA GLU A 91 7.76 20.05 -22.58
C GLU A 91 8.82 20.75 -21.73
N GLY A 92 10.06 20.30 -21.86
CA GLY A 92 11.16 20.82 -21.05
C GLY A 92 11.39 20.09 -19.73
N ASP A 93 10.44 19.27 -19.25
CA ASP A 93 10.64 18.53 -18.01
C ASP A 93 11.76 17.49 -18.20
N ALA A 94 12.58 17.34 -17.18
CA ALA A 94 13.56 16.25 -17.15
C ALA A 94 12.91 15.03 -16.50
N VAL A 95 12.92 13.89 -17.21
CA VAL A 95 12.22 12.68 -16.76
C VAL A 95 13.08 11.45 -17.03
N GLY A 96 12.70 10.34 -16.39
CA GLY A 96 13.35 9.06 -16.64
C GLY A 96 12.30 8.04 -17.02
N VAL A 97 12.70 7.08 -17.85
CA VAL A 97 11.79 6.07 -18.36
C VAL A 97 12.23 4.70 -17.84
N PRO A 98 11.56 4.18 -16.78
CA PRO A 98 12.09 3.01 -16.08
C PRO A 98 11.50 1.69 -16.55
N TRP A 99 11.87 0.60 -15.86
CA TRP A 99 11.34 -0.73 -16.18
C TRP A 99 9.83 -0.77 -16.05
N LEU A 100 9.27 -0.24 -14.93
CA LEU A 100 7.81 -0.15 -14.80
C LEU A 100 7.36 1.01 -15.69
N TYR A 101 7.26 0.71 -16.99
CA TYR A 101 6.97 1.75 -17.97
C TYR A 101 5.52 2.23 -17.89
N SER A 102 4.59 1.34 -17.55
CA SER A 102 3.18 1.67 -17.37
C SER A 102 2.51 0.56 -16.57
N ALA A 103 1.42 0.90 -15.88
CA ALA A 103 0.62 -0.09 -15.16
C ALA A 103 -0.85 0.29 -15.30
N CYS A 104 -1.74 -0.64 -14.99
CA CYS A 104 -3.15 -0.39 -15.28
C CYS A 104 -3.78 0.63 -14.34
N GLY A 105 -3.38 0.69 -13.06
CA GLY A 105 -3.95 1.64 -12.12
C GLY A 105 -5.29 1.25 -11.51
N CYS A 106 -5.82 0.10 -11.84
CA CYS A 106 -7.15 -0.25 -11.37
C CYS A 106 -7.27 -1.71 -10.91
N CYS A 107 -6.18 -2.47 -10.84
CA CYS A 107 -6.20 -3.86 -10.33
C CYS A 107 -5.90 -3.95 -8.83
N ASP A 108 -6.11 -5.15 -8.28
CA ASP A 108 -5.75 -5.45 -6.89
C ASP A 108 -4.36 -4.92 -6.53
N TYR A 109 -3.39 -5.13 -7.41
CA TYR A 109 -2.02 -4.76 -7.05
C TYR A 109 -1.79 -3.25 -7.13
N CYS A 110 -2.30 -2.60 -8.18
CA CYS A 110 -2.11 -1.15 -8.30
C CYS A 110 -2.81 -0.42 -7.15
N ILE A 111 -4.01 -0.87 -6.75
CA ILE A 111 -4.82 -0.17 -5.73
C ILE A 111 -4.24 -0.33 -4.32
N THR A 112 -3.49 -1.41 -4.07
CA THR A 112 -2.97 -1.67 -2.73
C THR A 112 -1.52 -1.23 -2.58
N GLY A 113 -0.99 -0.43 -3.49
CA GLY A 113 0.38 0.01 -3.34
C GLY A 113 1.41 -0.93 -3.93
N TRP A 114 0.99 -1.90 -4.74
CA TRP A 114 1.93 -2.86 -5.33
C TRP A 114 1.88 -2.85 -6.85
N GLU A 115 1.89 -1.65 -7.45
CA GLU A 115 1.81 -1.55 -8.90
C GLU A 115 2.98 -2.23 -9.62
N THR A 116 4.09 -2.49 -8.91
CA THR A 116 5.17 -3.30 -9.50
C THR A 116 4.72 -4.70 -9.85
N LEU A 117 3.60 -5.17 -9.30
CA LEU A 117 3.09 -6.50 -9.57
C LEU A 117 1.95 -6.50 -10.58
N CYS A 118 1.61 -5.34 -11.15
CA CYS A 118 0.48 -5.26 -12.08
C CYS A 118 0.70 -6.22 -13.23
N GLU A 119 -0.27 -7.10 -13.46
CA GLU A 119 -0.16 -8.08 -14.52
CA GLU A 119 -0.20 -8.09 -14.52
C GLU A 119 -0.41 -7.47 -15.90
N ALA A 120 -0.91 -6.26 -15.98
CA ALA A 120 -1.05 -5.57 -17.26
C ALA A 120 0.07 -4.57 -17.49
N GLN A 121 1.15 -4.64 -16.73
CA GLN A 121 2.23 -3.66 -16.89
C GLN A 121 2.95 -3.85 -18.21
N GLN A 122 3.55 -2.76 -18.70
CA GLN A 122 4.48 -2.81 -19.82
C GLN A 122 5.87 -2.47 -19.29
N ASN A 123 6.91 -3.03 -19.91
CA ASN A 123 8.26 -2.94 -19.38
C ASN A 123 9.18 -2.27 -20.40
N GLY A 124 9.82 -1.17 -19.97
CA GLY A 124 10.64 -0.39 -20.89
C GLY A 124 11.86 -1.17 -21.36
N GLY A 125 12.14 -1.06 -22.66
CA GLY A 125 13.25 -1.83 -23.21
C GLY A 125 13.05 -3.32 -23.16
N TYR A 126 11.80 -3.79 -23.10
CA TYR A 126 11.55 -5.22 -23.05
C TYR A 126 10.29 -5.55 -23.83
N SER A 127 9.14 -5.08 -23.33
CA SER A 127 7.90 -5.22 -24.08
C SER A 127 7.61 -4.01 -24.97
N VAL A 128 8.23 -2.86 -24.70
CA VAL A 128 8.19 -1.69 -25.57
C VAL A 128 9.62 -1.19 -25.74
N ASP A 129 9.85 -0.44 -26.82
CA ASP A 129 11.20 0.05 -27.09
C ASP A 129 11.66 1.00 -26.00
N GLY A 130 12.96 0.98 -25.73
CA GLY A 130 13.53 1.69 -24.59
C GLY A 130 14.51 2.80 -24.91
N GLY A 131 15.45 3.03 -24.01
CA GLY A 131 16.32 4.19 -24.05
C GLY A 131 17.61 4.07 -24.83
N PHE A 132 17.91 2.92 -25.44
CA PHE A 132 19.09 2.78 -26.29
C PHE A 132 18.86 3.46 -27.64
N ALA A 133 18.49 4.74 -27.58
CA ALA A 133 18.07 5.47 -28.76
C ALA A 133 18.14 6.95 -28.47
N GLU A 134 18.05 7.75 -29.53
CA GLU A 134 18.08 9.20 -29.36
C GLU A 134 16.77 9.72 -28.79
N TYR A 135 15.66 9.03 -29.04
CA TYR A 135 14.35 9.41 -28.53
C TYR A 135 13.60 8.17 -28.07
N VAL A 136 12.71 8.36 -27.10
CA VAL A 136 11.91 7.26 -26.58
C VAL A 136 10.50 7.79 -26.25
N ILE A 137 9.50 7.04 -26.66
CA ILE A 137 8.13 7.30 -26.23
C ILE A 137 7.95 6.76 -24.82
N ALA A 138 7.34 7.56 -23.95
CA ALA A 138 7.12 7.17 -22.58
C ALA A 138 5.68 7.42 -22.20
N ASP A 139 5.19 6.63 -21.23
CA ASP A 139 3.91 6.91 -20.58
C ASP A 139 4.17 7.95 -19.50
N SER A 140 3.60 9.14 -19.68
CA SER A 140 3.88 10.28 -18.82
C SER A 140 3.47 10.04 -17.37
N ARG A 141 2.61 9.06 -17.11
CA ARG A 141 2.13 8.80 -15.75
C ARG A 141 3.12 8.00 -14.91
N TYR A 142 4.12 7.35 -15.52
CA TYR A 142 5.00 6.46 -14.77
C TYR A 142 6.46 6.85 -14.89
N VAL A 143 6.78 7.99 -15.50
CA VAL A 143 8.18 8.42 -15.61
C VAL A 143 8.67 8.87 -14.24
N GLY A 144 9.98 8.75 -14.03
CA GLY A 144 10.60 9.40 -12.90
C GLY A 144 10.74 10.89 -13.17
N HIS A 145 10.57 11.69 -12.13
CA HIS A 145 10.64 13.14 -12.25
C HIS A 145 12.00 13.61 -11.75
N LEU A 146 12.76 14.27 -12.62
CA LEU A 146 14.10 14.72 -12.28
C LEU A 146 14.12 16.24 -12.12
N LYS A 147 15.06 16.71 -11.30
CA LYS A 147 15.27 18.14 -11.17
C LYS A 147 15.86 18.71 -12.46
N SER A 148 15.52 19.97 -12.75
CA SER A 148 15.92 20.58 -14.03
C SER A 148 17.44 20.61 -14.21
N ASN A 149 18.19 20.73 -13.13
CA ASN A 149 19.64 20.81 -13.24
C ASN A 149 20.32 19.46 -12.95
N VAL A 150 19.61 18.36 -13.21
CA VAL A 150 20.16 17.05 -12.93
C VAL A 150 21.34 16.77 -13.85
N ASN A 151 22.30 16.00 -13.34
CA ASN A 151 23.38 15.44 -14.15
C ASN A 151 22.85 14.14 -14.75
N PHE A 152 22.52 14.18 -16.04
CA PHE A 152 21.81 13.05 -16.65
C PHE A 152 22.64 11.79 -16.63
N LEU A 153 23.95 11.90 -16.91
CA LEU A 153 24.79 10.71 -16.94
C LEU A 153 24.87 10.04 -15.57
N GLU A 154 25.01 10.84 -14.51
CA GLU A 154 25.17 10.28 -13.18
C GLU A 154 23.86 9.78 -12.59
N ILE A 155 22.74 10.44 -12.90
CA ILE A 155 21.46 10.04 -12.30
C ILE A 155 20.88 8.79 -12.94
N ALA A 156 21.28 8.46 -14.17
CA ALA A 156 20.63 7.40 -14.93
C ALA A 156 20.47 6.09 -14.17
N PRO A 157 21.47 5.56 -13.47
CA PRO A 157 21.26 4.27 -12.79
C PRO A 157 20.22 4.30 -11.70
N ILE A 158 19.85 5.47 -11.16
CA ILE A 158 18.83 5.45 -10.10
C ILE A 158 17.49 4.98 -10.65
N LEU A 159 17.27 5.14 -11.97
CA LEU A 159 16.01 4.76 -12.60
C LEU A 159 15.77 3.26 -12.60
N CYS A 160 16.80 2.44 -12.39
CA CYS A 160 16.55 1.02 -12.20
C CYS A 160 17.42 0.43 -11.10
N ALA A 161 18.75 0.52 -11.25
CA ALA A 161 19.65 0.03 -10.22
C ALA A 161 19.29 0.61 -8.86
N GLY A 162 19.11 1.93 -8.79
CA GLY A 162 18.84 2.59 -7.52
C GLY A 162 17.51 2.26 -6.87
N VAL A 163 16.42 2.50 -7.60
CA VAL A 163 15.11 2.24 -7.04
C VAL A 163 14.97 0.77 -6.67
N THR A 164 15.59 -0.13 -7.47
CA THR A 164 15.46 -1.56 -7.21
C THR A 164 16.07 -1.95 -5.88
N VAL A 165 17.34 -1.57 -5.64
CA VAL A 165 17.98 -2.01 -4.42
C VAL A 165 17.41 -1.27 -3.21
N TYR A 166 16.97 -0.03 -3.39
CA TYR A 166 16.34 0.69 -2.29
C TYR A 166 15.08 -0.04 -1.84
N LYS A 167 14.20 -0.39 -2.78
CA LYS A 167 13.02 -1.18 -2.45
C LYS A 167 13.42 -2.54 -1.88
N GLY A 168 14.43 -3.17 -2.49
CA GLY A 168 14.91 -4.46 -1.97
C GLY A 168 15.36 -4.39 -0.53
N LEU A 169 16.08 -3.33 -0.17
CA LEU A 169 16.51 -3.17 1.22
C LEU A 169 15.32 -2.97 2.15
N LYS A 170 14.32 -2.21 1.71
CA LYS A 170 13.08 -2.14 2.48
C LYS A 170 12.46 -3.53 2.64
N GLU A 171 12.47 -4.33 1.57
CA GLU A 171 11.86 -5.66 1.65
C GLU A 171 12.61 -6.60 2.59
N THR A 172 13.90 -6.36 2.87
CA THR A 172 14.61 -7.18 3.86
C THR A 172 14.17 -6.88 5.28
N GLU A 173 13.55 -5.73 5.51
CA GLU A 173 13.14 -5.25 6.84
C GLU A 173 14.31 -5.06 7.80
N THR A 174 15.53 -4.99 7.29
CA THR A 174 16.69 -4.69 8.14
C THR A 174 16.58 -3.29 8.73
N LYS A 175 16.80 -3.18 10.05
CA LYS A 175 16.60 -1.94 10.78
C LYS A 175 17.89 -1.15 10.88
N PRO A 176 17.81 0.14 11.21
CA PRO A 176 19.04 0.88 11.54
C PRO A 176 19.77 0.17 12.67
N GLY A 177 21.08 0.02 12.50
CA GLY A 177 21.90 -0.66 13.50
C GLY A 177 22.05 -2.15 13.27
N GLU A 178 21.31 -2.73 12.33
CA GLU A 178 21.41 -4.15 12.01
C GLU A 178 22.32 -4.38 10.82
N TRP A 179 22.69 -5.64 10.60
CA TRP A 179 23.64 -6.01 9.57
C TRP A 179 22.91 -6.48 8.31
N VAL A 180 23.32 -5.95 7.15
CA VAL A 180 22.86 -6.46 5.86
C VAL A 180 24.07 -6.88 5.03
N ALA A 181 23.94 -8.00 4.32
CA ALA A 181 24.93 -8.41 3.33
C ALA A 181 24.41 -8.06 1.95
N ILE A 182 25.25 -7.41 1.16
CA ILE A 182 24.98 -7.17 -0.25
C ILE A 182 25.82 -8.15 -1.07
N SER A 183 25.16 -8.97 -1.89
CA SER A 183 25.83 -9.99 -2.70
C SER A 183 25.82 -9.56 -4.15
N GLY A 184 27.02 -9.35 -4.70
CA GLY A 184 27.16 -8.84 -6.05
C GLY A 184 27.31 -7.33 -6.04
N ILE A 185 28.53 -6.83 -6.11
CA ILE A 185 28.71 -5.38 -6.05
C ILE A 185 28.85 -4.87 -7.49
N GLY A 186 27.81 -5.07 -8.28
CA GLY A 186 27.81 -4.59 -9.66
C GLY A 186 27.00 -3.31 -9.77
N GLY A 187 26.30 -3.17 -10.90
CA GLY A 187 25.46 -1.99 -11.08
C GLY A 187 24.49 -1.79 -9.93
N LEU A 188 23.73 -2.82 -9.61
CA LEU A 188 22.82 -2.73 -8.47
C LEU A 188 23.59 -2.68 -7.16
N GLY A 189 24.57 -3.57 -7.00
CA GLY A 189 25.18 -3.75 -5.70
C GLY A 189 25.91 -2.52 -5.18
N HIS A 190 26.56 -1.78 -6.08
CA HIS A 190 27.38 -0.68 -5.59
C HIS A 190 26.54 0.50 -5.13
N VAL A 191 25.31 0.66 -5.64
CA VAL A 191 24.44 1.65 -5.02
C VAL A 191 23.68 1.04 -3.85
N ALA A 192 23.48 -0.28 -3.81
CA ALA A 192 22.86 -0.91 -2.64
C ALA A 192 23.69 -0.68 -1.38
N VAL A 193 25.01 -0.77 -1.49
CA VAL A 193 25.89 -0.44 -0.37
C VAL A 193 25.53 0.93 0.20
N GLN A 194 25.31 1.91 -0.69
CA GLN A 194 25.11 3.28 -0.25
C GLN A 194 23.73 3.51 0.34
N TYR A 195 22.69 2.93 -0.28
CA TYR A 195 21.35 3.02 0.30
C TYR A 195 21.35 2.38 1.68
N ALA A 196 22.00 1.23 1.82
CA ALA A 196 22.00 0.53 3.10
C ALA A 196 22.65 1.37 4.20
N LYS A 197 23.79 1.99 3.89
CA LYS A 197 24.42 2.89 4.86
C LYS A 197 23.50 4.07 5.18
N ALA A 198 22.85 4.64 4.16
CA ALA A 198 21.96 5.76 4.42
C ALA A 198 20.75 5.34 5.24
N MET A 199 20.44 4.05 5.23
CA MET A 199 19.35 3.52 6.02
C MET A 199 19.81 3.03 7.40
N GLY A 200 21.04 3.37 7.80
CA GLY A 200 21.55 3.04 9.13
C GLY A 200 22.06 1.62 9.31
N MET A 201 22.18 0.84 8.24
CA MET A 201 22.65 -0.54 8.35
C MET A 201 24.17 -0.61 8.34
N HIS A 202 24.71 -1.60 9.05
CA HIS A 202 26.07 -2.06 8.79
C HIS A 202 26.03 -2.96 7.56
N VAL A 203 27.06 -2.89 6.73
CA VAL A 203 27.03 -3.48 5.39
C VAL A 203 28.20 -4.45 5.24
N ALA A 204 27.89 -5.69 4.89
CA ALA A 204 28.89 -6.65 4.44
C ALA A 204 28.72 -6.86 2.93
N ALA A 205 29.82 -6.76 2.19
CA ALA A 205 29.79 -6.91 0.74
C ALA A 205 30.40 -8.24 0.32
N ILE A 206 29.73 -8.91 -0.61
CA ILE A 206 30.15 -10.22 -1.11
C ILE A 206 30.28 -10.14 -2.62
N ASP A 207 31.41 -10.59 -3.14
CA ASP A 207 31.54 -10.76 -4.59
C ASP A 207 32.61 -11.82 -4.81
N VAL A 208 33.02 -11.98 -6.08
CA VAL A 208 33.95 -13.02 -6.46
C VAL A 208 35.22 -12.45 -7.09
N ALA A 209 35.44 -11.14 -6.95
CA ALA A 209 36.66 -10.52 -7.43
C ALA A 209 36.99 -9.37 -6.50
N ASP A 210 38.28 -9.21 -6.20
CA ASP A 210 38.72 -8.24 -5.20
C ASP A 210 38.41 -6.80 -5.62
N ASP A 211 38.47 -6.51 -6.91
CA ASP A 211 38.18 -5.14 -7.36
C ASP A 211 36.73 -4.76 -7.08
N LYS A 212 35.81 -5.72 -7.12
CA LYS A 212 34.43 -5.41 -6.73
C LYS A 212 34.35 -5.06 -5.24
N LEU A 213 35.14 -5.75 -4.41
CA LEU A 213 35.14 -5.48 -2.99
C LEU A 213 35.84 -4.17 -2.66
N GLU A 214 36.86 -3.81 -3.43
CA GLU A 214 37.49 -2.50 -3.26
C GLU A 214 36.47 -1.40 -3.53
N LEU A 215 35.65 -1.58 -4.57
CA LEU A 215 34.59 -0.59 -4.83
C LEU A 215 33.64 -0.52 -3.65
N ALA A 216 33.24 -1.66 -3.10
CA ALA A 216 32.33 -1.68 -1.96
C ALA A 216 32.92 -0.94 -0.77
N LYS A 217 34.20 -1.19 -0.45
CA LYS A 217 34.86 -0.52 0.66
C LYS A 217 34.89 0.99 0.46
N LYS A 218 35.26 1.41 -0.76
CA LYS A 218 35.23 2.81 -1.14
C LYS A 218 33.87 3.44 -0.88
N LEU A 219 32.80 2.69 -1.12
CA LEU A 219 31.45 3.23 -1.02
C LEU A 219 30.84 3.01 0.36
N GLY A 220 31.60 2.51 1.32
CA GLY A 220 31.17 2.50 2.71
C GLY A 220 30.97 1.14 3.33
N ALA A 221 31.26 0.04 2.64
CA ALA A 221 31.02 -1.28 3.23
C ALA A 221 31.89 -1.45 4.47
N ASP A 222 31.31 -2.09 5.49
CA ASP A 222 32.06 -2.34 6.72
C ASP A 222 32.84 -3.64 6.69
N LEU A 223 32.36 -4.63 5.94
CA LEU A 223 33.06 -5.89 5.75
C LEU A 223 32.99 -6.26 4.27
N THR A 224 34.01 -6.98 3.81
CA THR A 224 34.03 -7.50 2.45
C THR A 224 34.45 -8.97 2.48
N VAL A 225 33.89 -9.74 1.56
CA VAL A 225 34.14 -11.18 1.44
C VAL A 225 34.29 -11.52 -0.04
N ASN A 226 35.40 -12.14 -0.41
CA ASN A 226 35.54 -12.73 -1.74
C ASN A 226 35.10 -14.18 -1.62
N ALA A 227 33.91 -14.48 -2.17
CA ALA A 227 33.32 -15.81 -2.03
C ALA A 227 34.15 -16.89 -2.70
N LYS A 228 35.03 -16.51 -3.64
CA LYS A 228 35.91 -17.52 -4.22
C LYS A 228 37.02 -17.92 -3.26
N THR A 229 37.48 -17.01 -2.41
CA THR A 229 38.56 -17.34 -1.48
C THR A 229 38.05 -17.77 -0.11
N THR A 230 36.83 -17.37 0.27
CA THR A 230 36.35 -17.47 1.63
C THR A 230 34.86 -17.80 1.61
N ASP A 231 34.45 -18.79 2.39
CA ASP A 231 33.03 -19.11 2.49
C ASP A 231 32.28 -17.96 3.16
N PRO A 232 31.32 -17.32 2.49
CA PRO A 232 30.68 -16.16 3.11
C PRO A 232 29.99 -16.47 4.44
N GLY A 233 29.24 -17.56 4.52
CA GLY A 233 28.53 -17.86 5.76
C GLY A 233 29.46 -18.05 6.94
N THR A 234 30.53 -18.82 6.77
CA THR A 234 31.47 -19.07 7.86
C THR A 234 32.07 -17.76 8.36
N TYR A 235 32.52 -16.92 7.42
CA TYR A 235 33.19 -15.67 7.80
C TYR A 235 32.24 -14.71 8.50
N LEU A 236 31.04 -14.48 7.94
CA LEU A 236 30.18 -13.47 8.54
C LEU A 236 29.59 -13.94 9.86
N HIS A 237 29.37 -15.24 10.01
CA HIS A 237 28.95 -15.73 11.32
C HIS A 237 30.08 -15.63 12.32
N LYS A 238 31.32 -15.90 11.90
CA LYS A 238 32.44 -15.74 12.83
C LYS A 238 32.64 -14.28 13.22
N GLU A 239 32.61 -13.36 12.24
CA GLU A 239 32.92 -11.96 12.50
C GLU A 239 31.86 -11.28 13.37
N VAL A 240 30.59 -11.40 12.99
CA VAL A 240 29.56 -10.60 13.66
C VAL A 240 28.33 -11.42 14.01
N GLY A 241 28.41 -12.74 13.88
CA GLY A 241 27.28 -13.56 14.24
C GLY A 241 26.17 -13.62 13.21
N GLY A 242 26.46 -13.27 11.96
CA GLY A 242 25.48 -13.42 10.89
C GLY A 242 24.70 -12.16 10.64
N MET A 243 24.02 -12.15 9.48
CA MET A 243 23.32 -10.98 8.99
C MET A 243 21.86 -10.99 9.41
N HIS A 244 21.35 -9.80 9.76
CA HIS A 244 19.90 -9.65 9.94
C HIS A 244 19.18 -9.71 8.60
N GLY A 245 19.84 -9.26 7.52
CA GLY A 245 19.25 -9.26 6.19
C GLY A 245 20.31 -9.49 5.14
N ALA A 246 19.85 -9.80 3.93
CA ALA A 246 20.73 -9.91 2.78
C ALA A 246 19.96 -9.49 1.54
N LEU A 247 20.67 -8.89 0.59
CA LEU A 247 20.10 -8.51 -0.70
C LEU A 247 20.97 -9.12 -1.80
N ILE A 248 20.39 -10.00 -2.60
CA ILE A 248 21.13 -10.71 -3.64
C ILE A 248 20.93 -9.99 -4.95
N THR A 249 22.00 -9.36 -5.46
CA THR A 249 22.00 -8.75 -6.77
C THR A 249 22.88 -9.51 -7.76
N ALA A 250 23.39 -10.68 -7.37
CA ALA A 250 24.36 -11.41 -8.18
C ALA A 250 23.65 -12.20 -9.29
N VAL A 251 24.44 -12.62 -10.28
CA VAL A 251 23.90 -13.26 -11.48
C VAL A 251 24.24 -14.74 -11.52
N SER A 252 24.36 -15.39 -10.35
CA SER A 252 24.71 -16.80 -10.30
C SER A 252 23.92 -17.47 -9.17
N PRO A 253 23.32 -18.64 -9.40
CA PRO A 253 22.49 -19.26 -8.35
C PRO A 253 23.21 -19.51 -7.04
N ILE A 254 24.49 -19.88 -7.06
CA ILE A 254 25.20 -20.20 -5.83
C ILE A 254 25.26 -18.99 -4.89
N ALA A 255 25.22 -17.77 -5.45
CA ALA A 255 25.19 -16.59 -4.59
C ALA A 255 23.92 -16.53 -3.76
N PHE A 256 22.81 -17.05 -4.30
CA PHE A 256 21.56 -17.10 -3.55
C PHE A 256 21.67 -18.09 -2.40
N LYS A 257 22.24 -19.27 -2.67
CA LYS A 257 22.41 -20.26 -1.61
CA LYS A 257 22.40 -20.26 -1.61
C LYS A 257 23.34 -19.75 -0.52
N GLN A 258 24.46 -19.14 -0.92
CA GLN A 258 25.38 -18.55 0.06
C GLN A 258 24.72 -17.38 0.78
N GLY A 259 23.75 -16.73 0.12
CA GLY A 259 22.97 -15.70 0.80
C GLY A 259 22.20 -16.25 1.99
N ILE A 260 21.60 -17.44 1.83
CA ILE A 260 20.96 -18.09 2.97
C ILE A 260 21.97 -18.33 4.08
N ASP A 261 23.17 -18.81 3.73
CA ASP A 261 24.16 -19.19 4.75
C ASP A 261 24.51 -18.04 5.68
N VAL A 262 24.55 -16.81 5.18
CA VAL A 262 25.10 -15.71 5.99
C VAL A 262 24.11 -15.17 7.01
N LEU A 263 22.84 -15.59 6.95
CA LEU A 263 21.80 -15.04 7.83
C LEU A 263 21.87 -15.64 9.22
N ARG A 264 21.57 -14.81 10.23
CA ARG A 264 21.25 -15.33 11.55
C ARG A 264 19.78 -15.75 11.58
N ARG A 265 19.37 -16.34 12.69
CA ARG A 265 17.98 -16.76 12.82
C ARG A 265 17.05 -15.55 12.71
N LYS A 266 15.91 -15.78 12.07
CA LYS A 266 14.91 -14.77 11.71
C LYS A 266 15.43 -13.76 10.69
N GLY A 267 16.52 -14.05 10.00
CA GLY A 267 16.97 -13.15 8.96
C GLY A 267 16.07 -13.20 7.74
N THR A 268 16.08 -12.12 6.98
CA THR A 268 15.31 -12.03 5.75
C THR A 268 16.26 -11.71 4.60
N ILE A 269 16.17 -12.49 3.54
CA ILE A 269 16.97 -12.28 2.34
C ILE A 269 16.04 -11.90 1.20
N ALA A 270 16.27 -10.72 0.60
CA ALA A 270 15.51 -10.23 -0.54
C ALA A 270 16.27 -10.52 -1.83
N LEU A 271 15.54 -10.88 -2.88
CA LEU A 271 16.14 -11.33 -4.13
C LEU A 271 15.88 -10.29 -5.22
N ASN A 272 16.95 -9.72 -5.78
CA ASN A 272 16.89 -8.89 -6.98
C ASN A 272 17.44 -9.59 -8.21
N GLY A 273 18.56 -10.31 -8.07
CA GLY A 273 19.22 -10.87 -9.24
C GLY A 273 18.31 -11.82 -10.00
N LEU A 274 18.49 -11.84 -11.33
CA LEU A 274 17.61 -12.60 -12.20
C LEU A 274 18.36 -13.53 -13.16
N PRO A 275 19.28 -14.36 -12.65
CA PRO A 275 19.86 -15.38 -13.52
C PRO A 275 18.81 -16.41 -13.88
N PRO A 276 18.96 -17.08 -15.02
CA PRO A 276 18.02 -18.15 -15.36
C PRO A 276 18.15 -19.30 -14.38
N GLY A 277 17.08 -20.09 -14.30
CA GLY A 277 17.10 -21.29 -13.48
C GLY A 277 16.69 -21.09 -12.04
N SER A 278 17.21 -21.94 -11.16
CA SER A 278 16.80 -21.99 -9.77
CA SER A 278 16.81 -21.96 -9.76
C SER A 278 18.04 -22.09 -8.88
N PHE A 279 17.84 -21.96 -7.58
CA PHE A 279 18.88 -22.33 -6.62
C PHE A 279 18.29 -23.27 -5.59
N GLU A 280 19.17 -23.97 -4.88
CA GLU A 280 18.78 -24.97 -3.90
C GLU A 280 18.48 -24.30 -2.56
N LEU A 281 17.21 -24.27 -2.18
CA LEU A 281 16.83 -23.73 -0.89
C LEU A 281 16.86 -24.83 0.16
N PRO A 282 17.73 -24.76 1.17
CA PRO A 282 17.82 -25.85 2.17
C PRO A 282 16.64 -25.80 3.13
N ILE A 283 15.84 -26.87 3.14
CA ILE A 283 14.55 -26.83 3.81
C ILE A 283 14.72 -26.80 5.33
N PHE A 284 15.49 -27.74 5.87
CA PHE A 284 15.65 -27.86 7.33
C PHE A 284 16.14 -26.55 7.95
N GLU A 285 17.19 -25.98 7.38
CA GLU A 285 17.75 -24.73 7.87
C GLU A 285 16.74 -23.59 7.77
N THR A 286 16.03 -23.50 6.65
CA THR A 286 15.05 -22.44 6.46
C THR A 286 13.95 -22.53 7.51
N VAL A 287 13.53 -23.75 7.84
CA VAL A 287 12.46 -23.93 8.82
C VAL A 287 12.96 -23.65 10.23
N LEU A 288 14.04 -24.32 10.65
CA LEU A 288 14.46 -24.22 12.06
C LEU A 288 14.92 -22.83 12.43
N LYS A 289 15.42 -22.05 11.46
CA LYS A 289 15.91 -20.71 11.70
C LYS A 289 14.89 -19.62 11.39
N ARG A 290 13.68 -19.98 10.95
CA ARG A 290 12.69 -18.99 10.51
C ARG A 290 13.31 -18.02 9.51
N ILE A 291 13.87 -18.57 8.44
CA ILE A 291 14.40 -17.74 7.37
C ILE A 291 13.26 -17.28 6.48
N THR A 292 13.28 -16.01 6.08
CA THR A 292 12.33 -15.46 5.10
C THR A 292 13.07 -15.13 3.82
N VAL A 293 12.61 -15.71 2.71
CA VAL A 293 13.14 -15.45 1.37
C VAL A 293 12.05 -14.73 0.57
N ARG A 294 12.41 -13.59 -0.02
CA ARG A 294 11.43 -12.69 -0.62
C ARG A 294 11.95 -12.11 -1.93
N GLY A 295 11.23 -12.35 -3.02
CA GLY A 295 11.55 -11.69 -4.27
C GLY A 295 11.20 -10.21 -4.21
N SER A 296 11.98 -9.40 -4.91
CA SER A 296 11.73 -7.96 -4.93
C SER A 296 11.95 -7.42 -6.34
N ILE A 297 10.95 -6.73 -6.88
CA ILE A 297 10.93 -6.35 -8.29
C ILE A 297 10.79 -4.83 -8.40
N VAL A 298 11.85 -4.20 -8.93
CA VAL A 298 12.03 -2.75 -9.06
C VAL A 298 11.36 -2.00 -7.89
N GLY A 299 10.60 -0.95 -8.18
CA GLY A 299 9.90 -0.22 -7.13
C GLY A 299 8.76 0.57 -7.72
N THR A 300 7.80 0.95 -6.87
CA THR A 300 6.67 1.75 -7.35
C THR A 300 7.14 3.17 -7.69
N ARG A 301 6.21 3.96 -8.22
CA ARG A 301 6.48 5.38 -8.45
C ARG A 301 6.88 6.10 -7.16
N LYS A 302 6.31 5.70 -6.03
CA LYS A 302 6.71 6.28 -4.75
C LYS A 302 8.11 5.85 -4.36
N ASP A 303 8.42 4.54 -4.49
CA ASP A 303 9.78 4.07 -4.27
C ASP A 303 10.76 4.83 -5.14
N LEU A 304 10.41 5.06 -6.40
CA LEU A 304 11.33 5.72 -7.33
C LEU A 304 11.61 7.15 -6.88
N GLN A 305 10.57 7.91 -6.49
CA GLN A 305 10.81 9.25 -5.99
C GLN A 305 11.68 9.23 -4.74
N GLU A 306 11.39 8.32 -3.80
CA GLU A 306 12.24 8.24 -2.60
C GLU A 306 13.68 7.92 -2.98
N ALA A 307 13.88 6.99 -3.91
CA ALA A 307 15.24 6.63 -4.33
C ALA A 307 15.97 7.80 -4.94
N LEU A 308 15.26 8.60 -5.75
CA LEU A 308 15.84 9.80 -6.33
C LEU A 308 16.17 10.86 -5.27
N ASP A 309 15.34 10.97 -4.22
CA ASP A 309 15.63 11.95 -3.17
C ASP A 309 16.94 11.65 -2.46
N PHE A 310 17.23 10.36 -2.20
CA PHE A 310 18.51 10.01 -1.61
C PHE A 310 19.65 10.47 -2.50
N ALA A 311 19.53 10.27 -3.82
CA ALA A 311 20.58 10.69 -4.73
C ALA A 311 20.70 12.20 -4.76
N ASN A 312 19.57 12.91 -4.83
CA ASN A 312 19.59 14.36 -4.85
C ASN A 312 20.23 14.94 -3.60
N GLU A 313 20.14 14.25 -2.48
CA GLU A 313 20.75 14.74 -1.25
C GLU A 313 22.21 14.36 -1.12
N GLY A 314 22.79 13.69 -2.10
CA GLY A 314 24.18 13.30 -2.05
C GLY A 314 24.48 12.09 -1.20
N LEU A 315 23.45 11.36 -0.76
CA LEU A 315 23.67 10.18 0.04
C LEU A 315 24.01 8.96 -0.79
N VAL A 316 23.60 8.95 -2.05
CA VAL A 316 23.87 7.87 -2.98
C VAL A 316 24.38 8.50 -4.26
N LYS A 317 25.49 7.98 -4.78
CA LYS A 317 26.07 8.47 -6.02
C LYS A 317 26.53 7.28 -6.84
N ALA A 318 25.93 7.08 -8.02
CA ALA A 318 26.35 5.98 -8.86
C ALA A 318 27.78 6.18 -9.38
N THR A 319 28.54 5.09 -9.45
CA THR A 319 29.85 5.10 -10.10
C THR A 319 29.61 4.80 -11.58
N VAL A 320 29.90 5.77 -12.44
CA VAL A 320 29.45 5.73 -13.83
C VAL A 320 30.65 5.93 -14.74
N THR A 321 30.70 5.16 -15.83
CA THR A 321 31.61 5.40 -16.95
C THR A 321 30.75 5.53 -18.21
N SER A 322 31.03 6.55 -19.01
CA SER A 322 30.22 6.76 -20.20
C SER A 322 30.72 5.87 -21.33
N ALA A 323 29.80 5.51 -22.23
CA ALA A 323 30.15 4.86 -23.47
C ALA A 323 29.24 5.40 -24.54
N LYS A 324 29.68 5.31 -25.78
CA LYS A 324 28.89 5.76 -26.90
C LYS A 324 27.87 4.68 -27.28
N LEU A 325 26.76 5.12 -27.88
CA LEU A 325 25.71 4.19 -28.27
C LEU A 325 26.23 3.12 -29.22
N GLU A 326 27.12 3.49 -30.15
CA GLU A 326 27.65 2.50 -31.09
C GLU A 326 28.53 1.45 -30.40
N ASP A 327 28.97 1.69 -29.17
CA ASP A 327 29.85 0.78 -28.46
C ASP A 327 29.10 -0.23 -27.59
N ILE A 328 27.79 -0.38 -27.78
CA ILE A 328 27.01 -1.17 -26.84
C ILE A 328 27.47 -2.63 -26.80
N ASN A 329 27.92 -3.17 -27.94
CA ASN A 329 28.39 -4.56 -27.95
C ASN A 329 29.65 -4.73 -27.10
N ASP A 330 30.54 -3.75 -27.15
CA ASP A 330 31.70 -3.77 -26.26
CA ASP A 330 31.70 -3.78 -26.26
C ASP A 330 31.27 -3.67 -24.80
N VAL A 331 30.24 -2.86 -24.52
CA VAL A 331 29.77 -2.74 -23.15
C VAL A 331 29.28 -4.10 -22.64
N PHE A 332 28.44 -4.76 -23.44
CA PHE A 332 27.93 -6.06 -23.01
C PHE A 332 29.05 -7.07 -22.84
N ASP A 333 30.08 -7.01 -23.68
CA ASP A 333 31.22 -7.92 -23.51
CA ASP A 333 31.23 -7.91 -23.52
C ASP A 333 31.91 -7.68 -22.18
N LYS A 334 32.13 -6.42 -21.81
CA LYS A 334 32.69 -6.14 -20.50
C LYS A 334 31.75 -6.62 -19.40
N MET A 335 30.45 -6.48 -19.62
CA MET A 335 29.50 -6.93 -18.60
C MET A 335 29.57 -8.44 -18.40
N LYS A 336 29.65 -9.20 -19.49
CA LYS A 336 29.66 -10.66 -19.38
C LYS A 336 30.88 -11.18 -18.59
N LYS A 337 32.02 -10.52 -18.76
CA LYS A 337 33.31 -10.92 -18.24
C LYS A 337 33.60 -10.13 -16.93
N GLY A 338 32.60 -9.39 -16.43
CA GLY A 338 32.64 -8.70 -15.14
C GLY A 338 33.62 -7.56 -15.00
N GLN A 339 33.85 -6.78 -16.07
CA GLN A 339 34.88 -5.74 -16.07
C GLN A 339 34.33 -4.33 -15.92
N ILE A 340 33.05 -4.18 -15.55
CA ILE A 340 32.46 -2.86 -15.38
C ILE A 340 32.59 -2.45 -13.92
N ASP A 341 33.10 -1.24 -13.69
CA ASP A 341 33.24 -0.68 -12.35
C ASP A 341 31.94 0.05 -12.02
N GLY A 342 30.99 -0.67 -11.41
CA GLY A 342 29.70 -0.08 -11.19
C GLY A 342 28.79 -0.17 -12.40
N ARG A 343 28.54 0.96 -13.04
CA ARG A 343 27.61 1.05 -14.17
C ARG A 343 28.29 1.67 -15.37
N ILE A 344 27.93 1.21 -16.56
CA ILE A 344 28.15 1.97 -17.79
C ILE A 344 26.86 2.72 -18.09
N VAL A 345 26.98 3.97 -18.52
CA VAL A 345 25.83 4.76 -18.96
C VAL A 345 26.12 5.26 -20.38
N LEU A 346 25.19 5.00 -21.29
CA LEU A 346 25.36 5.48 -22.66
C LEU A 346 25.16 7.00 -22.69
N ASP A 347 26.17 7.71 -23.19
CA ASP A 347 26.11 9.16 -23.34
C ASP A 347 25.48 9.47 -24.69
N ILE A 348 24.15 9.44 -24.75
CA ILE A 348 23.49 9.61 -26.04
C ILE A 348 23.44 11.06 -26.48
N ALA A 349 23.58 12.01 -25.54
CA ALA A 349 23.54 13.43 -25.90
C ALA A 349 24.84 13.89 -26.56
N GLY A 350 25.98 13.48 -26.01
CA GLY A 350 27.27 13.93 -26.55
C GLY A 350 28.44 13.96 -25.58
N MET B 9 -35.58 7.14 -23.29
CA MET B 9 -35.31 6.15 -22.24
C MET B 9 -34.91 6.81 -20.93
N ILE B 10 -34.18 7.92 -21.00
CA ILE B 10 -33.70 8.64 -19.82
C ILE B 10 -34.37 10.00 -19.80
N PRO B 11 -35.02 10.38 -18.70
CA PRO B 11 -35.74 11.66 -18.67
C PRO B 11 -34.81 12.87 -18.62
N LYS B 12 -35.35 14.01 -19.01
CA LYS B 12 -34.61 15.26 -18.94
C LYS B 12 -34.53 15.77 -17.50
N THR B 13 -35.51 15.43 -16.66
CA THR B 13 -35.57 15.88 -15.28
C THR B 13 -35.90 14.70 -14.37
N MET B 14 -35.57 14.87 -13.09
CA MET B 14 -35.75 13.82 -12.10
C MET B 14 -36.12 14.45 -10.77
N LYS B 15 -36.64 13.61 -9.86
CA LYS B 15 -36.88 14.00 -8.48
C LYS B 15 -35.64 13.72 -7.63
N ALA B 16 -35.36 14.60 -6.68
CA ALA B 16 -34.21 14.46 -5.81
C ALA B 16 -34.50 15.14 -4.49
N ALA B 17 -33.99 14.57 -3.40
CA ALA B 17 -34.10 15.22 -2.10
C ALA B 17 -32.95 16.21 -1.96
N VAL B 18 -33.29 17.49 -1.80
CA VAL B 18 -32.32 18.58 -1.85
C VAL B 18 -32.35 19.35 -0.53
N VAL B 19 -31.18 19.63 0.02
CA VAL B 19 -31.03 20.55 1.14
C VAL B 19 -30.49 21.86 0.60
N GLN B 20 -31.10 22.98 1.02
CA GLN B 20 -30.69 24.30 0.56
C GLN B 20 -29.82 25.04 1.58
N GLY B 21 -30.07 24.85 2.87
CA GLY B 21 -29.28 25.51 3.90
C GLY B 21 -29.13 24.60 5.10
N TYR B 22 -28.11 24.88 5.92
CA TYR B 22 -27.78 23.99 7.02
C TYR B 22 -28.95 23.90 8.01
N GLY B 23 -29.27 22.68 8.42
CA GLY B 23 -30.37 22.44 9.34
C GLY B 23 -31.76 22.55 8.75
N GLU B 24 -31.90 22.91 7.47
CA GLU B 24 -33.23 23.07 6.90
C GLU B 24 -33.83 21.71 6.55
N PRO B 25 -35.16 21.61 6.55
CA PRO B 25 -35.78 20.37 6.05
C PRO B 25 -35.43 20.20 4.59
N LEU B 26 -35.23 18.96 4.18
CA LEU B 26 -35.00 18.70 2.77
C LEU B 26 -36.32 18.78 2.03
N LYS B 27 -36.25 19.17 0.77
CA LYS B 27 -37.44 19.24 -0.06
C LYS B 27 -37.18 18.41 -1.30
N ILE B 28 -38.22 17.74 -1.77
CA ILE B 28 -38.14 16.99 -3.02
C ILE B 28 -38.28 17.99 -4.16
N GLN B 29 -37.27 18.05 -5.01
CA GLN B 29 -37.24 19.02 -6.09
C GLN B 29 -37.07 18.29 -7.42
N GLU B 30 -37.51 18.95 -8.48
CA GLU B 30 -37.33 18.48 -9.84
C GLU B 30 -36.04 19.10 -10.38
N VAL B 31 -35.05 18.28 -10.66
CA VAL B 31 -33.73 18.76 -11.07
C VAL B 31 -33.40 18.14 -12.43
N PRO B 32 -32.65 18.81 -13.28
CA PRO B 32 -32.29 18.22 -14.58
C PRO B 32 -31.37 17.01 -14.42
N VAL B 33 -31.54 16.06 -15.33
CA VAL B 33 -30.68 14.88 -15.40
C VAL B 33 -29.54 15.21 -16.35
N ARG B 34 -28.31 14.98 -15.90
CA ARG B 34 -27.13 15.39 -16.64
C ARG B 34 -26.61 14.25 -17.51
N GLU B 35 -25.95 14.61 -18.61
CA GLU B 35 -25.26 13.66 -19.46
C GLU B 35 -23.88 13.36 -18.89
N PRO B 36 -23.46 12.09 -18.88
CA PRO B 36 -22.13 11.77 -18.33
C PRO B 36 -21.01 12.25 -19.24
N GLY B 37 -20.00 12.85 -18.63
CA GLY B 37 -18.79 13.24 -19.32
C GLY B 37 -17.73 12.17 -19.27
N ARG B 38 -16.49 12.57 -19.56
CA ARG B 38 -15.38 11.63 -19.60
C ARG B 38 -15.21 10.90 -18.26
N TYR B 39 -15.07 9.57 -18.35
CA TYR B 39 -14.94 8.65 -17.22
C TYR B 39 -16.26 8.47 -16.46
N GLU B 40 -17.27 9.29 -16.77
CA GLU B 40 -18.49 9.28 -15.97
C GLU B 40 -19.53 8.31 -16.54
N VAL B 41 -20.42 7.88 -15.66
CA VAL B 41 -21.62 7.13 -16.04
C VAL B 41 -22.81 7.73 -15.32
N LEU B 42 -23.98 7.56 -15.91
CA LEU B 42 -25.24 7.87 -15.26
C LEU B 42 -25.84 6.60 -14.71
N VAL B 43 -26.15 6.61 -13.42
CA VAL B 43 -26.69 5.47 -12.70
C VAL B 43 -28.15 5.77 -12.36
N LYS B 44 -29.03 4.82 -12.73
CA LYS B 44 -30.45 4.83 -12.36
C LYS B 44 -30.49 4.25 -10.93
N VAL B 45 -30.88 5.08 -9.96
CA VAL B 45 -30.72 4.65 -8.56
C VAL B 45 -31.86 3.71 -8.19
N MET B 46 -31.52 2.48 -7.78
CA MET B 46 -32.55 1.60 -7.26
C MET B 46 -32.81 1.88 -5.79
N ALA B 47 -31.75 2.12 -5.01
CA ALA B 47 -31.85 2.36 -3.58
C ALA B 47 -30.66 3.20 -3.14
N CYS B 48 -30.80 3.83 -1.97
CA CYS B 48 -29.68 4.57 -1.40
C CYS B 48 -29.77 4.51 0.11
N GLY B 49 -28.74 4.00 0.76
CA GLY B 49 -28.73 3.96 2.20
C GLY B 49 -28.57 5.35 2.78
N VAL B 50 -29.11 5.55 3.98
CA VAL B 50 -29.03 6.83 4.68
C VAL B 50 -27.96 6.69 5.76
N CYS B 51 -26.87 7.41 5.60
CA CYS B 51 -25.75 7.38 6.51
C CYS B 51 -25.82 8.58 7.45
N HIS B 52 -25.31 8.43 8.68
CA HIS B 52 -25.34 9.56 9.60
C HIS B 52 -24.48 10.70 9.06
N THR B 53 -23.49 10.39 8.22
CA THR B 53 -22.73 11.43 7.54
C THR B 53 -23.65 12.35 6.74
N ASP B 54 -24.69 11.79 6.09
CA ASP B 54 -25.65 12.64 5.40
C ASP B 54 -26.27 13.65 6.35
N LEU B 55 -26.54 13.23 7.60
CA LEU B 55 -27.11 14.14 8.58
C LEU B 55 -26.09 15.17 9.02
N HIS B 56 -24.85 14.75 9.22
CA HIS B 56 -23.77 15.69 9.50
C HIS B 56 -23.64 16.71 8.39
N ALA B 57 -23.84 16.27 7.14
CA ALA B 57 -23.78 17.18 6.00
C ALA B 57 -24.92 18.18 6.05
N VAL B 58 -26.15 17.69 6.22
CA VAL B 58 -27.31 18.58 6.21
C VAL B 58 -27.23 19.59 7.35
N ASP B 59 -26.60 19.21 8.46
CA ASP B 59 -26.51 20.10 9.61
C ASP B 59 -25.25 20.93 9.64
N GLY B 60 -24.30 20.67 8.74
CA GLY B 60 -23.04 21.40 8.75
C GLY B 60 -22.21 21.21 10.00
N ASP B 61 -22.19 20.00 10.56
CA ASP B 61 -21.47 19.71 11.79
C ASP B 61 -19.96 19.78 11.63
N TRP B 62 -19.44 19.63 10.41
CA TRP B 62 -18.01 19.44 10.22
C TRP B 62 -17.33 20.74 9.79
N PRO B 63 -16.04 20.90 10.13
CA PRO B 63 -15.33 22.11 9.71
C PRO B 63 -15.12 22.20 8.21
N ALA B 64 -14.91 21.07 7.53
CA ALA B 64 -14.91 21.01 6.06
C ALA B 64 -16.36 20.88 5.57
N LYS B 65 -16.89 21.93 4.99
CA LYS B 65 -18.31 21.98 4.70
C LYS B 65 -18.65 21.35 3.36
N PRO B 66 -19.86 20.85 3.18
CA PRO B 66 -20.28 20.32 1.87
C PRO B 66 -20.60 21.45 0.92
N LYS B 67 -20.87 21.07 -0.34
CA LYS B 67 -21.48 22.05 -1.25
C LYS B 67 -22.95 22.25 -0.88
N MET B 68 -23.43 23.48 -1.12
CA MET B 68 -24.82 23.85 -0.90
C MET B 68 -25.30 24.55 -2.17
N PRO B 69 -26.51 24.22 -2.67
CA PRO B 69 -27.40 23.16 -2.20
C PRO B 69 -26.83 21.78 -2.51
N LEU B 70 -27.44 20.73 -1.95
CA LEU B 70 -26.82 19.42 -1.99
C LEU B 70 -27.87 18.33 -2.12
N ILE B 71 -27.58 17.35 -2.98
CA ILE B 71 -28.26 16.06 -2.95
C ILE B 71 -27.38 15.10 -2.14
N PRO B 72 -27.78 14.71 -0.93
CA PRO B 72 -26.94 13.79 -0.14
C PRO B 72 -26.96 12.37 -0.69
N GLY B 73 -26.28 11.46 0.02
CA GLY B 73 -26.35 10.05 -0.30
C GLY B 73 -25.10 9.48 -0.95
N HIS B 74 -24.43 8.57 -0.24
CA HIS B 74 -23.26 7.88 -0.77
C HIS B 74 -23.35 6.39 -0.46
N GLU B 75 -24.58 5.89 -0.33
CA GLU B 75 -24.86 4.46 -0.35
C GLU B 75 -25.84 4.15 -1.47
N GLY B 76 -25.71 4.88 -2.58
CA GLY B 76 -26.65 4.71 -3.69
C GLY B 76 -26.20 3.55 -4.57
N VAL B 77 -27.16 2.70 -4.93
CA VAL B 77 -26.89 1.54 -5.76
C VAL B 77 -27.94 1.48 -6.87
N GLY B 78 -27.51 1.02 -8.04
CA GLY B 78 -28.42 0.96 -9.16
C GLY B 78 -27.75 0.41 -10.40
N ILE B 79 -28.33 0.78 -11.55
CA ILE B 79 -27.96 0.23 -12.85
C ILE B 79 -27.41 1.36 -13.72
N VAL B 80 -26.30 1.09 -14.40
CA VAL B 80 -25.74 2.06 -15.35
C VAL B 80 -26.68 2.17 -16.55
N VAL B 81 -27.11 3.39 -16.86
CA VAL B 81 -27.99 3.62 -18.00
C VAL B 81 -27.37 4.46 -19.10
N ALA B 82 -26.22 5.10 -18.84
CA ALA B 82 -25.52 5.84 -19.89
C ALA B 82 -24.06 5.97 -19.50
N CYS B 83 -23.19 5.97 -20.51
CA CYS B 83 -21.74 6.03 -20.32
C CYS B 83 -21.16 7.20 -21.08
N GLY B 84 -20.30 7.97 -20.41
CA GLY B 84 -19.48 8.94 -21.11
C GLY B 84 -18.30 8.27 -21.77
N PRO B 85 -17.50 9.08 -22.48
CA PRO B 85 -16.27 8.55 -23.07
C PRO B 85 -15.36 8.00 -21.98
N ASP B 86 -14.68 6.89 -22.29
CA ASP B 86 -13.70 6.28 -21.40
C ASP B 86 -14.34 5.78 -20.10
N ALA B 87 -15.62 5.41 -20.13
CA ALA B 87 -16.24 4.81 -18.95
C ALA B 87 -15.66 3.42 -18.70
N MET B 88 -15.54 3.06 -17.42
CA MET B 88 -14.94 1.79 -17.05
C MET B 88 -15.97 0.72 -16.68
N VAL B 89 -17.25 1.04 -16.73
CA VAL B 89 -18.34 0.08 -16.58
C VAL B 89 -19.33 0.31 -17.71
N LYS B 90 -20.11 -0.71 -18.02
CA LYS B 90 -20.99 -0.70 -19.19
C LYS B 90 -22.44 -0.53 -18.77
N GLU B 91 -23.27 -0.16 -19.76
CA GLU B 91 -24.69 -0.05 -19.54
C GLU B 91 -25.27 -1.38 -19.08
N GLY B 92 -26.15 -1.31 -18.08
CA GLY B 92 -26.70 -2.51 -17.48
C GLY B 92 -25.94 -3.05 -16.30
N ASP B 93 -24.71 -2.59 -16.05
CA ASP B 93 -23.97 -3.04 -14.88
C ASP B 93 -24.62 -2.54 -13.61
N ALA B 94 -24.62 -3.37 -12.57
CA ALA B 94 -25.07 -2.96 -11.24
C ALA B 94 -23.88 -2.40 -10.48
N VAL B 95 -24.01 -1.16 -9.99
CA VAL B 95 -22.91 -0.46 -9.33
C VAL B 95 -23.41 0.30 -8.11
N GLY B 96 -22.47 0.67 -7.25
CA GLY B 96 -22.75 1.54 -6.13
C GLY B 96 -21.84 2.75 -6.17
N VAL B 97 -22.34 3.87 -5.65
CA VAL B 97 -21.61 5.14 -5.70
C VAL B 97 -21.23 5.55 -4.28
N PRO B 98 -19.97 5.37 -3.85
CA PRO B 98 -19.65 5.52 -2.42
C PRO B 98 -19.12 6.88 -2.00
N TRP B 99 -18.69 6.98 -0.74
CA TRP B 99 -18.09 8.22 -0.24
C TRP B 99 -16.87 8.60 -1.06
N LEU B 100 -15.96 7.63 -1.26
CA LEU B 100 -14.78 7.88 -2.09
C LEU B 100 -15.23 7.86 -3.54
N TYR B 101 -15.80 9.00 -3.96
CA TYR B 101 -16.43 9.10 -5.28
C TYR B 101 -15.39 9.12 -6.40
N SER B 102 -14.24 9.75 -6.15
CA SER B 102 -13.14 9.78 -7.10
C SER B 102 -11.87 10.16 -6.35
N ALA B 103 -10.72 9.73 -6.89
CA ALA B 103 -9.42 10.10 -6.34
C ALA B 103 -8.47 10.36 -7.50
N CYS B 104 -7.32 10.96 -7.20
CA CYS B 104 -6.43 11.37 -8.28
C CYS B 104 -5.69 10.21 -8.95
N GLY B 105 -5.35 9.15 -8.21
CA GLY B 105 -4.62 8.04 -8.80
C GLY B 105 -3.12 8.22 -9.00
N CYS B 106 -2.56 9.39 -8.66
CA CYS B 106 -1.14 9.60 -8.92
C CYS B 106 -0.39 10.29 -7.79
N CYS B 107 -1.00 10.52 -6.63
CA CYS B 107 -0.33 11.13 -5.48
C CYS B 107 0.31 10.08 -4.55
N ASP B 108 1.09 10.57 -3.57
CA ASP B 108 1.68 9.73 -2.53
C ASP B 108 0.67 8.72 -1.96
N TYR B 109 -0.52 9.18 -1.64
CA TYR B 109 -1.49 8.30 -0.97
C TYR B 109 -2.15 7.33 -1.94
N CYS B 110 -2.50 7.77 -3.15
CA CYS B 110 -3.11 6.86 -4.10
C CYS B 110 -2.13 5.74 -4.50
N ILE B 111 -0.85 6.08 -4.69
CA ILE B 111 0.15 5.13 -5.20
C ILE B 111 0.52 4.09 -4.15
N THR B 112 0.40 4.41 -2.86
CA THR B 112 0.84 3.51 -1.81
C THR B 112 -0.30 2.69 -1.20
N GLY B 113 -1.47 2.68 -1.82
CA GLY B 113 -2.56 1.90 -1.26
C GLY B 113 -3.44 2.65 -0.30
N TRP B 114 -3.32 3.98 -0.23
CA TRP B 114 -4.12 4.75 0.69
C TRP B 114 -4.95 5.80 -0.04
N GLU B 115 -5.64 5.40 -1.12
CA GLU B 115 -6.41 6.38 -1.89
C GLU B 115 -7.54 7.01 -1.06
N THR B 116 -7.94 6.41 0.06
CA THR B 116 -8.89 7.05 0.96
C THR B 116 -8.36 8.38 1.53
N LEU B 117 -7.05 8.60 1.48
CA LEU B 117 -6.42 9.80 2.01
C LEU B 117 -6.09 10.83 0.93
N CYS B 118 -6.45 10.53 -0.31
CA CYS B 118 -6.16 11.43 -1.42
C CYS B 118 -6.69 12.81 -1.12
N GLU B 119 -5.83 13.83 -1.16
CA GLU B 119 -6.29 15.17 -0.85
CA GLU B 119 -6.25 15.18 -0.88
C GLU B 119 -7.05 15.80 -2.01
N ALA B 120 -7.09 15.17 -3.18
CA ALA B 120 -7.86 15.64 -4.31
C ALA B 120 -9.15 14.84 -4.50
N GLN B 121 -9.56 14.06 -3.51
CA GLN B 121 -10.74 13.23 -3.68
C GLN B 121 -12.00 14.08 -3.71
N GLN B 122 -13.03 13.54 -4.36
CA GLN B 122 -14.37 14.10 -4.29
C GLN B 122 -15.23 13.11 -3.53
N ASN B 123 -16.21 13.61 -2.79
CA ASN B 123 -16.98 12.76 -1.88
C ASN B 123 -18.44 12.76 -2.29
N GLY B 124 -18.99 11.56 -2.53
CA GLY B 124 -20.35 11.49 -3.04
C GLY B 124 -21.35 11.99 -2.02
N GLY B 125 -22.35 12.75 -2.51
CA GLY B 125 -23.36 13.30 -1.62
C GLY B 125 -22.81 14.28 -0.61
N TYR B 126 -21.68 14.91 -0.92
CA TYR B 126 -21.08 15.90 -0.03
C TYR B 126 -20.43 17.00 -0.85
N SER B 127 -19.38 16.67 -1.61
CA SER B 127 -18.79 17.63 -2.54
C SER B 127 -19.36 17.50 -3.95
N VAL B 128 -20.01 16.38 -4.26
CA VAL B 128 -20.78 16.22 -5.48
C VAL B 128 -22.13 15.62 -5.10
N ASP B 129 -23.13 15.86 -5.96
CA ASP B 129 -24.46 15.34 -5.66
C ASP B 129 -24.44 13.81 -5.62
N GLY B 130 -25.26 13.25 -4.72
CA GLY B 130 -25.24 11.82 -4.43
C GLY B 130 -26.50 11.09 -4.80
N GLY B 131 -26.80 10.03 -4.05
CA GLY B 131 -27.84 9.07 -4.37
C GLY B 131 -29.24 9.34 -3.87
N PHE B 132 -29.48 10.43 -3.16
CA PHE B 132 -30.85 10.77 -2.76
C PHE B 132 -31.61 11.32 -3.97
N ALA B 133 -31.62 10.57 -5.06
CA ALA B 133 -32.19 11.05 -6.31
C ALA B 133 -32.45 9.84 -7.19
N GLU B 134 -33.24 10.05 -8.25
CA GLU B 134 -33.57 8.95 -9.15
C GLU B 134 -32.41 8.58 -10.06
N TYR B 135 -31.49 9.51 -10.32
CA TYR B 135 -30.31 9.25 -11.13
C TYR B 135 -29.14 9.95 -10.45
N VAL B 136 -27.94 9.42 -10.64
CA VAL B 136 -26.73 10.03 -10.10
C VAL B 136 -25.59 9.86 -11.09
N ILE B 137 -24.84 10.93 -11.33
CA ILE B 137 -23.61 10.86 -12.10
C ILE B 137 -22.51 10.29 -11.21
N ALA B 138 -21.76 9.32 -11.72
CA ALA B 138 -20.71 8.66 -10.95
C ALA B 138 -19.42 8.63 -11.75
N ASP B 139 -18.30 8.57 -11.03
CA ASP B 139 -17.01 8.30 -11.67
C ASP B 139 -16.88 6.79 -11.82
N SER B 140 -16.88 6.31 -13.07
CA SER B 140 -16.92 4.88 -13.33
C SER B 140 -15.70 4.13 -12.79
N ARG B 141 -14.61 4.85 -12.48
CA ARG B 141 -13.41 4.20 -11.99
C ARG B 141 -13.46 3.85 -10.51
N TYR B 142 -14.41 4.42 -9.76
CA TYR B 142 -14.41 4.27 -8.31
C TYR B 142 -15.72 3.69 -7.79
N VAL B 143 -16.64 3.28 -8.67
CA VAL B 143 -17.87 2.69 -8.19
C VAL B 143 -17.58 1.30 -7.64
N GLY B 144 -18.40 0.85 -6.69
CA GLY B 144 -18.41 -0.55 -6.31
C GLY B 144 -19.12 -1.36 -7.39
N HIS B 145 -18.62 -2.58 -7.62
CA HIS B 145 -19.18 -3.49 -8.62
C HIS B 145 -20.06 -4.52 -7.92
N LEU B 146 -21.33 -4.58 -8.30
CA LEU B 146 -22.29 -5.47 -7.69
C LEU B 146 -22.66 -6.60 -8.65
N LYS B 147 -23.05 -7.74 -8.08
CA LYS B 147 -23.56 -8.83 -8.91
C LYS B 147 -24.89 -8.44 -9.54
N SER B 148 -25.15 -8.99 -10.74
CA SER B 148 -26.34 -8.63 -11.51
C SER B 148 -27.64 -8.96 -10.78
N ASN B 149 -27.64 -9.98 -9.92
CA ASN B 149 -28.82 -10.40 -9.19
C ASN B 149 -28.81 -9.88 -7.75
N VAL B 150 -28.13 -8.76 -7.49
CA VAL B 150 -28.02 -8.24 -6.14
C VAL B 150 -29.38 -7.77 -5.62
N ASN B 151 -29.59 -7.89 -4.32
CA ASN B 151 -30.74 -7.24 -3.67
C ASN B 151 -30.33 -5.81 -3.36
N PHE B 152 -30.84 -4.86 -4.14
CA PHE B 152 -30.35 -3.48 -4.07
C PHE B 152 -30.60 -2.86 -2.70
N LEU B 153 -31.77 -3.10 -2.12
CA LEU B 153 -32.09 -2.53 -0.81
C LEU B 153 -31.16 -3.08 0.26
N GLU B 154 -30.87 -4.37 0.22
CA GLU B 154 -30.10 -4.98 1.30
C GLU B 154 -28.61 -4.76 1.15
N ILE B 155 -28.12 -4.58 -0.08
CA ILE B 155 -26.68 -4.40 -0.27
C ILE B 155 -26.24 -2.96 -0.03
N ALA B 156 -27.15 -1.99 -0.14
CA ALA B 156 -26.79 -0.58 -0.15
C ALA B 156 -25.88 -0.18 1.01
N PRO B 157 -26.14 -0.57 2.28
CA PRO B 157 -25.26 -0.12 3.36
C PRO B 157 -23.83 -0.63 3.25
N ILE B 158 -23.58 -1.67 2.46
CA ILE B 158 -22.21 -2.15 2.31
C ILE B 158 -21.35 -1.08 1.65
N LEU B 159 -21.97 -0.19 0.86
CA LEU B 159 -21.22 0.82 0.12
C LEU B 159 -20.60 1.89 1.02
N CYS B 160 -21.05 2.01 2.27
CA CYS B 160 -20.33 2.87 3.20
C CYS B 160 -20.24 2.26 4.59
N ALA B 161 -21.37 1.95 5.22
CA ALA B 161 -21.32 1.33 6.53
C ALA B 161 -20.45 0.07 6.51
N GLY B 162 -20.69 -0.83 5.56
CA GLY B 162 -19.96 -2.09 5.52
C GLY B 162 -18.47 -1.93 5.27
N VAL B 163 -18.11 -1.28 4.16
CA VAL B 163 -16.70 -1.12 3.84
C VAL B 163 -15.97 -0.36 4.95
N THR B 164 -16.63 0.63 5.56
CA THR B 164 -15.97 1.44 6.58
C THR B 164 -15.59 0.60 7.80
N VAL B 165 -16.55 -0.17 8.35
CA VAL B 165 -16.25 -0.94 9.56
C VAL B 165 -15.34 -2.11 9.25
N TYR B 166 -15.44 -2.66 8.03
CA TYR B 166 -14.53 -3.73 7.64
C TYR B 166 -13.09 -3.23 7.63
N LYS B 167 -12.85 -2.09 6.98
CA LYS B 167 -11.52 -1.48 7.00
C LYS B 167 -11.13 -1.08 8.43
N GLY B 168 -12.08 -0.52 9.19
CA GLY B 168 -11.78 -0.16 10.58
C GLY B 168 -11.34 -1.36 11.41
N LEU B 169 -11.99 -2.50 11.21
CA LEU B 169 -11.60 -3.70 11.94
C LEU B 169 -10.20 -4.16 11.54
N LYS B 170 -9.87 -4.08 10.25
CA LYS B 170 -8.49 -4.35 9.84
C LYS B 170 -7.53 -3.38 10.53
N GLU B 171 -7.92 -2.11 10.65
CA GLU B 171 -7.06 -1.10 11.27
C GLU B 171 -6.84 -1.35 12.75
N THR B 172 -7.76 -2.06 13.45
CA THR B 172 -7.51 -2.40 14.85
C THR B 172 -6.45 -3.47 15.01
N GLU B 173 -6.16 -4.23 13.95
CA GLU B 173 -5.23 -5.35 13.94
C GLU B 173 -5.66 -6.47 14.88
N THR B 174 -6.91 -6.50 15.29
CA THR B 174 -7.40 -7.61 16.10
C THR B 174 -7.34 -8.92 15.32
N LYS B 175 -6.78 -9.95 15.93
CA LYS B 175 -6.59 -11.24 15.27
C LYS B 175 -7.73 -12.19 15.56
N PRO B 176 -7.91 -13.25 14.75
CA PRO B 176 -8.86 -14.30 15.10
C PRO B 176 -8.58 -14.85 16.49
N GLY B 177 -9.64 -14.98 17.30
CA GLY B 177 -9.51 -15.45 18.66
C GLY B 177 -9.33 -14.37 19.70
N GLU B 178 -9.13 -13.12 19.28
CA GLU B 178 -9.00 -11.98 20.18
C GLU B 178 -10.33 -11.25 20.31
N TRP B 179 -10.39 -10.36 21.30
CA TRP B 179 -11.61 -9.64 21.63
C TRP B 179 -11.61 -8.25 21.01
N VAL B 180 -12.70 -7.89 20.35
CA VAL B 180 -12.89 -6.51 19.90
C VAL B 180 -14.19 -6.00 20.49
N ALA B 181 -14.20 -4.73 20.88
CA ALA B 181 -15.42 -4.05 21.27
C ALA B 181 -15.92 -3.19 20.12
N ILE B 182 -17.21 -3.28 19.82
CA ILE B 182 -17.87 -2.38 18.88
C ILE B 182 -18.68 -1.38 19.70
N SER B 183 -18.41 -0.09 19.53
CA SER B 183 -19.09 0.95 20.30
C SER B 183 -20.05 1.68 19.37
N GLY B 184 -21.35 1.58 19.67
CA GLY B 184 -22.38 2.15 18.82
C GLY B 184 -22.91 1.13 17.84
N ILE B 185 -24.05 0.51 18.13
CA ILE B 185 -24.59 -0.52 17.25
C ILE B 185 -25.68 0.08 16.37
N GLY B 186 -25.29 1.05 15.54
CA GLY B 186 -26.18 1.72 14.60
C GLY B 186 -25.99 1.18 13.20
N GLY B 187 -26.10 2.08 12.22
CA GLY B 187 -25.87 1.67 10.84
C GLY B 187 -24.53 0.98 10.65
N LEU B 188 -23.44 1.63 11.10
CA LEU B 188 -22.11 1.04 11.03
C LEU B 188 -21.96 -0.12 11.99
N GLY B 189 -22.33 0.09 13.26
CA GLY B 189 -21.98 -0.88 14.28
C GLY B 189 -22.62 -2.25 14.08
N HIS B 190 -23.87 -2.28 13.59
CA HIS B 190 -24.54 -3.58 13.50
C HIS B 190 -23.95 -4.45 12.38
N VAL B 191 -23.34 -3.85 11.35
CA VAL B 191 -22.59 -4.68 10.40
C VAL B 191 -21.17 -4.91 10.88
N ALA B 192 -20.63 -4.00 11.71
CA ALA B 192 -19.32 -4.23 12.32
C ALA B 192 -19.32 -5.49 13.18
N VAL B 193 -20.39 -5.70 13.95
CA VAL B 193 -20.51 -6.94 14.72
C VAL B 193 -20.32 -8.15 13.81
N GLN B 194 -20.93 -8.12 12.62
CA GLN B 194 -20.89 -9.28 11.74
C GLN B 194 -19.54 -9.47 11.08
N TYR B 195 -18.93 -8.37 10.60
CA TYR B 195 -17.59 -8.49 10.03
C TYR B 195 -16.61 -9.04 11.05
N ALA B 196 -16.70 -8.56 12.28
CA ALA B 196 -15.78 -9.00 13.33
C ALA B 196 -15.89 -10.50 13.57
N LYS B 197 -17.13 -11.01 13.67
CA LYS B 197 -17.31 -12.46 13.85
C LYS B 197 -16.78 -13.24 12.64
N ALA B 198 -16.98 -12.72 11.42
CA ALA B 198 -16.48 -13.38 10.23
C ALA B 198 -14.96 -13.32 10.13
N MET B 199 -14.36 -12.38 10.83
CA MET B 199 -12.91 -12.28 10.93
C MET B 199 -12.38 -13.03 12.15
N GLY B 200 -13.20 -13.87 12.76
CA GLY B 200 -12.77 -14.73 13.84
C GLY B 200 -12.68 -14.07 15.21
N MET B 201 -13.16 -12.84 15.35
CA MET B 201 -13.07 -12.11 16.61
C MET B 201 -14.21 -12.46 17.57
N HIS B 202 -13.91 -12.41 18.88
CA HIS B 202 -14.96 -12.34 19.89
C HIS B 202 -15.43 -10.88 20.01
N VAL B 203 -16.74 -10.68 20.18
CA VAL B 203 -17.33 -9.35 20.02
C VAL B 203 -18.05 -8.94 21.29
N ALA B 204 -17.65 -7.79 21.84
CA ALA B 204 -18.42 -7.10 22.85
C ALA B 204 -19.08 -5.90 22.21
N ALA B 205 -20.37 -5.72 22.46
CA ALA B 205 -21.11 -4.60 21.87
C ALA B 205 -21.46 -3.59 22.96
N ILE B 206 -21.28 -2.30 22.66
CA ILE B 206 -21.56 -1.21 23.59
C ILE B 206 -22.53 -0.24 22.94
N ASP B 207 -23.58 0.13 23.65
CA ASP B 207 -24.44 1.22 23.22
C ASP B 207 -25.12 1.78 24.46
N VAL B 208 -26.12 2.65 24.25
CA VAL B 208 -26.77 3.34 25.35
C VAL B 208 -28.27 3.06 25.38
N ALA B 209 -28.74 2.05 24.65
CA ALA B 209 -30.14 1.66 24.70
C ALA B 209 -30.21 0.15 24.49
N ASP B 210 -31.09 -0.50 25.26
CA ASP B 210 -31.14 -1.96 25.29
C ASP B 210 -31.52 -2.55 23.94
N ASP B 211 -32.37 -1.87 23.17
CA ASP B 211 -32.74 -2.43 21.86
C ASP B 211 -31.55 -2.50 20.92
N LYS B 212 -30.60 -1.56 21.03
CA LYS B 212 -29.39 -1.63 20.22
C LYS B 212 -28.56 -2.86 20.59
N LEU B 213 -28.50 -3.19 21.87
CA LEU B 213 -27.76 -4.37 22.29
C LEU B 213 -28.51 -5.66 21.91
N GLU B 214 -29.83 -5.62 21.87
CA GLU B 214 -30.56 -6.79 21.38
C GLU B 214 -30.22 -7.05 19.92
N LEU B 215 -30.13 -6.00 19.12
CA LEU B 215 -29.71 -6.16 17.73
C LEU B 215 -28.32 -6.77 17.68
N ALA B 216 -27.40 -6.27 18.49
CA ALA B 216 -26.04 -6.82 18.49
C ALA B 216 -26.04 -8.30 18.84
N LYS B 217 -26.81 -8.69 19.87
CA LYS B 217 -26.84 -10.09 20.25
C LYS B 217 -27.39 -10.96 19.13
N LYS B 218 -28.49 -10.52 18.50
CA LYS B 218 -29.07 -11.31 17.41
C LYS B 218 -28.09 -11.46 16.25
N LEU B 219 -27.19 -10.49 16.06
CA LEU B 219 -26.22 -10.52 14.97
C LEU B 219 -24.90 -11.15 15.37
N GLY B 220 -24.77 -11.67 16.58
CA GLY B 220 -23.63 -12.48 16.93
C GLY B 220 -22.75 -11.98 18.07
N ALA B 221 -23.07 -10.87 18.74
CA ALA B 221 -22.19 -10.38 19.81
C ALA B 221 -22.13 -11.37 20.96
N ASP B 222 -20.93 -11.53 21.54
CA ASP B 222 -20.75 -12.45 22.66
C ASP B 222 -21.03 -11.79 24.00
N LEU B 223 -20.80 -10.48 24.09
CA LEU B 223 -21.14 -9.69 25.27
C LEU B 223 -21.77 -8.39 24.83
N THR B 224 -22.66 -7.85 25.68
CA THR B 224 -23.29 -6.57 25.44
C THR B 224 -23.19 -5.74 26.71
N VAL B 225 -23.06 -4.43 26.54
CA VAL B 225 -22.92 -3.48 27.65
C VAL B 225 -23.78 -2.26 27.35
N ASN B 226 -24.65 -1.90 28.28
CA ASN B 226 -25.37 -0.63 28.21
C ASN B 226 -24.56 0.37 29.01
N ALA B 227 -23.88 1.29 28.30
CA ALA B 227 -22.97 2.23 28.94
C ALA B 227 -23.71 3.20 29.86
N LYS B 228 -25.03 3.35 29.70
CA LYS B 228 -25.77 4.20 30.62
C LYS B 228 -25.94 3.54 31.98
N THR B 229 -26.07 2.22 32.00
CA THR B 229 -26.27 1.51 33.25
C THR B 229 -24.98 0.91 33.81
N THR B 230 -23.97 0.70 32.98
CA THR B 230 -22.80 -0.07 33.38
C THR B 230 -21.56 0.56 32.78
N ASP B 231 -20.53 0.75 33.60
CA ASP B 231 -19.26 1.26 33.09
C ASP B 231 -18.62 0.23 32.15
N PRO B 232 -18.38 0.57 30.88
CA PRO B 232 -17.86 -0.45 29.96
C PRO B 232 -16.49 -0.99 30.35
N GLY B 233 -15.56 -0.11 30.72
CA GLY B 233 -14.23 -0.56 31.09
C GLY B 233 -14.25 -1.53 32.26
N THR B 234 -14.99 -1.18 33.32
CA THR B 234 -15.07 -2.03 34.49
C THR B 234 -15.62 -3.40 34.11
N TYR B 235 -16.71 -3.41 33.36
CA TYR B 235 -17.39 -4.66 33.02
C TYR B 235 -16.53 -5.53 32.13
N LEU B 236 -15.96 -4.96 31.07
CA LEU B 236 -15.23 -5.78 30.11
C LEU B 236 -13.89 -6.23 30.65
N HIS B 237 -13.24 -5.44 31.52
CA HIS B 237 -12.03 -5.94 32.15
C HIS B 237 -12.37 -7.05 33.13
N LYS B 238 -13.45 -6.89 33.88
CA LYS B 238 -13.87 -7.94 34.83
C LYS B 238 -14.23 -9.21 34.10
N GLU B 239 -14.97 -9.10 32.99
CA GLU B 239 -15.47 -10.29 32.32
C GLU B 239 -14.35 -11.08 31.64
N VAL B 240 -13.50 -10.41 30.85
CA VAL B 240 -12.54 -11.13 30.01
C VAL B 240 -11.15 -10.49 30.02
N GLY B 241 -10.90 -9.56 30.92
CA GLY B 241 -9.58 -8.97 30.97
C GLY B 241 -9.30 -7.91 29.92
N GLY B 242 -10.34 -7.30 29.34
CA GLY B 242 -10.14 -6.19 28.42
C GLY B 242 -10.06 -6.64 26.97
N MET B 243 -10.20 -5.66 26.08
CA MET B 243 -10.29 -5.88 24.65
C MET B 243 -8.92 -5.75 24.00
N HIS B 244 -8.65 -6.64 23.05
CA HIS B 244 -7.49 -6.44 22.19
C HIS B 244 -7.69 -5.28 21.24
N GLY B 245 -8.93 -5.02 20.84
CA GLY B 245 -9.21 -3.93 19.93
C GLY B 245 -10.56 -3.33 20.22
N ALA B 246 -10.80 -2.14 19.66
CA ALA B 246 -12.10 -1.51 19.75
C ALA B 246 -12.33 -0.70 18.48
N LEU B 247 -13.59 -0.64 18.06
CA LEU B 247 -14.00 0.16 16.91
C LEU B 247 -15.11 1.08 17.37
N ILE B 248 -14.88 2.40 17.28
CA ILE B 248 -15.84 3.39 17.76
C ILE B 248 -16.65 3.88 16.55
N THR B 249 -17.93 3.53 16.50
CA THR B 249 -18.83 4.06 15.49
C THR B 249 -19.86 5.02 16.08
N ALA B 250 -19.73 5.36 17.36
CA ALA B 250 -20.73 6.15 18.05
C ALA B 250 -20.58 7.63 17.74
N VAL B 251 -21.63 8.39 18.05
CA VAL B 251 -21.70 9.80 17.69
C VAL B 251 -21.56 10.69 18.92
N SER B 252 -20.80 10.25 19.92
CA SER B 252 -20.66 11.07 21.11
C SER B 252 -19.25 10.90 21.67
N PRO B 253 -18.57 12.01 22.00
CA PRO B 253 -17.18 11.91 22.47
C PRO B 253 -16.97 10.99 23.65
N ILE B 254 -17.94 10.89 24.57
CA ILE B 254 -17.75 10.04 25.75
C ILE B 254 -17.56 8.58 25.34
N ALA B 255 -18.17 8.14 24.23
CA ALA B 255 -17.96 6.77 23.77
C ALA B 255 -16.50 6.52 23.37
N PHE B 256 -15.81 7.56 22.89
CA PHE B 256 -14.40 7.43 22.54
C PHE B 256 -13.56 7.26 23.80
N LYS B 257 -13.83 8.08 24.83
CA LYS B 257 -13.12 7.92 26.10
CA LYS B 257 -13.14 7.93 26.11
C LYS B 257 -13.38 6.55 26.70
N GLN B 258 -14.62 6.07 26.64
CA GLN B 258 -14.91 4.75 27.21
C GLN B 258 -14.32 3.64 26.36
N GLY B 259 -14.17 3.89 25.06
CA GLY B 259 -13.45 2.94 24.21
C GLY B 259 -12.01 2.73 24.67
N ILE B 260 -11.34 3.80 25.09
CA ILE B 260 -10.00 3.64 25.67
C ILE B 260 -10.07 2.74 26.91
N ASP B 261 -11.07 2.97 27.77
CA ASP B 261 -11.16 2.25 29.04
C ASP B 261 -11.23 0.73 28.85
N VAL B 262 -11.85 0.25 27.76
CA VAL B 262 -12.11 -1.19 27.64
C VAL B 262 -10.90 -1.97 27.14
N LEU B 263 -9.85 -1.28 26.69
CA LEU B 263 -8.69 -1.97 26.11
C LEU B 263 -7.79 -2.54 27.20
N ARG B 264 -7.20 -3.70 26.89
CA ARG B 264 -6.06 -4.19 27.65
C ARG B 264 -4.78 -3.53 27.14
N ARG B 265 -3.68 -3.80 27.80
CA ARG B 265 -2.40 -3.24 27.37
C ARG B 265 -2.10 -3.72 25.97
N LYS B 266 -1.51 -2.83 25.16
CA LYS B 266 -1.24 -3.01 23.73
C LYS B 266 -2.50 -3.11 22.89
N GLY B 267 -3.64 -2.68 23.40
CA GLY B 267 -4.84 -2.63 22.58
C GLY B 267 -4.76 -1.50 21.57
N THR B 268 -5.51 -1.65 20.48
CA THR B 268 -5.62 -0.64 19.44
C THR B 268 -7.09 -0.29 19.25
N ILE B 269 -7.41 1.00 19.28
CA ILE B 269 -8.79 1.44 19.10
C ILE B 269 -8.83 2.24 17.80
N ALA B 270 -9.66 1.80 16.87
CA ALA B 270 -9.87 2.50 15.60
C ALA B 270 -11.11 3.37 15.68
N LEU B 271 -11.05 4.55 15.08
CA LEU B 271 -12.13 5.53 15.18
C LEU B 271 -12.82 5.67 13.83
N ASN B 272 -14.12 5.36 13.79
CA ASN B 272 -14.95 5.67 12.64
C ASN B 272 -15.87 6.86 12.88
N GLY B 273 -16.48 6.95 14.06
CA GLY B 273 -17.51 7.95 14.30
C GLY B 273 -16.98 9.36 14.14
N LEU B 274 -17.86 10.25 13.68
CA LEU B 274 -17.45 11.63 13.35
C LEU B 274 -18.33 12.68 14.02
N PRO B 275 -18.51 12.61 15.35
CA PRO B 275 -19.17 13.71 16.03
C PRO B 275 -18.27 14.93 15.98
N PRO B 276 -18.84 16.13 16.04
CA PRO B 276 -18.01 17.33 16.11
C PRO B 276 -17.25 17.35 17.44
N GLY B 277 -16.15 18.10 17.44
CA GLY B 277 -15.39 18.32 18.66
C GLY B 277 -14.33 17.26 18.90
N SER B 278 -13.91 17.15 20.16
CA SER B 278 -12.80 16.31 20.57
CA SER B 278 -12.81 16.29 20.56
C SER B 278 -13.24 15.36 21.69
N PHE B 279 -12.33 14.47 22.10
CA PHE B 279 -12.51 13.72 23.33
C PHE B 279 -11.20 13.78 24.11
N GLU B 280 -11.29 13.55 25.41
CA GLU B 280 -10.13 13.63 26.30
C GLU B 280 -9.37 12.31 26.24
N LEU B 281 -8.13 12.38 25.76
CA LEU B 281 -7.25 11.24 25.70
C LEU B 281 -6.37 11.23 26.95
N PRO B 282 -6.48 10.24 27.83
CA PRO B 282 -5.67 10.25 29.06
C PRO B 282 -4.22 9.85 28.75
N ILE B 283 -3.30 10.78 29.03
CA ILE B 283 -1.93 10.62 28.56
C ILE B 283 -1.22 9.50 29.33
N PHE B 284 -1.25 9.56 30.66
CA PHE B 284 -0.52 8.59 31.47
C PHE B 284 -0.91 7.16 31.09
N GLU B 285 -2.23 6.89 31.06
CA GLU B 285 -2.75 5.57 30.72
C GLU B 285 -2.36 5.15 29.30
N THR B 286 -2.45 6.05 28.33
CA THR B 286 -2.11 5.70 26.96
C THR B 286 -0.65 5.29 26.85
N VAL B 287 0.23 6.00 27.55
CA VAL B 287 1.67 5.70 27.49
C VAL B 287 1.98 4.40 28.20
N LEU B 288 1.57 4.29 29.48
CA LEU B 288 1.99 3.13 30.28
C LEU B 288 1.42 1.83 29.73
N LYS B 289 0.27 1.90 29.05
CA LYS B 289 -0.38 0.72 28.50
C LYS B 289 -0.06 0.48 27.03
N ARG B 290 0.74 1.32 26.40
CA ARG B 290 1.01 1.25 24.96
C ARG B 290 -0.30 1.14 24.17
N ILE B 291 -1.21 2.10 24.40
CA ILE B 291 -2.46 2.16 23.64
C ILE B 291 -2.21 2.81 22.29
N THR B 292 -2.81 2.26 21.24
CA THR B 292 -2.76 2.86 19.91
C THR B 292 -4.15 3.32 19.54
N VAL B 293 -4.28 4.61 19.19
CA VAL B 293 -5.52 5.21 18.75
C VAL B 293 -5.34 5.57 17.27
N ARG B 294 -6.25 5.10 16.42
CA ARG B 294 -6.05 5.21 14.98
C ARG B 294 -7.35 5.62 14.30
N GLY B 295 -7.31 6.74 13.58
CA GLY B 295 -8.44 7.12 12.76
C GLY B 295 -8.54 6.22 11.54
N SER B 296 -9.79 5.94 11.12
CA SER B 296 -10.04 5.10 9.95
C SER B 296 -11.16 5.67 9.11
N ILE B 297 -10.90 5.84 7.81
CA ILE B 297 -11.79 6.58 6.91
C ILE B 297 -12.17 5.68 5.74
N VAL B 298 -13.46 5.36 5.62
CA VAL B 298 -14.06 4.43 4.65
C VAL B 298 -13.09 3.31 4.25
N GLY B 299 -12.94 3.05 2.95
CA GLY B 299 -12.01 2.03 2.49
C GLY B 299 -11.65 2.26 1.04
N THR B 300 -10.53 1.67 0.61
CA THR B 300 -10.16 1.78 -0.78
C THR B 300 -11.10 0.94 -1.66
N ARG B 301 -10.93 1.06 -2.98
CA ARG B 301 -11.67 0.20 -3.90
C ARG B 301 -11.44 -1.28 -3.60
N LYS B 302 -10.23 -1.63 -3.15
CA LYS B 302 -9.98 -3.02 -2.79
C LYS B 302 -10.71 -3.42 -1.51
N ASP B 303 -10.67 -2.54 -0.48
CA ASP B 303 -11.45 -2.74 0.74
C ASP B 303 -12.92 -2.92 0.41
N LEU B 304 -13.42 -2.11 -0.54
CA LEU B 304 -14.83 -2.15 -0.90
C LEU B 304 -15.19 -3.49 -1.51
N GLN B 305 -14.36 -3.98 -2.44
CA GLN B 305 -14.64 -5.27 -3.05
C GLN B 305 -14.60 -6.39 -2.02
N GLU B 306 -13.63 -6.35 -1.11
CA GLU B 306 -13.56 -7.34 -0.05
C GLU B 306 -14.80 -7.31 0.83
N ALA B 307 -15.24 -6.11 1.23
CA ALA B 307 -16.43 -5.98 2.07
C ALA B 307 -17.67 -6.52 1.35
N LEU B 308 -17.79 -6.24 0.05
CA LEU B 308 -18.93 -6.79 -0.69
C LEU B 308 -18.88 -8.31 -0.77
N ASP B 309 -17.66 -8.88 -0.84
CA ASP B 309 -17.53 -10.33 -0.91
C ASP B 309 -18.08 -10.99 0.34
N PHE B 310 -17.83 -10.41 1.53
CA PHE B 310 -18.42 -10.96 2.75
C PHE B 310 -19.93 -10.99 2.67
N ALA B 311 -20.54 -9.90 2.16
CA ALA B 311 -22.00 -9.86 2.03
C ALA B 311 -22.47 -10.85 0.97
N ASN B 312 -21.77 -10.92 -0.16
CA ASN B 312 -22.17 -11.85 -1.22
C ASN B 312 -22.13 -13.28 -0.73
N GLU B 313 -21.23 -13.61 0.19
CA GLU B 313 -21.17 -14.96 0.71
C GLU B 313 -22.13 -15.18 1.88
N GLY B 314 -22.92 -14.18 2.25
CA GLY B 314 -23.88 -14.33 3.32
C GLY B 314 -23.30 -14.22 4.71
N LEU B 315 -22.06 -13.78 4.85
CA LEU B 315 -21.45 -13.64 6.16
C LEU B 315 -21.87 -12.34 6.85
N VAL B 316 -22.26 -11.33 6.07
CA VAL B 316 -22.72 -10.04 6.56
C VAL B 316 -24.04 -9.72 5.87
N LYS B 317 -25.08 -9.41 6.65
CA LYS B 317 -26.37 -8.97 6.12
C LYS B 317 -26.81 -7.74 6.90
N ALA B 318 -26.91 -6.61 6.21
CA ALA B 318 -27.42 -5.40 6.86
C ALA B 318 -28.86 -5.58 7.31
N THR B 319 -29.20 -5.00 8.46
CA THR B 319 -30.58 -4.89 8.92
C THR B 319 -31.16 -3.62 8.32
N VAL B 320 -32.15 -3.77 7.43
CA VAL B 320 -32.59 -2.68 6.58
C VAL B 320 -34.11 -2.53 6.71
N THR B 321 -34.57 -1.27 6.76
CA THR B 321 -35.98 -0.92 6.59
C THR B 321 -36.09 0.10 5.45
N SER B 322 -37.01 -0.14 4.52
CA SER B 322 -37.16 0.74 3.38
C SER B 322 -37.95 1.99 3.76
N ALA B 323 -37.61 3.10 3.11
CA ALA B 323 -38.41 4.33 3.20
C ALA B 323 -38.45 4.95 1.82
N LYS B 324 -39.46 5.78 1.60
CA LYS B 324 -39.58 6.53 0.36
C LYS B 324 -38.69 7.76 0.41
N LEU B 325 -38.32 8.24 -0.78
CA LEU B 325 -37.48 9.44 -0.86
C LEU B 325 -38.11 10.61 -0.11
N GLU B 326 -39.44 10.75 -0.21
CA GLU B 326 -40.15 11.83 0.45
C GLU B 326 -40.13 11.72 1.99
N ASP B 327 -39.76 10.57 2.55
CA ASP B 327 -39.75 10.42 3.99
C ASP B 327 -38.42 10.77 4.63
N ILE B 328 -37.49 11.38 3.86
CA ILE B 328 -36.12 11.54 4.35
C ILE B 328 -36.08 12.39 5.62
N ASN B 329 -36.96 13.38 5.71
CA ASN B 329 -36.96 14.24 6.90
C ASN B 329 -37.34 13.47 8.15
N ASP B 330 -38.34 12.59 8.08
CA ASP B 330 -38.64 11.76 9.24
C ASP B 330 -37.56 10.72 9.51
N VAL B 331 -36.84 10.28 8.47
CA VAL B 331 -35.71 9.36 8.69
C VAL B 331 -34.64 10.05 9.51
N PHE B 332 -34.31 11.29 9.15
CA PHE B 332 -33.31 12.03 9.92
C PHE B 332 -33.77 12.26 11.35
N ASP B 333 -35.06 12.53 11.56
CA ASP B 333 -35.56 12.72 12.92
C ASP B 333 -35.49 11.43 13.73
N LYS B 334 -35.77 10.29 13.10
CA LYS B 334 -35.56 9.01 13.77
C LYS B 334 -34.08 8.80 14.09
N MET B 335 -33.19 9.23 13.19
CA MET B 335 -31.76 9.07 13.42
C MET B 335 -31.29 9.90 14.61
N LYS B 336 -31.77 11.15 14.71
CA LYS B 336 -31.39 12.02 15.82
C LYS B 336 -31.84 11.45 17.16
N LYS B 337 -32.98 10.78 17.18
CA LYS B 337 -33.53 10.21 18.39
C LYS B 337 -33.10 8.76 18.61
N GLY B 338 -32.21 8.23 17.78
CA GLY B 338 -31.72 6.87 17.95
C GLY B 338 -32.75 5.78 17.74
N GLN B 339 -33.71 6.00 16.84
CA GLN B 339 -34.83 5.08 16.69
C GLN B 339 -34.71 4.19 15.46
N ILE B 340 -33.56 4.14 14.81
CA ILE B 340 -33.41 3.32 13.61
C ILE B 340 -32.82 1.98 14.02
N ASP B 341 -33.44 0.89 13.56
CA ASP B 341 -32.99 -0.48 13.81
C ASP B 341 -31.99 -0.82 12.70
N GLY B 342 -30.73 -0.51 12.94
CA GLY B 342 -29.73 -0.71 11.91
C GLY B 342 -29.68 0.43 10.91
N ARG B 343 -30.11 0.17 9.67
CA ARG B 343 -30.08 1.14 8.59
C ARG B 343 -31.47 1.35 8.00
N ILE B 344 -31.76 2.58 7.61
CA ILE B 344 -32.87 2.90 6.72
CA ILE B 344 -32.87 2.86 6.70
C ILE B 344 -32.29 3.06 5.31
N VAL B 345 -32.95 2.47 4.31
CA VAL B 345 -32.52 2.56 2.92
C VAL B 345 -33.67 3.11 2.11
N LEU B 346 -33.41 4.18 1.37
CA LEU B 346 -34.42 4.76 0.50
C LEU B 346 -34.66 3.82 -0.68
N ASP B 347 -35.91 3.39 -0.84
CA ASP B 347 -36.35 2.57 -1.97
C ASP B 347 -36.78 3.53 -3.07
N ILE B 348 -35.86 3.87 -3.96
CA ILE B 348 -36.11 4.92 -4.96
C ILE B 348 -36.78 4.36 -6.22
N ALA B 349 -36.41 3.16 -6.68
CA ALA B 349 -37.08 2.57 -7.83
C ALA B 349 -38.54 2.24 -7.53
N GLY B 350 -38.88 2.04 -6.26
CA GLY B 350 -40.25 1.77 -5.84
C GLY B 350 -40.90 2.95 -5.16
N HIS C 7 37.71 -8.73 46.18
CA HIS C 7 36.37 -8.38 46.63
C HIS C 7 36.29 -6.90 46.99
N HIS C 8 35.14 -6.48 47.49
CA HIS C 8 34.88 -5.08 47.83
C HIS C 8 34.36 -4.99 49.26
N MET C 9 34.85 -4.00 50.00
CA MET C 9 34.44 -3.77 51.38
C MET C 9 33.19 -2.91 51.36
N ILE C 10 32.04 -3.54 51.56
CA ILE C 10 30.75 -2.87 51.48
C ILE C 10 30.41 -2.32 52.86
N PRO C 11 30.14 -1.03 53.00
CA PRO C 11 29.80 -0.47 54.33
C PRO C 11 28.40 -0.89 54.75
N LYS C 12 28.14 -0.78 56.05
CA LYS C 12 26.82 -1.10 56.60
C LYS C 12 25.76 -0.05 56.26
N THR C 13 26.16 1.19 56.02
CA THR C 13 25.25 2.27 55.70
C THR C 13 25.80 3.06 54.52
N MET C 14 24.92 3.83 53.89
CA MET C 14 25.30 4.63 52.74
C MET C 14 24.52 5.94 52.77
N LYS C 15 25.00 6.90 51.98
CA LYS C 15 24.26 8.13 51.76
C LYS C 15 23.29 7.91 50.61
N ALA C 16 22.10 8.47 50.73
CA ALA C 16 21.07 8.41 49.72
C ALA C 16 20.17 9.62 49.83
N ALA C 17 19.71 10.13 48.69
CA ALA C 17 18.72 11.20 48.68
C ALA C 17 17.35 10.56 48.79
N VAL C 18 16.61 10.89 49.84
CA VAL C 18 15.36 10.25 50.18
C VAL C 18 14.28 11.32 50.23
N VAL C 19 13.13 11.05 49.63
CA VAL C 19 11.95 11.87 49.83
C VAL C 19 11.04 11.14 50.82
N GLN C 20 10.57 11.88 51.82
CA GLN C 20 9.68 11.32 52.83
C GLN C 20 8.21 11.55 52.51
N GLY C 21 7.87 12.66 51.86
CA GLY C 21 6.49 12.92 51.51
C GLY C 21 6.42 13.72 50.23
N TYR C 22 5.26 13.68 49.58
CA TYR C 22 5.11 14.29 48.27
C TYR C 22 5.39 15.80 48.32
N GLY C 23 6.14 16.28 47.32
CA GLY C 23 6.47 17.68 47.22
C GLY C 23 7.51 18.18 48.19
N GLU C 24 7.95 17.35 49.11
CA GLU C 24 8.91 17.77 50.12
C GLU C 24 10.33 17.79 49.55
N PRO C 25 11.20 18.63 50.09
CA PRO C 25 12.60 18.58 49.66
C PRO C 25 13.19 17.22 50.04
N LEU C 26 14.07 16.73 49.19
CA LEU C 26 14.80 15.50 49.50
C LEU C 26 15.89 15.80 50.51
N LYS C 27 16.23 14.80 51.31
CA LYS C 27 17.28 14.91 52.31
C LYS C 27 18.26 13.78 52.14
N ILE C 28 19.54 14.07 52.32
CA ILE C 28 20.55 13.03 52.29
C ILE C 28 20.46 12.28 53.61
N GLN C 29 20.19 10.98 53.55
CA GLN C 29 20.01 10.21 54.76
C GLN C 29 21.04 9.10 54.81
N GLU C 30 21.30 8.62 56.02
CA GLU C 30 22.16 7.46 56.22
C GLU C 30 21.25 6.25 56.15
N VAL C 31 21.41 5.46 55.10
CA VAL C 31 20.48 4.37 54.85
C VAL C 31 21.24 3.07 55.00
N PRO C 32 20.65 2.04 55.61
CA PRO C 32 21.34 0.76 55.73
C PRO C 32 21.52 0.14 54.35
N VAL C 33 22.66 -0.53 54.17
CA VAL C 33 22.95 -1.22 52.93
C VAL C 33 22.45 -2.64 53.02
N ARG C 34 21.72 -3.08 52.00
CA ARG C 34 21.05 -4.37 52.03
C ARG C 34 21.92 -5.43 51.36
N GLU C 35 21.77 -6.63 51.82
CA GLU C 35 22.44 -7.78 51.22
C GLU C 35 21.60 -8.34 50.06
N PRO C 36 22.18 -8.63 48.89
CA PRO C 36 21.35 -9.10 47.77
C PRO C 36 20.81 -10.51 47.99
N GLY C 37 19.53 -10.69 47.70
CA GLY C 37 18.91 -12.00 47.71
C GLY C 37 18.96 -12.65 46.34
N ARG C 38 18.10 -13.65 46.16
CA ARG C 38 18.06 -14.43 44.93
C ARG C 38 17.85 -13.56 43.70
N TYR C 39 18.68 -13.79 42.68
CA TYR C 39 18.67 -13.05 41.42
C TYR C 39 19.19 -11.62 41.59
N GLU C 40 19.41 -11.18 42.84
CA GLU C 40 19.78 -9.79 43.05
C GLU C 40 21.30 -9.59 43.05
N VAL C 41 21.71 -8.36 42.76
CA VAL C 41 23.08 -7.90 42.93
C VAL C 41 23.04 -6.56 43.64
N LEU C 42 24.12 -6.24 44.35
CA LEU C 42 24.34 -4.91 44.90
C LEU C 42 25.29 -4.17 43.97
N VAL C 43 24.87 -2.98 43.53
CA VAL C 43 25.64 -2.17 42.59
C VAL C 43 26.19 -0.95 43.33
N LYS C 44 27.50 -0.74 43.24
CA LYS C 44 28.07 0.51 43.71
C LYS C 44 27.87 1.56 42.62
N VAL C 45 27.08 2.59 42.93
CA VAL C 45 26.64 3.55 41.91
C VAL C 45 27.77 4.52 41.63
N MET C 46 28.18 4.60 40.35
CA MET C 46 29.13 5.62 39.93
CA MET C 46 29.12 5.63 39.95
C MET C 46 28.41 6.92 39.56
N ALA C 47 27.25 6.82 38.93
CA ALA C 47 26.50 8.00 38.49
C ALA C 47 25.05 7.61 38.35
N CYS C 48 24.18 8.62 38.37
CA CYS C 48 22.77 8.35 38.14
C CYS C 48 22.18 9.58 37.47
N GLY C 49 21.59 9.38 36.30
CA GLY C 49 20.95 10.50 35.63
C GLY C 49 19.66 10.88 36.36
N VAL C 50 19.33 12.16 36.26
CA VAL C 50 18.11 12.72 36.85
C VAL C 50 17.07 12.85 35.74
N CYS C 51 16.01 12.05 35.87
CA CYS C 51 14.92 11.99 34.90
C CYS C 51 13.74 12.78 35.42
N HIS C 52 12.98 13.40 34.50
CA HIS C 52 11.82 14.17 34.97
C HIS C 52 10.81 13.25 35.64
N THR C 53 10.83 11.96 35.30
CA THR C 53 10.04 10.98 36.04
C THR C 53 10.37 11.00 37.53
N ASP C 54 11.66 11.16 37.87
CA ASP C 54 12.02 11.30 39.28
C ASP C 54 11.29 12.47 39.92
N LEU C 55 11.10 13.57 39.19
CA LEU C 55 10.36 14.69 39.75
C LEU C 55 8.86 14.38 39.87
N HIS C 56 8.27 13.73 38.86
CA HIS C 56 6.88 13.29 38.98
C HIS C 56 6.70 12.35 40.17
N ALA C 57 7.71 11.52 40.44
CA ALA C 57 7.63 10.61 41.59
C ALA C 57 7.65 11.38 42.91
N VAL C 58 8.61 12.30 43.07
CA VAL C 58 8.70 13.00 44.34
CA VAL C 58 8.74 13.06 44.32
C VAL C 58 7.50 13.92 44.56
N ASP C 59 6.90 14.43 43.49
CA ASP C 59 5.72 15.29 43.64
C ASP C 59 4.41 14.49 43.70
N GLY C 60 4.45 13.18 43.46
CA GLY C 60 3.21 12.41 43.42
C GLY C 60 2.25 12.85 42.34
N ASP C 61 2.76 13.18 41.16
CA ASP C 61 1.93 13.70 40.06
C ASP C 61 1.01 12.66 39.45
N TRP C 62 1.34 11.40 39.55
CA TRP C 62 0.72 10.36 38.74
C TRP C 62 -0.36 9.63 39.52
N PRO C 63 -1.36 9.07 38.84
CA PRO C 63 -2.38 8.30 39.56
C PRO C 63 -1.85 7.01 40.19
N ALA C 64 -0.91 6.34 39.52
CA ALA C 64 -0.19 5.22 40.13
C ALA C 64 0.98 5.79 40.92
N LYS C 65 0.89 5.74 42.27
CA LYS C 65 1.79 6.44 43.18
C LYS C 65 3.05 5.61 43.46
N PRO C 66 4.17 6.26 43.74
CA PRO C 66 5.38 5.53 44.12
C PRO C 66 5.31 5.11 45.57
N LYS C 67 6.27 4.26 45.95
CA LYS C 67 6.52 4.00 47.37
CA LYS C 67 6.40 4.03 47.38
C LYS C 67 6.95 5.29 48.05
N MET C 68 6.66 5.40 49.35
CA MET C 68 7.11 6.52 50.19
C MET C 68 7.46 5.90 51.54
N PRO C 69 8.64 6.22 52.12
CA PRO C 69 9.68 7.08 51.54
C PRO C 69 10.34 6.45 50.32
N LEU C 70 11.14 7.22 49.58
CA LEU C 70 11.63 6.77 48.30
C LEU C 70 13.03 7.32 48.02
N ILE C 71 13.91 6.46 47.53
CA ILE C 71 15.14 6.87 46.86
C ILE C 71 14.86 6.85 45.36
N PRO C 72 14.81 8.00 44.70
CA PRO C 72 14.53 7.99 43.24
C PRO C 72 15.72 7.50 42.42
N GLY C 73 15.59 7.54 41.09
CA GLY C 73 16.70 7.29 40.20
C GLY C 73 16.69 5.97 39.47
N HIS C 74 16.52 6.02 38.16
CA HIS C 74 16.53 4.81 37.31
C HIS C 74 17.40 5.04 36.08
N GLU C 75 18.40 5.91 36.22
CA GLU C 75 19.51 6.03 35.29
C GLU C 75 20.82 5.79 36.03
N GLY C 76 20.77 4.87 37.00
CA GLY C 76 21.93 4.59 37.84
C GLY C 76 22.83 3.60 37.15
N VAL C 77 24.13 3.90 37.13
CA VAL C 77 25.13 3.04 36.51
C VAL C 77 26.30 2.88 37.48
N GLY C 78 26.88 1.69 37.50
CA GLY C 78 27.98 1.44 38.42
C GLY C 78 28.52 0.03 38.25
N ILE C 79 29.16 -0.46 39.32
CA ILE C 79 29.89 -1.71 39.32
C ILE C 79 29.23 -2.68 40.31
N VAL C 80 29.03 -3.93 39.88
CA VAL C 80 28.51 -4.97 40.77
C VAL C 80 29.56 -5.28 41.84
N VAL C 81 29.17 -5.17 43.10
CA VAL C 81 30.08 -5.47 44.21
C VAL C 81 29.62 -6.65 45.07
N ALA C 82 28.39 -7.13 44.90
CA ALA C 82 27.94 -8.32 45.62
C ALA C 82 26.84 -9.00 44.81
N CYS C 83 26.80 -10.33 44.87
CA CYS C 83 25.85 -11.12 44.09
C CYS C 83 25.03 -12.00 45.01
N GLY C 84 23.72 -11.98 44.82
CA GLY C 84 22.89 -12.96 45.48
C GLY C 84 22.94 -14.28 44.75
N PRO C 85 22.28 -15.28 45.32
CA PRO C 85 22.17 -16.57 44.63
C PRO C 85 21.49 -16.39 43.28
N ASP C 86 21.96 -17.14 42.29
CA ASP C 86 21.38 -17.14 40.93
C ASP C 86 21.48 -15.78 40.25
N ALA C 87 22.47 -14.98 40.62
CA ALA C 87 22.68 -13.72 39.91
C ALA C 87 23.17 -13.97 38.50
N MET C 88 22.74 -13.12 37.56
CA MET C 88 23.08 -13.25 36.15
C MET C 88 24.19 -12.32 35.69
N VAL C 89 24.75 -11.50 36.59
CA VAL C 89 25.96 -10.74 36.32
C VAL C 89 26.90 -10.97 37.48
N LYS C 90 28.19 -10.78 37.23
CA LYS C 90 29.22 -11.10 38.22
C LYS C 90 29.82 -9.83 38.79
N GLU C 91 30.53 -10.00 39.92
CA GLU C 91 31.23 -8.90 40.56
C GLU C 91 32.20 -8.23 39.61
N GLY C 92 32.22 -6.90 39.64
CA GLY C 92 33.06 -6.16 38.74
C GLY C 92 32.42 -5.79 37.41
N ASP C 93 31.29 -6.40 37.06
CA ASP C 93 30.59 -6.02 35.84
C ASP C 93 30.05 -4.61 35.97
N ALA C 94 30.12 -3.87 34.87
CA ALA C 94 29.48 -2.55 34.79
C ALA C 94 28.07 -2.73 34.29
N VAL C 95 27.10 -2.20 35.05
CA VAL C 95 25.69 -2.36 34.73
C VAL C 95 24.94 -1.06 34.99
N GLY C 96 23.74 -0.98 34.43
CA GLY C 96 22.82 0.13 34.71
C GLY C 96 21.47 -0.37 35.21
N VAL C 97 20.82 0.43 36.05
CA VAL C 97 19.59 -0.01 36.70
C VAL C 97 18.43 0.85 36.20
N PRO C 98 17.59 0.32 35.28
CA PRO C 98 16.62 1.18 34.58
C PRO C 98 15.22 1.18 35.19
N TRP C 99 14.30 1.88 34.49
CA TRP C 99 12.91 1.93 34.93
C TRP C 99 12.32 0.54 35.00
N LEU C 100 12.50 -0.26 33.94
CA LEU C 100 12.04 -1.64 33.93
C LEU C 100 13.02 -2.46 34.78
N TYR C 101 12.82 -2.35 36.10
CA TYR C 101 13.73 -2.95 37.06
C TYR C 101 13.60 -4.47 37.09
N SER C 102 12.41 -5.00 36.89
CA SER C 102 12.18 -6.44 36.80
C SER C 102 10.82 -6.67 36.14
N ALA C 103 10.68 -7.85 35.55
CA ALA C 103 9.42 -8.26 34.94
C ALA C 103 9.22 -9.74 35.24
N CYS C 104 8.00 -10.24 35.06
CA CYS C 104 7.70 -11.61 35.45
C CYS C 104 8.36 -12.65 34.52
N GLY C 105 8.41 -12.38 33.22
CA GLY C 105 8.97 -13.32 32.28
C GLY C 105 8.09 -14.47 31.81
N CYS C 106 6.84 -14.55 32.29
CA CYS C 106 5.97 -15.64 31.88
C CYS C 106 4.56 -15.20 31.52
N CYS C 107 4.24 -13.91 31.52
CA CYS C 107 2.90 -13.48 31.11
C CYS C 107 2.84 -13.24 29.58
N ASP C 108 1.61 -13.00 29.09
CA ASP C 108 1.35 -12.65 27.69
C ASP C 108 2.34 -11.59 27.16
N TYR C 109 2.58 -10.53 27.93
CA TYR C 109 3.40 -9.46 27.39
C TYR C 109 4.88 -9.83 27.39
N CYS C 110 5.33 -10.51 28.44
CA CYS C 110 6.73 -10.89 28.51
C CYS C 110 7.07 -11.87 27.39
N ILE C 111 6.17 -12.82 27.10
CA ILE C 111 6.44 -13.89 26.13
C ILE C 111 6.41 -13.38 24.69
N THR C 112 5.68 -12.30 24.40
CA THR C 112 5.49 -11.83 23.04
C THR C 112 6.38 -10.65 22.66
N GLY C 113 7.41 -10.36 23.45
CA GLY C 113 8.31 -9.26 23.17
C GLY C 113 7.90 -7.93 23.76
N TRP C 114 6.94 -7.90 24.68
CA TRP C 114 6.47 -6.63 25.23
C TRP C 114 6.63 -6.58 26.75
N GLU C 115 7.81 -6.98 27.24
CA GLU C 115 8.00 -7.02 28.69
C GLU C 115 7.86 -5.65 29.34
N THR C 116 7.94 -4.56 28.55
CA THR C 116 7.64 -3.24 29.10
C THR C 116 6.20 -3.11 29.57
N LEU C 117 5.31 -4.00 29.14
CA LEU C 117 3.91 -3.97 29.54
C LEU C 117 3.58 -4.96 30.65
N CYS C 118 4.58 -5.65 31.21
CA CYS C 118 4.31 -6.65 32.24
C CYS C 118 3.59 -6.00 33.41
N GLU C 119 2.43 -6.55 33.77
CA GLU C 119 1.66 -5.99 34.88
C GLU C 119 2.27 -6.31 36.23
N ALA C 120 3.21 -7.24 36.31
CA ALA C 120 3.92 -7.54 37.55
C ALA C 120 5.29 -6.88 37.60
N GLN C 121 5.56 -5.91 36.73
CA GLN C 121 6.89 -5.32 36.73
C GLN C 121 7.10 -4.48 38.00
N GLN C 122 8.36 -4.31 38.36
CA GLN C 122 8.77 -3.34 39.37
C GLN C 122 9.57 -2.25 38.67
N ASN C 123 9.50 -1.02 39.20
CA ASN C 123 10.10 0.14 38.54
C ASN C 123 11.16 0.80 39.42
N GLY C 124 12.38 0.92 38.90
CA GLY C 124 13.48 1.44 39.71
C GLY C 124 13.27 2.88 40.11
N GLY C 125 13.58 3.18 41.37
CA GLY C 125 13.37 4.54 41.87
C GLY C 125 11.93 4.97 41.91
N TYR C 126 10.99 4.02 41.97
CA TYR C 126 9.56 4.36 42.00
C TYR C 126 8.83 3.37 42.90
N SER C 127 8.77 2.10 42.50
CA SER C 127 8.23 1.05 43.37
C SER C 127 9.32 0.40 44.21
N VAL C 128 10.58 0.51 43.80
CA VAL C 128 11.72 0.08 44.59
C VAL C 128 12.74 1.22 44.61
N ASP C 129 13.58 1.22 45.65
CA ASP C 129 14.58 2.27 45.77
C ASP C 129 15.55 2.23 44.58
N GLY C 130 15.99 3.42 44.18
CA GLY C 130 16.76 3.55 42.96
C GLY C 130 18.17 4.06 43.16
N GLY C 131 18.69 4.74 42.14
CA GLY C 131 20.09 5.10 42.02
C GLY C 131 20.54 6.40 42.65
N PHE C 132 19.66 7.17 43.30
CA PHE C 132 20.07 8.38 44.05
C PHE C 132 20.74 7.97 45.37
N ALA C 133 21.76 7.12 45.27
CA ALA C 133 22.38 6.53 46.45
C ALA C 133 23.74 5.98 46.07
N GLU C 134 24.56 5.70 47.09
CA GLU C 134 25.89 5.15 46.81
C GLU C 134 25.81 3.70 46.39
N TYR C 135 24.76 2.99 46.80
CA TYR C 135 24.56 1.60 46.40
C TYR C 135 23.09 1.41 46.09
N VAL C 136 22.81 0.45 45.21
CA VAL C 136 21.44 0.09 44.85
C VAL C 136 21.35 -1.42 44.64
N ILE C 137 20.29 -2.02 45.17
CA ILE C 137 19.95 -3.40 44.89
C ILE C 137 19.26 -3.48 43.54
N ALA C 138 19.69 -4.42 42.69
CA ALA C 138 19.11 -4.57 41.36
C ALA C 138 18.76 -6.03 41.06
N ASP C 139 17.79 -6.21 40.18
CA ASP C 139 17.52 -7.53 39.63
C ASP C 139 18.51 -7.76 38.49
N SER C 140 19.42 -8.71 38.68
CA SER C 140 20.51 -8.93 37.73
C SER C 140 20.00 -9.38 36.36
N ARG C 141 18.77 -9.84 36.26
CA ARG C 141 18.24 -10.30 34.98
C ARG C 141 17.79 -9.15 34.10
N TYR C 142 17.61 -7.95 34.65
CA TYR C 142 17.04 -6.84 33.89
C TYR C 142 17.95 -5.62 33.83
N VAL C 143 19.18 -5.71 34.36
CA VAL C 143 20.10 -4.56 34.30
C VAL C 143 20.60 -4.37 32.87
N GLY C 144 20.97 -3.13 32.53
CA GLY C 144 21.70 -2.88 31.31
C GLY C 144 23.15 -3.31 31.47
N HIS C 145 23.71 -3.85 30.39
CA HIS C 145 25.08 -4.35 30.38
C HIS C 145 25.99 -3.30 29.74
N LEU C 146 26.96 -2.79 30.50
CA LEU C 146 27.85 -1.74 30.02
C LEU C 146 29.25 -2.29 29.79
N LYS C 147 29.96 -1.68 28.84
CA LYS C 147 31.35 -2.04 28.61
C LYS C 147 32.20 -1.60 29.81
N SER C 148 33.28 -2.37 30.05
CA SER C 148 34.11 -2.16 31.23
C SER C 148 34.74 -0.77 31.27
N ASN C 149 35.03 -0.17 30.12
CA ASN C 149 35.67 1.14 30.04
C ASN C 149 34.67 2.25 29.75
N VAL C 150 33.40 2.05 30.14
CA VAL C 150 32.37 3.03 29.85
C VAL C 150 32.63 4.31 30.64
N ASN C 151 32.24 5.44 30.06
CA ASN C 151 32.21 6.70 30.80
C ASN C 151 30.89 6.76 31.55
N PHE C 152 30.92 6.54 32.87
CA PHE C 152 29.68 6.35 33.62
C PHE C 152 28.80 7.60 33.58
N LEU C 153 29.40 8.78 33.72
CA LEU C 153 28.63 10.01 33.74
C LEU C 153 27.94 10.24 32.39
N GLU C 154 28.65 9.97 31.30
CA GLU C 154 28.08 10.22 29.97
C GLU C 154 27.08 9.16 29.56
N ILE C 155 27.26 7.91 30.00
CA ILE C 155 26.37 6.83 29.54
C ILE C 155 25.05 6.81 30.30
N ALA C 156 25.00 7.37 31.50
CA ALA C 156 23.82 7.21 32.37
C ALA C 156 22.49 7.55 31.70
N PRO C 157 22.34 8.65 30.94
CA PRO C 157 21.01 8.94 30.37
C PRO C 157 20.53 7.90 29.35
N ILE C 158 21.42 7.08 28.78
CA ILE C 158 20.92 6.07 27.85
C ILE C 158 20.04 5.06 28.59
N LEU C 159 20.22 4.91 29.90
CA LEU C 159 19.47 3.91 30.67
C LEU C 159 17.98 4.25 30.79
N CYS C 160 17.57 5.48 30.52
CA CYS C 160 16.15 5.74 30.41
C CYS C 160 15.85 6.71 29.28
N ALA C 161 16.44 7.91 29.31
CA ALA C 161 16.22 8.86 28.23
C ALA C 161 16.51 8.23 26.87
N GLY C 162 17.66 7.56 26.75
CA GLY C 162 18.08 6.99 25.48
C GLY C 162 17.20 5.85 25.01
N VAL C 163 17.05 4.80 25.82
CA VAL C 163 16.24 3.65 25.42
C VAL C 163 14.81 4.08 25.13
N THR C 164 14.27 5.01 25.93
CA THR C 164 12.87 5.43 25.76
C THR C 164 12.63 6.06 24.41
N VAL C 165 13.44 7.07 24.03
CA VAL C 165 13.19 7.76 22.78
C VAL C 165 13.54 6.87 21.60
N TYR C 166 14.52 5.98 21.76
CA TYR C 166 14.86 5.06 20.69
C TYR C 166 13.68 4.15 20.37
N LYS C 167 13.10 3.53 21.40
CA LYS C 167 11.90 2.71 21.21
C LYS C 167 10.74 3.57 20.69
N GLY C 168 10.60 4.79 21.22
CA GLY C 168 9.55 5.68 20.75
C GLY C 168 9.67 6.00 19.27
N LEU C 169 10.89 6.22 18.78
CA LEU C 169 11.08 6.49 17.37
C LEU C 169 10.70 5.28 16.52
N LYS C 170 11.06 4.07 16.99
CA LYS C 170 10.59 2.85 16.33
C LYS C 170 9.08 2.77 16.34
N GLU C 171 8.45 3.17 17.47
CA GLU C 171 6.99 3.13 17.57
C GLU C 171 6.31 4.10 16.60
N THR C 172 7.00 5.17 16.17
CA THR C 172 6.42 6.07 15.17
C THR C 172 6.40 5.46 13.77
N GLU C 173 7.20 4.42 13.54
CA GLU C 173 7.34 3.77 12.22
C GLU C 173 7.87 4.71 11.14
N THR C 174 8.47 5.82 11.54
CA THR C 174 9.09 6.72 10.58
C THR C 174 10.29 6.06 9.92
N LYS C 175 10.35 6.11 8.57
CA LYS C 175 11.38 5.40 7.82
C LYS C 175 12.55 6.33 7.52
N PRO C 176 13.73 5.79 7.21
CA PRO C 176 14.81 6.64 6.70
C PRO C 176 14.33 7.44 5.51
N GLY C 177 14.67 8.73 5.49
CA GLY C 177 14.24 9.63 4.45
C GLY C 177 12.95 10.36 4.73
N GLU C 178 12.23 9.99 5.79
CA GLU C 178 10.99 10.64 6.21
C GLU C 178 11.26 11.66 7.32
N TRP C 179 10.26 12.46 7.61
CA TRP C 179 10.36 13.55 8.59
C TRP C 179 9.75 13.13 9.92
N VAL C 180 10.48 13.36 11.00
CA VAL C 180 9.95 13.22 12.35
C VAL C 180 10.10 14.56 13.06
N ALA C 181 9.11 14.93 13.86
CA ALA C 181 9.24 16.05 14.77
C ALA C 181 9.46 15.51 16.19
N ILE C 182 10.45 16.06 16.88
CA ILE C 182 10.68 15.82 18.30
C ILE C 182 10.17 17.04 19.06
N SER C 183 9.23 16.83 19.98
CA SER C 183 8.62 17.90 20.76
C SER C 183 9.11 17.84 22.19
N GLY C 184 9.84 18.87 22.62
CA GLY C 184 10.48 18.94 23.92
C GLY C 184 11.94 18.51 23.84
N ILE C 185 12.86 19.45 23.73
CA ILE C 185 14.26 19.11 23.57
C ILE C 185 14.95 19.14 24.94
N GLY C 186 14.49 18.29 25.84
CA GLY C 186 15.04 18.15 27.18
C GLY C 186 15.93 16.93 27.30
N GLY C 187 15.87 16.28 28.46
CA GLY C 187 16.65 15.06 28.65
C GLY C 187 16.38 14.01 27.59
N LEU C 188 15.10 13.67 27.39
CA LEU C 188 14.73 12.71 26.35
C LEU C 188 14.91 13.34 24.96
N GLY C 189 14.39 14.54 24.76
CA GLY C 189 14.34 15.09 23.41
C GLY C 189 15.72 15.31 22.80
N HIS C 190 16.69 15.74 23.61
CA HIS C 190 17.98 16.06 23.01
C HIS C 190 18.72 14.80 22.55
N VAL C 191 18.47 13.64 23.15
CA VAL C 191 19.01 12.42 22.56
C VAL C 191 18.09 11.86 21.48
N ALA C 192 16.78 12.12 21.56
CA ALA C 192 15.88 11.70 20.48
C ALA C 192 16.30 12.29 19.14
N VAL C 193 16.70 13.57 19.12
CA VAL C 193 17.20 14.18 17.88
C VAL C 193 18.29 13.30 17.27
N GLN C 194 19.21 12.81 18.11
CA GLN C 194 20.35 12.09 17.60
C GLN C 194 19.98 10.68 17.14
N TYR C 195 19.15 9.97 17.92
CA TYR C 195 18.69 8.66 17.47
C TYR C 195 17.96 8.78 16.13
N ALA C 196 17.11 9.80 15.98
CA ALA C 196 16.36 9.95 14.74
C ALA C 196 17.30 10.15 13.54
N LYS C 197 18.31 11.00 13.69
CA LYS C 197 19.29 11.18 12.61
C LYS C 197 20.05 9.88 12.34
N ALA C 198 20.42 9.14 13.38
CA ALA C 198 21.12 7.88 13.15
C ALA C 198 20.21 6.85 12.50
N MET C 199 18.90 7.04 12.59
CA MET C 199 17.94 6.18 11.93
C MET C 199 17.55 6.73 10.56
N GLY C 200 18.30 7.71 10.05
CA GLY C 200 18.06 8.23 8.70
C GLY C 200 16.91 9.19 8.55
N MET C 201 16.30 9.63 9.64
CA MET C 201 15.17 10.55 9.55
C MET C 201 15.67 11.99 9.40
N HIS C 202 14.87 12.82 8.71
CA HIS C 202 14.99 14.27 8.84
C HIS C 202 14.27 14.71 10.11
N VAL C 203 14.82 15.71 10.80
CA VAL C 203 14.37 15.99 12.17
C VAL C 203 13.93 17.44 12.28
N ALA C 204 12.69 17.64 12.72
CA ALA C 204 12.24 18.95 13.15
C ALA C 204 12.13 18.94 14.68
N ALA C 205 12.66 19.98 15.30
CA ALA C 205 12.65 20.13 16.76
C ALA C 205 11.67 21.23 17.14
N ILE C 206 10.86 20.96 18.16
CA ILE C 206 9.84 21.87 18.67
C ILE C 206 10.08 22.06 20.17
N ASP C 207 10.13 23.31 20.61
CA ASP C 207 10.14 23.62 22.05
C ASP C 207 9.59 25.03 22.23
N VAL C 208 9.72 25.56 23.45
CA VAL C 208 9.14 26.86 23.80
C VAL C 208 10.19 27.83 24.32
N ALA C 209 11.47 27.52 24.14
CA ALA C 209 12.56 28.40 24.51
C ALA C 209 13.67 28.20 23.50
N ASP C 210 14.27 29.30 23.07
CA ASP C 210 15.25 29.26 21.99
C ASP C 210 16.49 28.45 22.37
N ASP C 211 16.87 28.44 23.66
CA ASP C 211 18.06 27.68 24.02
C ASP C 211 17.87 26.18 23.79
N LYS C 212 16.64 25.67 23.96
CA LYS C 212 16.37 24.26 23.66
C LYS C 212 16.50 23.98 22.16
N LEU C 213 16.06 24.91 21.33
CA LEU C 213 16.20 24.72 19.89
C LEU C 213 17.64 24.89 19.45
N GLU C 214 18.40 25.72 20.16
CA GLU C 214 19.83 25.81 19.90
C GLU C 214 20.52 24.48 20.18
N LEU C 215 20.13 23.82 21.28
CA LEU C 215 20.69 22.50 21.55
C LEU C 215 20.30 21.52 20.47
N ALA C 216 19.03 21.54 20.03
CA ALA C 216 18.61 20.61 18.99
C ALA C 216 19.40 20.80 17.69
N LYS C 217 19.59 22.06 17.27
CA LYS C 217 20.36 22.33 16.05
C LYS C 217 21.80 21.83 16.19
N LYS C 218 22.43 22.09 17.31
CA LYS C 218 23.79 21.64 17.55
C LYS C 218 23.90 20.12 17.51
N LEU C 219 22.82 19.42 17.84
CA LEU C 219 22.78 17.96 17.86
C LEU C 219 22.23 17.37 16.56
N GLY C 220 21.94 18.18 15.56
CA GLY C 220 21.66 17.68 14.23
C GLY C 220 20.27 17.95 13.69
N ALA C 221 19.41 18.67 14.40
CA ALA C 221 18.05 18.91 13.89
C ALA C 221 18.11 19.71 12.59
N ASP C 222 17.25 19.35 11.64
CA ASP C 222 17.21 20.03 10.36
C ASP C 222 16.31 21.27 10.36
N LEU C 223 15.26 21.26 11.17
CA LEU C 223 14.41 22.43 11.36
C LEU C 223 14.16 22.59 12.84
N THR C 224 13.94 23.84 13.28
CA THR C 224 13.59 24.14 14.65
C THR C 224 12.41 25.10 14.67
N VAL C 225 11.51 24.93 15.64
CA VAL C 225 10.35 25.81 15.78
CA VAL C 225 10.42 25.88 15.78
C VAL C 225 10.15 26.11 17.27
N ASN C 226 10.03 27.37 17.62
CA ASN C 226 9.60 27.81 18.95
C ASN C 226 8.09 28.00 18.87
N ALA C 227 7.32 27.13 19.54
CA ALA C 227 5.87 27.19 19.43
C ALA C 227 5.29 28.50 19.94
N LYS C 228 6.03 29.22 20.79
CA LYS C 228 5.58 30.54 21.23
C LYS C 228 5.80 31.58 20.14
N THR C 229 6.75 31.36 19.25
CA THR C 229 7.04 32.31 18.19
C THR C 229 6.19 32.06 16.96
N THR C 230 5.87 30.80 16.71
CA THR C 230 5.29 30.36 15.44
C THR C 230 4.44 29.12 15.70
N ASP C 231 3.26 29.06 15.11
CA ASP C 231 2.46 27.85 15.24
C ASP C 231 3.18 26.67 14.60
N PRO C 232 3.50 25.61 15.36
CA PRO C 232 4.29 24.51 14.78
C PRO C 232 3.61 23.81 13.61
N GLY C 233 2.31 23.51 13.72
CA GLY C 233 1.63 22.81 12.63
C GLY C 233 1.67 23.56 11.31
N THR C 234 1.32 24.86 11.34
CA THR C 234 1.35 25.65 10.12
C THR C 234 2.76 25.75 9.55
N TYR C 235 3.75 25.97 10.43
CA TYR C 235 5.13 26.13 9.97
C TYR C 235 5.65 24.85 9.31
N LEU C 236 5.47 23.69 9.96
CA LEU C 236 6.05 22.47 9.39
C LEU C 236 5.29 21.99 8.16
N HIS C 237 3.99 22.25 8.07
CA HIS C 237 3.28 21.95 6.83
C HIS C 237 3.76 22.86 5.70
N LYS C 238 4.00 24.14 6.00
CA LYS C 238 4.49 25.06 4.98
C LYS C 238 5.87 24.67 4.51
N GLU C 239 6.76 24.35 5.46
CA GLU C 239 8.15 24.12 5.12
C GLU C 239 8.33 22.83 4.33
N VAL C 240 7.78 21.72 4.80
CA VAL C 240 8.10 20.45 4.17
C VAL C 240 6.88 19.57 3.97
N GLY C 241 5.68 20.13 4.19
CA GLY C 241 4.45 19.38 4.00
C GLY C 241 4.06 18.47 5.16
N GLY C 242 4.55 18.72 6.37
CA GLY C 242 4.11 17.96 7.51
C GLY C 242 5.01 16.76 7.78
N MET C 243 4.86 16.21 8.99
CA MET C 243 5.73 15.15 9.48
C MET C 243 5.12 13.77 9.20
N HIS C 244 5.98 12.82 8.82
CA HIS C 244 5.53 11.41 8.81
C HIS C 244 5.36 10.87 10.22
N GLY C 245 6.14 11.38 11.17
CA GLY C 245 6.03 10.90 12.54
C GLY C 245 6.32 12.03 13.50
N ALA C 246 5.94 11.82 14.77
CA ALA C 246 6.27 12.77 15.83
C ALA C 246 6.45 12.00 17.13
N LEU C 247 7.36 12.49 17.97
CA LEU C 247 7.61 11.92 19.28
C LEU C 247 7.47 13.04 20.31
N ILE C 248 6.52 12.90 21.23
CA ILE C 248 6.26 13.94 22.21
C ILE C 248 7.01 13.57 23.47
N THR C 249 8.07 14.32 23.75
CA THR C 249 8.84 14.18 24.99
C THR C 249 8.61 15.35 25.93
N ALA C 250 7.63 16.21 25.64
CA ALA C 250 7.39 17.40 26.45
C ALA C 250 6.52 17.10 27.67
N VAL C 251 6.53 18.04 28.63
CA VAL C 251 5.84 17.92 29.90
C VAL C 251 4.64 18.85 29.96
N SER C 252 4.05 19.16 28.81
CA SER C 252 2.89 20.07 28.78
C SER C 252 1.87 19.50 27.80
N PRO C 253 0.60 19.39 28.21
CA PRO C 253 -0.41 18.82 27.30
C PRO C 253 -0.55 19.55 25.97
N ILE C 254 -0.36 20.88 25.94
CA ILE C 254 -0.54 21.58 24.67
C ILE C 254 0.44 21.07 23.61
N ALA C 255 1.61 20.58 24.04
CA ALA C 255 2.55 19.99 23.08
C ALA C 255 1.95 18.76 22.41
N PHE C 256 1.12 18.02 23.13
CA PHE C 256 0.48 16.85 22.55
C PHE C 256 -0.51 17.27 21.47
N LYS C 257 -1.29 18.33 21.75
CA LYS C 257 -2.24 18.86 20.76
C LYS C 257 -1.53 19.38 19.51
N GLN C 258 -0.45 20.16 19.71
CA GLN C 258 0.31 20.69 18.57
C GLN C 258 1.05 19.58 17.83
N GLY C 259 1.40 18.50 18.52
CA GLY C 259 1.97 17.33 17.85
C GLY C 259 1.03 16.74 16.81
N ILE C 260 -0.27 16.72 17.09
CA ILE C 260 -1.24 16.28 16.08
C ILE C 260 -1.17 17.18 14.85
N ASP C 261 -1.08 18.50 15.07
CA ASP C 261 -1.11 19.48 13.98
C ASP C 261 0.00 19.27 12.98
N VAL C 262 1.19 18.83 13.44
CA VAL C 262 2.34 18.80 12.54
C VAL C 262 2.34 17.58 11.63
N LEU C 263 1.47 16.61 11.86
CA LEU C 263 1.50 15.39 11.06
C LEU C 263 0.87 15.63 9.70
N ARG C 264 1.45 14.99 8.68
CA ARG C 264 0.73 14.82 7.42
C ARG C 264 -0.21 13.62 7.55
N ARG C 265 -1.03 13.41 6.52
CA ARG C 265 -1.96 12.27 6.53
C ARG C 265 -1.20 10.97 6.63
N LYS C 266 -1.79 10.01 7.36
CA LYS C 266 -1.17 8.72 7.70
C LYS C 266 0.03 8.88 8.62
N GLY C 267 0.19 10.03 9.28
CA GLY C 267 1.27 10.20 10.23
C GLY C 267 1.01 9.45 11.53
N THR C 268 2.10 9.14 12.22
CA THR C 268 2.02 8.46 13.51
C THR C 268 2.74 9.26 14.57
N ILE C 269 2.06 9.55 15.67
CA ILE C 269 2.65 10.30 16.76
C ILE C 269 2.75 9.36 17.95
N ALA C 270 3.98 9.16 18.45
CA ALA C 270 4.25 8.36 19.63
C ALA C 270 4.39 9.27 20.84
N LEU C 271 3.86 8.83 21.98
CA LEU C 271 3.82 9.66 23.18
C LEU C 271 4.75 9.09 24.26
N ASN C 272 5.73 9.89 24.68
CA ASN C 272 6.57 9.59 25.83
C ASN C 272 6.25 10.43 27.05
N GLY C 273 6.01 11.73 26.87
CA GLY C 273 5.88 12.63 28.00
C GLY C 273 4.70 12.26 28.90
N LEU C 274 4.86 12.53 30.20
CA LEU C 274 3.87 12.08 31.19
C LEU C 274 3.39 13.22 32.10
N PRO C 275 2.90 14.32 31.53
CA PRO C 275 2.23 15.30 32.35
C PRO C 275 0.94 14.68 32.87
N PRO C 276 0.45 15.12 34.02
CA PRO C 276 -0.83 14.63 34.49
C PRO C 276 -1.95 15.12 33.57
N GLY C 277 -3.04 14.39 33.57
CA GLY C 277 -4.23 14.79 32.86
C GLY C 277 -4.25 14.29 31.42
N SER C 278 -5.06 14.98 30.62
CA SER C 278 -5.34 14.56 29.25
CA SER C 278 -5.35 14.56 29.26
C SER C 278 -5.04 15.70 28.29
N PHE C 279 -5.18 15.40 27.00
CA PHE C 279 -5.23 16.42 25.97
C PHE C 279 -6.41 16.11 25.05
N GLU C 280 -6.84 17.12 24.29
CA GLU C 280 -8.00 16.98 23.43
C GLU C 280 -7.57 16.37 22.09
N LEU C 281 -8.15 15.22 21.76
CA LEU C 281 -7.91 14.61 20.45
C LEU C 281 -9.01 15.02 19.49
N PRO C 282 -8.71 15.76 18.43
CA PRO C 282 -9.76 16.21 17.51
C PRO C 282 -10.21 15.03 16.65
N ILE C 283 -11.50 14.72 16.71
CA ILE C 283 -11.96 13.44 16.16
C ILE C 283 -11.99 13.50 14.64
N PHE C 284 -12.67 14.50 14.07
CA PHE C 284 -12.80 14.62 12.63
C PHE C 284 -11.44 14.56 11.94
N GLU C 285 -10.49 15.36 12.43
CA GLU C 285 -9.15 15.41 11.86
C GLU C 285 -8.44 14.06 11.95
N THR C 286 -8.52 13.43 13.12
CA THR C 286 -7.82 12.16 13.32
C THR C 286 -8.37 11.08 12.41
N VAL C 287 -9.69 11.08 12.21
CA VAL C 287 -10.31 10.07 11.35
C VAL C 287 -9.98 10.32 9.89
N LEU C 288 -10.27 11.53 9.40
CA LEU C 288 -10.16 11.80 7.96
C LEU C 288 -8.70 11.71 7.47
N LYS C 289 -7.73 11.96 8.35
CA LYS C 289 -6.32 11.92 7.98
C LYS C 289 -5.65 10.59 8.31
N ARG C 290 -6.37 9.62 8.89
CA ARG C 290 -5.77 8.37 9.36
C ARG C 290 -4.56 8.66 10.25
N ILE C 291 -4.79 9.46 11.30
CA ILE C 291 -3.74 9.72 12.29
C ILE C 291 -3.68 8.55 13.27
N THR C 292 -2.47 8.12 13.60
CA THR C 292 -2.26 7.09 14.63
C THR C 292 -1.54 7.74 15.81
N VAL C 293 -2.13 7.63 17.00
CA VAL C 293 -1.53 8.10 18.25
C VAL C 293 -1.18 6.87 19.05
N ARG C 294 0.08 6.77 19.50
CA ARG C 294 0.56 5.55 20.13
C ARG C 294 1.38 5.90 21.37
N GLY C 295 0.96 5.39 22.52
CA GLY C 295 1.78 5.52 23.71
C GLY C 295 3.00 4.61 23.65
N SER C 296 4.12 5.09 24.21
CA SER C 296 5.35 4.32 24.20
C SER C 296 6.05 4.42 25.54
N ILE C 297 6.38 3.26 26.12
CA ILE C 297 6.84 3.18 27.50
C ILE C 297 8.20 2.49 27.53
N VAL C 298 9.22 3.23 27.97
CA VAL C 298 10.64 2.86 27.97
C VAL C 298 10.99 1.89 26.85
N GLY C 299 11.66 0.79 27.16
CA GLY C 299 12.01 -0.21 26.17
C GLY C 299 12.38 -1.53 26.81
N THR C 300 12.33 -2.59 26.00
CA THR C 300 12.68 -3.91 26.52
C THR C 300 14.20 -4.01 26.72
N ARG C 301 14.61 -5.14 27.31
CA ARG C 301 16.03 -5.40 27.43
C ARG C 301 16.70 -5.37 26.06
N LYS C 302 16.00 -5.81 25.01
CA LYS C 302 16.56 -5.75 23.67
C LYS C 302 16.64 -4.31 23.18
N ASP C 303 15.57 -3.52 23.38
CA ASP C 303 15.64 -2.08 23.07
C ASP C 303 16.82 -1.42 23.77
N LEU C 304 17.03 -1.77 25.04
CA LEU C 304 18.10 -1.14 25.82
C LEU C 304 19.47 -1.47 25.26
N GLN C 305 19.73 -2.74 24.93
CA GLN C 305 21.03 -3.09 24.35
C GLN C 305 21.24 -2.37 23.03
N GLU C 306 20.19 -2.30 22.20
CA GLU C 306 20.27 -1.57 20.94
C GLU C 306 20.59 -0.10 21.17
N ALA C 307 19.88 0.54 22.11
CA ALA C 307 20.10 1.96 22.39
C ALA C 307 21.53 2.22 22.86
N LEU C 308 22.04 1.34 23.73
CA LEU C 308 23.42 1.43 24.19
C LEU C 308 24.40 1.23 23.03
N ASP C 309 24.06 0.38 22.06
CA ASP C 309 24.96 0.18 20.94
C ASP C 309 25.11 1.48 20.13
N PHE C 310 24.02 2.22 19.92
CA PHE C 310 24.13 3.51 19.25
C PHE C 310 25.10 4.44 19.98
N ALA C 311 25.01 4.47 21.32
CA ALA C 311 25.90 5.32 22.09
C ALA C 311 27.34 4.83 22.01
N ASN C 312 27.54 3.52 22.14
CA ASN C 312 28.90 2.99 22.09
C ASN C 312 29.57 3.29 20.75
N GLU C 313 28.79 3.41 19.69
CA GLU C 313 29.38 3.71 18.39
C GLU C 313 29.56 5.20 18.13
N GLY C 314 29.26 6.05 19.11
CA GLY C 314 29.44 7.47 18.97
C GLY C 314 28.35 8.16 18.18
N LEU C 315 27.26 7.46 17.84
CA LEU C 315 26.17 8.06 17.10
C LEU C 315 25.24 8.87 17.99
N VAL C 316 25.21 8.58 19.29
CA VAL C 316 24.41 9.32 20.25
C VAL C 316 25.31 9.67 21.43
N LYS C 317 25.30 10.95 21.84
CA LYS C 317 26.05 11.43 22.99
CA LYS C 317 26.05 11.43 22.99
C LYS C 317 25.14 12.33 23.80
N ALA C 318 24.80 11.91 25.02
CA ALA C 318 23.99 12.76 25.89
C ALA C 318 24.76 14.03 26.24
N THR C 319 24.05 15.14 26.31
CA THR C 319 24.61 16.39 26.83
C THR C 319 24.41 16.38 28.34
N VAL C 320 25.49 16.31 29.09
CA VAL C 320 25.42 16.00 30.52
C VAL C 320 26.16 17.06 31.30
N THR C 321 25.61 17.46 32.44
CA THR C 321 26.30 18.28 33.44
C THR C 321 26.28 17.54 34.76
N SER C 322 27.43 17.48 35.44
CA SER C 322 27.51 16.75 36.69
C SER C 322 26.97 17.60 37.83
N ALA C 323 26.38 16.92 38.81
CA ALA C 323 25.99 17.54 40.07
C ALA C 323 26.26 16.56 41.21
N LYS C 324 26.43 17.10 42.41
CA LYS C 324 26.60 16.25 43.58
C LYS C 324 25.25 15.76 44.06
N LEU C 325 25.26 14.61 44.74
CA LEU C 325 24.03 14.05 45.29
C LEU C 325 23.35 15.05 46.22
N GLU C 326 24.14 15.76 47.04
CA GLU C 326 23.57 16.73 47.98
C GLU C 326 22.88 17.90 47.29
N ASP C 327 23.11 18.11 45.99
CA ASP C 327 22.51 19.23 45.28
C ASP C 327 21.22 18.87 44.55
N ILE C 328 20.63 17.72 44.84
CA ILE C 328 19.52 17.21 44.05
C ILE C 328 18.33 18.16 44.08
N ASN C 329 18.11 18.87 45.20
CA ASN C 329 16.98 19.80 45.27
C ASN C 329 17.18 20.99 44.33
N ASP C 330 18.41 21.52 44.22
CA ASP C 330 18.68 22.55 43.23
CA ASP C 330 18.64 22.56 43.23
C ASP C 330 18.51 22.01 41.81
N VAL C 331 18.88 20.75 41.58
CA VAL C 331 18.72 20.13 40.27
C VAL C 331 17.24 20.11 39.89
N PHE C 332 16.39 19.68 40.83
CA PHE C 332 14.95 19.66 40.57
C PHE C 332 14.41 21.07 40.34
N ASP C 333 14.91 22.06 41.09
CA ASP C 333 14.45 23.43 40.86
CA ASP C 333 14.49 23.45 40.87
C ASP C 333 14.82 23.90 39.45
N LYS C 334 16.04 23.61 38.99
CA LYS C 334 16.41 23.93 37.62
C LYS C 334 15.52 23.18 36.63
N MET C 335 15.17 21.93 36.95
CA MET C 335 14.32 21.16 36.03
C MET C 335 12.95 21.79 35.91
N LYS C 336 12.37 22.23 37.04
CA LYS C 336 11.06 22.90 37.02
C LYS C 336 11.07 24.17 36.18
N LYS C 337 12.18 24.90 36.19
CA LYS C 337 12.28 26.17 35.47
C LYS C 337 12.81 26.00 34.05
N GLY C 338 12.99 24.76 33.60
CA GLY C 338 13.48 24.53 32.24
C GLY C 338 14.89 25.00 32.01
N GLN C 339 15.75 24.92 33.02
CA GLN C 339 17.10 25.49 32.93
C GLN C 339 18.20 24.45 32.75
N ILE C 340 17.85 23.20 32.47
CA ILE C 340 18.86 22.17 32.28
C ILE C 340 19.14 22.03 30.79
N ASP C 341 20.42 22.07 30.43
CA ASP C 341 20.87 21.90 29.05
C ASP C 341 21.05 20.41 28.82
N GLY C 342 19.98 19.76 28.36
CA GLY C 342 20.00 18.32 28.23
C GLY C 342 19.70 17.57 29.52
N ARG C 343 20.73 16.93 30.09
CA ARG C 343 20.61 16.07 31.26
CA ARG C 343 20.60 16.08 31.26
C ARG C 343 21.55 16.53 32.36
N ILE C 344 21.08 16.48 33.60
CA ILE C 344 21.93 16.53 34.79
CA ILE C 344 21.97 16.53 34.76
C ILE C 344 22.18 15.09 35.23
N VAL C 345 23.44 14.74 35.50
CA VAL C 345 23.78 13.42 36.00
C VAL C 345 24.49 13.57 37.34
N LEU C 346 23.99 12.87 38.35
CA LEU C 346 24.60 12.90 39.68
C LEU C 346 25.93 12.13 39.65
N ASP C 347 27.00 12.80 40.05
CA ASP C 347 28.32 12.19 40.16
C ASP C 347 28.46 11.63 41.57
N ILE C 348 28.04 10.37 41.74
CA ILE C 348 27.99 9.80 43.08
CA ILE C 348 27.98 9.75 43.07
C ILE C 348 29.36 9.28 43.52
N ALA C 349 30.11 8.66 42.60
CA ALA C 349 31.42 8.14 42.94
C ALA C 349 32.40 9.24 43.32
N GLY C 350 32.23 10.44 42.76
CA GLY C 350 33.09 11.57 43.09
C GLY C 350 32.35 12.69 43.81
N MET D 9 1.10 -41.98 44.29
CA MET D 9 2.10 -43.04 44.43
C MET D 9 2.78 -43.26 43.08
N ILE D 10 4.10 -43.11 43.07
CA ILE D 10 4.90 -43.13 41.84
C ILE D 10 5.78 -44.38 41.86
N PRO D 11 5.76 -45.21 40.82
CA PRO D 11 6.60 -46.40 40.82
C PRO D 11 8.06 -46.01 40.62
N LYS D 12 8.91 -46.95 40.97
CA LYS D 12 10.34 -46.75 40.77
C LYS D 12 10.80 -46.90 39.33
N THR D 13 10.11 -47.69 38.54
CA THR D 13 10.48 -47.96 37.17
C THR D 13 9.23 -47.82 36.32
N MET D 14 9.44 -47.62 35.04
CA MET D 14 8.35 -47.38 34.11
C MET D 14 8.71 -48.05 32.80
N LYS D 15 7.69 -48.24 31.96
CA LYS D 15 7.87 -48.71 30.61
C LYS D 15 8.03 -47.52 29.67
N ALA D 16 8.92 -47.65 28.69
CA ALA D 16 9.16 -46.59 27.73
C ALA D 16 9.65 -47.20 26.43
N ALA D 17 9.24 -46.62 25.31
CA ALA D 17 9.74 -47.04 24.02
C ALA D 17 11.05 -46.33 23.75
N VAL D 18 12.14 -47.08 23.61
CA VAL D 18 13.49 -46.54 23.55
C VAL D 18 14.13 -46.96 22.23
N VAL D 19 14.74 -46.01 21.54
CA VAL D 19 15.57 -46.29 20.38
C VAL D 19 17.04 -46.15 20.77
N GLN D 20 17.87 -47.11 20.34
CA GLN D 20 19.31 -47.11 20.61
C GLN D 20 20.15 -46.53 19.49
N GLY D 21 19.76 -46.77 18.23
CA GLY D 21 20.53 -46.29 17.11
C GLY D 21 19.62 -45.97 15.94
N TYR D 22 20.16 -45.18 15.02
CA TYR D 22 19.37 -44.67 13.92
C TYR D 22 18.86 -45.80 13.04
N GLY D 23 17.59 -45.69 12.63
CA GLY D 23 16.96 -46.68 11.78
C GLY D 23 16.57 -47.96 12.46
N GLU D 24 16.88 -48.12 13.76
CA GLU D 24 16.55 -49.33 14.47
C GLU D 24 15.09 -49.33 14.93
N PRO D 25 14.49 -50.50 15.06
CA PRO D 25 13.16 -50.55 15.67
C PRO D 25 13.25 -50.09 17.11
N LEU D 26 12.19 -49.45 17.59
CA LEU D 26 12.14 -49.10 18.99
C LEU D 26 11.85 -50.34 19.82
N LYS D 27 12.31 -50.31 21.06
CA LYS D 27 12.08 -51.40 21.99
C LYS D 27 11.51 -50.87 23.29
N ILE D 28 10.53 -51.58 23.83
CA ILE D 28 9.94 -51.21 25.11
C ILE D 28 10.89 -51.64 26.22
N GLN D 29 11.35 -50.70 27.03
CA GLN D 29 12.29 -51.00 28.08
C GLN D 29 11.76 -50.50 29.41
N GLU D 30 12.30 -51.08 30.47
CA GLU D 30 12.03 -50.65 31.83
C GLU D 30 13.10 -49.66 32.24
N VAL D 31 12.68 -48.43 32.53
CA VAL D 31 13.55 -47.29 32.79
C VAL D 31 13.27 -46.80 34.20
N PRO D 32 14.26 -46.35 34.97
CA PRO D 32 13.95 -45.81 36.29
C PRO D 32 13.19 -44.49 36.13
N VAL D 33 12.29 -44.25 37.07
CA VAL D 33 11.54 -42.99 37.08
C VAL D 33 12.32 -41.98 37.89
N ARG D 34 12.51 -40.80 37.32
CA ARG D 34 13.39 -39.80 37.89
C ARG D 34 12.62 -38.81 38.76
N GLU D 35 13.33 -38.26 39.75
CA GLU D 35 12.76 -37.19 40.57
C GLU D 35 12.99 -35.84 39.89
N PRO D 36 11.98 -34.97 39.87
CA PRO D 36 12.15 -33.66 39.22
C PRO D 36 13.08 -32.75 40.03
N GLY D 37 13.96 -32.06 39.32
CA GLY D 37 14.80 -31.03 39.90
C GLY D 37 14.19 -29.65 39.79
N ARG D 38 15.03 -28.64 39.98
CA ARG D 38 14.57 -27.25 39.97
C ARG D 38 13.83 -26.92 38.67
N TYR D 39 12.66 -26.29 38.80
CA TYR D 39 11.76 -25.92 37.70
C TYR D 39 11.06 -27.12 37.09
N GLU D 40 11.45 -28.34 37.45
CA GLU D 40 10.92 -29.51 36.79
C GLU D 40 9.66 -30.04 37.48
N VAL D 41 8.83 -30.75 36.70
CA VAL D 41 7.74 -31.56 37.23
C VAL D 41 7.82 -32.94 36.59
N LEU D 42 7.29 -33.94 37.30
CA LEU D 42 7.11 -35.28 36.75
C LEU D 42 5.65 -35.42 36.34
N VAL D 43 5.43 -35.79 35.07
CA VAL D 43 4.10 -35.90 34.49
C VAL D 43 3.80 -37.37 34.25
N LYS D 44 2.66 -37.84 34.74
CA LYS D 44 2.18 -39.16 34.37
C LYS D 44 1.48 -39.05 33.02
N VAL D 45 2.03 -39.73 32.01
CA VAL D 45 1.60 -39.52 30.64
C VAL D 45 0.30 -40.28 30.42
N MET D 46 -0.76 -39.55 30.09
CA MET D 46 -2.01 -40.19 29.71
C MET D 46 -1.97 -40.60 28.24
N ALA D 47 -1.51 -39.71 27.37
CA ALA D 47 -1.45 -39.97 25.94
C ALA D 47 -0.25 -39.25 25.35
N CYS D 48 0.20 -39.71 24.18
CA CYS D 48 1.28 -39.02 23.46
C CYS D 48 1.07 -39.17 21.97
N GLY D 49 0.92 -38.05 21.28
CA GLY D 49 0.75 -38.09 19.84
C GLY D 49 2.04 -38.50 19.15
N VAL D 50 1.90 -39.15 18.00
CA VAL D 50 3.04 -39.58 17.20
C VAL D 50 3.20 -38.60 16.05
N CYS D 51 4.30 -37.87 16.08
CA CYS D 51 4.63 -36.85 15.10
C CYS D 51 5.65 -37.41 14.13
N HIS D 52 5.62 -36.93 12.88
CA HIS D 52 6.56 -37.46 11.90
C HIS D 52 8.00 -37.12 12.30
N THR D 53 8.16 -36.03 13.05
CA THR D 53 9.46 -35.68 13.61
C THR D 53 10.03 -36.82 14.45
N ASP D 54 9.19 -37.51 15.24
CA ASP D 54 9.66 -38.68 15.97
C ASP D 54 10.27 -39.69 15.03
N LEU D 55 9.69 -39.83 13.83
CA LEU D 55 10.25 -40.76 12.85
C LEU D 55 11.56 -40.23 12.29
N HIS D 56 11.62 -38.92 11.99
CA HIS D 56 12.88 -38.31 11.56
C HIS D 56 13.95 -38.48 12.63
N ALA D 57 13.56 -38.39 13.91
CA ALA D 57 14.50 -38.56 15.01
C ALA D 57 14.97 -40.00 15.11
N VAL D 58 14.04 -40.96 15.02
CA VAL D 58 14.40 -42.38 15.06
C VAL D 58 15.34 -42.72 13.92
N ASP D 59 15.10 -42.15 12.74
CA ASP D 59 15.88 -42.50 11.56
C ASP D 59 17.14 -41.65 11.41
N GLY D 60 17.30 -40.61 12.22
CA GLY D 60 18.43 -39.71 12.06
C GLY D 60 18.42 -38.98 10.73
N ASP D 61 17.23 -38.55 10.27
CA ASP D 61 17.12 -37.91 8.96
C ASP D 61 17.80 -36.54 8.91
N TRP D 62 17.98 -35.88 10.07
CA TRP D 62 18.33 -34.47 10.13
C TRP D 62 19.82 -34.27 10.39
N PRO D 63 20.40 -33.16 9.93
CA PRO D 63 21.81 -32.90 10.23
C PRO D 63 22.07 -32.62 11.70
N ALA D 64 21.12 -31.97 12.38
CA ALA D 64 21.18 -31.80 13.82
C ALA D 64 20.64 -33.07 14.49
N LYS D 65 21.56 -33.87 15.12
CA LYS D 65 21.18 -35.22 15.54
C LYS D 65 20.54 -35.23 16.93
N PRO D 66 19.67 -36.19 17.20
CA PRO D 66 19.11 -36.33 18.56
C PRO D 66 20.12 -37.00 19.47
N LYS D 67 19.81 -37.01 20.75
CA LYS D 67 20.60 -37.78 21.69
C LYS D 67 20.25 -39.26 21.56
N MET D 68 21.23 -40.11 21.89
CA MET D 68 21.08 -41.55 21.85
C MET D 68 21.62 -42.10 23.17
N PRO D 69 20.90 -43.01 23.85
CA PRO D 69 19.56 -43.49 23.51
C PRO D 69 18.50 -42.41 23.73
N LEU D 70 17.29 -42.65 23.25
CA LEU D 70 16.26 -41.62 23.19
C LEU D 70 14.90 -42.23 23.43
N ILE D 71 14.10 -41.56 24.26
CA ILE D 71 12.65 -41.76 24.32
C ILE D 71 12.00 -40.65 23.51
N PRO D 72 11.43 -40.93 22.34
CA PRO D 72 10.80 -39.86 21.55
C PRO D 72 9.48 -39.37 22.15
N GLY D 73 8.81 -38.47 21.44
CA GLY D 73 7.49 -38.03 21.82
C GLY D 73 7.46 -36.62 22.38
N HIS D 74 6.83 -35.69 21.66
CA HIS D 74 6.68 -34.33 22.14
C HIS D 74 5.25 -33.86 21.92
N GLU D 75 4.31 -34.80 21.92
CA GLU D 75 2.88 -34.53 22.03
C GLU D 75 2.32 -35.25 23.24
N GLY D 76 3.12 -35.32 24.31
CA GLY D 76 2.71 -36.04 25.50
C GLY D 76 1.86 -35.17 26.40
N VAL D 77 0.75 -35.72 26.86
CA VAL D 77 -0.19 -35.00 27.73
C VAL D 77 -0.52 -35.89 28.91
N GLY D 78 -0.69 -35.29 30.08
CA GLY D 78 -0.97 -36.04 31.28
C GLY D 78 -1.13 -35.16 32.49
N ILE D 79 -0.91 -35.77 33.66
CA ILE D 79 -1.17 -35.16 34.96
C ILE D 79 0.15 -35.01 35.74
N VAL D 80 0.39 -33.83 36.30
CA VAL D 80 1.56 -33.61 37.14
C VAL D 80 1.41 -34.41 38.44
N VAL D 81 2.40 -35.24 38.74
CA VAL D 81 2.38 -36.05 39.95
C VAL D 81 3.46 -35.68 40.95
N ALA D 82 4.49 -34.92 40.55
CA ALA D 82 5.50 -34.49 41.51
C ALA D 82 6.17 -33.24 40.98
N CYS D 83 6.54 -32.34 41.89
CA CYS D 83 7.11 -31.05 41.52
C CYS D 83 8.46 -30.89 42.20
N GLY D 84 9.46 -30.44 41.43
CA GLY D 84 10.70 -30.00 42.03
C GLY D 84 10.58 -28.59 42.59
N PRO D 85 11.66 -28.12 43.22
CA PRO D 85 11.67 -26.74 43.73
C PRO D 85 11.46 -25.74 42.59
N ASP D 86 10.71 -24.68 42.90
CA ASP D 86 10.43 -23.60 41.95
C ASP D 86 9.61 -24.06 40.75
N ALA D 87 8.80 -25.11 40.92
CA ALA D 87 7.93 -25.54 39.84
C ALA D 87 6.82 -24.52 39.61
N MET D 88 6.43 -24.33 38.35
CA MET D 88 5.43 -23.35 37.98
C MET D 88 4.06 -23.97 37.72
N VAL D 89 3.92 -25.28 37.86
CA VAL D 89 2.63 -25.94 37.83
C VAL D 89 2.58 -26.86 39.04
N LYS D 90 1.37 -27.20 39.48
CA LYS D 90 1.17 -27.96 40.70
C LYS D 90 0.68 -29.37 40.41
N GLU D 91 0.80 -30.23 41.43
CA GLU D 91 0.31 -31.60 41.34
C GLU D 91 -1.17 -31.61 40.98
N GLY D 92 -1.54 -32.53 40.09
CA GLY D 92 -2.90 -32.60 39.61
C GLY D 92 -3.18 -31.76 38.38
N ASP D 93 -2.32 -30.83 38.02
CA ASP D 93 -2.53 -30.04 36.81
C ASP D 93 -2.41 -30.93 35.58
N ALA D 94 -3.26 -30.69 34.59
CA ALA D 94 -3.15 -31.33 33.29
C ALA D 94 -2.24 -30.48 32.41
N VAL D 95 -1.17 -31.09 31.87
CA VAL D 95 -0.18 -30.37 31.08
C VAL D 95 0.24 -31.20 29.88
N GLY D 96 0.86 -30.52 28.92
CA GLY D 96 1.46 -31.18 27.78
C GLY D 96 2.91 -30.77 27.67
N VAL D 97 3.72 -31.68 27.14
CA VAL D 97 5.17 -31.47 27.02
C VAL D 97 5.52 -31.39 25.55
N PRO D 98 5.76 -30.17 25.00
CA PRO D 98 5.88 -30.03 23.54
C PRO D 98 7.32 -30.03 23.02
N TRP D 99 7.49 -29.76 21.72
CA TRP D 99 8.82 -29.72 21.12
C TRP D 99 9.71 -28.68 21.80
N LEU D 100 9.21 -27.45 21.98
CA LEU D 100 9.95 -26.40 22.67
C LEU D 100 9.89 -26.70 24.16
N TYR D 101 10.76 -27.62 24.58
CA TYR D 101 10.72 -28.15 25.93
C TYR D 101 11.20 -27.13 26.95
N SER D 102 12.16 -26.28 26.56
CA SER D 102 12.67 -25.22 27.41
C SER D 102 13.43 -24.25 26.51
N ALA D 103 13.51 -22.99 26.96
CA ALA D 103 14.31 -21.98 26.27
C ALA D 103 15.00 -21.15 27.35
N CYS D 104 16.00 -20.35 26.95
CA CYS D 104 16.79 -19.67 27.98
C CYS D 104 16.05 -18.49 28.65
N GLY D 105 15.16 -17.78 27.95
CA GLY D 105 14.50 -16.65 28.54
C GLY D 105 15.28 -15.33 28.61
N CYS D 106 16.53 -15.29 28.17
CA CYS D 106 17.25 -14.04 28.33
C CYS D 106 18.05 -13.67 27.08
N CYS D 107 17.91 -14.40 25.97
CA CYS D 107 18.58 -14.09 24.69
C CYS D 107 17.75 -13.14 23.82
N ASP D 108 18.38 -12.66 22.74
CA ASP D 108 17.71 -11.86 21.71
C ASP D 108 16.36 -12.44 21.28
N TYR D 109 16.31 -13.74 21.05
CA TYR D 109 15.10 -14.31 20.48
C TYR D 109 13.99 -14.48 21.52
N CYS D 110 14.37 -14.88 22.75
CA CYS D 110 13.40 -15.03 23.81
C CYS D 110 12.77 -13.69 24.21
N ILE D 111 13.58 -12.65 24.26
CA ILE D 111 13.13 -11.36 24.75
C ILE D 111 12.25 -10.65 23.73
N THR D 112 12.40 -10.97 22.46
CA THR D 112 11.64 -10.29 21.41
C THR D 112 10.42 -11.08 20.96
N GLY D 113 10.03 -12.12 21.69
CA GLY D 113 8.87 -12.89 21.30
C GLY D 113 9.15 -14.03 20.36
N TRP D 114 10.41 -14.43 20.20
CA TRP D 114 10.76 -15.49 19.27
C TRP D 114 11.48 -16.63 19.98
N GLU D 115 10.94 -17.07 21.13
CA GLU D 115 11.62 -18.11 21.90
C GLU D 115 11.74 -19.42 21.12
N THR D 116 10.93 -19.63 20.08
CA THR D 116 11.12 -20.80 19.22
C THR D 116 12.48 -20.80 18.54
N LEU D 117 13.14 -19.65 18.49
CA LEU D 117 14.44 -19.55 17.86
C LEU D 117 15.59 -19.56 18.86
N CYS D 118 15.31 -19.74 20.15
CA CYS D 118 16.36 -19.71 21.15
C CYS D 118 17.40 -20.78 20.83
N GLU D 119 18.66 -20.36 20.73
CA GLU D 119 19.74 -21.28 20.42
C GLU D 119 20.09 -22.19 21.59
N ALA D 120 19.60 -21.89 22.79
CA ALA D 120 19.84 -22.74 23.95
C ALA D 120 18.63 -23.60 24.31
N GLN D 121 17.64 -23.70 23.41
CA GLN D 121 16.45 -24.47 23.71
C GLN D 121 16.77 -25.97 23.79
N GLN D 122 15.94 -26.70 24.53
CA GLN D 122 15.95 -28.15 24.51
C GLN D 122 14.64 -28.62 23.87
N ASN D 123 14.70 -29.79 23.21
CA ASN D 123 13.58 -30.26 22.40
C ASN D 123 13.09 -31.60 22.93
N GLY D 124 11.82 -31.66 23.28
CA GLY D 124 11.27 -32.86 23.90
C GLY D 124 11.26 -34.03 22.93
N GLY D 125 11.62 -35.21 23.45
CA GLY D 125 11.72 -36.37 22.59
C GLY D 125 12.79 -36.26 21.53
N TYR D 126 13.80 -35.43 21.76
CA TYR D 126 14.87 -35.25 20.79
C TYR D 126 16.20 -35.02 21.50
N SER D 127 16.35 -33.88 22.18
CA SER D 127 17.55 -33.66 22.99
C SER D 127 17.36 -34.08 24.45
N VAL D 128 16.11 -34.19 24.91
CA VAL D 128 15.77 -34.78 26.19
C VAL D 128 14.65 -35.78 25.96
N ASP D 129 14.53 -36.73 26.87
CA ASP D 129 13.53 -37.79 26.75
C ASP D 129 12.11 -37.21 26.77
N GLY D 130 11.22 -37.85 26.01
CA GLY D 130 9.88 -37.36 25.80
C GLY D 130 8.75 -38.26 26.28
N GLY D 131 7.61 -38.16 25.60
CA GLY D 131 6.36 -38.72 26.04
C GLY D 131 6.03 -40.14 25.64
N PHE D 132 6.90 -40.83 24.89
CA PHE D 132 6.66 -42.23 24.58
C PHE D 132 6.96 -43.07 25.81
N ALA D 133 6.34 -42.75 26.94
CA ALA D 133 6.69 -43.38 28.21
C ALA D 133 5.57 -43.15 29.20
N GLU D 134 5.61 -43.91 30.30
CA GLU D 134 4.57 -43.78 31.32
C GLU D 134 4.73 -42.50 32.12
N TYR D 135 5.95 -41.98 32.22
CA TYR D 135 6.23 -40.74 32.95
C TYR D 135 7.24 -39.94 32.15
N VAL D 136 7.19 -38.61 32.30
CA VAL D 136 8.13 -37.72 31.62
C VAL D 136 8.49 -36.57 32.56
N ILE D 137 9.78 -36.25 32.62
CA ILE D 137 10.25 -35.04 33.28
C ILE D 137 10.04 -33.86 32.35
N ALA D 138 9.47 -32.78 32.86
CA ALA D 138 9.20 -31.60 32.05
C ALA D 138 9.71 -30.35 32.75
N ASP D 139 10.07 -29.35 31.96
CA ASP D 139 10.34 -28.02 32.49
C ASP D 139 9.00 -27.33 32.66
N SER D 140 8.62 -27.04 33.91
CA SER D 140 7.29 -26.54 34.20
C SER D 140 7.03 -25.17 33.59
N ARG D 141 8.08 -24.44 33.18
CA ARG D 141 7.89 -23.10 32.64
C ARG D 141 7.44 -23.13 31.18
N TYR D 142 7.56 -24.26 30.48
CA TYR D 142 7.27 -24.29 29.06
C TYR D 142 6.21 -25.31 28.67
N VAL D 143 5.55 -25.94 29.65
CA VAL D 143 4.53 -26.92 29.34
C VAL D 143 3.28 -26.21 28.83
N GLY D 144 2.49 -26.93 28.01
CA GLY D 144 1.16 -26.45 27.70
C GLY D 144 0.24 -26.68 28.90
N HIS D 145 -0.66 -25.73 29.13
CA HIS D 145 -1.61 -25.79 30.23
C HIS D 145 -2.97 -26.27 29.70
N LEU D 146 -3.46 -27.38 30.24
CA LEU D 146 -4.70 -27.99 29.77
C LEU D 146 -5.82 -27.83 30.80
N LYS D 147 -7.06 -27.82 30.31
CA LYS D 147 -8.20 -27.83 31.21
C LYS D 147 -8.27 -29.16 31.94
N SER D 148 -8.76 -29.13 33.19
CA SER D 148 -8.77 -30.33 34.02
C SER D 148 -9.59 -31.45 33.42
N ASN D 149 -10.64 -31.12 32.65
CA ASN D 149 -11.52 -32.12 32.08
C ASN D 149 -11.19 -32.39 30.61
N VAL D 150 -9.93 -32.19 30.22
CA VAL D 150 -9.53 -32.37 28.84
C VAL D 150 -9.62 -33.85 28.45
N ASN D 151 -9.95 -34.10 27.19
CA ASN D 151 -9.84 -35.43 26.60
C ASN D 151 -8.40 -35.62 26.14
N PHE D 152 -7.63 -36.41 26.88
CA PHE D 152 -6.19 -36.45 26.64
C PHE D 152 -5.87 -36.98 25.25
N LEU D 153 -6.59 -38.03 24.82
CA LEU D 153 -6.29 -38.62 23.52
C LEU D 153 -6.51 -37.62 22.40
N GLU D 154 -7.60 -36.84 22.46
CA GLU D 154 -7.95 -35.96 21.36
C GLU D 154 -7.13 -34.67 21.36
N ILE D 155 -6.75 -34.19 22.54
CA ILE D 155 -6.01 -32.93 22.64
C ILE D 155 -4.54 -33.09 22.31
N ALA D 156 -3.99 -34.30 22.43
CA ALA D 156 -2.54 -34.50 22.31
C ALA D 156 -1.95 -33.88 21.06
N PRO D 157 -2.52 -34.03 19.86
CA PRO D 157 -1.86 -33.44 18.68
C PRO D 157 -1.77 -31.93 18.72
N ILE D 158 -2.56 -31.24 19.55
CA ILE D 158 -2.43 -29.78 19.60
C ILE D 158 -1.07 -29.38 20.14
N LEU D 159 -0.41 -30.25 20.91
CA LEU D 159 0.88 -29.92 21.50
C LEU D 159 1.99 -29.79 20.46
N CYS D 160 1.79 -30.31 19.25
CA CYS D 160 2.77 -30.01 18.22
C CYS D 160 2.09 -29.77 16.87
N ALA D 161 1.34 -30.75 16.37
CA ALA D 161 0.64 -30.54 15.10
C ALA D 161 -0.19 -29.26 15.15
N GLY D 162 -0.97 -29.08 16.21
CA GLY D 162 -1.86 -27.94 16.28
C GLY D 162 -1.14 -26.61 16.36
N VAL D 163 -0.28 -26.45 17.37
CA VAL D 163 0.40 -25.17 17.56
C VAL D 163 1.26 -24.84 16.33
N THR D 164 1.86 -25.86 15.72
CA THR D 164 2.74 -25.64 14.58
C THR D 164 1.99 -25.04 13.39
N VAL D 165 0.88 -25.66 12.98
CA VAL D 165 0.19 -25.17 11.79
C VAL D 165 -0.52 -23.87 12.10
N TYR D 166 -0.97 -23.68 13.34
CA TYR D 166 -1.55 -22.41 13.73
C TYR D 166 -0.55 -21.27 13.58
N LYS D 167 0.65 -21.44 14.17
CA LYS D 167 1.69 -20.44 13.98
C LYS D 167 2.07 -20.33 12.51
N GLY D 168 2.15 -21.46 11.80
CA GLY D 168 2.46 -21.41 10.39
C GLY D 168 1.46 -20.58 9.60
N LEU D 169 0.17 -20.72 9.92
CA LEU D 169 -0.85 -19.95 9.22
C LEU D 169 -0.71 -18.45 9.49
N LYS D 170 -0.39 -18.07 10.73
CA LYS D 170 -0.09 -16.66 11.02
C LYS D 170 1.11 -16.17 10.22
N GLU D 171 2.13 -17.02 10.05
CA GLU D 171 3.32 -16.64 9.31
C GLU D 171 3.02 -16.42 7.83
N THR D 172 1.97 -17.05 7.30
CA THR D 172 1.61 -16.76 5.90
C THR D 172 1.02 -15.37 5.73
N GLU D 173 0.53 -14.77 6.83
CA GLU D 173 -0.16 -13.47 6.81
C GLU D 173 -1.43 -13.49 5.95
N THR D 174 -1.96 -14.67 5.65
CA THR D 174 -3.24 -14.76 4.95
C THR D 174 -4.36 -14.18 5.82
N LYS D 175 -5.19 -13.30 5.23
CA LYS D 175 -6.24 -12.59 5.95
C LYS D 175 -7.58 -13.32 5.83
N PRO D 176 -8.53 -13.05 6.73
CA PRO D 176 -9.89 -13.57 6.54
C PRO D 176 -10.42 -13.18 5.17
N GLY D 177 -11.01 -14.15 4.48
CA GLY D 177 -11.52 -13.93 3.14
C GLY D 177 -10.53 -14.23 2.03
N GLU D 178 -9.26 -14.48 2.35
CA GLU D 178 -8.26 -14.83 1.36
C GLU D 178 -8.12 -16.35 1.29
N TRP D 179 -7.42 -16.81 0.26
CA TRP D 179 -7.21 -18.23 -0.01
C TRP D 179 -5.86 -18.70 0.53
N VAL D 180 -5.87 -19.83 1.25
CA VAL D 180 -4.65 -20.53 1.65
C VAL D 180 -4.70 -21.95 1.08
N ALA D 181 -3.56 -22.45 0.64
CA ALA D 181 -3.45 -23.86 0.29
C ALA D 181 -2.71 -24.58 1.41
N ILE D 182 -3.27 -25.70 1.85
CA ILE D 182 -2.60 -26.63 2.77
C ILE D 182 -2.13 -27.81 1.93
N SER D 183 -0.83 -28.05 1.94
CA SER D 183 -0.24 -29.12 1.15
C SER D 183 0.26 -30.21 2.10
N GLY D 184 -0.34 -31.39 1.99
CA GLY D 184 -0.04 -32.48 2.91
C GLY D 184 -1.09 -32.52 4.00
N ILE D 185 -2.11 -33.35 3.84
CA ILE D 185 -3.18 -33.43 4.82
C ILE D 185 -2.94 -34.60 5.76
N GLY D 186 -1.83 -34.54 6.48
CA GLY D 186 -1.47 -35.59 7.45
C GLY D 186 -1.78 -35.14 8.86
N GLY D 187 -0.91 -35.53 9.80
CA GLY D 187 -1.08 -35.04 11.16
C GLY D 187 -1.19 -33.54 11.22
N LEU D 188 -0.20 -32.83 10.68
CA LEU D 188 -0.27 -31.36 10.70
C LEU D 188 -1.38 -30.83 9.80
N GLY D 189 -1.45 -31.33 8.57
CA GLY D 189 -2.33 -30.72 7.58
C GLY D 189 -3.82 -30.81 7.94
N HIS D 190 -4.23 -31.91 8.56
CA HIS D 190 -5.66 -32.07 8.80
C HIS D 190 -6.16 -31.14 9.89
N VAL D 191 -5.30 -30.74 10.84
CA VAL D 191 -5.73 -29.67 11.75
C VAL D 191 -5.46 -28.30 11.14
N ALA D 192 -4.49 -28.19 10.23
CA ALA D 192 -4.26 -26.93 9.53
C ALA D 192 -5.49 -26.47 8.77
N VAL D 193 -6.18 -27.40 8.11
CA VAL D 193 -7.44 -27.08 7.43
C VAL D 193 -8.41 -26.38 8.40
N GLN D 194 -8.52 -26.91 9.61
CA GLN D 194 -9.51 -26.40 10.56
C GLN D 194 -9.11 -25.06 11.15
N TYR D 195 -7.83 -24.89 11.55
CA TYR D 195 -7.37 -23.59 12.02
C TYR D 195 -7.59 -22.53 10.95
N ALA D 196 -7.27 -22.86 9.70
CA ALA D 196 -7.42 -21.90 8.62
C ALA D 196 -8.88 -21.50 8.44
N LYS D 197 -9.80 -22.45 8.57
CA LYS D 197 -11.22 -22.07 8.47
C LYS D 197 -11.61 -21.21 9.66
N ALA D 198 -11.11 -21.51 10.86
CA ALA D 198 -11.44 -20.70 12.03
C ALA D 198 -10.84 -19.31 11.94
N MET D 199 -9.83 -19.12 11.10
CA MET D 199 -9.22 -17.82 10.86
C MET D 199 -9.84 -17.10 9.66
N GLY D 200 -10.97 -17.59 9.14
CA GLY D 200 -11.70 -16.93 8.08
C GLY D 200 -11.16 -17.18 6.68
N MET D 201 -10.19 -18.06 6.52
CA MET D 201 -9.62 -18.32 5.20
C MET D 201 -10.47 -19.31 4.41
N HIS D 202 -10.46 -19.15 3.08
CA HIS D 202 -10.84 -20.24 2.18
C HIS D 202 -9.66 -21.17 2.03
N VAL D 203 -9.94 -22.47 1.94
CA VAL D 203 -8.89 -23.48 2.07
C VAL D 203 -8.90 -24.39 0.85
N ALA D 204 -7.75 -24.49 0.18
CA ALA D 204 -7.50 -25.52 -0.80
C ALA D 204 -6.58 -26.56 -0.19
N ALA D 205 -6.93 -27.83 -0.34
CA ALA D 205 -6.14 -28.93 0.20
C ALA D 205 -5.43 -29.65 -0.94
N ILE D 206 -4.14 -29.94 -0.75
CA ILE D 206 -3.30 -30.62 -1.73
C ILE D 206 -2.69 -31.85 -1.07
N ASP D 207 -2.79 -33.00 -1.73
CA ASP D 207 -2.08 -34.21 -1.33
C ASP D 207 -1.93 -35.07 -2.57
N VAL D 208 -1.49 -36.31 -2.36
CA VAL D 208 -1.20 -37.23 -3.45
C VAL D 208 -1.99 -38.52 -3.34
N ALA D 209 -3.03 -38.53 -2.50
CA ALA D 209 -3.92 -39.69 -2.36
C ALA D 209 -5.32 -39.18 -2.07
N ASP D 210 -6.31 -39.82 -2.68
CA ASP D 210 -7.69 -39.33 -2.60
C ASP D 210 -8.24 -39.41 -1.17
N ASP D 211 -7.86 -40.41 -0.39
CA ASP D 211 -8.39 -40.49 0.98
C ASP D 211 -7.92 -39.32 1.85
N LYS D 212 -6.72 -38.79 1.59
CA LYS D 212 -6.28 -37.60 2.31
C LYS D 212 -7.14 -36.39 1.96
N LEU D 213 -7.54 -36.28 0.70
CA LEU D 213 -8.39 -35.18 0.31
C LEU D 213 -9.81 -35.37 0.83
N GLU D 214 -10.24 -36.62 0.97
CA GLU D 214 -11.53 -36.88 1.59
C GLU D 214 -11.51 -36.40 3.04
N LEU D 215 -10.41 -36.63 3.76
CA LEU D 215 -10.30 -36.11 5.12
C LEU D 215 -10.39 -34.59 5.14
N ALA D 216 -9.68 -33.93 4.21
CA ALA D 216 -9.72 -32.46 4.17
C ALA D 216 -11.13 -31.94 3.92
N LYS D 217 -11.85 -32.55 2.99
CA LYS D 217 -13.23 -32.13 2.70
C LYS D 217 -14.11 -32.27 3.93
N LYS D 218 -14.03 -33.42 4.63
CA LYS D 218 -14.78 -33.59 5.86
C LYS D 218 -14.51 -32.46 6.86
N LEU D 219 -13.26 -31.97 6.89
CA LEU D 219 -12.84 -31.01 7.90
C LEU D 219 -12.99 -29.57 7.44
N GLY D 220 -13.59 -29.34 6.28
CA GLY D 220 -13.98 -27.99 5.88
C GLY D 220 -13.28 -27.45 4.65
N ALA D 221 -12.43 -28.21 3.96
CA ALA D 221 -11.71 -27.64 2.81
C ALA D 221 -12.69 -27.27 1.70
N ASP D 222 -12.44 -26.13 1.06
CA ASP D 222 -13.32 -25.67 -0.02
C ASP D 222 -12.92 -26.26 -1.36
N LEU D 223 -11.64 -26.53 -1.57
CA LEU D 223 -11.16 -27.19 -2.77
C LEU D 223 -10.17 -28.27 -2.37
N THR D 224 -10.09 -29.31 -3.19
CA THR D 224 -9.13 -30.40 -2.98
C THR D 224 -8.45 -30.69 -4.31
N VAL D 225 -7.17 -31.01 -4.27
CA VAL D 225 -6.50 -31.37 -5.52
C VAL D 225 -5.48 -32.47 -5.23
N ASN D 226 -5.56 -33.53 -6.01
CA ASN D 226 -4.60 -34.61 -6.02
C ASN D 226 -3.51 -34.26 -7.03
N ALA D 227 -2.31 -33.95 -6.53
CA ALA D 227 -1.23 -33.50 -7.40
C ALA D 227 -0.78 -34.57 -8.40
N LYS D 228 -1.06 -35.84 -8.12
CA LYS D 228 -0.75 -36.90 -9.09
C LYS D 228 -1.75 -36.91 -10.23
N THR D 229 -2.98 -36.46 -10.00
CA THR D 229 -3.96 -36.44 -11.07
C THR D 229 -4.03 -35.10 -11.79
N THR D 230 -3.62 -34.01 -11.16
CA THR D 230 -3.82 -32.67 -11.66
C THR D 230 -2.68 -31.78 -11.18
N ASP D 231 -2.15 -30.96 -12.06
CA ASP D 231 -1.11 -30.00 -11.65
C ASP D 231 -1.73 -29.01 -10.68
N PRO D 232 -1.26 -28.92 -9.43
CA PRO D 232 -1.92 -28.03 -8.45
C PRO D 232 -1.90 -26.56 -8.85
N GLY D 233 -0.75 -26.06 -9.32
CA GLY D 233 -0.67 -24.64 -9.68
C GLY D 233 -1.65 -24.24 -10.76
N THR D 234 -1.68 -25.00 -11.86
CA THR D 234 -2.60 -24.67 -12.95
C THR D 234 -4.05 -24.74 -12.46
N TYR D 235 -4.39 -25.77 -11.68
CA TYR D 235 -5.76 -25.94 -11.21
C TYR D 235 -6.20 -24.80 -10.30
N LEU D 236 -5.36 -24.42 -9.33
CA LEU D 236 -5.80 -23.39 -8.38
C LEU D 236 -5.81 -22.00 -9.01
N HIS D 237 -4.92 -21.72 -9.97
CA HIS D 237 -5.01 -20.44 -10.67
C HIS D 237 -6.26 -20.40 -11.54
N LYS D 238 -6.57 -21.51 -12.21
CA LYS D 238 -7.76 -21.60 -13.05
C LYS D 238 -9.03 -21.45 -12.22
N GLU D 239 -9.09 -22.12 -11.06
CA GLU D 239 -10.31 -22.11 -10.26
C GLU D 239 -10.54 -20.75 -9.59
N VAL D 240 -9.54 -20.21 -8.88
CA VAL D 240 -9.82 -19.03 -8.07
C VAL D 240 -8.75 -17.95 -8.22
N GLY D 241 -7.85 -18.11 -9.20
CA GLY D 241 -6.81 -17.13 -9.42
C GLY D 241 -5.60 -17.24 -8.51
N GLY D 242 -5.38 -18.40 -7.88
CA GLY D 242 -4.19 -18.61 -7.09
C GLY D 242 -4.40 -18.26 -5.63
N MET D 243 -3.45 -18.70 -4.81
CA MET D 243 -3.55 -18.61 -3.36
C MET D 243 -2.86 -17.37 -2.82
N HIS D 244 -3.48 -16.72 -1.83
CA HIS D 244 -2.77 -15.66 -1.11
C HIS D 244 -1.67 -16.23 -0.22
N GLY D 245 -1.84 -17.45 0.27
CA GLY D 245 -0.87 -18.08 1.14
C GLY D 245 -0.85 -19.56 0.91
N ALA D 246 0.20 -20.20 1.40
CA ALA D 246 0.26 -21.66 1.36
C ALA D 246 1.06 -22.14 2.57
N LEU D 247 0.69 -23.29 3.10
CA LEU D 247 1.42 -23.92 4.20
C LEU D 247 1.81 -25.33 3.78
N ILE D 248 3.11 -25.61 3.73
CA ILE D 248 3.63 -26.90 3.28
C ILE D 248 3.86 -27.75 4.52
N THR D 249 3.01 -28.75 4.72
CA THR D 249 3.17 -29.71 5.80
C THR D 249 3.58 -31.07 5.29
N ALA D 250 3.94 -31.18 4.02
CA ALA D 250 4.26 -32.45 3.38
C ALA D 250 5.71 -32.88 3.64
N VAL D 251 5.97 -34.15 3.39
CA VAL D 251 7.27 -34.75 3.64
C VAL D 251 7.98 -35.05 2.33
N SER D 252 7.69 -34.27 1.28
CA SER D 252 8.28 -34.48 -0.03
C SER D 252 8.67 -33.13 -0.63
N PRO D 253 9.92 -32.98 -1.08
CA PRO D 253 10.37 -31.70 -1.65
C PRO D 253 9.52 -31.22 -2.81
N ILE D 254 9.00 -32.14 -3.64
CA ILE D 254 8.21 -31.74 -4.79
C ILE D 254 6.99 -30.94 -4.36
N ALA D 255 6.45 -31.23 -3.18
CA ALA D 255 5.32 -30.46 -2.66
C ALA D 255 5.71 -29.00 -2.44
N PHE D 256 6.97 -28.75 -2.08
CA PHE D 256 7.43 -27.38 -1.86
C PHE D 256 7.49 -26.61 -3.17
N LYS D 257 8.01 -27.25 -4.21
CA LYS D 257 8.05 -26.62 -5.53
C LYS D 257 6.65 -26.36 -6.08
N GLN D 258 5.74 -27.31 -5.92
CA GLN D 258 4.36 -27.09 -6.36
C GLN D 258 3.67 -26.03 -5.51
N GLY D 259 4.09 -25.90 -4.25
CA GLY D 259 3.57 -24.84 -3.40
C GLY D 259 3.86 -23.46 -3.95
N ILE D 260 5.05 -23.27 -4.52
CA ILE D 260 5.34 -22.01 -5.19
C ILE D 260 4.34 -21.74 -6.32
N ASP D 261 4.03 -22.78 -7.10
CA ASP D 261 3.16 -22.67 -8.27
C ASP D 261 1.77 -22.18 -7.92
N VAL D 262 1.26 -22.53 -6.73
CA VAL D 262 -0.14 -22.22 -6.43
C VAL D 262 -0.36 -20.78 -5.99
N LEU D 263 0.71 -20.01 -5.74
CA LEU D 263 0.56 -18.65 -5.23
C LEU D 263 0.19 -17.64 -6.31
N ARG D 264 -0.64 -16.68 -5.95
CA ARG D 264 -0.75 -15.50 -6.80
C ARG D 264 0.39 -14.54 -6.44
N ARG D 265 0.53 -13.47 -7.22
CA ARG D 265 1.59 -12.50 -6.93
C ARG D 265 1.40 -11.92 -5.53
N LYS D 266 2.52 -11.68 -4.85
CA LYS D 266 2.60 -11.26 -3.46
C LYS D 266 2.11 -12.32 -2.49
N GLY D 267 2.02 -13.56 -2.94
CA GLY D 267 1.69 -14.62 -2.02
C GLY D 267 2.85 -14.94 -1.09
N THR D 268 2.51 -15.52 0.05
CA THR D 268 3.49 -15.96 1.03
C THR D 268 3.27 -17.43 1.32
N ILE D 269 4.33 -18.22 1.21
CA ILE D 269 4.26 -19.65 1.47
C ILE D 269 5.11 -19.95 2.71
N ALA D 270 4.47 -20.53 3.75
CA ALA D 270 5.15 -20.92 4.98
C ALA D 270 5.46 -22.42 4.94
N LEU D 271 6.63 -22.79 5.45
CA LEU D 271 7.15 -24.16 5.40
C LEU D 271 7.16 -24.76 6.79
N ASN D 272 6.45 -25.86 6.98
CA ASN D 272 6.56 -26.70 8.17
C ASN D 272 7.29 -27.99 7.90
N GLY D 273 7.02 -28.64 6.77
CA GLY D 273 7.55 -29.97 6.53
C GLY D 273 9.07 -29.97 6.54
N LEU D 274 9.65 -31.09 6.99
CA LEU D 274 11.10 -31.19 7.20
C LEU D 274 11.72 -32.42 6.53
N PRO D 275 11.51 -32.59 5.21
CA PRO D 275 12.27 -33.62 4.52
C PRO D 275 13.74 -33.22 4.46
N PRO D 276 14.65 -34.18 4.35
CA PRO D 276 16.06 -33.84 4.15
C PRO D 276 16.26 -33.18 2.79
N GLY D 277 17.33 -32.42 2.69
CA GLY D 277 17.69 -31.83 1.42
C GLY D 277 16.99 -30.52 1.15
N SER D 278 16.91 -30.20 -0.13
CA SER D 278 16.48 -28.88 -0.57
C SER D 278 15.37 -29.03 -1.62
N PHE D 279 14.83 -27.91 -2.06
CA PHE D 279 14.01 -27.89 -3.26
C PHE D 279 14.47 -26.70 -4.11
N GLU D 280 14.13 -26.77 -5.40
CA GLU D 280 14.56 -25.75 -6.32
CA GLU D 280 14.54 -25.74 -6.35
C GLU D 280 13.59 -24.57 -6.25
N LEU D 281 14.12 -23.40 -5.88
CA LEU D 281 13.35 -22.18 -5.83
C LEU D 281 13.54 -21.46 -7.16
N PRO D 282 12.51 -21.35 -8.00
CA PRO D 282 12.69 -20.69 -9.31
C PRO D 282 12.88 -19.19 -9.11
N ILE D 283 14.01 -18.68 -9.59
CA ILE D 283 14.41 -17.32 -9.21
C ILE D 283 13.55 -16.29 -9.91
N PHE D 284 13.46 -16.37 -11.23
CA PHE D 284 12.75 -15.37 -12.03
C PHE D 284 11.32 -15.18 -11.52
N GLU D 285 10.60 -16.30 -11.37
CA GLU D 285 9.23 -16.27 -10.88
C GLU D 285 9.14 -15.71 -9.47
N THR D 286 10.06 -16.10 -8.59
CA THR D 286 10.00 -15.62 -7.20
C THR D 286 10.19 -14.11 -7.15
N VAL D 287 11.09 -13.58 -7.98
CA VAL D 287 11.37 -12.14 -7.98
C VAL D 287 10.21 -11.36 -8.58
N LEU D 288 9.81 -11.72 -9.81
CA LEU D 288 8.82 -10.92 -10.54
C LEU D 288 7.46 -10.96 -9.87
N LYS D 289 7.16 -12.01 -9.11
CA LYS D 289 5.87 -12.14 -8.45
C LYS D 289 5.90 -11.69 -6.98
N ARG D 290 7.06 -11.23 -6.48
CA ARG D 290 7.18 -10.90 -5.05
C ARG D 290 6.66 -12.04 -4.19
N ILE D 291 7.17 -13.25 -4.44
CA ILE D 291 6.86 -14.40 -3.61
C ILE D 291 7.68 -14.32 -2.34
N THR D 292 7.06 -14.60 -1.20
CA THR D 292 7.77 -14.71 0.08
C THR D 292 7.71 -16.17 0.55
N VAL D 293 8.88 -16.76 0.82
CA VAL D 293 9.00 -18.11 1.36
C VAL D 293 9.53 -17.98 2.78
N ARG D 294 8.83 -18.59 3.74
CA ARG D 294 9.17 -18.35 5.14
C ARG D 294 9.14 -19.66 5.93
N GLY D 295 10.25 -20.02 6.55
CA GLY D 295 10.25 -21.18 7.43
C GLY D 295 9.49 -20.87 8.71
N SER D 296 8.78 -21.87 9.23
CA SER D 296 8.03 -21.66 10.46
C SER D 296 8.24 -22.84 11.39
N ILE D 297 8.63 -22.56 12.64
CA ILE D 297 9.08 -23.60 13.56
C ILE D 297 8.22 -23.56 14.82
N VAL D 298 7.47 -24.66 15.05
CA VAL D 298 6.47 -24.86 16.11
C VAL D 298 5.81 -23.54 16.52
N GLY D 299 5.72 -23.27 17.82
CA GLY D 299 5.17 -22.01 18.26
C GLY D 299 5.61 -21.69 19.67
N THR D 300 5.54 -20.40 20.01
CA THR D 300 5.90 -19.96 21.35
C THR D 300 4.86 -20.42 22.35
N ARG D 301 5.16 -20.19 23.64
CA ARG D 301 4.17 -20.50 24.67
C ARG D 301 2.86 -19.78 24.42
N LYS D 302 2.93 -18.54 23.91
CA LYS D 302 1.71 -17.81 23.59
C LYS D 302 0.99 -18.43 22.42
N ASP D 303 1.73 -18.79 21.36
CA ASP D 303 1.15 -19.55 20.25
C ASP D 303 0.44 -20.81 20.76
N LEU D 304 1.08 -21.52 21.70
CA LEU D 304 0.52 -22.78 22.17
C LEU D 304 -0.80 -22.56 22.91
N GLN D 305 -0.84 -21.58 23.81
CA GLN D 305 -2.09 -21.30 24.50
C GLN D 305 -3.19 -20.89 23.52
N GLU D 306 -2.86 -20.05 22.53
CA GLU D 306 -3.85 -19.67 21.52
C GLU D 306 -4.36 -20.90 20.77
N ALA D 307 -3.43 -21.79 20.36
CA ALA D 307 -3.83 -22.98 19.61
C ALA D 307 -4.75 -23.86 20.44
N LEU D 308 -4.46 -24.01 21.74
CA LEU D 308 -5.31 -24.81 22.61
C LEU D 308 -6.69 -24.18 22.77
N ASP D 309 -6.75 -22.85 22.80
CA ASP D 309 -8.05 -22.19 22.94
C ASP D 309 -8.96 -22.51 21.76
N PHE D 310 -8.41 -22.58 20.55
CA PHE D 310 -9.21 -22.96 19.39
C PHE D 310 -9.80 -24.37 19.57
N ALA D 311 -8.98 -25.30 20.07
CA ALA D 311 -9.48 -26.65 20.32
C ALA D 311 -10.50 -26.66 21.46
N ASN D 312 -10.22 -25.91 22.53
CA ASN D 312 -11.15 -25.90 23.66
C ASN D 312 -12.52 -25.35 23.26
N GLU D 313 -12.56 -24.47 22.26
CA GLU D 313 -13.83 -23.94 21.78
C GLU D 313 -14.47 -24.80 20.70
N GLY D 314 -13.87 -25.94 20.36
CA GLY D 314 -14.48 -26.82 19.39
C GLY D 314 -14.30 -26.41 17.94
N LEU D 315 -13.45 -25.43 17.66
CA LEU D 315 -13.18 -25.02 16.29
C LEU D 315 -12.18 -25.93 15.61
N VAL D 316 -11.35 -26.64 16.39
CA VAL D 316 -10.37 -27.56 15.84
C VAL D 316 -10.47 -28.87 16.61
N LYS D 317 -10.63 -29.97 15.89
CA LYS D 317 -10.70 -31.31 16.47
C LYS D 317 -9.73 -32.20 15.71
N ALA D 318 -8.71 -32.70 16.39
CA ALA D 318 -7.79 -33.61 15.71
C ALA D 318 -8.50 -34.93 15.44
N THR D 319 -8.25 -35.51 14.28
CA THR D 319 -8.72 -36.85 13.94
C THR D 319 -7.70 -37.85 14.46
N VAL D 320 -8.10 -38.65 15.44
CA VAL D 320 -7.16 -39.44 16.23
C VAL D 320 -7.59 -40.91 16.24
N THR D 321 -6.60 -41.81 16.15
CA THR D 321 -6.78 -43.24 16.40
C THR D 321 -5.79 -43.66 17.48
N SER D 322 -6.28 -44.36 18.51
CA SER D 322 -5.39 -44.75 19.60
C SER D 322 -4.56 -45.97 19.21
N ALA D 323 -3.34 -46.02 19.73
CA ALA D 323 -2.49 -47.20 19.62
C ALA D 323 -1.78 -47.43 20.94
N LYS D 324 -1.38 -48.67 21.19
CA LYS D 324 -0.65 -48.99 22.41
C LYS D 324 0.82 -48.63 22.24
N LEU D 325 1.48 -48.36 23.38
CA LEU D 325 2.90 -48.02 23.36
C LEU D 325 3.73 -49.11 22.69
N GLU D 326 3.37 -50.37 22.93
CA GLU D 326 4.12 -51.50 22.39
C GLU D 326 4.05 -51.60 20.87
N ASP D 327 3.06 -50.97 20.24
CA ASP D 327 2.86 -51.06 18.79
C ASP D 327 3.49 -49.91 18.02
N ILE D 328 4.41 -49.16 18.64
CA ILE D 328 4.91 -47.94 18.02
C ILE D 328 5.58 -48.23 16.67
N ASN D 329 6.24 -49.38 16.54
CA ASN D 329 6.89 -49.70 15.27
C ASN D 329 5.87 -49.89 14.16
N ASP D 330 4.73 -50.52 14.45
CA ASP D 330 3.66 -50.61 13.47
C ASP D 330 3.08 -49.24 13.15
N VAL D 331 3.09 -48.32 14.12
CA VAL D 331 2.64 -46.97 13.84
C VAL D 331 3.59 -46.28 12.87
N PHE D 332 4.90 -46.39 13.12
CA PHE D 332 5.88 -45.81 12.20
C PHE D 332 5.82 -46.46 10.82
N ASP D 333 5.50 -47.75 10.74
CA ASP D 333 5.37 -48.37 9.42
C ASP D 333 4.17 -47.81 8.65
N LYS D 334 3.02 -47.67 9.31
CA LYS D 334 1.86 -47.05 8.68
C LYS D 334 2.15 -45.60 8.29
N MET D 335 2.91 -44.89 9.12
CA MET D 335 3.24 -43.50 8.81
C MET D 335 4.15 -43.41 7.59
N LYS D 336 5.14 -44.30 7.49
CA LYS D 336 6.03 -44.31 6.34
C LYS D 336 5.24 -44.56 5.06
N LYS D 337 4.17 -45.35 5.14
CA LYS D 337 3.37 -45.74 3.99
C LYS D 337 2.19 -44.80 3.74
N GLY D 338 2.07 -43.70 4.49
CA GLY D 338 0.97 -42.78 4.29
C GLY D 338 -0.39 -43.37 4.63
N GLN D 339 -0.46 -44.30 5.58
CA GLN D 339 -1.69 -45.01 5.89
C GLN D 339 -2.39 -44.52 7.15
N ILE D 340 -1.99 -43.39 7.71
CA ILE D 340 -2.60 -42.85 8.93
C ILE D 340 -3.65 -41.82 8.57
N ASP D 341 -4.85 -41.97 9.12
CA ASP D 341 -5.95 -41.01 8.91
C ASP D 341 -5.83 -39.92 9.96
N GLY D 342 -5.10 -38.85 9.64
CA GLY D 342 -4.84 -37.81 10.61
C GLY D 342 -3.67 -38.12 11.51
N ARG D 343 -3.93 -38.37 12.79
CA ARG D 343 -2.91 -38.63 13.79
CA ARG D 343 -2.89 -38.65 13.77
C ARG D 343 -3.15 -39.98 14.47
N ILE D 344 -2.06 -40.64 14.86
CA ILE D 344 -2.11 -41.74 15.81
C ILE D 344 -1.67 -41.21 17.15
N VAL D 345 -2.43 -41.49 18.20
CA VAL D 345 -2.05 -41.09 19.55
C VAL D 345 -1.90 -42.34 20.41
N LEU D 346 -0.74 -42.46 21.05
CA LEU D 346 -0.49 -43.58 21.97
C LEU D 346 -1.33 -43.40 23.23
N ASP D 347 -2.14 -44.41 23.55
CA ASP D 347 -2.93 -44.43 24.78
C ASP D 347 -2.08 -45.08 25.86
N ILE D 348 -1.31 -44.26 26.57
CA ILE D 348 -0.31 -44.78 27.50
CA ILE D 348 -0.32 -44.81 27.48
C ILE D 348 -0.96 -45.23 28.81
N ALA D 349 -1.90 -44.44 29.33
CA ALA D 349 -2.55 -44.82 30.57
C ALA D 349 -3.58 -45.93 30.38
N GLY D 350 -3.97 -46.22 29.13
CA GLY D 350 -5.11 -47.09 28.88
C GLY D 350 -4.82 -48.57 28.87
N SER D 351 -3.56 -48.97 28.70
CA SER D 351 -3.20 -50.38 28.72
C SER D 351 -1.82 -50.61 29.34
N ILE E 10 -55.70 40.30 -7.30
CA ILE E 10 -55.67 41.64 -6.70
C ILE E 10 -56.63 42.58 -7.43
N PRO E 11 -57.49 43.24 -6.67
CA PRO E 11 -58.48 44.14 -7.28
C PRO E 11 -57.86 45.41 -7.83
N LYS E 12 -58.58 46.04 -8.77
CA LYS E 12 -58.12 47.30 -9.35
C LYS E 12 -58.31 48.48 -8.40
N THR E 13 -59.26 48.38 -7.48
CA THR E 13 -59.62 49.47 -6.58
C THR E 13 -59.67 48.94 -5.16
N MET E 14 -59.52 49.88 -4.21
CA MET E 14 -59.61 49.65 -2.77
C MET E 14 -60.28 50.85 -2.08
N LYS E 15 -60.80 50.55 -0.90
CA LYS E 15 -61.28 51.57 0.02
C LYS E 15 -60.12 51.96 0.93
N ALA E 16 -60.02 53.25 1.24
CA ALA E 16 -58.97 53.77 2.10
C ALA E 16 -59.48 55.02 2.79
N ALA E 17 -59.05 55.20 4.02
CA ALA E 17 -59.36 56.42 4.77
C ALA E 17 -58.38 57.50 4.36
N VAL E 18 -58.89 58.59 3.79
CA VAL E 18 -58.07 59.63 3.20
C VAL E 18 -58.37 60.96 3.88
N VAL E 19 -57.30 61.69 4.23
CA VAL E 19 -57.38 63.07 4.71
C VAL E 19 -56.95 63.99 3.59
N GLN E 20 -57.72 65.07 3.38
CA GLN E 20 -57.39 66.05 2.37
C GLN E 20 -56.69 67.28 2.94
N GLY E 21 -57.08 67.71 4.13
CA GLY E 21 -56.49 68.89 4.75
C GLY E 21 -56.44 68.75 6.26
N TYR E 22 -55.61 69.57 6.88
CA TYR E 22 -55.39 69.49 8.31
C TYR E 22 -56.68 69.76 9.08
N GLY E 23 -56.94 68.94 10.09
CA GLY E 23 -58.14 69.08 10.87
C GLY E 23 -59.41 68.62 10.19
N GLU E 24 -59.31 68.19 8.91
CA GLU E 24 -60.51 67.79 8.20
C GLU E 24 -60.93 66.37 8.62
N PRO E 25 -62.22 66.08 8.59
CA PRO E 25 -62.64 64.70 8.82
C PRO E 25 -62.10 63.80 7.71
N LEU E 26 -61.72 62.59 8.08
CA LEU E 26 -61.33 61.63 7.06
C LEU E 26 -62.56 61.08 6.37
N LYS E 27 -62.41 60.75 5.09
CA LYS E 27 -63.49 60.16 4.32
C LYS E 27 -63.00 58.89 3.66
N ILE E 28 -63.86 57.88 3.62
CA ILE E 28 -63.55 56.63 2.93
C ILE E 28 -63.72 56.85 1.44
N GLN E 29 -62.66 56.63 0.69
CA GLN E 29 -62.65 56.91 -0.73
C GLN E 29 -62.27 55.66 -1.52
N GLU E 30 -62.61 55.67 -2.81
CA GLU E 30 -62.21 54.62 -3.71
C GLU E 30 -60.86 55.00 -4.32
N VAL E 31 -59.84 54.20 -4.05
CA VAL E 31 -58.46 54.54 -4.38
C VAL E 31 -57.94 53.50 -5.36
N PRO E 32 -57.13 53.87 -6.35
CA PRO E 32 -56.55 52.84 -7.22
C PRO E 32 -55.50 52.05 -6.46
N VAL E 33 -55.40 50.76 -6.79
CA VAL E 33 -54.38 49.89 -6.23
C VAL E 33 -53.16 49.90 -7.13
N ARG E 34 -51.97 50.14 -6.56
CA ARG E 34 -50.74 50.32 -7.31
C ARG E 34 -49.99 49.00 -7.48
N GLU E 35 -49.19 48.89 -8.57
CA GLU E 35 -48.63 47.55 -8.59
C GLU E 35 -47.30 47.69 -7.84
N PRO E 36 -46.66 46.77 -7.13
CA PRO E 36 -45.36 47.12 -6.53
C PRO E 36 -44.22 47.25 -7.55
N GLY E 37 -43.40 48.28 -7.36
CA GLY E 37 -42.18 48.46 -8.16
C GLY E 37 -40.97 47.81 -7.52
N ARG E 38 -39.79 48.26 -7.97
CA ARG E 38 -38.52 47.70 -7.48
C ARG E 38 -38.39 47.82 -5.95
N TYR E 39 -38.03 46.70 -5.31
CA TYR E 39 -37.88 46.56 -3.86
C TYR E 39 -39.22 46.57 -3.13
N GLU E 40 -40.30 46.89 -3.83
CA GLU E 40 -41.60 47.06 -3.18
C GLU E 40 -42.39 45.76 -3.19
N VAL E 41 -43.31 45.65 -2.23
CA VAL E 41 -44.33 44.60 -2.22
C VAL E 41 -45.68 45.24 -1.96
N LEU E 42 -46.72 44.58 -2.44
CA LEU E 42 -48.09 44.95 -2.13
C LEU E 42 -48.57 44.07 -1.00
N VAL E 43 -49.02 44.69 0.09
CA VAL E 43 -49.48 43.99 1.28
C VAL E 43 -51.00 44.16 1.37
N LYS E 44 -51.71 43.05 1.51
CA LYS E 44 -53.12 43.12 1.86
C LYS E 44 -53.27 43.28 3.37
N VAL E 45 -53.83 44.41 3.79
CA VAL E 45 -53.81 44.77 5.21
C VAL E 45 -54.89 43.99 5.94
N MET E 46 -54.47 43.21 6.94
CA MET E 46 -55.44 42.55 7.81
C MET E 46 -55.90 43.51 8.91
N ALA E 47 -54.97 44.25 9.50
CA ALA E 47 -55.29 45.14 10.60
C ALA E 47 -54.33 46.31 10.55
N CYS E 48 -54.72 47.41 11.19
CA CYS E 48 -53.78 48.51 11.32
C CYS E 48 -54.09 49.27 12.60
N GLY E 49 -53.10 49.36 13.49
CA GLY E 49 -53.28 50.10 14.71
C GLY E 49 -53.36 51.59 14.43
N VAL E 50 -54.09 52.30 15.28
CA VAL E 50 -54.22 53.75 15.18
C VAL E 50 -53.27 54.36 16.22
N CYS E 51 -52.28 55.08 15.75
CA CYS E 51 -51.29 55.70 16.62
C CYS E 51 -51.62 57.18 16.76
N HIS E 52 -51.28 57.74 17.93
CA HIS E 52 -51.59 59.16 18.14
C HIS E 52 -50.86 60.02 17.13
N THR E 53 -49.73 59.51 16.60
CA THR E 53 -49.01 60.16 15.51
C THR E 53 -49.91 60.35 14.29
N ASP E 54 -50.76 59.35 13.98
CA ASP E 54 -51.72 59.52 12.89
C ASP E 54 -52.58 60.76 13.12
N LEU E 55 -52.95 61.02 14.37
CA LEU E 55 -53.74 62.21 14.68
C LEU E 55 -52.90 63.48 14.56
N HIS E 56 -51.64 63.44 15.01
CA HIS E 56 -50.74 64.55 14.77
C HIS E 56 -50.59 64.82 13.28
N ALA E 57 -50.63 63.77 12.46
CA ALA E 57 -50.56 63.94 11.01
C ALA E 57 -51.83 64.59 10.47
N VAL E 58 -53.00 64.16 10.94
CA VAL E 58 -54.26 64.71 10.44
C VAL E 58 -54.45 66.14 10.92
N ASP E 59 -54.02 66.45 12.15
CA ASP E 59 -54.17 67.80 12.70
C ASP E 59 -53.02 68.72 12.32
N GLY E 60 -51.97 68.20 11.69
CA GLY E 60 -50.81 69.01 11.34
C GLY E 60 -50.10 69.60 12.54
N ASP E 61 -50.01 68.85 13.65
CA ASP E 61 -49.44 69.37 14.87
C ASP E 61 -47.95 69.64 14.75
N TRP E 62 -47.24 68.98 13.74
CA TRP E 62 -45.78 68.99 13.71
C TRP E 62 -45.25 70.00 12.69
N PRO E 63 -44.07 70.55 12.96
CA PRO E 63 -43.45 71.47 11.98
C PRO E 63 -43.01 70.77 10.72
N ALA E 64 -42.58 69.53 10.81
CA ALA E 64 -42.33 68.73 9.62
C ALA E 64 -43.67 68.17 9.14
N LYS E 65 -44.21 68.74 7.99
CA LYS E 65 -45.58 68.43 7.63
C LYS E 65 -45.66 67.15 6.78
N PRO E 66 -46.77 66.42 6.89
CA PRO E 66 -46.98 65.24 6.05
C PRO E 66 -47.42 65.62 4.65
N LYS E 67 -47.45 64.61 3.78
CA LYS E 67 -47.98 64.82 2.44
C LYS E 67 -49.50 64.85 2.46
N MET E 68 -50.07 65.63 1.53
CA MET E 68 -51.52 65.77 1.37
C MET E 68 -51.86 65.55 -0.09
N PRO E 69 -52.90 64.77 -0.42
CA PRO E 69 -53.78 64.00 0.48
C PRO E 69 -53.04 62.80 1.09
N LEU E 70 -53.64 62.13 2.07
CA LEU E 70 -52.89 61.14 2.82
C LEU E 70 -53.78 59.99 3.26
N ILE E 71 -53.28 58.77 3.10
CA ILE E 71 -53.77 57.58 3.79
C ILE E 71 -52.85 57.37 4.99
N PRO E 72 -53.29 57.63 6.23
CA PRO E 72 -52.40 57.43 7.38
C PRO E 72 -52.20 55.97 7.72
N GLY E 73 -51.49 55.70 8.82
CA GLY E 73 -51.37 54.34 9.30
C GLY E 73 -50.00 53.74 9.10
N HIS E 74 -49.29 53.48 10.21
CA HIS E 74 -47.98 52.86 10.17
C HIS E 74 -47.88 51.78 11.24
N GLU E 75 -49.02 51.20 11.59
CA GLU E 75 -49.10 49.98 12.37
C GLU E 75 -49.86 48.93 11.56
N GLY E 76 -49.66 48.95 10.25
CA GLY E 76 -50.38 48.07 9.35
C GLY E 76 -49.71 46.73 9.25
N VAL E 77 -50.50 45.67 9.37
CA VAL E 77 -50.01 44.30 9.29
C VAL E 77 -50.90 43.53 8.32
N GLY E 78 -50.29 42.63 7.57
CA GLY E 78 -51.05 41.86 6.61
C GLY E 78 -50.17 40.88 5.88
N ILE E 79 -50.64 40.46 4.71
CA ILE E 79 -50.02 39.39 3.93
C ILE E 79 -49.55 39.95 2.60
N VAL E 80 -48.32 39.63 2.21
CA VAL E 80 -47.78 40.04 0.93
C VAL E 80 -48.54 39.31 -0.18
N VAL E 81 -49.11 40.07 -1.12
CA VAL E 81 -49.86 39.48 -2.22
C VAL E 81 -49.24 39.74 -3.59
N ALA E 82 -48.27 40.64 -3.69
CA ALA E 82 -47.61 40.87 -4.97
C ALA E 82 -46.22 41.44 -4.67
N CYS E 83 -45.27 41.10 -5.54
CA CYS E 83 -43.88 41.49 -5.36
C CYS E 83 -43.38 42.23 -6.58
N GLY E 84 -42.71 43.36 -6.34
CA GLY E 84 -41.94 43.97 -7.39
C GLY E 84 -40.61 43.27 -7.55
N PRO E 85 -39.85 43.69 -8.55
CA PRO E 85 -38.50 43.13 -8.72
C PRO E 85 -37.65 43.42 -7.50
N ASP E 86 -36.80 42.45 -7.14
CA ASP E 86 -35.86 42.58 -6.03
C ASP E 86 -36.55 42.72 -4.68
N ALA E 87 -37.75 42.14 -4.53
CA ALA E 87 -38.38 42.13 -3.23
C ALA E 87 -37.62 41.21 -2.27
N MET E 88 -37.58 41.59 -1.00
CA MET E 88 -36.86 40.83 0.02
C MET E 88 -37.79 39.99 0.87
N VAL E 89 -39.09 40.00 0.57
CA VAL E 89 -40.07 39.10 1.18
C VAL E 89 -40.89 38.48 0.07
N LYS E 90 -41.47 37.31 0.35
CA LYS E 90 -42.16 36.50 -0.64
C LYS E 90 -43.67 36.55 -0.44
N GLU E 91 -44.39 36.17 -1.48
CA GLU E 91 -45.84 36.09 -1.41
C GLU E 91 -46.28 35.14 -0.31
N GLY E 92 -47.29 35.56 0.44
CA GLY E 92 -47.77 34.80 1.58
C GLY E 92 -47.12 35.14 2.90
N ASP E 93 -46.01 35.88 2.89
CA ASP E 93 -45.36 36.28 4.13
C ASP E 93 -46.25 37.24 4.91
N ALA E 94 -46.29 37.07 6.23
CA ALA E 94 -46.96 38.01 7.12
C ALA E 94 -45.95 39.09 7.50
N VAL E 95 -46.31 40.36 7.25
CA VAL E 95 -45.40 41.48 7.42
C VAL E 95 -46.13 42.66 8.04
N GLY E 96 -45.33 43.59 8.57
CA GLY E 96 -45.86 44.86 9.06
C GLY E 96 -45.12 46.01 8.42
N VAL E 97 -45.82 47.12 8.26
CA VAL E 97 -45.30 48.31 7.59
C VAL E 97 -45.25 49.45 8.60
N PRO E 98 -44.05 49.76 9.15
CA PRO E 98 -43.96 50.69 10.28
C PRO E 98 -43.63 52.13 9.92
N TRP E 99 -43.39 52.94 10.95
CA TRP E 99 -43.05 54.34 10.77
C TRP E 99 -41.80 54.49 9.92
N LEU E 100 -40.74 53.75 10.26
CA LEU E 100 -39.52 53.74 9.46
C LEU E 100 -39.79 52.91 8.21
N TYR E 101 -40.44 53.55 7.23
CA TYR E 101 -40.88 52.84 6.05
C TYR E 101 -39.71 52.47 5.14
N SER E 102 -38.69 53.32 5.06
CA SER E 102 -37.51 53.07 4.26
C SER E 102 -36.41 54.01 4.76
N ALA E 103 -35.16 53.61 4.54
CA ALA E 103 -34.00 54.44 4.86
C ALA E 103 -32.96 54.25 3.76
N CYS E 104 -31.97 55.15 3.74
CA CYS E 104 -31.02 55.14 2.63
C CYS E 104 -30.08 53.93 2.71
N GLY E 105 -29.65 53.50 3.90
CA GLY E 105 -28.73 52.39 4.04
C GLY E 105 -27.25 52.68 3.84
N CYS E 106 -26.90 53.93 3.55
CA CYS E 106 -25.51 54.25 3.26
C CYS E 106 -25.04 55.54 3.93
N CYS E 107 -25.84 56.21 4.75
CA CYS E 107 -25.38 57.43 5.41
C CYS E 107 -24.69 57.09 6.73
N ASP E 108 -24.11 58.12 7.36
CA ASP E 108 -23.54 58.00 8.71
C ASP E 108 -24.46 57.26 9.68
N TYR E 109 -25.75 57.60 9.70
CA TYR E 109 -26.62 57.04 10.72
C TYR E 109 -27.01 55.60 10.40
N CYS E 110 -27.29 55.30 9.14
CA CYS E 110 -27.63 53.94 8.76
C CYS E 110 -26.46 52.99 9.01
N ILE E 111 -25.24 53.44 8.71
CA ILE E 111 -24.09 52.55 8.79
C ILE E 111 -23.72 52.25 10.25
N THR E 112 -24.03 53.16 11.17
CA THR E 112 -23.60 53.02 12.56
C THR E 112 -24.68 52.43 13.45
N GLY E 113 -25.75 51.87 12.89
CA GLY E 113 -26.80 51.29 13.68
C GLY E 113 -27.91 52.26 14.08
N TRP E 114 -27.98 53.43 13.46
CA TRP E 114 -28.98 54.42 13.83
C TRP E 114 -29.87 54.81 12.65
N GLU E 115 -30.36 53.81 11.91
CA GLU E 115 -31.15 54.10 10.71
C GLU E 115 -32.45 54.87 11.02
N THR E 116 -32.91 54.86 12.27
CA THR E 116 -34.03 55.73 12.67
C THR E 116 -33.71 57.22 12.49
N LEU E 117 -32.44 57.57 12.38
CA LEU E 117 -32.03 58.96 12.23
C LEU E 117 -31.73 59.32 10.77
N CYS E 118 -31.96 58.39 9.84
CA CYS E 118 -31.62 58.62 8.44
C CYS E 118 -32.32 59.87 7.92
N GLU E 119 -31.55 60.83 7.41
CA GLU E 119 -32.18 62.04 6.91
C GLU E 119 -32.94 61.82 5.60
N ALA E 120 -32.74 60.68 4.93
CA ALA E 120 -33.47 60.37 3.72
C ALA E 120 -34.60 59.37 3.94
N GLN E 121 -34.99 59.13 5.20
CA GLN E 121 -36.00 58.12 5.46
C GLN E 121 -37.37 58.56 4.92
N GLN E 122 -38.21 57.57 4.64
CA GLN E 122 -39.62 57.79 4.34
C GLN E 122 -40.44 57.20 5.48
N ASN E 123 -41.58 57.82 5.78
CA ASN E 123 -42.36 57.47 6.96
C ASN E 123 -43.74 56.99 6.55
N GLY E 124 -44.07 55.76 6.95
CA GLY E 124 -45.34 55.17 6.52
C GLY E 124 -46.51 55.93 7.11
N GLY E 125 -47.55 56.11 6.29
CA GLY E 125 -48.70 56.86 6.70
C GLY E 125 -48.41 58.31 6.99
N TYR E 126 -47.32 58.85 6.42
CA TYR E 126 -46.95 60.23 6.64
C TYR E 126 -46.37 60.84 5.36
N SER E 127 -45.19 60.37 4.94
CA SER E 127 -44.62 60.79 3.66
C SER E 127 -45.02 59.88 2.51
N VAL E 128 -45.48 58.67 2.81
CA VAL E 128 -46.08 57.75 1.84
C VAL E 128 -47.37 57.23 2.46
N ASP E 129 -48.27 56.76 1.60
CA ASP E 129 -49.54 56.24 2.07
C ASP E 129 -49.32 55.03 2.97
N GLY E 130 -50.19 54.89 3.97
CA GLY E 130 -50.01 53.88 4.99
C GLY E 130 -51.10 52.83 5.08
N GLY E 131 -51.31 52.30 6.28
CA GLY E 131 -52.13 51.13 6.50
C GLY E 131 -53.62 51.35 6.73
N PHE E 132 -54.12 52.58 6.73
CA PHE E 132 -55.56 52.81 6.83
C PHE E 132 -56.24 52.47 5.50
N ALA E 133 -56.02 51.26 5.01
CA ALA E 133 -56.47 50.93 3.67
C ALA E 133 -56.48 49.42 3.52
N GLU E 134 -57.15 48.95 2.46
CA GLU E 134 -57.22 47.51 2.24
C GLU E 134 -55.91 46.95 1.73
N TYR E 135 -55.10 47.78 1.06
CA TYR E 135 -53.79 47.38 0.56
C TYR E 135 -52.84 48.54 0.77
N VAL E 136 -51.56 48.23 0.92
CA VAL E 136 -50.52 49.25 1.09
C VAL E 136 -49.27 48.79 0.36
N ILE E 137 -48.65 49.69 -0.39
CA ILE E 137 -47.32 49.44 -0.93
C ILE E 137 -46.29 49.68 0.17
N ALA E 138 -45.36 48.75 0.33
CA ALA E 138 -44.32 48.86 1.34
C ALA E 138 -42.97 48.59 0.72
N ASP E 139 -41.92 49.16 1.33
CA ASP E 139 -40.55 48.80 0.98
C ASP E 139 -40.21 47.50 1.69
N SER E 140 -40.00 46.43 0.92
CA SER E 140 -39.82 45.10 1.48
C SER E 140 -38.59 45.01 2.37
N ARG E 141 -37.65 45.94 2.27
CA ARG E 141 -36.41 45.82 3.02
C ARG E 141 -36.56 46.27 4.46
N TYR E 142 -37.64 46.98 4.79
CA TYR E 142 -37.77 47.58 6.10
C TYR E 142 -39.03 47.13 6.81
N VAL E 143 -39.79 46.19 6.24
CA VAL E 143 -40.99 45.71 6.90
C VAL E 143 -40.60 44.88 8.12
N GLY E 144 -41.49 44.85 9.11
CA GLY E 144 -41.37 43.87 10.18
C GLY E 144 -41.80 42.50 9.72
N HIS E 145 -41.09 41.49 10.20
CA HIS E 145 -41.36 40.09 9.83
C HIS E 145 -42.18 39.44 10.93
N LEU E 146 -43.37 38.99 10.58
CA LEU E 146 -44.30 38.38 11.53
C LEU E 146 -44.38 36.88 11.25
N LYS E 147 -44.69 36.09 12.28
CA LYS E 147 -44.92 34.66 12.09
C LYS E 147 -46.19 34.44 11.27
N SER E 148 -46.18 33.34 10.47
CA SER E 148 -47.24 33.05 9.44
C SER E 148 -48.61 32.94 10.11
N ASN E 149 -48.50 32.64 11.39
CA ASN E 149 -49.25 32.12 12.47
C ASN E 149 -49.70 33.18 13.49
N VAL E 150 -49.42 34.45 13.18
CA VAL E 150 -49.66 35.63 14.03
C VAL E 150 -51.14 36.04 14.11
N ASN E 151 -51.54 36.58 15.28
CA ASN E 151 -52.82 37.27 15.44
C ASN E 151 -52.67 38.72 15.02
N PHE E 152 -53.23 39.09 13.85
CA PHE E 152 -52.94 40.37 13.24
C PHE E 152 -53.45 41.54 14.10
N LEU E 153 -54.66 41.42 14.63
CA LEU E 153 -55.22 42.52 15.40
C LEU E 153 -54.40 42.79 16.66
N GLU E 154 -53.89 41.73 17.29
CA GLU E 154 -53.16 41.89 18.53
C GLU E 154 -51.70 42.25 18.30
N ILE E 155 -51.12 41.87 17.17
CA ILE E 155 -49.71 42.20 16.97
C ILE E 155 -49.51 43.62 16.46
N ALA E 156 -50.52 44.22 15.85
CA ALA E 156 -50.36 45.50 15.15
C ALA E 156 -49.68 46.57 16.00
N PRO E 157 -50.04 46.79 17.27
CA PRO E 157 -49.38 47.86 18.02
C PRO E 157 -47.88 47.65 18.23
N ILE E 158 -47.36 46.42 18.11
CA ILE E 158 -45.92 46.25 18.25
C ILE E 158 -45.17 46.97 17.14
N LEU E 159 -45.82 47.19 15.99
CA LEU E 159 -45.15 47.81 14.85
C LEU E 159 -44.83 49.28 15.09
N CYS E 160 -45.46 49.93 16.07
CA CYS E 160 -44.97 51.27 16.42
C CYS E 160 -44.95 51.47 17.93
N ALA E 161 -46.11 51.32 18.60
CA ALA E 161 -46.14 51.48 20.05
C ALA E 161 -45.10 50.59 20.73
N GLY E 162 -45.06 49.31 20.35
CA GLY E 162 -44.17 48.36 20.98
C GLY E 162 -42.69 48.63 20.76
N VAL E 163 -42.28 48.68 19.50
CA VAL E 163 -40.86 48.91 19.18
C VAL E 163 -40.40 50.25 19.76
N THR E 164 -41.28 51.25 19.76
CA THR E 164 -40.91 52.58 20.24
C THR E 164 -40.57 52.55 21.73
N VAL E 165 -41.48 52.03 22.57
CA VAL E 165 -41.21 52.08 23.99
C VAL E 165 -40.11 51.09 24.35
N TYR E 166 -39.98 50.01 23.58
CA TYR E 166 -38.89 49.07 23.83
C TYR E 166 -37.55 49.74 23.62
N LYS E 167 -37.37 50.40 22.48
CA LYS E 167 -36.14 51.18 22.25
C LYS E 167 -36.02 52.31 23.26
N GLY E 168 -37.13 52.99 23.57
CA GLY E 168 -37.07 54.04 24.58
C GLY E 168 -36.57 53.53 25.92
N LEU E 169 -37.03 52.36 26.33
CA LEU E 169 -36.59 51.78 27.59
C LEU E 169 -35.11 51.46 27.54
N LYS E 170 -34.61 50.94 26.42
CA LYS E 170 -33.17 50.75 26.27
C LYS E 170 -32.44 52.09 26.40
N GLU E 171 -33.01 53.14 25.81
CA GLU E 171 -32.34 54.45 25.85
C GLU E 171 -32.27 55.02 27.27
N THR E 172 -33.19 54.62 28.17
CA THR E 172 -33.08 55.06 29.56
C THR E 172 -31.92 54.41 30.28
N GLU E 173 -31.41 53.30 29.76
CA GLU E 173 -30.32 52.52 30.35
C GLU E 173 -30.67 51.96 31.72
N THR E 174 -31.96 51.90 32.06
CA THR E 174 -32.37 51.29 33.32
C THR E 174 -32.06 49.80 33.31
N LYS E 175 -31.40 49.32 34.35
CA LYS E 175 -30.91 47.95 34.44
C LYS E 175 -31.93 47.08 35.19
N PRO E 176 -31.85 45.76 35.03
CA PRO E 176 -32.67 44.86 35.86
C PRO E 176 -32.48 45.16 37.34
N GLY E 177 -33.59 45.22 38.07
CA GLY E 177 -33.55 45.53 39.48
C GLY E 177 -33.65 47.02 39.81
N GLU E 178 -33.59 47.89 38.81
CA GLU E 178 -33.74 49.33 38.98
C GLU E 178 -35.17 49.75 38.69
N TRP E 179 -35.49 51.00 39.06
CA TRP E 179 -36.83 51.57 38.94
C TRP E 179 -36.96 52.43 37.69
N VAL E 180 -38.02 52.20 36.92
CA VAL E 180 -38.39 53.09 35.83
C VAL E 180 -39.81 53.60 36.07
N ALA E 181 -40.05 54.87 35.73
CA ALA E 181 -41.40 55.41 35.67
C ALA E 181 -41.87 55.46 34.22
N ILE E 182 -43.08 54.94 33.97
CA ILE E 182 -43.76 55.11 32.70
C ILE E 182 -44.79 56.22 32.89
N SER E 183 -44.65 57.29 32.12
CA SER E 183 -45.53 58.45 32.24
C SER E 183 -46.47 58.45 31.05
N GLY E 184 -47.76 58.24 31.31
CA GLY E 184 -48.75 58.10 30.27
C GLY E 184 -48.99 56.62 29.95
N ILE E 185 -50.06 56.04 30.48
CA ILE E 185 -50.33 54.63 30.24
C ILE E 185 -51.35 54.53 29.11
N GLY E 186 -51.00 55.02 27.94
CA GLY E 186 -51.87 54.98 26.76
C GLY E 186 -51.48 53.88 25.79
N GLY E 187 -51.63 54.15 24.49
CA GLY E 187 -51.20 53.19 23.48
C GLY E 187 -49.77 52.75 23.67
N LEU E 188 -48.83 53.71 23.77
CA LEU E 188 -47.44 53.38 24.02
C LEU E 188 -47.23 52.88 25.45
N GLY E 189 -47.76 53.61 26.43
CA GLY E 189 -47.41 53.33 27.82
C GLY E 189 -47.86 51.96 28.31
N HIS E 190 -49.03 51.49 27.87
CA HIS E 190 -49.50 50.24 28.42
C HIS E 190 -48.66 49.04 27.98
N VAL E 191 -47.98 49.11 26.83
CA VAL E 191 -46.99 48.07 26.52
C VAL E 191 -45.61 48.42 27.08
N ALA E 192 -45.31 49.69 27.32
CA ALA E 192 -44.06 50.04 27.97
C ALA E 192 -43.96 49.39 29.36
N VAL E 193 -45.06 49.40 30.11
CA VAL E 193 -45.10 48.71 31.39
C VAL E 193 -44.61 47.27 31.25
N GLN E 194 -45.09 46.58 30.21
CA GLN E 194 -44.79 45.16 30.06
C GLN E 194 -43.35 44.94 29.60
N TYR E 195 -42.89 45.74 28.63
CA TYR E 195 -41.49 45.65 28.23
C TYR E 195 -40.57 45.89 29.43
N ALA E 196 -40.90 46.90 30.24
CA ALA E 196 -40.06 47.21 31.39
C ALA E 196 -39.97 46.02 32.35
N LYS E 197 -41.12 45.40 32.66
CA LYS E 197 -41.11 44.23 33.55
CA LYS E 197 -41.10 44.23 33.55
C LYS E 197 -40.31 43.08 32.93
N ALA E 198 -40.48 42.84 31.63
CA ALA E 198 -39.73 41.78 30.97
C ALA E 198 -38.24 42.07 30.94
N MET E 199 -37.86 43.32 31.09
CA MET E 199 -36.46 43.71 31.16
C MET E 199 -35.95 43.78 32.59
N GLY E 200 -36.69 43.22 33.56
CA GLY E 200 -36.24 43.14 34.94
C GLY E 200 -36.39 44.41 35.76
N MET E 201 -37.04 45.43 35.22
CA MET E 201 -37.20 46.68 35.95
C MET E 201 -38.38 46.62 36.92
N HIS E 202 -38.28 47.38 38.01
CA HIS E 202 -39.47 47.74 38.78
C HIS E 202 -40.14 48.92 38.10
N VAL E 203 -41.48 48.95 38.10
CA VAL E 203 -42.22 49.89 37.26
C VAL E 203 -43.15 50.73 38.12
N ALA E 204 -43.01 52.06 38.03
CA ALA E 204 -44.00 52.98 38.55
C ALA E 204 -44.75 53.59 37.36
N ALA E 205 -46.07 53.59 37.43
CA ALA E 205 -46.90 54.11 36.35
C ALA E 205 -47.53 55.43 36.77
N ILE E 206 -47.51 56.40 35.85
CA ILE E 206 -48.05 57.75 36.07
C ILE E 206 -49.07 58.02 34.98
N ASP E 207 -50.26 58.49 35.38
CA ASP E 207 -51.23 59.00 34.43
C ASP E 207 -52.13 59.99 35.18
N VAL E 208 -53.23 60.40 34.56
CA VAL E 208 -54.08 61.43 35.14
C VAL E 208 -55.50 60.95 35.37
N ALA E 209 -55.72 59.63 35.30
CA ALA E 209 -57.01 59.02 35.56
C ALA E 209 -56.76 57.66 36.20
N ASP E 210 -57.60 57.33 37.17
CA ASP E 210 -57.40 56.10 37.94
C ASP E 210 -57.54 54.86 37.10
N ASP E 211 -58.41 54.87 36.09
CA ASP E 211 -58.58 53.67 35.28
C ASP E 211 -57.34 53.36 34.46
N LYS E 212 -56.60 54.39 34.01
CA LYS E 212 -55.34 54.13 33.31
C LYS E 212 -54.32 53.50 34.25
N LEU E 213 -54.34 53.91 35.52
CA LEU E 213 -53.43 53.30 36.47
C LEU E 213 -53.84 51.87 36.83
N GLU E 214 -55.15 51.58 36.82
CA GLU E 214 -55.59 50.20 37.02
C GLU E 214 -55.15 49.31 35.87
N LEU E 215 -55.19 49.83 34.64
CA LEU E 215 -54.64 49.10 33.50
C LEU E 215 -53.15 48.83 33.70
N ALA E 216 -52.40 49.82 34.18
CA ALA E 216 -50.98 49.60 34.42
C ALA E 216 -50.75 48.52 35.48
N LYS E 217 -51.52 48.58 36.57
CA LYS E 217 -51.38 47.58 37.62
C LYS E 217 -51.68 46.18 37.08
N LYS E 218 -52.75 46.07 36.30
CA LYS E 218 -53.11 44.81 35.65
C LYS E 218 -51.96 44.27 34.81
N LEU E 219 -51.23 45.16 34.12
CA LEU E 219 -50.17 44.75 33.22
C LEU E 219 -48.81 44.66 33.90
N GLY E 220 -48.74 44.81 35.22
CA GLY E 220 -47.53 44.53 35.97
C GLY E 220 -46.92 45.70 36.71
N ALA E 221 -47.53 46.90 36.74
CA ALA E 221 -46.91 48.02 37.44
C ALA E 221 -46.81 47.71 38.94
N ASP E 222 -45.69 48.10 39.54
CA ASP E 222 -45.50 47.92 40.98
C ASP E 222 -46.00 49.11 41.80
N LEU E 223 -45.97 50.31 41.22
CA LEU E 223 -46.49 51.51 41.86
C LEU E 223 -47.33 52.27 40.82
N THR E 224 -48.32 53.02 41.31
CA THR E 224 -49.11 53.89 40.45
C THR E 224 -49.26 55.25 41.12
N VAL E 225 -49.40 56.29 40.30
CA VAL E 225 -49.59 57.62 40.86
C VAL E 225 -50.40 58.45 39.88
N ASN E 226 -51.42 59.11 40.39
CA ASN E 226 -52.28 59.99 39.60
C ASN E 226 -51.73 61.41 39.72
N ALA E 227 -51.15 61.91 38.62
CA ALA E 227 -50.51 63.23 38.60
C ALA E 227 -51.51 64.37 38.79
N LYS E 228 -52.79 64.12 38.54
CA LYS E 228 -53.80 65.15 38.78
C LYS E 228 -54.04 65.35 40.28
N THR E 229 -53.98 64.26 41.05
CA THR E 229 -54.24 64.30 42.49
C THR E 229 -52.97 64.36 43.34
N THR E 230 -51.82 63.98 42.80
CA THR E 230 -50.61 63.78 43.58
C THR E 230 -49.41 64.22 42.78
N ASP E 231 -48.47 64.90 43.42
CA ASP E 231 -47.21 65.23 42.77
C ASP E 231 -46.39 63.95 42.56
N PRO E 232 -46.09 63.57 41.31
CA PRO E 232 -45.35 62.31 41.11
C PRO E 232 -43.97 62.31 41.76
N GLY E 233 -43.21 63.39 41.61
CA GLY E 233 -41.87 63.42 42.19
C GLY E 233 -41.88 63.21 43.69
N THR E 234 -42.75 63.94 44.39
CA THR E 234 -42.83 63.82 45.83
C THR E 234 -43.17 62.39 46.24
N TYR E 235 -44.17 61.80 45.58
CA TYR E 235 -44.61 60.46 45.96
C TYR E 235 -43.51 59.42 45.69
N LEU E 236 -42.90 59.44 44.51
CA LEU E 236 -41.95 58.38 44.16
C LEU E 236 -40.64 58.52 44.92
N HIS E 237 -40.24 59.74 45.28
CA HIS E 237 -39.07 59.87 46.15
C HIS E 237 -39.36 59.36 47.55
N LYS E 238 -40.55 59.65 48.09
CA LYS E 238 -40.90 59.13 49.42
C LYS E 238 -40.96 57.61 49.41
N GLU E 239 -41.58 57.03 48.37
CA GLU E 239 -41.82 55.59 48.35
C GLU E 239 -40.52 54.80 48.23
N VAL E 240 -39.72 55.08 47.21
CA VAL E 240 -38.58 54.22 46.91
C VAL E 240 -37.33 55.03 46.62
N GLY E 241 -37.38 56.33 46.85
CA GLY E 241 -36.21 57.17 46.64
C GLY E 241 -35.97 57.60 45.22
N GLY E 242 -36.98 57.57 44.36
CA GLY E 242 -36.84 58.10 43.03
C GLY E 242 -36.45 57.06 42.00
N MET E 243 -36.64 57.44 40.73
CA MET E 243 -36.48 56.51 39.64
C MET E 243 -35.07 56.56 39.05
N HIS E 244 -34.54 55.38 38.70
CA HIS E 244 -33.32 55.33 37.88
C HIS E 244 -33.58 55.79 36.46
N GLY E 245 -34.80 55.58 35.96
CA GLY E 245 -35.12 55.96 34.60
C GLY E 245 -36.58 56.38 34.50
N ALA E 246 -36.89 57.04 33.38
CA ALA E 246 -38.28 57.36 33.09
C ALA E 246 -38.49 57.42 31.59
N LEU E 247 -39.68 57.03 31.16
CA LEU E 247 -40.09 57.09 29.76
C LEU E 247 -41.37 57.90 29.69
N ILE E 248 -41.32 59.03 28.97
CA ILE E 248 -42.46 59.95 28.89
C ILE E 248 -43.19 59.67 27.58
N THR E 249 -44.40 59.15 27.66
CA THR E 249 -45.22 58.98 26.47
C THR E 249 -46.40 59.94 26.42
N ALA E 250 -46.54 60.83 27.38
CA ALA E 250 -47.75 61.63 27.43
C ALA E 250 -47.69 62.76 26.40
N VAL E 251 -48.88 63.28 26.07
CA VAL E 251 -48.98 64.29 25.03
C VAL E 251 -49.21 65.60 25.78
N SER E 252 -48.52 65.76 26.91
CA SER E 252 -48.69 66.98 27.68
C SER E 252 -47.33 67.39 28.24
N PRO E 253 -46.91 68.62 27.96
CA PRO E 253 -45.57 69.06 28.40
C PRO E 253 -45.37 68.99 29.91
N ILE E 254 -46.41 69.21 30.72
CA ILE E 254 -46.23 69.15 32.17
C ILE E 254 -45.75 67.76 32.60
N ALA E 255 -46.13 66.71 31.85
CA ALA E 255 -45.65 65.36 32.17
C ALA E 255 -44.15 65.25 31.99
N PHE E 256 -43.59 66.01 31.06
CA PHE E 256 -42.13 66.02 30.87
C PHE E 256 -41.46 66.67 32.07
N LYS E 257 -41.97 67.83 32.51
CA LYS E 257 -41.47 68.50 33.71
C LYS E 257 -41.63 67.62 34.95
N GLN E 258 -42.80 67.03 35.13
CA GLN E 258 -43.00 66.13 36.26
C GLN E 258 -42.09 64.89 36.14
N GLY E 259 -41.80 64.47 34.91
CA GLY E 259 -40.86 63.36 34.72
C GLY E 259 -39.47 63.66 35.28
N ILE E 260 -38.99 64.89 35.11
CA ILE E 260 -37.70 65.26 35.70
C ILE E 260 -37.72 65.06 37.21
N ASP E 261 -38.80 65.50 37.88
CA ASP E 261 -38.88 65.43 39.34
C ASP E 261 -38.74 64.00 39.87
N VAL E 262 -39.21 62.99 39.12
CA VAL E 262 -39.26 61.66 39.72
C VAL E 262 -37.90 60.97 39.73
N LEU E 263 -36.90 61.53 39.04
CA LEU E 263 -35.62 60.86 38.91
C LEU E 263 -34.77 61.01 40.16
N ARG E 264 -34.01 59.96 40.48
CA ARG E 264 -32.92 60.14 41.43
C ARG E 264 -31.69 60.68 40.69
N ARG E 265 -30.65 60.99 41.45
CA ARG E 265 -29.44 61.51 40.84
C ARG E 265 -28.87 60.47 39.87
N LYS E 266 -28.34 60.97 38.75
CA LYS E 266 -27.86 60.16 37.63
C LYS E 266 -28.99 59.40 36.93
N GLY E 267 -30.23 59.77 37.14
CA GLY E 267 -31.30 59.17 36.38
C GLY E 267 -31.27 59.62 34.93
N THR E 268 -31.87 58.80 34.07
CA THR E 268 -31.99 59.13 32.65
C THR E 268 -33.47 59.07 32.27
N ILE E 269 -33.96 60.12 31.62
CA ILE E 269 -35.36 60.20 31.20
C ILE E 269 -35.38 60.19 29.68
N ALA E 270 -36.08 59.21 29.09
CA ALA E 270 -36.21 59.13 27.64
C ALA E 270 -37.56 59.71 27.21
N LEU E 271 -37.56 60.41 26.07
CA LEU E 271 -38.73 61.11 25.59
C LEU E 271 -39.27 60.44 24.33
N ASN E 272 -40.53 59.98 24.38
CA ASN E 272 -41.30 59.55 23.21
C ASN E 272 -42.39 60.53 22.83
N GLY E 273 -43.09 61.10 23.80
CA GLY E 273 -44.27 61.88 23.51
C GLY E 273 -43.94 63.09 22.65
N LEU E 274 -44.90 63.47 21.81
CA LEU E 274 -44.68 64.53 20.81
C LEU E 274 -45.77 65.60 20.82
N PRO E 275 -46.07 66.21 21.97
CA PRO E 275 -46.94 67.39 21.95
C PRO E 275 -46.21 68.54 21.27
N PRO E 276 -46.93 69.52 20.73
CA PRO E 276 -46.23 70.66 20.12
C PRO E 276 -45.49 71.49 21.15
N GLY E 277 -44.43 72.14 20.68
CA GLY E 277 -43.72 73.09 21.52
C GLY E 277 -42.69 72.44 22.42
N SER E 278 -42.41 73.11 23.54
CA SER E 278 -41.33 72.76 24.44
C SER E 278 -41.87 72.37 25.81
N PHE E 279 -40.97 71.93 26.69
CA PHE E 279 -41.26 71.90 28.12
C PHE E 279 -40.13 72.63 28.84
N GLU E 280 -40.41 73.01 30.08
CA GLU E 280 -39.48 73.82 30.85
C GLU E 280 -38.53 72.87 31.59
N LEU E 281 -37.29 72.79 31.13
CA LEU E 281 -36.29 71.95 31.77
C LEU E 281 -35.59 72.73 32.88
N PRO E 282 -35.67 72.31 34.14
CA PRO E 282 -35.03 73.06 35.24
C PRO E 282 -33.52 72.86 35.24
N ILE E 283 -32.78 73.94 35.04
CA ILE E 283 -31.34 73.83 34.77
C ILE E 283 -30.58 73.39 36.02
N PHE E 284 -30.85 74.05 37.16
CA PHE E 284 -30.10 73.76 38.38
C PHE E 284 -30.19 72.28 38.79
N GLU E 285 -31.40 71.72 38.87
CA GLU E 285 -31.49 70.30 39.22
C GLU E 285 -30.83 69.41 38.19
N THR E 286 -31.05 69.70 36.91
CA THR E 286 -30.51 68.85 35.86
C THR E 286 -28.99 68.77 35.96
N VAL E 287 -28.35 69.90 36.28
CA VAL E 287 -26.89 69.94 36.38
C VAL E 287 -26.44 69.23 37.66
N LEU E 288 -26.95 69.67 38.81
CA LEU E 288 -26.44 69.16 40.09
C LEU E 288 -26.74 67.70 40.32
N LYS E 289 -27.79 67.15 39.71
CA LYS E 289 -28.15 65.74 39.84
C LYS E 289 -27.62 64.87 38.70
N ARG E 290 -26.93 65.45 37.72
CA ARG E 290 -26.50 64.73 36.52
C ARG E 290 -27.68 63.99 35.89
N ILE E 291 -28.73 64.75 35.61
CA ILE E 291 -29.88 64.19 34.89
C ILE E 291 -29.53 64.13 33.41
N THR E 292 -29.90 63.03 32.76
CA THR E 292 -29.76 62.88 31.32
C THR E 292 -31.16 62.81 30.72
N VAL E 293 -31.44 63.69 29.76
CA VAL E 293 -32.70 63.73 29.00
C VAL E 293 -32.39 63.30 27.58
N ARG E 294 -33.14 62.35 27.05
CA ARG E 294 -32.78 61.76 25.77
C ARG E 294 -34.01 61.53 24.91
N GLY E 295 -34.07 62.14 23.73
CA GLY E 295 -35.13 61.82 22.79
C GLY E 295 -34.95 60.44 22.20
N SER E 296 -36.06 59.73 21.95
CA SER E 296 -35.96 58.40 21.35
C SER E 296 -37.07 58.24 20.31
N ILE E 297 -36.69 57.82 19.10
CA ILE E 297 -37.59 57.84 17.95
C ILE E 297 -37.69 56.42 17.40
N VAL E 298 -38.90 55.86 17.42
CA VAL E 298 -39.27 54.48 17.08
C VAL E 298 -38.11 53.52 17.37
N GLY E 299 -37.77 52.66 16.41
CA GLY E 299 -36.65 51.75 16.57
C GLY E 299 -36.15 51.27 15.22
N THR E 300 -34.91 50.78 15.22
CA THR E 300 -34.34 50.22 14.00
C THR E 300 -35.02 48.90 13.67
N ARG E 301 -34.64 48.32 12.53
CA ARG E 301 -35.12 46.98 12.15
C ARG E 301 -34.74 45.95 13.20
N LYS E 302 -33.56 46.08 13.81
CA LYS E 302 -33.17 45.16 14.86
C LYS E 302 -34.03 45.36 16.10
N ASP E 303 -34.24 46.62 16.50
CA ASP E 303 -35.15 46.92 17.60
C ASP E 303 -36.52 46.30 17.34
N LEU E 304 -37.00 46.41 16.10
CA LEU E 304 -38.33 45.92 15.77
C LEU E 304 -38.40 44.40 15.92
N GLN E 305 -37.39 43.68 15.42
CA GLN E 305 -37.42 42.23 15.57
C GLN E 305 -37.36 41.83 17.04
N GLU E 306 -36.52 42.51 17.84
CA GLU E 306 -36.46 42.24 19.27
C GLU E 306 -37.80 42.49 19.94
N ALA E 307 -38.47 43.61 19.60
CA ALA E 307 -39.77 43.91 20.20
C ALA E 307 -40.81 42.86 19.84
N LEU E 308 -40.80 42.40 18.59
CA LEU E 308 -41.71 41.33 18.18
C LEU E 308 -41.41 40.02 18.91
N ASP E 309 -40.14 39.73 19.20
CA ASP E 309 -39.80 38.50 19.92
C ASP E 309 -40.36 38.54 21.34
N PHE E 310 -40.35 39.70 22.00
CA PHE E 310 -40.99 39.77 23.31
C PHE E 310 -42.48 39.42 23.21
N ALA E 311 -43.14 39.94 22.19
CA ALA E 311 -44.56 39.67 22.00
C ALA E 311 -44.82 38.21 21.63
N ASN E 312 -44.01 37.68 20.72
CA ASN E 312 -44.17 36.28 20.30
C ASN E 312 -43.99 35.32 21.48
N GLU E 313 -43.15 35.66 22.45
CA GLU E 313 -42.96 34.80 23.60
C GLU E 313 -44.01 35.01 24.67
N GLY E 314 -44.99 35.89 24.43
CA GLY E 314 -46.06 36.14 25.37
C GLY E 314 -45.69 37.05 26.52
N LEU E 315 -44.53 37.71 26.48
CA LEU E 315 -44.16 38.62 27.55
C LEU E 315 -44.82 39.98 27.42
N VAL E 316 -45.24 40.36 26.22
CA VAL E 316 -45.91 41.62 25.96
C VAL E 316 -47.16 41.31 25.15
N LYS E 317 -48.32 41.75 25.64
CA LYS E 317 -49.59 41.61 24.94
C LYS E 317 -50.28 42.97 24.91
N ALA E 318 -50.50 43.50 23.72
CA ALA E 318 -51.19 44.78 23.61
C ALA E 318 -52.65 44.62 24.02
N THR E 319 -53.20 45.64 24.69
CA THR E 319 -54.63 45.71 24.98
C THR E 319 -55.30 46.39 23.78
N VAL E 320 -56.09 45.64 23.04
CA VAL E 320 -56.58 46.07 21.74
C VAL E 320 -58.10 46.00 21.73
N THR E 321 -58.74 47.01 21.14
CA THR E 321 -60.15 46.99 20.83
C THR E 321 -60.28 47.24 19.32
N SER E 322 -61.07 46.41 18.66
CA SER E 322 -61.23 46.50 17.22
CA SER E 322 -61.21 46.51 17.22
C SER E 322 -62.18 47.63 16.84
N ALA E 323 -61.98 48.16 15.64
CA ALA E 323 -62.86 49.17 15.09
C ALA E 323 -62.88 49.03 13.58
N LYS E 324 -63.98 49.45 12.99
CA LYS E 324 -64.12 49.43 11.54
C LYS E 324 -63.44 50.66 10.96
N LEU E 325 -63.02 50.54 9.71
CA LEU E 325 -62.37 51.65 9.03
C LEU E 325 -63.26 52.90 9.03
N GLU E 326 -64.60 52.72 8.93
CA GLU E 326 -65.45 53.89 8.70
C GLU E 326 -65.52 54.79 9.91
N ASP E 327 -65.23 54.25 11.06
CA ASP E 327 -65.35 54.92 12.34
C ASP E 327 -64.06 55.60 12.75
N ILE E 328 -63.12 55.75 11.82
CA ILE E 328 -61.80 56.28 12.16
C ILE E 328 -61.95 57.67 12.78
N ASN E 329 -62.97 58.41 12.35
CA ASN E 329 -63.21 59.74 12.90
C ASN E 329 -63.64 59.66 14.36
N ASP E 330 -64.50 58.70 14.69
CA ASP E 330 -64.88 58.51 16.08
C ASP E 330 -63.71 58.03 16.93
N VAL E 331 -62.83 57.23 16.33
CA VAL E 331 -61.64 56.78 17.05
C VAL E 331 -60.77 57.98 17.40
N PHE E 332 -60.56 58.87 16.43
CA PHE E 332 -59.79 60.07 16.67
C PHE E 332 -60.46 60.96 17.71
N ASP E 333 -61.79 61.06 17.65
CA ASP E 333 -62.52 61.79 18.69
C ASP E 333 -62.29 61.16 20.07
N LYS E 334 -62.45 59.83 20.18
CA LYS E 334 -62.19 59.14 21.44
C LYS E 334 -60.73 59.31 21.84
N MET E 335 -59.81 59.38 20.87
CA MET E 335 -58.40 59.58 21.20
C MET E 335 -58.14 60.97 21.80
N LYS E 336 -58.73 62.02 21.21
CA LYS E 336 -58.54 63.37 21.73
C LYS E 336 -59.03 63.52 23.15
N LYS E 337 -60.10 62.81 23.52
CA LYS E 337 -60.68 62.92 24.86
C LYS E 337 -60.10 61.92 25.86
N GLY E 338 -59.08 61.17 25.47
CA GLY E 338 -58.44 60.23 26.38
C GLY E 338 -59.32 59.07 26.81
N GLN E 339 -60.20 58.60 25.93
CA GLN E 339 -61.18 57.58 26.26
C GLN E 339 -60.82 56.20 25.72
N ILE E 340 -59.58 56.00 25.26
CA ILE E 340 -59.15 54.73 24.73
C ILE E 340 -58.46 53.93 25.83
N ASP E 341 -58.88 52.67 25.98
CA ASP E 341 -58.25 51.72 26.91
C ASP E 341 -57.15 51.00 26.13
N GLY E 342 -55.94 51.54 26.19
CA GLY E 342 -54.85 50.96 25.42
C GLY E 342 -54.80 51.40 23.97
N ARG E 343 -55.03 50.46 23.05
CA ARG E 343 -54.88 50.70 21.62
CA ARG E 343 -54.89 50.71 21.62
C ARG E 343 -56.17 50.34 20.89
N ILE E 344 -56.54 51.15 19.90
CA ILE E 344 -57.58 50.80 18.94
C ILE E 344 -56.88 50.30 17.69
N VAL E 345 -57.34 49.18 17.15
CA VAL E 345 -56.79 48.62 15.93
C VAL E 345 -57.92 48.47 14.92
N LEU E 346 -57.71 49.04 13.74
CA LEU E 346 -58.70 48.90 12.67
C LEU E 346 -58.68 47.47 12.14
N ASP E 347 -59.83 46.80 12.19
CA ASP E 347 -59.97 45.47 11.62
C ASP E 347 -60.37 45.68 10.16
N ILE E 348 -59.37 45.71 9.28
CA ILE E 348 -59.61 46.02 7.87
C ILE E 348 -60.04 44.79 7.08
N ALA E 349 -59.55 43.62 7.45
CA ALA E 349 -60.03 42.37 6.82
C ALA E 349 -61.37 41.95 7.42
N HIS F 8 -13.32 56.96 -21.27
CA HIS F 8 -12.03 56.25 -21.26
C HIS F 8 -12.12 54.94 -22.04
N MET F 9 -11.01 54.56 -22.68
CA MET F 9 -10.94 53.36 -23.53
C MET F 9 -10.34 52.22 -22.72
N ILE F 10 -11.20 51.32 -22.26
CA ILE F 10 -10.78 50.23 -21.37
C ILE F 10 -10.25 49.07 -22.22
N PRO F 11 -9.06 48.55 -21.93
CA PRO F 11 -8.53 47.44 -22.72
C PRO F 11 -9.30 46.16 -22.45
N LYS F 12 -9.22 45.23 -23.41
CA LYS F 12 -9.89 43.94 -23.25
C LYS F 12 -9.17 43.05 -22.26
N THR F 13 -7.87 43.23 -22.11
CA THR F 13 -7.09 42.42 -21.19
C THR F 13 -6.18 43.34 -20.39
N MET F 14 -5.68 42.82 -19.27
CA MET F 14 -4.84 43.62 -18.38
C MET F 14 -3.77 42.74 -17.77
N LYS F 15 -2.72 43.35 -17.23
CA LYS F 15 -1.82 42.58 -16.38
C LYS F 15 -2.18 42.62 -14.90
N ALA F 16 -1.92 41.47 -14.28
CA ALA F 16 -2.25 41.20 -12.91
C ALA F 16 -1.30 40.16 -12.33
N ALA F 17 -0.96 40.34 -11.05
CA ALA F 17 -0.15 39.38 -10.32
C ALA F 17 -1.05 38.30 -9.74
N VAL F 18 -0.81 37.05 -10.12
CA VAL F 18 -1.71 35.94 -9.79
C VAL F 18 -0.92 34.88 -9.03
N VAL F 19 -1.52 34.39 -7.94
CA VAL F 19 -1.01 33.21 -7.24
C VAL F 19 -1.86 32.02 -7.67
N GLN F 20 -1.20 30.91 -8.01
CA GLN F 20 -1.90 29.71 -8.46
C GLN F 20 -2.10 28.68 -7.35
N GLY F 21 -1.15 28.55 -6.44
CA GLY F 21 -1.25 27.60 -5.35
C GLY F 21 -0.57 28.15 -4.13
N TYR F 22 -0.90 27.56 -2.98
CA TYR F 22 -0.39 28.08 -1.71
C TYR F 22 1.13 28.01 -1.68
N GLY F 23 1.75 29.10 -1.20
CA GLY F 23 3.20 29.18 -1.10
C GLY F 23 3.95 29.38 -2.40
N GLU F 24 3.27 29.37 -3.54
CA GLU F 24 3.94 29.48 -4.82
C GLU F 24 4.29 30.94 -5.14
N PRO F 25 5.35 31.18 -5.92
CA PRO F 25 5.61 32.54 -6.39
C PRO F 25 4.47 33.00 -7.29
N LEU F 26 4.19 34.30 -7.20
CA LEU F 26 3.20 34.90 -8.09
C LEU F 26 3.80 35.11 -9.47
N LYS F 27 2.94 35.06 -10.47
CA LYS F 27 3.36 35.33 -11.84
C LYS F 27 2.45 36.39 -12.42
N ILE F 28 3.04 37.27 -13.21
CA ILE F 28 2.28 38.30 -13.90
C ILE F 28 1.60 37.67 -15.11
N GLN F 29 0.27 37.76 -15.15
CA GLN F 29 -0.48 37.12 -16.21
C GLN F 29 -1.33 38.14 -16.96
N GLU F 30 -1.70 37.77 -18.18
CA GLU F 30 -2.65 38.54 -18.96
C GLU F 30 -4.04 37.96 -18.69
N VAL F 31 -4.89 38.75 -18.06
CA VAL F 31 -6.22 38.30 -17.65
C VAL F 31 -7.24 39.23 -18.30
N PRO F 32 -8.43 38.73 -18.64
CA PRO F 32 -9.45 39.59 -19.24
C PRO F 32 -9.96 40.65 -18.25
N VAL F 33 -10.33 41.81 -18.81
CA VAL F 33 -10.97 42.88 -18.06
C VAL F 33 -12.48 42.68 -18.14
N ARG F 34 -13.13 42.68 -16.98
CA ARG F 34 -14.54 42.35 -16.88
C ARG F 34 -15.40 43.61 -16.98
N GLU F 35 -16.61 43.46 -17.52
CA GLU F 35 -17.52 44.59 -17.49
C GLU F 35 -18.27 44.63 -16.17
N PRO F 36 -18.42 45.81 -15.55
CA PRO F 36 -19.08 45.87 -14.24
C PRO F 36 -20.57 45.58 -14.35
N GLY F 37 -21.06 44.76 -13.45
CA GLY F 37 -22.47 44.47 -13.34
C GLY F 37 -23.19 45.37 -12.36
N ARG F 38 -24.35 44.91 -11.92
CA ARG F 38 -25.19 45.68 -11.02
C ARG F 38 -24.42 46.08 -9.76
N TYR F 39 -24.49 47.37 -9.41
CA TYR F 39 -23.83 47.98 -8.25
C TYR F 39 -22.32 48.05 -8.42
N GLU F 40 -21.76 47.45 -9.45
CA GLU F 40 -20.33 47.36 -9.59
C GLU F 40 -19.78 48.54 -10.40
N VAL F 41 -18.50 48.84 -10.15
CA VAL F 41 -17.73 49.76 -10.98
C VAL F 41 -16.39 49.12 -11.28
N LEU F 42 -15.80 49.53 -12.40
CA LEU F 42 -14.44 49.15 -12.75
C LEU F 42 -13.47 50.27 -12.37
N VAL F 43 -12.45 49.92 -11.59
CA VAL F 43 -11.47 50.88 -11.10
C VAL F 43 -10.15 50.62 -11.83
N LYS F 44 -9.60 51.68 -12.43
CA LYS F 44 -8.24 51.60 -12.94
C LYS F 44 -7.31 51.88 -11.78
N VAL F 45 -6.47 50.91 -11.44
CA VAL F 45 -5.68 50.96 -10.22
C VAL F 45 -4.47 51.86 -10.43
N MET F 46 -4.37 52.92 -9.61
CA MET F 46 -3.16 53.72 -9.59
C MET F 46 -2.12 53.09 -8.67
N ALA F 47 -2.54 52.62 -7.50
CA ALA F 47 -1.62 52.06 -6.52
C ALA F 47 -2.34 50.98 -5.72
N CYS F 48 -1.55 50.10 -5.10
CA CYS F 48 -2.14 49.12 -4.19
C CYS F 48 -1.13 48.78 -3.10
N GLY F 49 -1.52 49.01 -1.85
CA GLY F 49 -0.66 48.64 -0.75
C GLY F 49 -0.59 47.13 -0.59
N VAL F 50 0.55 46.65 -0.11
CA VAL F 50 0.77 45.22 0.14
C VAL F 50 0.58 44.99 1.63
N CYS F 51 -0.46 44.23 1.98
CA CYS F 51 -0.79 43.95 3.37
C CYS F 51 -0.32 42.54 3.71
N HIS F 52 0.06 42.35 4.98
CA HIS F 52 0.54 41.03 5.38
C HIS F 52 -0.55 39.97 5.22
N THR F 53 -1.82 40.40 5.25
CA THR F 53 -2.92 39.51 4.90
C THR F 53 -2.76 38.93 3.50
N ASP F 54 -2.26 39.73 2.54
CA ASP F 54 -1.96 39.19 1.21
C ASP F 54 -0.98 38.02 1.29
N LEU F 55 0.00 38.11 2.20
CA LEU F 55 0.94 37.00 2.35
C LEU F 55 0.29 35.79 3.03
N HIS F 56 -0.55 36.02 4.05
CA HIS F 56 -1.32 34.92 4.66
C HIS F 56 -2.19 34.23 3.63
N ALA F 57 -2.77 35.01 2.71
CA ALA F 57 -3.59 34.44 1.65
C ALA F 57 -2.75 33.61 0.70
N VAL F 58 -1.62 34.17 0.27
CA VAL F 58 -0.72 33.47 -0.67
C VAL F 58 -0.24 32.16 -0.07
N ASP F 59 0.04 32.15 1.23
CA ASP F 59 0.58 30.97 1.90
C ASP F 59 -0.49 30.03 2.43
N GLY F 60 -1.75 30.41 2.38
CA GLY F 60 -2.81 29.59 2.96
C GLY F 60 -2.68 29.39 4.45
N ASP F 61 -2.26 30.43 5.18
CA ASP F 61 -2.04 30.33 6.62
C ASP F 61 -3.35 30.15 7.40
N TRP F 62 -4.50 30.57 6.83
CA TRP F 62 -5.69 30.65 7.65
C TRP F 62 -6.61 29.46 7.40
N PRO F 63 -7.43 29.10 8.39
CA PRO F 63 -8.35 27.97 8.17
C PRO F 63 -9.43 28.30 7.16
N ALA F 64 -9.93 29.53 7.13
CA ALA F 64 -10.82 29.96 6.06
C ALA F 64 -9.95 30.38 4.88
N LYS F 65 -9.94 29.56 3.82
CA LYS F 65 -8.98 29.69 2.74
C LYS F 65 -9.45 30.70 1.69
N PRO F 66 -8.54 31.34 0.97
CA PRO F 66 -8.95 32.24 -0.11
C PRO F 66 -9.37 31.42 -1.32
N LYS F 67 -9.92 32.10 -2.32
CA LYS F 67 -10.08 31.43 -3.59
C LYS F 67 -8.73 31.25 -4.26
N MET F 68 -8.65 30.27 -5.17
CA MET F 68 -7.44 29.98 -5.94
C MET F 68 -7.86 29.65 -7.37
N PRO F 69 -7.21 30.23 -8.39
CA PRO F 69 -6.15 31.23 -8.25
C PRO F 69 -6.73 32.56 -7.78
N LEU F 70 -5.86 33.48 -7.38
CA LEU F 70 -6.25 34.69 -6.69
C LEU F 70 -5.39 35.85 -7.15
N ILE F 71 -6.01 36.99 -7.41
CA ILE F 71 -5.32 38.27 -7.49
C ILE F 71 -5.44 38.93 -6.11
N PRO F 72 -4.35 39.02 -5.33
CA PRO F 72 -4.46 39.62 -4.00
C PRO F 72 -4.60 41.13 -4.04
N GLY F 73 -4.62 41.75 -2.86
CA GLY F 73 -4.62 43.20 -2.79
C GLY F 73 -5.95 43.82 -2.38
N HIS F 74 -5.97 44.43 -1.21
CA HIS F 74 -7.17 45.12 -0.75
C HIS F 74 -6.81 46.49 -0.20
N GLU F 75 -5.70 47.06 -0.69
CA GLU F 75 -5.35 48.46 -0.50
C GLU F 75 -5.23 49.15 -1.85
N GLY F 76 -6.07 48.73 -2.78
CA GLY F 76 -6.03 49.28 -4.13
C GLY F 76 -6.81 50.57 -4.19
N VAL F 77 -6.22 51.59 -4.80
CA VAL F 77 -6.82 52.90 -4.94
C VAL F 77 -6.66 53.33 -6.38
N GLY F 78 -7.67 54.02 -6.91
CA GLY F 78 -7.60 54.45 -8.29
C GLY F 78 -8.82 55.23 -8.72
N ILE F 79 -9.04 55.24 -10.04
CA ILE F 79 -10.07 56.05 -10.67
C ILE F 79 -11.11 55.16 -11.31
N VAL F 80 -12.39 55.46 -11.05
CA VAL F 80 -13.47 54.71 -11.68
C VAL F 80 -13.48 55.00 -13.18
N VAL F 81 -13.44 53.94 -13.98
CA VAL F 81 -13.47 54.08 -15.44
C VAL F 81 -14.75 53.50 -16.07
N ALA F 82 -15.54 52.73 -15.33
CA ALA F 82 -16.78 52.24 -15.91
C ALA F 82 -17.74 51.89 -14.78
N CYS F 83 -19.04 52.07 -15.03
CA CYS F 83 -20.07 51.92 -14.02
C CYS F 83 -21.08 50.89 -14.48
N GLY F 84 -21.42 49.95 -13.61
CA GLY F 84 -22.57 49.11 -13.85
C GLY F 84 -23.84 49.84 -13.51
N PRO F 85 -24.98 49.22 -13.81
CA PRO F 85 -26.27 49.81 -13.42
C PRO F 85 -26.36 49.93 -11.91
N ASP F 86 -26.95 51.05 -11.46
CA ASP F 86 -27.16 51.34 -10.05
C ASP F 86 -25.86 51.53 -9.28
N ALA F 87 -24.80 51.94 -9.96
CA ALA F 87 -23.54 52.24 -9.29
C ALA F 87 -23.70 53.48 -8.42
N MET F 88 -23.01 53.48 -7.28
CA MET F 88 -23.08 54.58 -6.32
C MET F 88 -21.91 55.55 -6.39
N VAL F 89 -20.95 55.33 -7.30
CA VAL F 89 -19.91 56.30 -7.60
C VAL F 89 -19.85 56.42 -9.12
N LYS F 90 -19.32 57.55 -9.60
CA LYS F 90 -19.33 57.86 -11.02
C LYS F 90 -17.93 57.83 -11.61
N GLU F 91 -17.89 57.80 -12.94
CA GLU F 91 -16.62 57.81 -13.66
C GLU F 91 -15.81 59.04 -13.29
N GLY F 92 -14.50 58.84 -13.10
CA GLY F 92 -13.63 59.89 -12.66
C GLY F 92 -13.49 60.00 -11.15
N ASP F 93 -14.36 59.36 -10.39
CA ASP F 93 -14.22 59.38 -8.93
C ASP F 93 -12.96 58.62 -8.52
N ALA F 94 -12.27 59.15 -7.51
CA ALA F 94 -11.15 58.46 -6.87
C ALA F 94 -11.71 57.60 -5.74
N VAL F 95 -11.42 56.29 -5.76
CA VAL F 95 -11.97 55.36 -4.79
C VAL F 95 -10.90 54.39 -4.33
N GLY F 96 -11.19 53.71 -3.21
CA GLY F 96 -10.35 52.63 -2.74
C GLY F 96 -11.18 51.38 -2.53
N VAL F 97 -10.55 50.23 -2.76
CA VAL F 97 -11.22 48.94 -2.68
C VAL F 97 -10.65 48.13 -1.52
N PRO F 98 -11.35 48.06 -0.36
CA PRO F 98 -10.74 47.51 0.86
C PRO F 98 -11.06 46.04 1.11
N TRP F 99 -10.65 45.58 2.31
CA TRP F 99 -10.94 44.20 2.72
C TRP F 99 -12.44 43.94 2.74
N LEU F 100 -13.21 44.82 3.38
CA LEU F 100 -14.67 44.70 3.41
C LEU F 100 -15.20 45.14 2.05
N TYR F 101 -15.10 44.21 1.08
CA TYR F 101 -15.41 44.53 -0.31
C TYR F 101 -16.91 44.69 -0.51
N SER F 102 -17.71 43.92 0.22
CA SER F 102 -19.16 44.00 0.15
C SER F 102 -19.75 43.34 1.39
N ALA F 103 -20.95 43.78 1.77
CA ALA F 103 -21.68 43.19 2.89
C ALA F 103 -23.15 43.16 2.52
N CYS F 104 -23.92 42.40 3.29
CA CYS F 104 -25.31 42.19 2.88
C CYS F 104 -26.16 43.44 3.11
N GLY F 105 -25.96 44.17 4.21
CA GLY F 105 -26.79 45.32 4.49
C GLY F 105 -28.13 45.05 5.16
N CYS F 106 -28.47 43.78 5.44
CA CYS F 106 -29.78 43.52 6.03
C CYS F 106 -29.73 42.52 7.20
N CYS F 107 -28.56 42.04 7.63
CA CYS F 107 -28.44 41.11 8.75
C CYS F 107 -28.33 41.86 10.09
N ASP F 108 -28.42 41.10 11.19
CA ASP F 108 -28.21 41.62 12.54
C ASP F 108 -26.97 42.51 12.67
N TYR F 109 -25.86 42.07 12.09
CA TYR F 109 -24.61 42.80 12.28
C TYR F 109 -24.56 44.06 11.42
N CYS F 110 -25.02 43.97 10.18
CA CYS F 110 -25.03 45.14 9.29
C CYS F 110 -25.95 46.24 9.84
N ILE F 111 -27.11 45.85 10.40
CA ILE F 111 -28.12 46.82 10.83
C ILE F 111 -27.70 47.53 12.12
N THR F 112 -26.86 46.90 12.94
CA THR F 112 -26.50 47.42 14.26
C THR F 112 -25.14 48.13 14.27
N GLY F 113 -24.59 48.47 13.11
CA GLY F 113 -23.32 49.16 13.05
C GLY F 113 -22.11 48.27 13.01
N TRP F 114 -22.29 46.97 12.76
CA TRP F 114 -21.16 46.03 12.75
C TRP F 114 -21.08 45.27 11.44
N GLU F 115 -21.16 45.99 10.32
CA GLU F 115 -21.13 45.35 9.01
C GLU F 115 -19.81 44.63 8.75
N THR F 116 -18.76 44.93 9.53
CA THR F 116 -17.51 44.17 9.47
C THR F 116 -17.70 42.71 9.89
N LEU F 117 -18.78 42.40 10.60
CA LEU F 117 -19.04 41.05 11.06
C LEU F 117 -20.02 40.31 10.17
N CYS F 118 -20.45 40.94 9.07
CA CYS F 118 -21.44 40.31 8.19
C CYS F 118 -20.92 38.96 7.70
N GLU F 119 -21.69 37.91 7.97
CA GLU F 119 -21.29 36.58 7.54
CA GLU F 119 -21.29 36.57 7.54
C GLU F 119 -21.43 36.37 6.04
N ALA F 120 -22.11 37.26 5.34
CA ALA F 120 -22.24 37.20 3.89
C ALA F 120 -21.26 38.15 3.19
N GLN F 121 -20.28 38.67 3.91
CA GLN F 121 -19.36 39.63 3.30
C GLN F 121 -18.43 38.94 2.29
N GLN F 122 -17.95 39.73 1.33
CA GLN F 122 -16.89 39.31 0.44
C GLN F 122 -15.66 40.15 0.75
N ASN F 123 -14.48 39.56 0.56
CA ASN F 123 -13.23 40.19 0.98
C ASN F 123 -12.32 40.39 -0.22
N GLY F 124 -11.93 41.64 -0.45
CA GLY F 124 -11.15 41.97 -1.63
C GLY F 124 -9.77 41.33 -1.59
N GLY F 125 -9.34 40.82 -2.74
CA GLY F 125 -8.07 40.12 -2.80
C GLY F 125 -8.03 38.84 -1.98
N TYR F 126 -9.19 38.25 -1.70
CA TYR F 126 -9.22 37.02 -0.93
C TYR F 126 -10.33 36.11 -1.45
N SER F 127 -11.61 36.51 -1.29
CA SER F 127 -12.71 35.78 -1.89
C SER F 127 -13.08 36.30 -3.27
N VAL F 128 -12.67 37.53 -3.59
CA VAL F 128 -12.76 38.09 -4.94
C VAL F 128 -11.40 38.68 -5.27
N ASP F 129 -11.12 38.78 -6.57
CA ASP F 129 -9.85 39.33 -7.02
C ASP F 129 -9.69 40.78 -6.59
N GLY F 130 -8.44 41.16 -6.31
CA GLY F 130 -8.14 42.44 -5.70
C GLY F 130 -7.28 43.38 -6.51
N GLY F 131 -6.52 44.23 -5.82
CA GLY F 131 -5.82 45.34 -6.43
C GLY F 131 -4.43 45.09 -7.00
N PHE F 132 -3.90 43.86 -6.95
CA PHE F 132 -2.62 43.57 -7.59
C PHE F 132 -2.80 43.45 -9.11
N ALA F 133 -3.39 44.46 -9.74
CA ALA F 133 -3.75 44.38 -11.14
C ALA F 133 -3.98 45.79 -11.66
N GLU F 134 -4.04 45.92 -12.99
CA GLU F 134 -4.22 47.23 -13.59
C GLU F 134 -5.65 47.74 -13.44
N TYR F 135 -6.62 46.83 -13.31
CA TYR F 135 -8.01 47.18 -13.10
C TYR F 135 -8.59 46.21 -12.08
N VAL F 136 -9.62 46.66 -11.36
CA VAL F 136 -10.30 45.81 -10.39
C VAL F 136 -11.79 46.12 -10.43
N ILE F 137 -12.61 45.07 -10.40
CA ILE F 137 -14.05 45.22 -10.20
C ILE F 137 -14.33 45.45 -8.72
N ALA F 138 -15.16 46.45 -8.41
CA ALA F 138 -15.47 46.80 -7.04
C ALA F 138 -16.97 46.93 -6.86
N ASP F 139 -17.44 46.70 -5.63
CA ASP F 139 -18.81 47.02 -5.26
C ASP F 139 -18.86 48.49 -4.89
N SER F 140 -19.57 49.28 -5.71
CA SER F 140 -19.55 50.73 -5.55
C SER F 140 -20.10 51.17 -4.21
N ARG F 141 -20.86 50.31 -3.53
CA ARG F 141 -21.46 50.69 -2.26
C ARG F 141 -20.49 50.63 -1.11
N TYR F 142 -19.35 49.96 -1.26
CA TYR F 142 -18.45 49.74 -0.13
C TYR F 142 -17.04 50.30 -0.33
N VAL F 143 -16.79 51.01 -1.44
CA VAL F 143 -15.46 51.56 -1.66
C VAL F 143 -15.19 52.71 -0.69
N GLY F 144 -13.91 52.95 -0.42
CA GLY F 144 -13.53 54.18 0.23
C GLY F 144 -13.59 55.32 -0.78
N HIS F 145 -14.03 56.49 -0.30
CA HIS F 145 -14.16 57.69 -1.12
C HIS F 145 -12.96 58.60 -0.89
N LEU F 146 -12.19 58.87 -1.96
CA LEU F 146 -10.97 59.66 -1.86
C LEU F 146 -11.14 61.04 -2.49
N LYS F 147 -10.37 62.00 -1.98
CA LYS F 147 -10.37 63.34 -2.55
C LYS F 147 -9.80 63.31 -3.97
N SER F 148 -10.28 64.25 -4.79
CA SER F 148 -9.89 64.26 -6.21
C SER F 148 -8.38 64.43 -6.40
N ASN F 149 -7.72 65.16 -5.50
CA ASN F 149 -6.29 65.44 -5.60
C ASN F 149 -5.46 64.55 -4.67
N VAL F 150 -5.97 63.37 -4.34
CA VAL F 150 -5.28 62.50 -3.40
C VAL F 150 -3.95 62.02 -3.99
N ASN F 151 -2.97 61.83 -3.11
CA ASN F 151 -1.73 61.15 -3.49
C ASN F 151 -1.97 59.63 -3.36
N PHE F 152 -2.11 58.96 -4.50
CA PHE F 152 -2.55 57.56 -4.49
C PHE F 152 -1.54 56.65 -3.78
N LEU F 153 -0.25 56.88 -4.01
CA LEU F 153 0.75 56.02 -3.37
C LEU F 153 0.72 56.17 -1.86
N GLU F 154 0.59 57.40 -1.37
CA GLU F 154 0.63 57.63 0.07
C GLU F 154 -0.67 57.24 0.76
N ILE F 155 -1.81 57.31 0.06
CA ILE F 155 -3.10 57.07 0.72
C ILE F 155 -3.43 55.59 0.82
N ALA F 156 -2.85 54.75 -0.04
CA ALA F 156 -3.26 53.35 -0.14
C ALA F 156 -3.31 52.62 1.19
N PRO F 157 -2.31 52.72 2.08
CA PRO F 157 -2.38 51.93 3.32
C PRO F 157 -3.53 52.30 4.24
N ILE F 158 -4.13 53.50 4.11
CA ILE F 158 -5.28 53.84 4.95
C ILE F 158 -6.45 52.92 4.64
N LEU F 159 -6.49 52.33 3.44
CA LEU F 159 -7.60 51.47 3.03
C LEU F 159 -7.65 50.15 3.79
N CYS F 160 -6.57 49.75 4.45
CA CYS F 160 -6.67 48.61 5.34
C CYS F 160 -5.88 48.84 6.62
N ALA F 161 -4.57 49.09 6.51
CA ALA F 161 -3.76 49.35 7.68
C ALA F 161 -4.31 50.50 8.53
N GLY F 162 -4.66 51.61 7.88
CA GLY F 162 -5.15 52.77 8.61
C GLY F 162 -6.50 52.55 9.27
N VAL F 163 -7.51 52.20 8.47
CA VAL F 163 -8.84 52.01 9.04
C VAL F 163 -8.80 50.94 10.13
N THR F 164 -7.98 49.90 9.93
CA THR F 164 -7.94 48.79 10.89
C THR F 164 -7.44 49.23 12.26
N VAL F 165 -6.28 49.91 12.30
CA VAL F 165 -5.72 50.27 13.60
C VAL F 165 -6.54 51.38 14.25
N TYR F 166 -7.14 52.26 13.43
CA TYR F 166 -8.00 53.32 13.97
C TYR F 166 -9.19 52.71 14.71
N LYS F 167 -9.89 51.76 14.06
CA LYS F 167 -10.97 51.03 14.74
C LYS F 167 -10.44 50.24 15.93
N GLY F 168 -9.28 49.60 15.77
CA GLY F 168 -8.70 48.86 16.87
C GLY F 168 -8.44 49.73 18.09
N LEU F 169 -7.95 50.95 17.86
CA LEU F 169 -7.70 51.84 18.98
C LEU F 169 -9.00 52.26 19.66
N LYS F 170 -10.06 52.52 18.89
CA LYS F 170 -11.35 52.77 19.51
C LYS F 170 -11.79 51.57 20.32
N GLU F 171 -11.55 50.35 19.81
CA GLU F 171 -11.95 49.15 20.52
C GLU F 171 -11.21 48.97 21.85
N THR F 172 -10.02 49.57 22.00
CA THR F 172 -9.33 49.54 23.30
C THR F 172 -10.00 50.44 24.33
N GLU F 173 -10.81 51.39 23.89
CA GLU F 173 -11.48 52.38 24.73
C GLU F 173 -10.50 53.26 25.50
N THR F 174 -9.23 53.32 25.07
CA THR F 174 -8.25 54.21 25.69
C THR F 174 -8.62 55.68 25.45
N LYS F 175 -8.59 56.47 26.51
CA LYS F 175 -9.03 57.86 26.48
C LYS F 175 -7.86 58.81 26.24
N PRO F 176 -8.13 60.03 25.81
CA PRO F 176 -7.06 61.04 25.74
C PRO F 176 -6.38 61.16 27.09
N GLY F 177 -5.05 61.20 27.06
CA GLY F 177 -4.29 61.28 28.29
C GLY F 177 -3.89 59.94 28.88
N GLU F 178 -4.39 58.84 28.36
CA GLU F 178 -4.04 57.50 28.82
C GLU F 178 -2.96 56.88 27.91
N TRP F 179 -2.40 55.78 28.38
CA TRP F 179 -1.29 55.10 27.70
C TRP F 179 -1.81 53.91 26.88
N VAL F 180 -1.35 53.82 25.64
CA VAL F 180 -1.57 52.63 24.80
C VAL F 180 -0.21 52.11 24.37
N ALA F 181 -0.07 50.79 24.31
CA ALA F 181 1.08 50.16 23.69
C ALA F 181 0.68 49.65 22.31
N ILE F 182 1.49 49.96 21.31
CA ILE F 182 1.36 49.40 19.97
C ILE F 182 2.41 48.31 19.83
N SER F 183 1.97 47.08 19.56
CA SER F 183 2.89 45.95 19.45
C SER F 183 3.01 45.53 17.99
N GLY F 184 4.20 45.68 17.44
CA GLY F 184 4.46 45.42 16.04
C GLY F 184 4.35 46.70 15.23
N ILE F 185 5.48 47.36 14.96
CA ILE F 185 5.46 48.63 14.25
C ILE F 185 5.71 48.35 12.77
N GLY F 186 4.80 47.61 12.14
CA GLY F 186 4.86 47.29 10.73
C GLY F 186 3.92 48.16 9.94
N GLY F 187 3.32 47.58 8.90
CA GLY F 187 2.34 48.33 8.12
C GLY F 187 1.26 48.93 8.97
N LEU F 188 0.60 48.10 9.78
CA LEU F 188 -0.46 48.57 10.67
C LEU F 188 0.12 49.42 11.81
N GLY F 189 1.16 48.91 12.46
CA GLY F 189 1.61 49.54 13.70
C GLY F 189 2.15 50.96 13.52
N HIS F 190 2.84 51.22 12.40
CA HIS F 190 3.46 52.53 12.25
C HIS F 190 2.43 53.62 12.01
N VAL F 191 1.27 53.30 11.44
CA VAL F 191 0.18 54.27 11.40
C VAL F 191 -0.68 54.23 12.67
N ALA F 192 -0.71 53.09 13.37
CA ALA F 192 -1.38 53.04 14.65
C ALA F 192 -0.75 54.03 15.63
N VAL F 193 0.59 54.12 15.64
CA VAL F 193 1.27 55.11 16.47
C VAL F 193 0.69 56.49 16.23
N GLN F 194 0.44 56.83 14.96
CA GLN F 194 -0.02 58.18 14.61
C GLN F 194 -1.48 58.40 14.96
N TYR F 195 -2.34 57.41 14.68
CA TYR F 195 -3.75 57.54 15.10
C TYR F 195 -3.83 57.70 16.61
N ALA F 196 -3.06 56.91 17.35
CA ALA F 196 -3.10 56.98 18.80
C ALA F 196 -2.71 58.37 19.30
N LYS F 197 -1.63 58.96 18.76
CA LYS F 197 -1.27 60.31 19.17
C LYS F 197 -2.37 61.30 18.78
N ALA F 198 -2.98 61.12 17.61
CA ALA F 198 -4.03 62.04 17.20
C ALA F 198 -5.27 61.89 18.06
N MET F 199 -5.43 60.76 18.73
CA MET F 199 -6.52 60.53 19.64
C MET F 199 -6.14 60.90 21.07
N GLY F 200 -5.02 61.62 21.25
CA GLY F 200 -4.64 62.13 22.56
C GLY F 200 -3.96 61.11 23.47
N MET F 201 -3.60 59.95 22.97
CA MET F 201 -2.99 58.92 23.80
C MET F 201 -1.48 59.11 23.88
N HIS F 202 -0.92 58.68 25.01
CA HIS F 202 0.52 58.41 25.08
C HIS F 202 0.80 57.03 24.50
N VAL F 203 1.92 56.89 23.81
CA VAL F 203 2.18 55.70 22.99
C VAL F 203 3.49 55.05 23.42
N ALA F 204 3.41 53.78 23.79
CA ALA F 204 4.59 52.93 23.94
C ALA F 204 4.60 51.96 22.77
N ALA F 205 5.76 51.82 22.13
CA ALA F 205 5.93 50.96 20.98
C ALA F 205 6.76 49.72 21.35
N ILE F 206 6.33 48.57 20.89
CA ILE F 206 7.02 47.30 21.12
C ILE F 206 7.29 46.65 19.78
N ASP F 207 8.52 46.22 19.56
CA ASP F 207 8.83 45.37 18.41
C ASP F 207 10.05 44.55 18.77
N VAL F 208 10.63 43.86 17.78
CA VAL F 208 11.75 42.97 18.03
C VAL F 208 12.99 43.38 17.23
N ALA F 209 13.02 44.58 16.66
CA ALA F 209 14.20 45.07 15.96
C ALA F 209 14.25 46.59 16.14
N ASP F 210 15.47 47.12 16.33
CA ASP F 210 15.65 48.52 16.71
C ASP F 210 15.19 49.48 15.62
N ASP F 211 15.33 49.13 14.34
CA ASP F 211 14.87 50.04 13.29
C ASP F 211 13.36 50.21 13.32
N LYS F 212 12.60 49.19 13.71
CA LYS F 212 11.15 49.35 13.85
C LYS F 212 10.85 50.34 14.96
N LEU F 213 11.63 50.30 16.04
CA LEU F 213 11.41 51.23 17.14
C LEU F 213 11.86 52.63 16.75
N GLU F 214 12.90 52.74 15.93
CA GLU F 214 13.27 54.06 15.43
C GLU F 214 12.15 54.66 14.59
N LEU F 215 11.51 53.83 13.77
CA LEU F 215 10.35 54.31 13.02
C LEU F 215 9.27 54.80 13.97
N ALA F 216 9.01 54.05 15.04
CA ALA F 216 8.01 54.46 16.02
C ALA F 216 8.35 55.80 16.65
N LYS F 217 9.62 55.99 17.03
CA LYS F 217 10.05 57.26 17.61
C LYS F 217 9.85 58.39 16.62
N LYS F 218 10.25 58.18 15.35
CA LYS F 218 10.07 59.21 14.33
CA LYS F 218 10.06 59.21 14.33
C LYS F 218 8.60 59.62 14.20
N LEU F 219 7.68 58.69 14.40
CA LEU F 219 6.28 58.94 14.19
C LEU F 219 5.54 59.34 15.46
N GLY F 220 6.26 59.51 16.56
CA GLY F 220 5.67 60.11 17.74
C GLY F 220 5.59 59.23 18.97
N ALA F 221 6.12 58.01 18.97
CA ALA F 221 6.01 57.16 20.16
C ALA F 221 6.74 57.81 21.32
N ASP F 222 6.15 57.70 22.52
CA ASP F 222 6.78 58.26 23.71
C ASP F 222 7.76 57.30 24.37
N LEU F 223 7.52 55.99 24.26
CA LEU F 223 8.42 54.97 24.76
C LEU F 223 8.56 53.91 23.68
N THR F 224 9.72 53.25 23.66
CA THR F 224 9.97 52.15 22.75
C THR F 224 10.61 51.02 23.55
N VAL F 225 10.33 49.78 23.12
CA VAL F 225 10.80 48.58 23.81
C VAL F 225 11.12 47.53 22.76
N ASN F 226 12.33 47.00 22.80
CA ASN F 226 12.69 45.86 21.97
C ASN F 226 12.47 44.61 22.82
N ALA F 227 11.41 43.87 22.51
CA ALA F 227 11.02 42.72 23.31
C ALA F 227 12.06 41.61 23.29
N LYS F 228 12.96 41.60 22.29
CA LYS F 228 14.03 40.60 22.32
C LYS F 228 15.08 40.95 23.36
N THR F 229 15.30 42.23 23.63
CA THR F 229 16.29 42.65 24.62
C THR F 229 15.70 42.91 26.00
N THR F 230 14.41 43.23 26.10
CA THR F 230 13.83 43.75 27.33
C THR F 230 12.41 43.21 27.49
N ASP F 231 12.07 42.76 28.69
CA ASP F 231 10.71 42.28 28.91
C ASP F 231 9.73 43.44 28.85
N PRO F 232 8.76 43.43 27.93
CA PRO F 232 7.87 44.60 27.81
C PRO F 232 7.05 44.87 29.05
N GLY F 233 6.45 43.84 29.66
CA GLY F 233 5.65 44.06 30.86
C GLY F 233 6.44 44.70 31.97
N THR F 234 7.63 44.16 32.26
CA THR F 234 8.44 44.69 33.35
C THR F 234 8.80 46.16 33.10
N TYR F 235 9.25 46.47 31.88
CA TYR F 235 9.69 47.83 31.58
C TYR F 235 8.53 48.82 31.65
N LEU F 236 7.39 48.50 31.03
CA LEU F 236 6.32 49.48 30.98
C LEU F 236 5.64 49.66 32.33
N HIS F 237 5.59 48.62 33.15
CA HIS F 237 5.08 48.80 34.51
C HIS F 237 6.03 49.64 35.34
N LYS F 238 7.35 49.41 35.19
CA LYS F 238 8.32 50.22 35.92
C LYS F 238 8.27 51.68 35.49
N GLU F 239 8.18 51.94 34.17
CA GLU F 239 8.27 53.30 33.67
C GLU F 239 7.04 54.13 34.02
N VAL F 240 5.83 53.61 33.74
CA VAL F 240 4.63 54.42 33.87
C VAL F 240 3.48 53.67 34.55
N GLY F 241 3.76 52.49 35.08
CA GLY F 241 2.72 51.77 35.78
C GLY F 241 1.77 51.00 34.87
N GLY F 242 2.17 50.69 33.66
CA GLY F 242 1.38 49.84 32.79
C GLY F 242 0.46 50.62 31.88
N MET F 243 -0.06 49.93 30.87
CA MET F 243 -0.86 50.53 29.81
C MET F 243 -2.34 50.47 30.13
N HIS F 244 -3.06 51.55 29.84
CA HIS F 244 -4.52 51.46 29.88
C HIS F 244 -5.06 50.61 28.73
N GLY F 245 -4.33 50.58 27.61
CA GLY F 245 -4.75 49.81 26.45
C GLY F 245 -3.56 49.30 25.68
N ALA F 246 -3.82 48.34 24.80
CA ALA F 246 -2.79 47.82 23.91
C ALA F 246 -3.44 47.42 22.60
N LEU F 247 -2.71 47.58 21.51
CA LEU F 247 -3.19 47.13 20.21
C LEU F 247 -2.14 46.21 19.62
N ILE F 248 -2.48 44.95 19.39
CA ILE F 248 -1.53 43.95 18.91
C ILE F 248 -1.65 43.84 17.40
N THR F 249 -0.63 44.31 16.69
CA THR F 249 -0.56 44.16 15.25
C THR F 249 0.54 43.19 14.82
N ALA F 250 1.17 42.51 15.76
CA ALA F 250 2.31 41.66 15.45
C ALA F 250 1.87 40.29 14.92
N VAL F 251 2.82 39.57 14.32
CA VAL F 251 2.52 38.33 13.63
C VAL F 251 3.08 37.12 14.37
N SER F 252 3.14 37.17 15.71
CA SER F 252 3.69 36.07 16.46
C SER F 252 2.92 35.96 17.77
N PRO F 253 2.47 34.75 18.17
CA PRO F 253 1.66 34.63 19.39
C PRO F 253 2.30 35.20 20.64
N ILE F 254 3.62 35.11 20.81
CA ILE F 254 4.25 35.62 22.03
C ILE F 254 3.98 37.12 22.21
N ALA F 255 3.81 37.87 21.12
CA ALA F 255 3.49 39.29 21.24
C ALA F 255 2.14 39.50 21.91
N PHE F 256 1.20 38.59 21.68
CA PHE F 256 -0.12 38.69 22.30
C PHE F 256 -0.02 38.45 23.81
N LYS F 257 0.72 37.43 24.23
CA LYS F 257 0.91 37.21 25.66
C LYS F 257 1.67 38.37 26.29
N GLN F 258 2.73 38.86 25.65
CA GLN F 258 3.43 40.00 26.21
C GLN F 258 2.54 41.23 26.24
N GLY F 259 1.59 41.31 25.30
CA GLY F 259 0.60 42.37 25.35
C GLY F 259 -0.24 42.35 26.61
N ILE F 260 -0.60 41.14 27.09
CA ILE F 260 -1.30 41.05 28.37
C ILE F 260 -0.43 41.62 29.47
N ASP F 261 0.86 41.28 29.48
CA ASP F 261 1.76 41.70 30.56
C ASP F 261 1.81 43.21 30.75
N VAL F 262 1.71 44.00 29.66
CA VAL F 262 1.97 45.44 29.79
C VAL F 262 0.77 46.21 30.34
N LEU F 263 -0.39 45.57 30.45
CA LEU F 263 -1.60 46.26 30.88
C LEU F 263 -1.60 46.50 32.38
N ARG F 264 -2.15 47.63 32.79
CA ARG F 264 -2.53 47.80 34.19
C ARG F 264 -3.89 47.16 34.44
N ARG F 265 -4.33 47.17 35.69
CA ARG F 265 -5.65 46.63 36.00
C ARG F 265 -6.72 47.41 35.25
N LYS F 266 -7.74 46.69 34.79
CA LYS F 266 -8.82 47.18 33.94
C LYS F 266 -8.36 47.60 32.56
N GLY F 267 -7.18 47.17 32.13
CA GLY F 267 -6.74 47.46 30.78
C GLY F 267 -7.50 46.65 29.76
N THR F 268 -7.55 47.17 28.54
CA THR F 268 -8.17 46.50 27.42
C THR F 268 -7.16 46.34 26.30
N ILE F 269 -6.99 45.12 25.81
CA ILE F 269 -6.08 44.84 24.72
C ILE F 269 -6.90 44.40 23.51
N ALA F 270 -6.73 45.12 22.40
CA ALA F 270 -7.40 44.81 21.14
C ALA F 270 -6.45 44.04 20.23
N LEU F 271 -6.99 43.06 19.49
CA LEU F 271 -6.18 42.20 18.65
C LEU F 271 -6.46 42.48 17.17
N ASN F 272 -5.43 42.88 16.43
CA ASN F 272 -5.49 42.95 14.97
C ASN F 272 -4.71 41.83 14.30
N GLY F 273 -3.51 41.51 14.80
CA GLY F 273 -2.65 40.58 14.09
C GLY F 273 -3.29 39.22 13.94
N LEU F 274 -2.98 38.57 12.81
CA LEU F 274 -3.60 37.30 12.45
C LEU F 274 -2.58 36.22 12.11
N PRO F 275 -1.61 35.97 12.99
CA PRO F 275 -0.77 34.80 12.80
C PRO F 275 -1.62 33.55 13.01
N PRO F 276 -1.24 32.43 12.39
CA PRO F 276 -1.98 31.19 12.63
C PRO F 276 -1.81 30.75 14.07
N GLY F 277 -2.76 29.93 14.54
CA GLY F 277 -2.67 29.34 15.86
C GLY F 277 -3.26 30.20 16.97
N SER F 278 -2.74 30.02 18.19
CA SER F 278 -3.32 30.60 19.40
C SER F 278 -2.21 31.16 20.27
N PHE F 279 -2.58 31.86 21.34
CA PHE F 279 -1.63 32.25 22.38
C PHE F 279 -2.20 31.85 23.73
N GLU F 280 -1.29 31.72 24.71
CA GLU F 280 -1.65 31.27 26.05
C GLU F 280 -2.22 32.44 26.83
N LEU F 281 -3.52 32.44 27.06
CA LEU F 281 -4.14 33.50 27.85
C LEU F 281 -4.08 33.11 29.33
N PRO F 282 -3.37 33.86 30.18
CA PRO F 282 -3.25 33.47 31.60
C PRO F 282 -4.51 33.83 32.38
N ILE F 283 -5.15 32.82 32.96
CA ILE F 283 -6.51 33.01 33.47
C ILE F 283 -6.50 33.81 34.78
N PHE F 284 -5.63 33.43 35.72
CA PHE F 284 -5.67 34.05 37.05
C PHE F 284 -5.49 35.55 36.96
N GLU F 285 -4.46 35.98 36.22
CA GLU F 285 -4.16 37.39 36.03
C GLU F 285 -5.29 38.12 35.31
N THR F 286 -5.85 37.49 34.27
CA THR F 286 -6.92 38.11 33.51
C THR F 286 -8.13 38.36 34.40
N VAL F 287 -8.43 37.42 35.30
CA VAL F 287 -9.57 37.56 36.18
C VAL F 287 -9.31 38.62 37.23
N LEU F 288 -8.21 38.48 37.98
CA LEU F 288 -7.96 39.33 39.13
C LEU F 288 -7.75 40.78 38.73
N LYS F 289 -7.27 41.03 37.50
CA LYS F 289 -6.99 42.37 36.99
C LYS F 289 -8.11 42.95 36.15
N ARG F 290 -9.20 42.21 35.94
CA ARG F 290 -10.28 42.62 35.04
C ARG F 290 -9.71 43.06 33.68
N ILE F 291 -8.92 42.16 33.09
CA ILE F 291 -8.39 42.37 31.74
C ILE F 291 -9.49 42.04 30.72
N THR F 292 -9.60 42.88 29.70
CA THR F 292 -10.48 42.65 28.57
C THR F 292 -9.62 42.43 27.33
N VAL F 293 -9.85 41.31 26.65
CA VAL F 293 -9.18 40.97 25.39
C VAL F 293 -10.25 41.02 24.30
N ARG F 294 -10.00 41.77 23.23
CA ARG F 294 -11.05 42.02 22.25
C ARG F 294 -10.48 41.94 20.83
N GLY F 295 -11.02 41.03 20.02
CA GLY F 295 -10.65 41.02 18.61
C GLY F 295 -11.24 42.21 17.87
N SER F 296 -10.48 42.72 16.90
CA SER F 296 -10.93 43.86 16.12
C SER F 296 -10.59 43.62 14.66
N ILE F 297 -11.60 43.74 13.80
CA ILE F 297 -11.50 43.34 12.40
C ILE F 297 -11.85 44.52 11.52
N VAL F 298 -10.87 44.97 10.72
CA VAL F 298 -10.90 46.14 9.85
C VAL F 298 -11.80 47.25 10.41
N GLY F 299 -12.67 47.82 9.58
CA GLY F 299 -13.58 48.85 10.06
C GLY F 299 -14.76 48.99 9.13
N THR F 300 -15.83 49.59 9.64
CA THR F 300 -17.00 49.83 8.81
C THR F 300 -16.71 50.94 7.80
N ARG F 301 -17.67 51.18 6.91
CA ARG F 301 -17.57 52.31 5.99
C ARG F 301 -17.42 53.62 6.74
N LYS F 302 -18.08 53.77 7.90
CA LYS F 302 -17.93 54.98 8.69
C LYS F 302 -16.54 55.07 9.32
N ASP F 303 -16.05 53.97 9.89
CA ASP F 303 -14.67 53.92 10.36
C ASP F 303 -13.71 54.33 9.27
N LEU F 304 -13.95 53.83 8.05
CA LEU F 304 -13.03 54.10 6.94
C LEU F 304 -13.02 55.58 6.60
N GLN F 305 -14.19 56.21 6.52
CA GLN F 305 -14.24 57.63 6.22
C GLN F 305 -13.54 58.44 7.29
N GLU F 306 -13.78 58.09 8.56
CA GLU F 306 -13.09 58.75 9.67
C GLU F 306 -11.59 58.57 9.55
N ALA F 307 -11.14 57.34 9.24
CA ALA F 307 -9.71 57.09 9.10
C ALA F 307 -9.09 57.92 7.99
N LEU F 308 -9.80 58.04 6.85
CA LEU F 308 -9.31 58.88 5.76
C LEU F 308 -9.28 60.35 6.15
N ASP F 309 -10.23 60.80 6.98
CA ASP F 309 -10.22 62.18 7.41
C ASP F 309 -8.97 62.51 8.23
N PHE F 310 -8.52 61.58 9.08
CA PHE F 310 -7.26 61.81 9.80
C PHE F 310 -6.10 61.97 8.82
N ALA F 311 -6.06 61.15 7.77
CA ALA F 311 -4.99 61.29 6.78
C ALA F 311 -5.13 62.58 5.99
N ASN F 312 -6.35 62.91 5.58
CA ASN F 312 -6.58 64.13 4.81
C ASN F 312 -6.17 65.37 5.57
N GLU F 313 -6.28 65.34 6.90
CA GLU F 313 -5.89 66.49 7.72
C GLU F 313 -4.43 66.47 8.09
N GLY F 314 -3.65 65.50 7.60
CA GLY F 314 -2.23 65.46 7.86
C GLY F 314 -1.85 64.95 9.22
N LEU F 315 -2.80 64.39 9.98
CA LEU F 315 -2.48 63.84 11.28
C LEU F 315 -1.84 62.46 11.18
N VAL F 316 -2.11 61.75 10.09
CA VAL F 316 -1.56 60.42 9.83
C VAL F 316 -1.00 60.43 8.42
N LYS F 317 0.25 60.01 8.28
CA LYS F 317 0.89 59.82 6.99
C LYS F 317 1.57 58.46 6.99
N ALA F 318 1.17 57.59 6.07
CA ALA F 318 1.83 56.32 5.96
C ALA F 318 3.26 56.51 5.47
N THR F 319 4.17 55.69 5.98
CA THR F 319 5.54 55.59 5.46
C THR F 319 5.52 54.58 4.33
N VAL F 320 5.75 55.04 3.11
CA VAL F 320 5.50 54.23 1.92
C VAL F 320 6.76 54.16 1.07
N THR F 321 7.05 52.97 0.54
CA THR F 321 8.05 52.78 -0.49
C THR F 321 7.37 52.14 -1.68
N SER F 322 7.59 52.71 -2.86
CA SER F 322 6.97 52.21 -4.07
CA SER F 322 6.97 52.21 -4.07
C SER F 322 7.69 50.96 -4.59
N ALA F 323 6.95 50.10 -5.28
CA ALA F 323 7.53 48.93 -5.92
C ALA F 323 6.71 48.63 -7.17
N LYS F 324 7.35 47.93 -8.12
CA LYS F 324 6.66 47.53 -9.33
C LYS F 324 5.85 46.25 -9.09
N LEU F 325 4.80 46.09 -9.87
CA LEU F 325 3.92 44.93 -9.72
C LEU F 325 4.67 43.60 -9.82
N GLU F 326 5.62 43.52 -10.73
CA GLU F 326 6.29 42.26 -10.99
C GLU F 326 7.50 42.08 -10.10
N ASP F 327 7.69 43.00 -9.20
CA ASP F 327 8.55 42.79 -8.07
C ASP F 327 7.78 42.26 -6.86
N ILE F 328 6.53 41.81 -7.02
CA ILE F 328 5.70 41.44 -5.85
C ILE F 328 6.35 40.30 -5.05
N ASN F 329 7.03 39.38 -5.72
CA ASN F 329 7.65 38.28 -5.00
C ASN F 329 8.79 38.76 -4.10
N ASP F 330 9.56 39.75 -4.56
CA ASP F 330 10.60 40.28 -3.70
C ASP F 330 10.01 41.15 -2.58
N VAL F 331 8.87 41.79 -2.83
CA VAL F 331 8.18 42.49 -1.76
C VAL F 331 7.83 41.52 -0.63
N PHE F 332 7.24 40.39 -1.00
CA PHE F 332 6.86 39.38 -0.01
C PHE F 332 8.08 38.84 0.73
N ASP F 333 9.19 38.63 0.02
CA ASP F 333 10.36 38.12 0.73
C ASP F 333 10.91 39.17 1.71
N LYS F 334 10.83 40.45 1.36
CA LYS F 334 11.19 41.48 2.32
C LYS F 334 10.22 41.49 3.50
N MET F 335 8.94 41.23 3.24
CA MET F 335 7.97 41.19 4.32
C MET F 335 8.25 40.02 5.27
N LYS F 336 8.60 38.86 4.70
CA LYS F 336 8.91 37.70 5.53
C LYS F 336 10.10 37.96 6.46
N LYS F 337 11.08 38.74 6.00
CA LYS F 337 12.28 39.02 6.78
C LYS F 337 12.18 40.29 7.61
N GLY F 338 11.01 40.93 7.67
CA GLY F 338 10.87 42.12 8.49
C GLY F 338 11.67 43.31 8.01
N GLN F 339 11.86 43.43 6.70
CA GLN F 339 12.75 44.43 6.11
C GLN F 339 12.01 45.61 5.51
N ILE F 340 10.71 45.73 5.74
CA ILE F 340 9.93 46.82 5.18
C ILE F 340 9.83 47.93 6.22
N ASP F 341 10.15 49.15 5.80
CA ASP F 341 10.06 50.35 6.64
C ASP F 341 8.64 50.88 6.47
N GLY F 342 7.73 50.40 7.33
CA GLY F 342 6.34 50.74 7.19
C GLY F 342 5.62 49.88 6.16
N ARG F 343 5.30 50.47 5.01
CA ARG F 343 4.49 49.82 3.99
CA ARG F 343 4.50 49.81 3.99
C ARG F 343 5.21 49.87 2.64
N ILE F 344 5.06 48.80 1.87
CA ILE F 344 5.37 48.81 0.44
C ILE F 344 4.06 49.02 -0.30
N VAL F 345 4.06 49.91 -1.29
CA VAL F 345 2.89 50.15 -2.12
C VAL F 345 3.29 49.94 -3.58
N LEU F 346 2.52 49.09 -4.27
CA LEU F 346 2.75 48.85 -5.69
C LEU F 346 2.33 50.07 -6.51
N ASP F 347 3.27 50.60 -7.29
CA ASP F 347 3.01 51.71 -8.21
C ASP F 347 2.53 51.10 -9.52
N ILE F 348 1.22 50.88 -9.62
CA ILE F 348 0.73 50.19 -10.80
C ILE F 348 0.52 51.16 -11.96
N ALA F 349 0.19 52.42 -11.68
CA ALA F 349 0.00 53.39 -12.76
C ALA F 349 1.30 53.71 -13.49
N GLY F 350 2.45 53.48 -12.85
CA GLY F 350 3.74 53.82 -13.44
C GLY F 350 4.10 53.09 -14.72
N ILE G 10 -19.04 37.93 75.23
CA ILE G 10 -18.12 37.42 74.22
C ILE G 10 -16.96 36.70 74.90
N PRO G 11 -16.70 35.46 74.51
CA PRO G 11 -15.63 34.68 75.13
C PRO G 11 -14.25 35.14 74.69
N LYS G 12 -13.27 34.80 75.53
CA LYS G 12 -11.86 35.00 75.20
C LYS G 12 -11.35 33.96 74.20
N THR G 13 -12.08 32.86 74.03
CA THR G 13 -11.66 31.73 73.22
C THR G 13 -12.74 31.36 72.21
N MET G 14 -12.31 30.75 71.11
CA MET G 14 -13.23 30.31 70.06
C MET G 14 -12.63 29.10 69.34
N LYS G 15 -13.49 28.34 68.68
CA LYS G 15 -13.07 27.28 67.78
C LYS G 15 -12.94 27.80 66.36
N ALA G 16 -11.95 27.30 65.63
CA ALA G 16 -11.75 27.73 64.24
C ALA G 16 -11.06 26.63 63.47
N ALA G 17 -11.43 26.51 62.20
CA ALA G 17 -10.75 25.59 61.29
C ALA G 17 -9.52 26.27 60.72
N VAL G 18 -8.35 25.71 60.99
CA VAL G 18 -7.09 26.35 60.62
C VAL G 18 -6.30 25.39 59.73
N VAL G 19 -5.79 25.92 58.63
CA VAL G 19 -4.83 25.20 57.79
C VAL G 19 -3.44 25.73 58.13
N GLN G 20 -2.49 24.81 58.29
CA GLN G 20 -1.13 25.20 58.65
C GLN G 20 -0.19 25.29 57.46
N GLY G 21 -0.34 24.42 56.47
CA GLY G 21 0.54 24.42 55.32
C GLY G 21 -0.23 23.98 54.09
N TYR G 22 0.36 24.27 52.93
CA TYR G 22 -0.31 24.02 51.67
C TYR G 22 -0.61 22.54 51.49
N GLY G 23 -1.85 22.24 51.09
CA GLY G 23 -2.27 20.86 50.90
C GLY G 23 -2.53 20.08 52.17
N GLU G 24 -2.28 20.66 53.35
CA GLU G 24 -2.46 19.96 54.60
C GLU G 24 -3.93 19.91 55.01
N PRO G 25 -4.34 18.89 55.75
CA PRO G 25 -5.70 18.87 56.29
C PRO G 25 -5.90 20.03 57.27
N LEU G 26 -7.13 20.55 57.31
CA LEU G 26 -7.46 21.56 58.30
C LEU G 26 -7.69 20.91 59.66
N LYS G 27 -7.40 21.65 60.73
CA LYS G 27 -7.62 21.15 62.08
C LYS G 27 -8.45 22.17 62.86
N ILE G 28 -9.37 21.65 63.68
CA ILE G 28 -10.16 22.49 64.56
C ILE G 28 -9.30 22.85 65.77
N GLN G 29 -9.07 24.15 65.98
CA GLN G 29 -8.20 24.61 67.03
C GLN G 29 -8.93 25.66 67.87
N GLU G 30 -8.43 25.88 69.08
CA GLU G 30 -8.91 26.95 69.95
C GLU G 30 -8.06 28.18 69.72
N VAL G 31 -8.68 29.25 69.24
CA VAL G 31 -7.95 30.47 68.88
C VAL G 31 -8.46 31.61 69.75
N PRO G 32 -7.62 32.57 70.13
CA PRO G 32 -8.12 33.70 70.91
C PRO G 32 -9.04 34.58 70.07
N VAL G 33 -10.04 35.15 70.75
CA VAL G 33 -10.96 36.10 70.12
C VAL G 33 -10.44 37.51 70.34
N ARG G 34 -10.32 38.28 69.26
CA ARG G 34 -9.73 39.61 69.33
C ARG G 34 -10.82 40.66 69.51
N GLU G 35 -10.41 41.78 70.09
CA GLU G 35 -11.23 42.98 70.22
C GLU G 35 -11.14 43.81 68.94
N PRO G 36 -12.25 44.37 68.47
CA PRO G 36 -12.20 45.16 67.24
C PRO G 36 -11.50 46.51 67.42
N GLY G 37 -10.65 46.85 66.46
CA GLY G 37 -10.00 48.15 66.41
C GLY G 37 -10.80 49.15 65.58
N ARG G 38 -10.11 50.21 65.18
CA ARG G 38 -10.75 51.28 64.41
C ARG G 38 -11.37 50.72 63.12
N TYR G 39 -12.63 51.11 62.87
CA TYR G 39 -13.45 50.71 61.74
C TYR G 39 -13.92 49.25 61.82
N GLU G 40 -13.38 48.48 62.75
CA GLU G 40 -13.64 47.05 62.79
C GLU G 40 -14.85 46.74 63.66
N VAL G 41 -15.47 45.59 63.39
CA VAL G 41 -16.47 45.00 64.26
C VAL G 41 -16.13 43.53 64.46
N LEU G 42 -16.56 42.97 65.58
CA LEU G 42 -16.49 41.54 65.83
C LEU G 42 -17.86 40.94 65.51
N VAL G 43 -17.87 39.95 64.61
CA VAL G 43 -19.10 39.30 64.16
C VAL G 43 -19.13 37.88 64.70
N LYS G 44 -20.23 37.52 65.35
CA LYS G 44 -20.48 36.13 65.73
C LYS G 44 -21.07 35.40 64.53
N VAL G 45 -20.37 34.38 64.04
CA VAL G 45 -20.71 33.74 62.77
C VAL G 45 -21.86 32.76 62.98
N MET G 46 -22.97 32.98 62.28
CA MET G 46 -24.05 31.99 62.22
C MET G 46 -23.74 30.90 61.19
N ALA G 47 -23.19 31.29 60.05
CA ALA G 47 -22.92 30.34 58.98
C ALA G 47 -21.84 30.93 58.09
N CYS G 48 -21.19 30.05 57.33
CA CYS G 48 -20.22 30.53 56.35
C CYS G 48 -20.18 29.55 55.20
N GLY G 49 -20.47 30.05 54.00
CA GLY G 49 -20.41 29.19 52.83
C GLY G 49 -18.99 28.79 52.50
N VAL G 50 -18.85 27.63 51.88
CA VAL G 50 -17.55 27.11 51.47
C VAL G 50 -17.39 27.31 49.97
N CYS G 51 -16.42 28.14 49.61
CA CYS G 51 -16.12 28.52 48.24
C CYS G 51 -14.92 27.72 47.75
N HIS G 52 -14.89 27.45 46.43
CA HIS G 52 -13.76 26.68 45.89
C HIS G 52 -12.46 27.44 46.09
N THR G 53 -12.55 28.77 46.18
CA THR G 53 -11.39 29.60 46.51
C THR G 53 -10.76 29.18 47.82
N ASP G 54 -11.58 28.82 48.83
CA ASP G 54 -11.03 28.30 50.08
C ASP G 54 -10.12 27.10 49.83
N LEU G 55 -10.49 26.26 48.86
CA LEU G 55 -9.67 25.11 48.52
C LEU G 55 -8.39 25.53 47.79
N HIS G 56 -8.51 26.50 46.87
CA HIS G 56 -7.32 27.07 46.23
C HIS G 56 -6.39 27.69 47.25
N ALA G 57 -6.95 28.29 48.30
CA ALA G 57 -6.13 28.86 49.37
C ALA G 57 -5.43 27.76 50.15
N VAL G 58 -6.20 26.76 50.60
CA VAL G 58 -5.62 25.68 51.40
C VAL G 58 -4.50 24.97 50.63
N ASP G 59 -4.68 24.77 49.32
CA ASP G 59 -3.71 24.06 48.50
C ASP G 59 -2.62 24.96 47.94
N GLY G 60 -2.74 26.28 48.09
CA GLY G 60 -1.77 27.19 47.53
C GLY G 60 -1.70 27.13 46.02
N ASP G 61 -2.84 27.00 45.35
CA ASP G 61 -2.85 26.83 43.89
C ASP G 61 -2.38 28.08 43.15
N TRP G 62 -2.46 29.27 43.78
CA TRP G 62 -2.33 30.56 43.12
C TRP G 62 -0.94 31.16 43.32
N PRO G 63 -0.50 31.98 42.35
CA PRO G 63 0.81 32.65 42.52
C PRO G 63 0.79 33.69 43.63
N ALA G 64 -0.34 34.37 43.83
CA ALA G 64 -0.53 35.24 44.99
C ALA G 64 -0.95 34.36 46.16
N LYS G 65 -0.02 34.21 47.16
CA LYS G 65 -0.21 33.20 48.20
C LYS G 65 -0.99 33.73 49.40
N PRO G 66 -1.71 32.85 50.10
CA PRO G 66 -2.42 33.25 51.32
C PRO G 66 -1.46 33.34 52.51
N LYS G 67 -1.92 34.02 53.55
CA LYS G 67 -1.17 34.00 54.79
C LYS G 67 -1.30 32.62 55.45
N MET G 68 -0.27 32.24 56.21
CA MET G 68 -0.22 30.95 56.88
C MET G 68 0.25 31.18 58.31
N PRO G 69 -0.40 30.58 59.33
CA PRO G 69 -1.61 29.75 59.23
C PRO G 69 -2.83 30.59 58.91
N LEU G 70 -3.95 29.96 58.56
CA LEU G 70 -5.08 30.68 58.01
C LEU G 70 -6.40 30.07 58.48
N ILE G 71 -7.33 30.93 58.87
CA ILE G 71 -8.74 30.58 59.00
C ILE G 71 -9.41 30.97 57.69
N PRO G 72 -9.81 30.04 56.85
CA PRO G 72 -10.45 30.41 55.58
C PRO G 72 -11.85 30.93 55.77
N GLY G 73 -12.54 31.19 54.67
CA GLY G 73 -13.94 31.54 54.70
C GLY G 73 -14.24 33.01 54.42
N HIS G 74 -14.88 33.26 53.30
CA HIS G 74 -15.29 34.62 52.96
C HIS G 74 -16.74 34.64 52.47
N GLU G 75 -17.54 33.68 52.93
CA GLU G 75 -18.99 33.71 52.82
C GLU G 75 -19.61 33.64 54.21
N GLY G 76 -18.96 34.27 55.19
CA GLY G 76 -19.42 34.23 56.57
C GLY G 76 -20.48 35.27 56.84
N VAL G 77 -21.55 34.85 57.52
CA VAL G 77 -22.65 35.74 57.85
C VAL G 77 -23.02 35.56 59.32
N GLY G 78 -23.40 36.65 59.96
CA GLY G 78 -23.74 36.57 61.37
C GLY G 78 -24.17 37.92 61.91
N ILE G 79 -24.05 38.06 63.23
CA ILE G 79 -24.57 39.22 63.97
C ILE G 79 -23.41 39.98 64.58
N VAL G 80 -23.42 41.30 64.43
CA VAL G 80 -22.38 42.14 65.03
C VAL G 80 -22.56 42.10 66.54
N VAL G 81 -21.49 41.71 67.25
CA VAL G 81 -21.54 41.62 68.71
C VAL G 81 -20.63 42.62 69.40
N ALA G 82 -19.71 43.27 68.68
CA ALA G 82 -18.86 44.29 69.29
C ALA G 82 -18.38 45.24 68.20
N CYS G 83 -18.23 46.51 68.58
CA CYS G 83 -17.86 47.56 67.64
C CYS G 83 -16.60 48.27 68.12
N GLY G 84 -15.65 48.45 67.21
CA GLY G 84 -14.56 49.35 67.49
C GLY G 84 -14.99 50.79 67.26
N PRO G 85 -14.08 51.71 67.56
CA PRO G 85 -14.36 53.13 67.29
C PRO G 85 -14.55 53.35 65.79
N ASP G 86 -15.48 54.25 65.46
CA ASP G 86 -15.78 54.64 64.07
C ASP G 86 -16.33 53.48 63.24
N ALA G 87 -16.98 52.53 63.90
CA ALA G 87 -17.65 51.45 63.18
C ALA G 87 -18.86 51.98 62.43
N MET G 88 -19.12 51.38 61.27
CA MET G 88 -20.21 51.81 60.40
C MET G 88 -21.45 50.92 60.51
N VAL G 89 -21.42 49.89 61.36
CA VAL G 89 -22.59 49.07 61.66
C VAL G 89 -22.70 48.94 63.17
N LYS G 90 -23.91 48.64 63.65
CA LYS G 90 -24.22 48.63 65.07
C LYS G 90 -24.40 47.21 65.60
N GLU G 91 -24.33 47.09 66.92
CA GLU G 91 -24.56 45.80 67.56
C GLU G 91 -25.93 45.26 67.18
N GLY G 92 -25.99 43.96 66.91
CA GLY G 92 -27.22 43.33 66.50
C GLY G 92 -27.45 43.30 65.00
N ASP G 93 -26.68 44.06 64.23
CA ASP G 93 -26.84 44.04 62.78
C ASP G 93 -26.43 42.68 62.23
N ALA G 94 -27.18 42.21 61.25
CA ALA G 94 -26.82 41.03 60.49
C ALA G 94 -25.96 41.46 59.30
N VAL G 95 -24.75 40.90 59.21
CA VAL G 95 -23.77 41.31 58.21
C VAL G 95 -23.07 40.08 57.62
N GLY G 96 -22.44 40.28 56.47
CA GLY G 96 -21.61 39.26 55.87
C GLY G 96 -20.22 39.81 55.59
N VAL G 97 -19.23 38.92 55.65
CA VAL G 97 -17.84 39.34 55.49
C VAL G 97 -17.30 38.72 54.20
N PRO G 98 -17.17 39.49 53.10
CA PRO G 98 -16.88 38.88 51.80
C PRO G 98 -15.40 38.84 51.44
N TRP G 99 -15.12 38.44 50.20
CA TRP G 99 -13.75 38.40 49.70
C TRP G 99 -13.10 39.78 49.77
N LEU G 100 -13.80 40.79 49.26
CA LEU G 100 -13.33 42.17 49.33
C LEU G 100 -13.53 42.65 50.76
N TYR G 101 -12.59 42.27 51.61
CA TYR G 101 -12.70 42.55 53.04
C TYR G 101 -12.48 44.03 53.34
N SER G 102 -11.58 44.68 52.59
CA SER G 102 -11.29 46.11 52.76
C SER G 102 -10.63 46.61 51.49
N ALA G 103 -10.73 47.91 51.25
CA ALA G 103 -10.07 48.56 50.11
C ALA G 103 -9.59 49.94 50.56
N CYS G 104 -8.73 50.55 49.76
CA CYS G 104 -8.13 51.81 50.22
C CYS G 104 -9.14 52.96 50.23
N GLY G 105 -10.05 53.06 49.25
CA GLY G 105 -11.00 54.14 49.14
C GLY G 105 -10.49 55.41 48.49
N CYS G 106 -9.22 55.46 48.12
CA CYS G 106 -8.64 56.67 47.55
C CYS G 106 -7.75 56.44 46.33
N CYS G 107 -7.63 55.22 45.80
CA CYS G 107 -6.84 55.04 44.58
C CYS G 107 -7.72 55.20 43.31
N ASP G 108 -7.05 55.22 42.16
CA ASP G 108 -7.73 55.26 40.85
C ASP G 108 -8.89 54.27 40.77
N TYR G 109 -8.69 53.04 41.21
CA TYR G 109 -9.73 52.05 41.02
C TYR G 109 -10.87 52.24 42.01
N CYS G 110 -10.57 52.58 43.26
CA CYS G 110 -11.63 52.79 44.24
C CYS G 110 -12.50 53.97 43.86
N ILE G 111 -11.88 55.05 43.37
CA ILE G 111 -12.58 56.31 43.11
C ILE G 111 -13.47 56.21 41.88
N THR G 112 -13.16 55.32 40.95
CA THR G 112 -13.86 55.23 39.68
C THR G 112 -14.90 54.12 39.66
N GLY G 113 -15.23 53.55 40.81
CA GLY G 113 -16.21 52.50 40.89
C GLY G 113 -15.65 51.11 40.73
N TRP G 114 -14.32 50.93 40.80
CA TRP G 114 -13.70 49.63 40.59
C TRP G 114 -12.88 49.19 41.81
N GLU G 115 -13.44 49.33 43.01
CA GLU G 115 -12.71 48.98 44.23
C GLU G 115 -12.35 47.50 44.29
N THR G 116 -13.00 46.64 43.49
CA THR G 116 -12.55 45.25 43.41
C THR G 116 -11.13 45.13 42.89
N LEU G 117 -10.61 46.18 42.26
CA LEU G 117 -9.27 46.15 41.69
C LEU G 117 -8.25 46.87 42.56
N CYS G 118 -8.66 47.34 43.74
CA CYS G 118 -7.76 48.06 44.63
C CYS G 118 -6.55 47.18 44.94
N GLU G 119 -5.35 47.69 44.65
CA GLU G 119 -4.15 46.89 44.91
C GLU G 119 -3.79 46.86 46.38
N ALA G 120 -4.39 47.73 47.20
CA ALA G 120 -4.23 47.68 48.64
C ALA G 120 -5.36 46.91 49.32
N GLN G 121 -6.16 46.15 48.58
CA GLN G 121 -7.27 45.46 49.20
C GLN G 121 -6.74 44.33 50.09
N GLN G 122 -7.54 43.97 51.08
CA GLN G 122 -7.35 42.78 51.88
C GLN G 122 -8.48 41.80 51.61
N ASN G 123 -8.19 40.51 51.66
CA ASN G 123 -9.13 39.49 51.21
C ASN G 123 -9.49 38.54 52.35
N GLY G 124 -10.79 38.46 52.64
CA GLY G 124 -11.26 37.67 53.77
C GLY G 124 -11.00 36.19 53.61
N GLY G 125 -10.56 35.56 54.69
CA GLY G 125 -10.22 34.16 54.60
C GLY G 125 -9.04 33.87 53.70
N TYR G 126 -8.17 34.86 53.48
CA TYR G 126 -7.01 34.66 52.62
C TYR G 126 -5.80 35.43 53.15
N SER G 127 -5.89 36.76 53.13
CA SER G 127 -4.85 37.60 53.73
C SER G 127 -5.18 37.97 55.17
N VAL G 128 -6.44 37.84 55.57
CA VAL G 128 -6.89 38.00 56.95
C VAL G 128 -7.78 36.80 57.27
N ASP G 129 -7.90 36.51 58.57
CA ASP G 129 -8.71 35.38 59.03
C ASP G 129 -10.19 35.58 58.68
N GLY G 130 -10.86 34.46 58.37
CA GLY G 130 -12.20 34.52 57.82
C GLY G 130 -13.30 33.88 58.66
N GLY G 131 -14.33 33.38 57.98
CA GLY G 131 -15.57 32.92 58.55
C GLY G 131 -15.65 31.47 58.98
N PHE G 132 -14.58 30.68 58.78
CA PHE G 132 -14.56 29.31 59.28
C PHE G 132 -14.30 29.28 60.78
N ALA G 133 -15.07 30.03 61.56
CA ALA G 133 -14.78 30.20 62.98
C ALA G 133 -16.03 30.72 63.67
N GLU G 134 -16.03 30.67 64.99
CA GLU G 134 -17.21 31.14 65.71
C GLU G 134 -17.32 32.64 65.67
N TYR G 135 -16.20 33.35 65.52
CA TYR G 135 -16.19 34.80 65.42
C TYR G 135 -15.19 35.23 64.37
N VAL G 136 -15.42 36.40 63.77
CA VAL G 136 -14.52 36.96 62.78
C VAL G 136 -14.47 38.47 62.95
N ILE G 137 -13.26 39.03 62.88
CA ILE G 137 -13.08 40.48 62.81
C ILE G 137 -13.35 40.93 61.38
N ALA G 138 -14.14 41.99 61.22
CA ALA G 138 -14.48 42.51 59.91
C ALA G 138 -14.25 44.01 59.86
N ASP G 139 -13.96 44.51 58.65
CA ASP G 139 -13.98 45.94 58.38
C ASP G 139 -15.42 46.35 58.13
N SER G 140 -16.00 47.14 59.05
CA SER G 140 -17.42 47.46 59.00
C SER G 140 -17.80 48.25 57.75
N ARG G 141 -16.84 48.86 57.06
CA ARG G 141 -17.14 49.67 55.89
C ARG G 141 -17.39 48.83 54.65
N TYR G 142 -17.02 47.56 54.65
CA TYR G 142 -17.08 46.72 53.46
C TYR G 142 -17.92 45.46 53.64
N VAL G 143 -18.57 45.30 54.79
CA VAL G 143 -19.42 44.13 55.00
C VAL G 143 -20.70 44.24 54.18
N GLY G 144 -21.27 43.10 53.82
CA GLY G 144 -22.62 43.09 53.27
C GLY G 144 -23.65 43.31 54.36
N HIS G 145 -24.70 44.03 54.02
CA HIS G 145 -25.78 44.35 54.95
C HIS G 145 -26.94 43.40 54.71
N LEU G 146 -27.31 42.63 55.72
CA LEU G 146 -28.38 41.66 55.62
C LEU G 146 -29.60 42.11 56.40
N LYS G 147 -30.78 41.67 55.95
CA LYS G 147 -32.03 41.94 56.67
C LYS G 147 -32.07 41.19 58.00
N SER G 148 -32.80 41.76 58.96
CA SER G 148 -32.84 41.20 60.31
C SER G 148 -33.38 39.77 60.34
N ASN G 149 -34.31 39.44 59.44
CA ASN G 149 -34.94 38.13 59.44
C ASN G 149 -34.33 37.20 58.40
N VAL G 150 -33.06 37.40 58.06
CA VAL G 150 -32.42 36.63 57.01
C VAL G 150 -32.28 35.17 57.46
N ASN G 151 -32.36 34.27 56.48
CA ASN G 151 -32.00 32.87 56.69
C ASN G 151 -30.49 32.78 56.50
N PHE G 152 -29.75 32.65 57.59
CA PHE G 152 -28.29 32.80 57.52
C PHE G 152 -27.68 31.72 56.64
N LEU G 153 -28.17 30.49 56.77
CA LEU G 153 -27.63 29.38 56.00
C LEU G 153 -27.83 29.59 54.51
N GLU G 154 -29.05 29.98 54.12
CA GLU G 154 -29.36 30.14 52.71
C GLU G 154 -28.70 31.38 52.11
N ILE G 155 -28.46 32.42 52.90
CA ILE G 155 -27.97 33.67 52.33
C ILE G 155 -26.46 33.66 52.13
N ALA G 156 -25.74 32.81 52.87
CA ALA G 156 -24.29 32.84 52.87
C ALA G 156 -23.67 32.81 51.47
N PRO G 157 -24.11 31.98 50.52
CA PRO G 157 -23.45 31.97 49.21
C PRO G 157 -23.58 33.28 48.42
N ILE G 158 -24.56 34.13 48.73
CA ILE G 158 -24.63 35.39 47.98
C ILE G 158 -23.41 36.27 48.26
N LEU G 159 -22.78 36.09 49.44
CA LEU G 159 -21.64 36.93 49.82
C LEU G 159 -20.42 36.70 48.94
N CYS G 160 -20.37 35.59 48.20
CA CYS G 160 -19.32 35.44 47.20
C CYS G 160 -19.84 34.82 45.90
N ALA G 161 -20.39 33.61 45.98
CA ALA G 161 -20.93 32.98 44.78
C ALA G 161 -21.94 33.92 44.10
N GLY G 162 -22.90 34.46 44.86
CA GLY G 162 -23.94 35.29 44.29
C GLY G 162 -23.43 36.60 43.71
N VAL G 163 -22.73 37.41 44.51
CA VAL G 163 -22.23 38.70 44.01
C VAL G 163 -21.27 38.48 42.83
N THR G 164 -20.46 37.42 42.86
CA THR G 164 -19.49 37.20 41.78
C THR G 164 -20.17 36.97 40.44
N VAL G 165 -21.13 36.04 40.38
CA VAL G 165 -21.74 35.73 39.09
C VAL G 165 -22.65 36.87 38.64
N TYR G 166 -23.26 37.58 39.59
CA TYR G 166 -24.10 38.72 39.23
C TYR G 166 -23.29 39.78 38.51
N LYS G 167 -22.15 40.17 39.11
CA LYS G 167 -21.25 41.09 38.43
C LYS G 167 -20.74 40.49 37.13
N GLY G 168 -20.41 39.19 37.13
CA GLY G 168 -19.91 38.56 35.91
C GLY G 168 -20.91 38.67 34.76
N LEU G 169 -22.20 38.47 35.05
CA LEU G 169 -23.22 38.58 34.01
C LEU G 169 -23.33 40.02 33.50
N LYS G 170 -23.21 41.00 34.39
CA LYS G 170 -23.17 42.39 33.95
C LYS G 170 -21.97 42.60 33.01
N GLU G 171 -20.83 41.98 33.34
CA GLU G 171 -19.63 42.12 32.52
C GLU G 171 -19.78 41.51 31.14
N THR G 172 -20.66 40.52 30.95
CA THR G 172 -20.91 39.99 29.61
C THR G 172 -21.69 40.96 28.74
N GLU G 173 -22.37 41.93 29.36
CA GLU G 173 -23.23 42.89 28.68
C GLU G 173 -24.39 42.23 27.95
N THR G 174 -24.72 40.97 28.28
CA THR G 174 -25.88 40.33 27.71
C THR G 174 -27.16 41.05 28.16
N LYS G 175 -28.02 41.35 27.19
CA LYS G 175 -29.23 42.13 27.39
C LYS G 175 -30.44 41.23 27.64
N PRO G 176 -31.52 41.76 28.20
CA PRO G 176 -32.77 41.00 28.26
C PRO G 176 -33.15 40.51 26.87
N GLY G 177 -33.53 39.24 26.79
CA GLY G 177 -33.86 38.64 25.52
C GLY G 177 -32.70 38.02 24.79
N GLU G 178 -31.47 38.22 25.26
CA GLU G 178 -30.33 37.60 24.61
C GLU G 178 -29.97 36.30 25.32
N TRP G 179 -29.10 35.51 24.68
CA TRP G 179 -28.70 34.19 25.15
C TRP G 179 -27.37 34.28 25.91
N VAL G 180 -27.32 33.70 27.10
CA VAL G 180 -26.06 33.54 27.82
C VAL G 180 -25.86 32.06 28.09
N ALA G 181 -24.62 31.59 28.00
CA ALA G 181 -24.26 30.25 28.45
C ALA G 181 -23.57 30.38 29.80
N ILE G 182 -23.99 29.55 30.76
CA ILE G 182 -23.30 29.40 32.04
C ILE G 182 -22.53 28.10 31.99
N SER G 183 -21.21 28.17 32.17
CA SER G 183 -20.37 26.99 32.08
C SER G 183 -19.86 26.62 33.47
N GLY G 184 -20.28 25.44 33.95
CA GLY G 184 -19.98 24.99 35.30
C GLY G 184 -21.12 25.30 36.23
N ILE G 185 -21.98 24.32 36.53
CA ILE G 185 -23.13 24.57 37.39
C ILE G 185 -22.81 24.12 38.80
N GLY G 186 -21.79 24.73 39.40
CA GLY G 186 -21.39 24.44 40.76
C GLY G 186 -21.92 25.48 41.73
N GLY G 187 -21.12 25.79 42.75
CA GLY G 187 -21.53 26.81 43.70
C GLY G 187 -21.89 28.11 43.03
N LEU G 188 -21.00 28.63 42.19
CA LEU G 188 -21.27 29.85 41.44
C LEU G 188 -22.33 29.61 40.37
N GLY G 189 -22.18 28.53 39.60
CA GLY G 189 -22.98 28.39 38.40
C GLY G 189 -24.47 28.25 38.67
N HIS G 190 -24.82 27.57 39.77
CA HIS G 190 -26.24 27.36 40.00
C HIS G 190 -26.97 28.63 40.43
N VAL G 191 -26.28 29.61 41.04
CA VAL G 191 -26.97 30.88 41.25
C VAL G 191 -26.85 31.78 40.02
N ALA G 192 -25.80 31.58 39.21
CA ALA G 192 -25.67 32.31 37.95
C ALA G 192 -26.85 32.06 37.02
N VAL G 193 -27.29 30.79 36.92
CA VAL G 193 -28.49 30.48 36.14
C VAL G 193 -29.65 31.37 36.58
N GLN G 194 -29.82 31.54 37.89
CA GLN G 194 -30.97 32.29 38.42
C GLN G 194 -30.82 33.80 38.22
N TYR G 195 -29.63 34.36 38.47
CA TYR G 195 -29.42 35.78 38.18
C TYR G 195 -29.67 36.08 36.71
N ALA G 196 -29.18 35.21 35.82
CA ALA G 196 -29.34 35.44 34.39
C ALA G 196 -30.80 35.44 33.99
N LYS G 197 -31.61 34.50 34.51
CA LYS G 197 -33.04 34.54 34.24
C LYS G 197 -33.68 35.82 34.78
N ALA G 198 -33.28 36.24 35.99
CA ALA G 198 -33.87 37.44 36.56
C ALA G 198 -33.43 38.69 35.82
N MET G 199 -32.35 38.59 35.03
CA MET G 199 -31.90 39.67 34.17
C MET G 199 -32.49 39.58 32.76
N GLY G 200 -33.50 38.74 32.56
CA GLY G 200 -34.19 38.61 31.29
C GLY G 200 -33.47 37.78 30.24
N MET G 201 -32.37 37.12 30.58
CA MET G 201 -31.62 36.36 29.59
C MET G 201 -32.21 34.97 29.40
N HIS G 202 -32.06 34.44 28.20
CA HIS G 202 -32.18 33.00 27.97
C HIS G 202 -30.90 32.31 28.40
N VAL G 203 -31.01 31.12 28.98
CA VAL G 203 -29.87 30.50 29.64
C VAL G 203 -29.62 29.13 29.06
N ALA G 204 -28.40 28.92 28.56
CA ALA G 204 -27.91 27.59 28.26
C ALA G 204 -26.88 27.20 29.32
N ALA G 205 -27.02 26.00 29.88
CA ALA G 205 -26.13 25.53 30.92
C ALA G 205 -25.22 24.43 30.38
N ILE G 206 -23.94 24.52 30.73
CA ILE G 206 -22.92 23.58 30.28
C ILE G 206 -22.23 22.98 31.50
N ASP G 207 -22.11 21.66 31.53
CA ASP G 207 -21.31 20.98 32.53
C ASP G 207 -20.88 19.63 31.94
N VAL G 208 -20.31 18.77 32.80
CA VAL G 208 -19.79 17.48 32.36
C VAL G 208 -20.44 16.32 33.10
N ALA G 209 -21.55 16.57 33.79
CA ALA G 209 -22.28 15.49 34.45
C ALA G 209 -23.76 15.87 34.41
N ASP G 210 -24.60 14.87 34.13
CA ASP G 210 -26.02 15.12 33.94
C ASP G 210 -26.68 15.64 35.21
N ASP G 211 -26.17 15.25 36.38
CA ASP G 211 -26.75 15.73 37.62
C ASP G 211 -26.59 17.24 37.77
N LYS G 212 -25.48 17.79 37.28
CA LYS G 212 -25.30 19.25 37.29
C LYS G 212 -26.29 19.92 36.36
N LEU G 213 -26.59 19.30 35.22
CA LEU G 213 -27.55 19.89 34.29
C LEU G 213 -28.98 19.75 34.77
N GLU G 214 -29.29 18.68 35.51
CA GLU G 214 -30.62 18.59 36.11
C GLU G 214 -30.83 19.70 37.12
N LEU G 215 -29.80 20.03 37.91
CA LEU G 215 -29.90 21.17 38.82
C LEU G 215 -30.16 22.47 38.05
N ALA G 216 -29.43 22.67 36.94
CA ALA G 216 -29.62 23.89 36.14
C ALA G 216 -31.05 23.97 35.60
N LYS G 217 -31.58 22.86 35.09
CA LYS G 217 -32.94 22.85 34.58
C LYS G 217 -33.94 23.19 35.68
N LYS G 218 -33.76 22.61 36.87
CA LYS G 218 -34.64 22.92 37.99
C LYS G 218 -34.61 24.40 38.34
N LEU G 219 -33.46 25.04 38.14
CA LEU G 219 -33.28 26.43 38.51
C LEU G 219 -33.55 27.40 37.36
N GLY G 220 -34.04 26.92 36.22
CA GLY G 220 -34.56 27.79 35.17
C GLY G 220 -33.84 27.76 33.84
N ALA G 221 -32.81 26.92 33.64
CA ALA G 221 -32.08 26.92 32.37
C ALA G 221 -33.00 26.54 31.23
N ASP G 222 -32.82 27.19 30.09
CA ASP G 222 -33.63 26.88 28.91
C ASP G 222 -33.02 25.76 28.08
N LEU G 223 -31.69 25.64 28.05
CA LEU G 223 -31.00 24.58 27.35
C LEU G 223 -29.93 24.01 28.26
N THR G 224 -29.64 22.73 28.09
CA THR G 224 -28.56 22.10 28.85
C THR G 224 -27.69 21.32 27.87
N VAL G 225 -26.40 21.30 28.15
CA VAL G 225 -25.51 20.48 27.34
C VAL G 225 -24.41 19.90 28.23
N ASN G 226 -24.22 18.59 28.11
CA ASN G 226 -23.14 17.85 28.75
C ASN G 226 -22.01 17.82 27.73
N ALA G 227 -20.93 18.55 28.02
CA ALA G 227 -19.85 18.69 27.05
C ALA G 227 -19.19 17.36 26.74
N LYS G 228 -19.30 16.37 27.64
CA LYS G 228 -18.81 15.03 27.37
C LYS G 228 -19.73 14.26 26.42
N THR G 229 -21.00 14.64 26.34
CA THR G 229 -21.92 13.95 25.44
C THR G 229 -21.93 14.59 24.07
N THR G 230 -21.69 15.89 24.00
CA THR G 230 -21.85 16.57 22.73
C THR G 230 -21.10 17.90 22.80
N ASP G 231 -20.47 18.26 21.69
CA ASP G 231 -19.71 19.48 21.60
C ASP G 231 -20.59 20.71 21.88
N PRO G 232 -20.29 21.49 22.92
CA PRO G 232 -21.18 22.61 23.25
C PRO G 232 -21.29 23.64 22.15
N GLY G 233 -20.18 24.01 21.50
CA GLY G 233 -20.23 25.02 20.44
C GLY G 233 -21.14 24.62 19.30
N THR G 234 -20.99 23.41 18.79
CA THR G 234 -21.81 22.96 17.67
C THR G 234 -23.28 22.88 18.07
N TYR G 235 -23.57 22.35 19.25
CA TYR G 235 -24.95 22.20 19.68
C TYR G 235 -25.62 23.57 19.82
N LEU G 236 -24.95 24.52 20.48
CA LEU G 236 -25.61 25.79 20.76
C LEU G 236 -25.75 26.67 19.52
N HIS G 237 -24.81 26.58 18.57
CA HIS G 237 -24.97 27.28 17.30
C HIS G 237 -26.10 26.69 16.48
N LYS G 238 -26.19 25.35 16.49
CA LYS G 238 -27.26 24.65 15.80
C LYS G 238 -28.63 24.99 16.38
N GLU G 239 -28.73 24.98 17.71
CA GLU G 239 -30.04 25.17 18.35
C GLU G 239 -30.54 26.60 18.20
N VAL G 240 -29.71 27.59 18.55
CA VAL G 240 -30.22 28.96 18.66
C VAL G 240 -29.28 29.97 17.99
N GLY G 241 -28.28 29.49 17.26
CA GLY G 241 -27.35 30.39 16.59
C GLY G 241 -26.26 30.98 17.47
N GLY G 242 -25.96 30.37 18.61
CA GLY G 242 -24.84 30.82 19.42
C GLY G 242 -25.26 31.82 20.48
N MET G 243 -24.36 32.04 21.44
CA MET G 243 -24.62 32.85 22.63
C MET G 243 -24.18 34.29 22.43
N HIS G 244 -25.01 35.23 22.90
CA HIS G 244 -24.53 36.61 22.96
C HIS G 244 -23.48 36.77 24.06
N GLY G 245 -23.56 35.95 25.11
CA GLY G 245 -22.61 36.04 26.19
C GLY G 245 -22.36 34.68 26.80
N ALA G 246 -21.29 34.60 27.60
CA ALA G 246 -21.01 33.38 28.35
C ALA G 246 -20.32 33.76 29.64
N LEU G 247 -20.58 32.99 30.69
CA LEU G 247 -19.91 33.15 31.97
C LEU G 247 -19.28 31.82 32.34
N ILE G 248 -17.96 31.81 32.48
CA ILE G 248 -17.21 30.59 32.77
C ILE G 248 -16.96 30.56 34.27
N THR G 249 -17.65 29.66 34.97
CA THR G 249 -17.43 29.44 36.39
C THR G 249 -16.77 28.10 36.65
N ALA G 250 -16.33 27.42 35.61
CA ALA G 250 -15.79 26.09 35.69
C ALA G 250 -14.33 26.12 36.14
N VAL G 251 -13.86 24.97 36.61
CA VAL G 251 -12.56 24.86 37.25
C VAL G 251 -11.63 24.17 36.29
N SER G 252 -11.89 24.35 35.02
CA SER G 252 -11.20 23.42 34.25
C SER G 252 -10.91 24.14 32.93
N PRO G 253 -9.64 24.21 32.49
CA PRO G 253 -9.31 25.10 31.37
C PRO G 253 -10.06 24.85 30.08
N ILE G 254 -10.35 23.59 29.75
CA ILE G 254 -11.03 23.29 28.50
C ILE G 254 -12.42 23.94 28.46
N ALA G 255 -13.05 24.15 29.63
CA ALA G 255 -14.33 24.84 29.64
C ALA G 255 -14.20 26.26 29.10
N PHE G 256 -13.05 26.89 29.31
CA PHE G 256 -12.80 28.23 28.79
C PHE G 256 -12.67 28.20 27.27
N LYS G 257 -11.96 27.19 26.76
CA LYS G 257 -11.83 27.01 25.32
C LYS G 257 -13.20 26.78 24.67
N GLN G 258 -14.01 25.89 25.25
CA GLN G 258 -15.34 25.63 24.68
C GLN G 258 -16.27 26.83 24.88
N GLY G 259 -16.00 27.65 25.90
CA GLY G 259 -16.76 28.89 26.05
C GLY G 259 -16.63 29.80 24.85
N ILE G 260 -15.44 29.89 24.26
CA ILE G 260 -15.26 30.67 23.03
C ILE G 260 -16.14 30.13 21.93
N ASP G 261 -16.17 28.78 21.77
CA ASP G 261 -16.91 28.12 20.68
C ASP G 261 -18.39 28.48 20.69
N VAL G 262 -18.99 28.67 21.86
CA VAL G 262 -20.45 28.82 21.91
C VAL G 262 -20.90 30.23 21.55
N LEU G 263 -19.96 31.17 21.41
CA LEU G 263 -20.34 32.56 21.16
C LEU G 263 -20.69 32.78 19.70
N ARG G 264 -21.69 33.63 19.46
CA ARG G 264 -21.84 34.17 18.13
C ARG G 264 -20.90 35.37 17.96
N ARG G 265 -20.86 35.91 16.74
CA ARG G 265 -20.01 37.06 16.48
C ARG G 265 -20.44 38.22 17.38
N LYS G 266 -19.46 38.99 17.83
CA LYS G 266 -19.63 40.07 18.79
C LYS G 266 -20.06 39.57 20.17
N GLY G 267 -19.90 38.28 20.45
CA GLY G 267 -20.21 37.78 21.78
C GLY G 267 -19.17 38.19 22.81
N THR G 268 -19.57 38.20 24.08
CA THR G 268 -18.63 38.49 25.16
C THR G 268 -18.65 37.35 26.20
N ILE G 269 -17.48 36.84 26.54
CA ILE G 269 -17.35 35.78 27.52
C ILE G 269 -16.63 36.36 28.73
N ALA G 270 -17.27 36.30 29.89
CA ALA G 270 -16.67 36.77 31.14
C ALA G 270 -16.12 35.57 31.91
N LEU G 271 -14.97 35.74 32.55
CA LEU G 271 -14.29 34.62 33.22
C LEU G 271 -14.33 34.83 34.73
N ASN G 272 -14.90 33.86 35.45
CA ASN G 272 -14.83 33.80 36.91
C ASN G 272 -13.90 32.71 37.41
N GLY G 273 -13.93 31.53 36.79
CA GLY G 273 -13.19 30.39 37.31
C GLY G 273 -11.70 30.67 37.35
N LEU G 274 -11.03 30.07 38.33
CA LEU G 274 -9.63 30.35 38.62
C LEU G 274 -8.77 29.08 38.69
N PRO G 275 -8.78 28.26 37.64
CA PRO G 275 -7.81 27.16 37.58
C PRO G 275 -6.41 27.71 37.39
N PRO G 276 -5.37 26.97 37.77
CA PRO G 276 -4.02 27.44 37.47
C PRO G 276 -3.75 27.39 35.97
N GLY G 277 -2.82 28.23 35.53
CA GLY G 277 -2.37 28.16 34.15
C GLY G 277 -3.23 28.96 33.19
N SER G 278 -3.15 28.56 31.92
CA SER G 278 -3.67 29.30 30.79
C SER G 278 -4.70 28.46 30.03
N PHE G 279 -5.39 29.09 29.08
CA PHE G 279 -6.04 28.35 28.01
C PHE G 279 -5.63 28.98 26.68
N GLU G 280 -5.73 28.18 25.62
CA GLU G 280 -5.42 28.68 24.28
C GLU G 280 -6.52 29.60 23.77
N LEU G 281 -6.17 30.86 23.50
CA LEU G 281 -7.08 31.78 22.85
CA LEU G 281 -7.07 31.78 22.85
C LEU G 281 -6.85 31.70 21.34
N PRO G 282 -7.84 31.26 20.54
CA PRO G 282 -7.65 31.16 19.09
C PRO G 282 -7.69 32.53 18.44
N ILE G 283 -6.57 32.93 17.82
CA ILE G 283 -6.41 34.32 17.42
C ILE G 283 -7.32 34.67 16.23
N PHE G 284 -7.23 33.90 15.15
CA PHE G 284 -7.99 34.22 13.93
C PHE G 284 -9.48 34.33 14.23
N GLU G 285 -10.03 33.32 14.94
CA GLU G 285 -11.43 33.32 15.31
C GLU G 285 -11.78 34.51 16.19
N THR G 286 -10.94 34.82 17.18
CA THR G 286 -11.25 35.93 18.08
C THR G 286 -11.28 37.26 17.33
N VAL G 287 -10.38 37.44 16.38
CA VAL G 287 -10.32 38.70 15.63
C VAL G 287 -11.51 38.82 14.69
N LEU G 288 -11.69 37.83 13.81
CA LEU G 288 -12.69 37.92 12.75
C LEU G 288 -14.11 38.00 13.30
N LYS G 289 -14.35 37.43 14.48
CA LYS G 289 -15.66 37.43 15.09
C LYS G 289 -15.85 38.55 16.11
N ARG G 290 -14.83 39.37 16.34
CA ARG G 290 -14.92 40.41 17.38
C ARG G 290 -15.41 39.80 18.70
N ILE G 291 -14.70 38.77 19.14
CA ILE G 291 -14.95 38.16 20.44
C ILE G 291 -14.30 39.02 21.51
N THR G 292 -15.01 39.23 22.62
CA THR G 292 -14.45 39.91 23.78
C THR G 292 -14.34 38.92 24.93
N VAL G 293 -13.14 38.80 25.49
CA VAL G 293 -12.87 37.98 26.67
C VAL G 293 -12.58 38.91 27.83
N ARG G 294 -13.27 38.73 28.96
CA ARG G 294 -13.16 39.70 30.06
C ARG G 294 -13.11 38.97 31.40
N GLY G 295 -12.04 39.18 32.16
CA GLY G 295 -12.00 38.68 33.52
C GLY G 295 -12.93 39.48 34.45
N SER G 296 -13.53 38.78 35.41
CA SER G 296 -14.44 39.43 36.35
C SER G 296 -14.15 38.93 37.75
N ILE G 297 -13.94 39.85 38.68
CA ILE G 297 -13.46 39.50 40.02
C ILE G 297 -14.47 40.03 41.05
N VAL G 298 -15.09 39.10 41.80
CA VAL G 298 -16.17 39.34 42.76
C VAL G 298 -17.04 40.53 42.35
N GLY G 299 -17.31 41.44 43.29
CA GLY G 299 -18.09 42.63 43.02
C GLY G 299 -17.85 43.70 44.06
N THR G 300 -18.17 44.94 43.69
CA THR G 300 -18.03 46.05 44.61
C THR G 300 -19.09 45.96 45.69
N ARG G 301 -19.01 46.89 46.66
CA ARG G 301 -20.04 46.98 47.68
C ARG G 301 -21.41 47.21 47.04
N LYS G 302 -21.46 47.97 45.96
CA LYS G 302 -22.73 48.18 45.26
C LYS G 302 -23.19 46.91 44.55
N ASP G 303 -22.30 46.21 43.85
CA ASP G 303 -22.66 44.91 43.30
C ASP G 303 -23.22 43.98 44.36
N LEU G 304 -22.61 43.99 45.55
CA LEU G 304 -23.02 43.09 46.61
C LEU G 304 -24.42 43.41 47.09
N GLN G 305 -24.73 44.69 47.32
CA GLN G 305 -26.08 45.06 47.72
C GLN G 305 -27.10 44.71 46.64
N GLU G 306 -26.76 44.94 45.36
CA GLU G 306 -27.65 44.53 44.26
C GLU G 306 -27.87 43.02 44.27
N ALA G 307 -26.79 42.25 44.43
CA ALA G 307 -26.92 40.79 44.45
C ALA G 307 -27.81 40.32 45.60
N LEU G 308 -27.66 40.94 46.77
CA LEU G 308 -28.49 40.58 47.93
C LEU G 308 -29.96 40.91 47.67
N ASP G 309 -30.22 41.99 46.95
CA ASP G 309 -31.60 42.38 46.67
C ASP G 309 -32.33 41.34 45.82
N PHE G 310 -31.64 40.74 44.84
CA PHE G 310 -32.27 39.65 44.08
C PHE G 310 -32.64 38.50 45.00
N ALA G 311 -31.76 38.14 45.92
CA ALA G 311 -32.06 37.05 46.85
C ALA G 311 -33.20 37.46 47.78
N ASN G 312 -33.14 38.68 48.31
CA ASN G 312 -34.20 39.14 49.21
C ASN G 312 -35.56 39.13 48.53
N GLU G 313 -35.60 39.36 47.23
CA GLU G 313 -36.88 39.34 46.54
C GLU G 313 -37.30 37.94 46.10
N GLY G 314 -36.52 36.91 46.43
CA GLY G 314 -36.88 35.55 46.07
C GLY G 314 -36.59 35.18 44.63
N LEU G 315 -35.85 36.01 43.90
CA LEU G 315 -35.48 35.73 42.51
C LEU G 315 -34.30 34.77 42.40
N VAL G 316 -33.48 34.71 43.45
CA VAL G 316 -32.30 33.85 43.51
C VAL G 316 -32.32 33.16 44.86
N LYS G 317 -32.15 31.85 44.87
CA LYS G 317 -32.09 31.09 46.11
C LYS G 317 -31.00 30.03 45.92
N ALA G 318 -29.92 30.14 46.70
CA ALA G 318 -28.85 29.16 46.62
C ALA G 318 -29.37 27.79 47.07
N THR G 319 -28.88 26.74 46.42
CA THR G 319 -29.10 25.36 46.85
C THR G 319 -27.99 25.01 47.84
N VAL G 320 -28.35 24.83 49.12
CA VAL G 320 -27.35 24.74 50.18
C VAL G 320 -27.58 23.45 50.93
N THR G 321 -26.49 22.82 51.34
CA THR G 321 -26.55 21.71 52.28
C THR G 321 -25.67 22.07 53.47
N SER G 322 -26.22 21.91 54.67
CA SER G 322 -25.53 22.20 55.91
C SER G 322 -24.35 21.24 56.11
N ALA G 323 -23.36 21.70 56.88
CA ALA G 323 -22.29 20.83 57.35
C ALA G 323 -21.71 21.42 58.63
N LYS G 324 -21.13 20.55 59.46
CA LYS G 324 -20.47 21.01 60.66
C LYS G 324 -19.06 21.49 60.33
N LEU G 325 -18.56 22.40 61.15
CA LEU G 325 -17.20 22.86 60.97
C LEU G 325 -16.25 21.66 60.98
N GLU G 326 -16.66 20.55 61.65
CA GLU G 326 -15.62 19.73 62.22
C GLU G 326 -15.26 18.80 61.07
N ASP G 327 -16.17 18.79 60.07
CA ASP G 327 -16.21 18.03 58.82
C ASP G 327 -15.68 18.80 57.60
N ILE G 328 -14.97 19.92 57.81
CA ILE G 328 -14.57 20.77 56.69
C ILE G 328 -13.73 19.97 55.69
N ASN G 329 -12.94 19.01 56.18
CA ASN G 329 -12.12 18.18 55.30
C ASN G 329 -12.98 17.29 54.42
N ASP G 330 -14.04 16.70 54.99
CA ASP G 330 -14.97 15.93 54.17
C ASP G 330 -15.65 16.81 53.15
N VAL G 331 -15.93 18.06 53.51
CA VAL G 331 -16.52 19.00 52.55
C VAL G 331 -15.59 19.18 51.36
N PHE G 332 -14.31 19.43 51.62
CA PHE G 332 -13.35 19.62 50.53
C PHE G 332 -13.20 18.36 49.69
N ASP G 333 -13.25 17.19 50.33
CA ASP G 333 -13.20 15.94 49.58
C ASP G 333 -14.34 15.86 48.58
N LYS G 334 -15.57 16.18 49.00
CA LYS G 334 -16.70 16.17 48.07
C LYS G 334 -16.52 17.20 46.96
N MET G 335 -15.93 18.36 47.29
CA MET G 335 -15.74 19.40 46.29
C MET G 335 -14.74 18.97 45.22
N LYS G 336 -13.63 18.36 45.63
CA LYS G 336 -12.65 17.87 44.65
C LYS G 336 -13.28 16.86 43.70
N LYS G 337 -14.25 16.08 44.17
CA LYS G 337 -14.90 15.08 43.36
C LYS G 337 -16.12 15.59 42.61
N GLY G 338 -16.43 16.88 42.70
CA GLY G 338 -17.59 17.39 42.01
C GLY G 338 -18.89 16.80 42.52
N GLN G 339 -18.95 16.50 43.82
CA GLN G 339 -20.09 15.80 44.42
C GLN G 339 -21.03 16.70 45.20
N ILE G 340 -20.87 18.02 45.10
CA ILE G 340 -21.70 18.97 45.83
C ILE G 340 -22.83 19.44 44.91
N ASP G 341 -24.07 19.39 45.41
CA ASP G 341 -25.24 19.88 44.70
C ASP G 341 -25.41 21.36 45.06
N GLY G 342 -24.80 22.22 44.27
CA GLY G 342 -24.79 23.64 44.62
C GLY G 342 -23.71 24.00 45.62
N ARG G 343 -24.12 24.38 46.83
CA ARG G 343 -23.22 24.91 47.85
C ARG G 343 -23.36 24.12 49.13
N ILE G 344 -22.26 24.00 49.86
CA ILE G 344 -22.24 23.52 51.24
C ILE G 344 -21.96 24.74 52.11
N VAL G 345 -22.71 24.87 53.20
CA VAL G 345 -22.57 26.00 54.11
C VAL G 345 -22.34 25.44 55.51
N LEU G 346 -21.26 25.90 56.15
CA LEU G 346 -20.98 25.51 57.52
C LEU G 346 -22.01 26.13 58.43
N ASP G 347 -22.71 25.28 59.20
CA ASP G 347 -23.66 25.73 60.19
C ASP G 347 -22.91 25.93 61.50
N ILE G 348 -22.44 27.16 61.73
CA ILE G 348 -21.58 27.41 62.87
C ILE G 348 -22.37 27.78 64.14
N ALA G 349 -23.53 28.42 63.97
CA ALA G 349 -24.39 28.74 65.11
C ALA G 349 -24.97 27.48 65.77
N MET H 9 5.30 78.75 62.11
CA MET H 9 4.87 80.14 62.20
C MET H 9 3.50 80.34 61.56
N ILE H 10 2.46 79.97 62.29
CA ILE H 10 1.07 80.09 61.83
C ILE H 10 0.38 81.12 62.71
N PRO H 11 -0.25 82.14 62.15
CA PRO H 11 -0.89 83.18 62.97
C PRO H 11 -2.15 82.67 63.64
N LYS H 12 -2.55 83.38 64.70
CA LYS H 12 -3.80 83.05 65.38
C LYS H 12 -5.01 83.51 64.59
N THR H 13 -4.88 84.59 63.81
CA THR H 13 -5.96 85.16 63.03
C THR H 13 -5.44 85.49 61.64
N MET H 14 -6.38 85.69 60.72
CA MET H 14 -6.07 85.92 59.31
C MET H 14 -7.05 86.94 58.75
N LYS H 15 -6.73 87.47 57.57
CA LYS H 15 -7.67 88.31 56.84
C LYS H 15 -8.51 87.41 55.93
N ALA H 16 -9.79 87.74 55.81
CA ALA H 16 -10.67 86.95 54.97
C ALA H 16 -11.79 87.83 54.43
N ALA H 17 -12.21 87.57 53.19
CA ALA H 17 -13.34 88.25 52.61
C ALA H 17 -14.61 87.52 53.03
N VAL H 18 -15.49 88.20 53.75
CA VAL H 18 -16.64 87.59 54.39
C VAL H 18 -17.91 88.24 53.87
N VAL H 19 -18.89 87.44 53.50
CA VAL H 19 -20.21 87.92 53.16
C VAL H 19 -21.12 87.65 54.35
N GLN H 20 -21.86 88.65 54.78
CA GLN H 20 -22.77 88.51 55.91
C GLN H 20 -24.22 88.28 55.51
N GLY H 21 -24.66 88.88 54.40
CA GLY H 21 -26.02 88.70 53.92
C GLY H 21 -26.05 88.72 52.41
N TYR H 22 -27.13 88.18 51.85
CA TYR H 22 -27.22 88.01 50.41
C TYR H 22 -27.17 89.35 49.68
N GLY H 23 -26.40 89.38 48.59
CA GLY H 23 -26.30 90.58 47.77
C GLY H 23 -25.50 91.72 48.37
N GLU H 24 -25.01 91.57 49.59
CA GLU H 24 -24.25 92.61 50.28
C GLU H 24 -22.80 92.64 49.79
N PRO H 25 -22.15 93.79 49.88
CA PRO H 25 -20.73 93.83 49.56
C PRO H 25 -19.95 92.98 50.54
N LEU H 26 -18.89 92.33 50.04
CA LEU H 26 -18.01 91.61 50.94
C LEU H 26 -17.12 92.58 51.69
N LYS H 27 -16.75 92.21 52.90
CA LYS H 27 -15.84 93.02 53.71
C LYS H 27 -14.68 92.16 54.18
N ILE H 28 -13.50 92.75 54.22
CA ILE H 28 -12.32 92.07 54.73
C ILE H 28 -12.39 92.08 56.24
N GLN H 29 -12.38 90.89 56.84
CA GLN H 29 -12.50 90.77 58.29
C GLN H 29 -11.34 89.96 58.84
N GLU H 30 -11.09 90.16 60.14
CA GLU H 30 -10.11 89.38 60.86
C GLU H 30 -10.83 88.20 61.51
N VAL H 31 -10.48 87.00 61.08
CA VAL H 31 -11.15 85.78 61.55
C VAL H 31 -10.08 84.88 62.15
N PRO H 32 -10.40 84.10 63.17
CA PRO H 32 -9.38 83.21 63.76
C PRO H 32 -8.97 82.09 62.81
N VAL H 33 -7.71 81.69 62.93
CA VAL H 33 -7.19 80.55 62.17
C VAL H 33 -7.38 79.30 63.03
N ARG H 34 -7.99 78.28 62.43
CA ARG H 34 -8.40 77.08 63.16
C ARG H 34 -7.34 75.99 63.09
N GLU H 35 -7.30 75.17 64.14
CA GLU H 35 -6.43 74.00 64.09
C GLU H 35 -7.16 72.89 63.35
N PRO H 36 -6.47 72.16 62.47
CA PRO H 36 -7.15 71.09 61.71
C PRO H 36 -7.45 69.89 62.59
N GLY H 37 -8.67 69.36 62.44
CA GLY H 37 -9.08 68.14 63.09
C GLY H 37 -8.79 66.92 62.25
N ARG H 38 -9.48 65.83 62.57
CA ARG H 38 -9.26 64.56 61.89
C ARG H 38 -9.45 64.68 60.39
N TYR H 39 -8.49 64.15 59.62
CA TYR H 39 -8.47 64.15 58.16
C TYR H 39 -8.20 65.53 57.58
N GLU H 40 -8.16 66.57 58.41
CA GLU H 40 -8.07 67.94 57.90
C GLU H 40 -6.63 68.41 57.80
N VAL H 41 -6.41 69.38 56.92
CA VAL H 41 -5.15 70.10 56.87
C VAL H 41 -5.45 71.58 56.83
N LEU H 42 -4.50 72.38 57.31
CA LEU H 42 -4.55 73.82 57.16
C LEU H 42 -3.64 74.21 55.99
N VAL H 43 -4.21 74.90 55.01
CA VAL H 43 -3.50 75.30 53.80
C VAL H 43 -3.31 76.80 53.82
N LYS H 44 -2.07 77.24 53.65
CA LYS H 44 -1.79 78.66 53.43
C LYS H 44 -2.05 78.98 51.96
N VAL H 45 -3.02 79.86 51.72
CA VAL H 45 -3.52 80.09 50.36
C VAL H 45 -2.54 80.99 49.60
N MET H 46 -2.06 80.51 48.45
CA MET H 46 -1.28 81.38 47.57
C MET H 46 -2.20 82.17 46.65
N ALA H 47 -3.19 81.52 46.08
CA ALA H 47 -4.08 82.17 45.14
C ALA H 47 -5.45 81.52 45.28
N CYS H 48 -6.47 82.22 44.79
CA CYS H 48 -7.80 81.62 44.73
C CYS H 48 -8.54 82.18 43.54
N GLY H 49 -8.96 81.29 42.63
CA GLY H 49 -9.73 81.74 41.50
C GLY H 49 -11.12 82.18 41.92
N VAL H 50 -11.69 83.13 41.17
CA VAL H 50 -13.04 83.62 41.42
C VAL H 50 -13.95 82.95 40.40
N CYS H 51 -14.86 82.11 40.89
CA CYS H 51 -15.78 81.39 40.03
C CYS H 51 -17.13 82.10 40.04
N HIS H 52 -17.85 82.02 38.93
CA HIS H 52 -19.14 82.69 38.89
C HIS H 52 -20.07 82.10 39.95
N THR H 53 -19.82 80.85 40.35
CA THR H 53 -20.54 80.23 41.45
C THR H 53 -20.41 81.03 42.73
N ASP H 54 -19.22 81.57 43.02
CA ASP H 54 -19.04 82.42 44.20
C ASP H 54 -20.02 83.57 44.19
N LEU H 55 -20.31 84.13 43.01
CA LEU H 55 -21.27 85.20 42.91
C LEU H 55 -22.69 84.69 43.18
N HIS H 56 -23.02 83.51 42.65
CA HIS H 56 -24.31 82.90 42.98
C HIS H 56 -24.45 82.68 44.48
N ALA H 57 -23.34 82.32 45.14
CA ALA H 57 -23.39 82.11 46.59
C ALA H 57 -23.66 83.41 47.33
N VAL H 58 -22.87 84.46 47.06
CA VAL H 58 -23.04 85.70 47.81
C VAL H 58 -24.40 86.33 47.53
N ASP H 59 -25.02 86.02 46.40
CA ASP H 59 -26.33 86.56 46.07
C ASP H 59 -27.49 85.65 46.48
N GLY H 60 -27.21 84.42 46.90
CA GLY H 60 -28.30 83.49 47.21
C GLY H 60 -29.17 83.17 46.01
N ASP H 61 -28.56 82.99 44.83
CA ASP H 61 -29.32 82.74 43.60
C ASP H 61 -29.97 81.36 43.57
N TRP H 62 -29.46 80.42 44.33
CA TRP H 62 -29.82 79.01 44.23
C TRP H 62 -30.80 78.61 45.33
N PRO H 63 -31.63 77.60 45.07
CA PRO H 63 -32.56 77.12 46.11
C PRO H 63 -31.86 76.44 47.26
N ALA H 64 -30.75 75.75 46.99
CA ALA H 64 -29.88 75.23 48.03
C ALA H 64 -28.96 76.35 48.48
N LYS H 65 -29.22 76.90 49.72
CA LYS H 65 -28.56 78.13 50.16
C LYS H 65 -27.23 77.84 50.85
N PRO H 66 -26.28 78.76 50.76
CA PRO H 66 -25.01 78.61 51.47
C PRO H 66 -25.15 78.97 52.95
N LYS H 67 -24.12 78.59 53.71
CA LYS H 67 -24.06 79.06 55.09
C LYS H 67 -23.77 80.56 55.12
N MET H 68 -24.19 81.22 56.19
CA MET H 68 -23.99 82.66 56.35
C MET H 68 -23.65 82.93 57.81
N PRO H 69 -22.60 83.73 58.11
CA PRO H 69 -21.69 84.34 57.13
C PRO H 69 -20.78 83.32 56.46
N LEU H 70 -20.11 83.73 55.39
CA LEU H 70 -19.40 82.77 54.54
C LEU H 70 -18.14 83.42 53.98
N ILE H 71 -17.05 82.65 53.97
CA ILE H 71 -15.87 82.98 53.17
C ILE H 71 -15.97 82.18 51.87
N PRO H 72 -16.23 82.81 50.73
CA PRO H 72 -16.36 82.04 49.48
C PRO H 72 -15.03 81.54 48.94
N GLY H 73 -15.06 80.90 47.77
CA GLY H 73 -13.84 80.48 47.11
C GLY H 73 -13.60 78.98 47.10
N HIS H 74 -13.63 78.37 45.91
CA HIS H 74 -13.33 76.95 45.78
C HIS H 74 -12.39 76.71 44.61
N GLU H 75 -11.57 77.70 44.27
CA GLU H 75 -10.43 77.52 43.38
C GLU H 75 -9.17 77.94 44.10
N GLY H 76 -9.12 77.63 45.39
CA GLY H 76 -8.00 78.02 46.22
C GLY H 76 -6.87 77.02 46.14
N VAL H 77 -5.65 77.54 45.99
CA VAL H 77 -4.45 76.71 45.88
C VAL H 77 -3.42 77.28 46.84
N GLY H 78 -2.65 76.41 47.48
CA GLY H 78 -1.64 76.86 48.41
C GLY H 78 -0.84 75.71 48.98
N ILE H 79 -0.21 75.96 50.13
CA ILE H 79 0.74 75.02 50.73
C ILE H 79 0.24 74.56 52.10
N VAL H 80 0.32 73.25 52.34
CA VAL H 80 -0.07 72.69 53.63
C VAL H 80 0.93 73.14 54.69
N VAL H 81 0.43 73.76 55.76
CA VAL H 81 1.27 74.20 56.87
C VAL H 81 0.94 73.49 58.18
N ALA H 82 -0.16 72.74 58.26
CA ALA H 82 -0.46 72.02 59.49
C ALA H 82 -1.38 70.85 59.16
N CYS H 83 -1.22 69.76 59.91
CA CYS H 83 -1.93 68.52 59.64
C CYS H 83 -2.67 68.06 60.88
N GLY H 84 -3.94 67.70 60.72
CA GLY H 84 -4.64 67.00 61.76
C GLY H 84 -4.30 65.52 61.76
N PRO H 85 -4.84 64.80 62.75
CA PRO H 85 -4.67 63.35 62.76
C PRO H 85 -5.29 62.71 61.53
N ASP H 86 -4.62 61.67 61.01
CA ASP H 86 -5.08 60.89 59.86
C ASP H 86 -5.15 61.71 58.59
N ALA H 87 -4.35 62.77 58.48
CA ALA H 87 -4.30 63.54 57.25
C ALA H 87 -3.62 62.73 56.15
N MET H 88 -4.10 62.94 54.92
CA MET H 88 -3.62 62.22 53.74
C MET H 88 -2.62 63.01 52.91
N VAL H 89 -2.28 64.22 53.31
CA VAL H 89 -1.23 64.98 52.67
C VAL H 89 -0.32 65.55 53.76
N LYS H 90 0.92 65.87 53.37
CA LYS H 90 1.94 66.26 54.32
C LYS H 90 2.20 67.76 54.29
N GLU H 91 2.81 68.25 55.36
CA GLU H 91 3.20 69.66 55.43
C GLU H 91 4.15 69.96 54.27
N GLY H 92 3.92 71.11 53.63
CA GLY H 92 4.69 71.50 52.46
C GLY H 92 4.11 71.05 51.13
N ASP H 93 3.16 70.12 51.13
CA ASP H 93 2.53 69.71 49.89
C ASP H 93 1.74 70.88 49.30
N ALA H 94 1.79 71.02 47.98
CA ALA H 94 0.97 71.97 47.26
C ALA H 94 -0.35 71.32 46.90
N VAL H 95 -1.46 71.94 47.32
CA VAL H 95 -2.79 71.36 47.15
C VAL H 95 -3.77 72.44 46.72
N GLY H 96 -4.92 71.99 46.22
CA GLY H 96 -6.03 72.87 45.92
C GLY H 96 -7.29 72.39 46.60
N VAL H 97 -8.17 73.33 46.92
CA VAL H 97 -9.41 73.05 47.65
C VAL H 97 -10.62 73.33 46.77
N PRO H 98 -11.26 72.28 46.20
CA PRO H 98 -12.28 72.52 45.16
C PRO H 98 -13.70 72.56 45.68
N TRP H 99 -14.65 72.63 44.74
CA TRP H 99 -16.07 72.61 45.12
C TRP H 99 -16.42 71.33 45.88
N LEU H 100 -16.00 70.18 45.37
CA LEU H 100 -16.22 68.90 46.05
C LEU H 100 -15.25 68.81 47.21
N TYR H 101 -15.60 69.49 48.30
CA TYR H 101 -14.70 69.64 49.43
C TYR H 101 -14.58 68.33 50.21
N SER H 102 -15.67 67.56 50.29
CA SER H 102 -15.69 66.29 50.99
C SER H 102 -16.89 65.48 50.50
N ALA H 103 -16.77 64.16 50.60
CA ALA H 103 -17.88 63.26 50.26
C ALA H 103 -17.89 62.10 51.24
N CYS H 104 -19.00 61.35 51.27
CA CYS H 104 -19.14 60.31 52.30
C CYS H 104 -18.24 59.10 52.04
N GLY H 105 -18.07 58.68 50.78
CA GLY H 105 -17.26 57.51 50.49
C GLY H 105 -17.96 56.16 50.65
N CYS H 106 -19.22 56.15 51.05
CA CYS H 106 -19.89 54.88 51.25
C CYS H 106 -21.31 54.86 50.67
N CYS H 107 -21.75 55.86 49.92
CA CYS H 107 -23.10 55.76 49.35
C CYS H 107 -23.07 55.18 47.92
N ASP H 108 -24.27 54.95 47.38
CA ASP H 108 -24.42 54.50 45.98
C ASP H 108 -23.53 55.28 45.02
N TYR H 109 -23.51 56.61 45.14
CA TYR H 109 -22.80 57.43 44.15
C TYR H 109 -21.29 57.42 44.38
N CYS H 110 -20.84 57.46 45.63
CA CYS H 110 -19.41 57.43 45.90
C CYS H 110 -18.80 56.10 45.46
N ILE H 111 -19.51 55.01 45.71
CA ILE H 111 -18.95 53.68 45.47
C ILE H 111 -18.90 53.37 43.98
N THR H 112 -19.76 53.98 43.17
CA THR H 112 -19.84 53.64 41.77
C THR H 112 -19.09 54.62 40.88
N GLY H 113 -18.26 55.49 41.47
CA GLY H 113 -17.48 56.45 40.69
C GLY H 113 -18.16 57.77 40.42
N TRP H 114 -19.24 58.08 41.14
CA TRP H 114 -19.98 59.32 40.93
C TRP H 114 -20.04 60.12 42.23
N GLU H 115 -18.88 60.27 42.89
CA GLU H 115 -18.85 60.97 44.18
C GLU H 115 -19.28 62.43 44.05
N THR H 116 -19.26 63.00 42.84
CA THR H 116 -19.82 64.34 42.63
C THR H 116 -21.30 64.41 42.95
N LEU H 117 -21.98 63.26 43.00
CA LEU H 117 -23.40 63.20 43.27
C LEU H 117 -23.71 62.83 44.72
N CYS H 118 -22.69 62.71 45.57
CA CYS H 118 -22.91 62.37 46.96
C CYS H 118 -23.82 63.40 47.61
N GLU H 119 -24.94 62.92 48.18
CA GLU H 119 -25.87 63.83 48.83
C GLU H 119 -25.36 64.31 50.18
N ALA H 120 -24.32 63.69 50.72
CA ALA H 120 -23.70 64.14 51.96
C ALA H 120 -22.44 64.98 51.71
N GLN H 121 -22.23 65.44 50.49
CA GLN H 121 -21.01 66.18 50.20
C GLN H 121 -21.05 67.54 50.87
N GLN H 122 -19.87 68.09 51.12
CA GLN H 122 -19.71 69.46 51.56
C GLN H 122 -19.05 70.25 50.44
N ASN H 123 -19.41 71.52 50.30
CA ASN H 123 -18.99 72.29 49.14
C ASN H 123 -18.14 73.48 49.59
N GLY H 124 -16.92 73.55 49.05
CA GLY H 124 -15.98 74.56 49.49
C GLY H 124 -16.45 75.95 49.11
N GLY H 125 -16.29 76.88 50.06
CA GLY H 125 -16.77 78.22 49.83
C GLY H 125 -18.27 78.31 49.68
N TYR H 126 -19.00 77.34 50.22
CA TYR H 126 -20.45 77.35 50.13
C TYR H 126 -21.08 76.79 51.41
N SER H 127 -20.89 75.50 51.68
CA SER H 127 -21.33 74.95 52.96
C SER H 127 -20.24 74.99 54.02
N VAL H 128 -18.97 75.13 53.61
CA VAL H 128 -17.86 75.37 54.51
C VAL H 128 -17.04 76.53 53.95
N ASP H 129 -16.28 77.18 54.82
CA ASP H 129 -15.50 78.35 54.43
C ASP H 129 -14.50 77.98 53.35
N GLY H 130 -14.25 78.93 52.45
CA GLY H 130 -13.42 78.63 51.30
C GLY H 130 -12.13 79.41 51.21
N GLY H 131 -11.63 79.60 49.99
CA GLY H 131 -10.30 80.10 49.69
C GLY H 131 -10.11 81.60 49.59
N PHE H 132 -11.16 82.41 49.80
CA PHE H 132 -11.02 83.87 49.84
C PHE H 132 -10.42 84.31 51.18
N ALA H 133 -9.27 83.77 51.55
CA ALA H 133 -8.68 84.00 52.87
C ALA H 133 -7.21 83.62 52.81
N GLU H 134 -6.48 84.02 53.85
CA GLU H 134 -5.05 83.68 53.89
C GLU H 134 -4.82 82.20 54.22
N TYR H 135 -5.77 81.56 54.91
CA TYR H 135 -5.67 80.14 55.21
C TYR H 135 -7.04 79.52 55.07
N VAL H 136 -7.07 78.23 54.73
CA VAL H 136 -8.33 77.49 54.61
C VAL H 136 -8.13 76.08 55.14
N ILE H 137 -9.09 75.61 55.93
CA ILE H 137 -9.15 74.22 56.35
C ILE H 137 -9.72 73.39 55.19
N ALA H 138 -9.09 72.26 54.90
CA ALA H 138 -9.50 71.38 53.83
C ALA H 138 -9.58 69.95 54.35
N ASP H 139 -10.43 69.14 53.72
CA ASP H 139 -10.44 67.70 53.95
C ASP H 139 -9.33 67.10 53.09
N SER H 140 -8.29 66.55 53.73
CA SER H 140 -7.09 66.14 53.00
C SER H 140 -7.37 65.03 51.99
N ARG H 141 -8.50 64.34 52.10
CA ARG H 141 -8.80 63.23 51.21
C ARG H 141 -9.33 63.69 49.85
N TYR H 142 -9.74 64.94 49.72
CA TYR H 142 -10.41 65.43 48.51
C TYR H 142 -9.73 66.61 47.86
N VAL H 143 -8.56 67.03 48.35
CA VAL H 143 -7.85 68.15 47.73
C VAL H 143 -7.26 67.72 46.40
N GLY H 144 -7.06 68.70 45.51
CA GLY H 144 -6.24 68.46 44.34
C GLY H 144 -4.78 68.44 44.72
N HIS H 145 -4.01 67.57 44.07
CA HIS H 145 -2.59 67.42 44.33
C HIS H 145 -1.83 68.15 43.25
N LEU H 146 -1.04 69.16 43.65
CA LEU H 146 -0.28 69.99 42.72
C LEU H 146 1.22 69.70 42.84
N LYS H 147 1.93 69.91 41.74
CA LYS H 147 3.38 69.81 41.75
C LYS H 147 3.98 70.97 42.54
N SER H 148 5.14 70.71 43.17
CA SER H 148 5.79 71.68 44.05
C SER H 148 6.15 72.97 43.33
N ASN H 149 6.43 72.91 42.03
CA ASN H 149 6.85 74.07 41.25
C ASN H 149 5.70 74.66 40.44
N VAL H 150 4.47 74.48 40.89
CA VAL H 150 3.30 74.94 40.15
C VAL H 150 3.27 76.46 40.10
N ASN H 151 2.71 77.00 39.01
CA ASN H 151 2.36 78.43 38.91
C ASN H 151 1.00 78.59 39.59
N PHE H 152 0.99 79.12 40.81
CA PHE H 152 -0.23 79.09 41.63
C PHE H 152 -1.34 79.92 41.01
N LEU H 153 -1.01 81.11 40.51
CA LEU H 153 -2.04 81.97 39.93
C LEU H 153 -2.69 81.31 38.72
N GLU H 154 -1.88 80.71 37.85
CA GLU H 154 -2.37 80.14 36.60
C GLU H 154 -3.08 78.82 36.82
N ILE H 155 -2.61 78.01 37.78
CA ILE H 155 -3.21 76.69 37.98
C ILE H 155 -4.55 76.78 38.70
N ALA H 156 -4.81 77.87 39.44
CA ALA H 156 -6.00 77.93 40.30
C ALA H 156 -7.31 77.61 39.58
N PRO H 157 -7.59 78.14 38.38
CA PRO H 157 -8.88 77.82 37.75
C PRO H 157 -9.07 76.36 37.42
N ILE H 158 -8.01 75.55 37.33
CA ILE H 158 -8.21 74.14 37.04
C ILE H 158 -8.97 73.46 38.19
N LEU H 159 -8.91 74.02 39.40
CA LEU H 159 -9.55 73.39 40.54
C LEU H 159 -11.07 73.42 40.44
N CYS H 160 -11.64 74.26 39.58
CA CYS H 160 -13.07 74.16 39.32
C CYS H 160 -13.38 74.36 37.84
N ALA H 161 -12.99 75.50 37.28
CA ALA H 161 -13.21 75.75 35.85
C ALA H 161 -12.68 74.62 35.00
N GLY H 162 -11.43 74.22 35.23
CA GLY H 162 -10.79 73.19 34.43
C GLY H 162 -11.41 71.81 34.58
N VAL H 163 -11.47 71.31 35.83
CA VAL H 163 -12.03 69.99 36.08
C VAL H 163 -13.48 69.93 35.59
N THR H 164 -14.23 71.02 35.75
CA THR H 164 -15.65 71.01 35.38
C THR H 164 -15.84 70.82 33.87
N VAL H 165 -15.18 71.66 33.05
CA VAL H 165 -15.39 71.54 31.62
C VAL H 165 -14.73 70.28 31.08
N TYR H 166 -13.66 69.80 31.71
CA TYR H 166 -13.04 68.55 31.29
C TYR H 166 -14.01 67.40 31.47
N LYS H 167 -14.61 67.29 32.66
CA LYS H 167 -15.64 66.27 32.87
C LYS H 167 -16.83 66.52 31.94
N GLY H 168 -17.22 67.79 31.77
CA GLY H 168 -18.32 68.10 30.88
C GLY H 168 -18.07 67.61 29.47
N LEU H 169 -16.84 67.78 28.96
CA LEU H 169 -16.53 67.30 27.62
C LEU H 169 -16.59 65.79 27.54
N LYS H 170 -16.10 65.10 28.57
CA LYS H 170 -16.27 63.64 28.62
C LYS H 170 -17.75 63.27 28.58
N GLU H 171 -18.60 64.04 29.28
CA GLU H 171 -20.03 63.75 29.33
C GLU H 171 -20.70 63.94 27.98
N THR H 172 -20.15 64.79 27.10
CA THR H 172 -20.72 64.89 25.76
C THR H 172 -20.45 63.65 24.91
N GLU H 173 -19.46 62.83 25.28
CA GLU H 173 -19.02 61.66 24.52
C GLU H 173 -18.52 62.02 23.12
N THR H 174 -18.17 63.29 22.89
CA THR H 174 -17.57 63.66 21.61
C THR H 174 -16.22 62.98 21.44
N LYS H 175 -15.99 62.39 20.28
CA LYS H 175 -14.79 61.63 20.00
C LYS H 175 -13.74 62.48 19.31
N PRO H 176 -12.48 62.05 19.35
CA PRO H 176 -11.47 62.69 18.52
C PRO H 176 -11.93 62.72 17.07
N GLY H 177 -11.78 63.90 16.45
CA GLY H 177 -12.18 64.11 15.07
C GLY H 177 -13.59 64.61 14.88
N GLU H 178 -14.41 64.66 15.94
CA GLU H 178 -15.78 65.17 15.89
C GLU H 178 -15.82 66.63 16.36
N TRP H 179 -16.95 67.28 16.13
CA TRP H 179 -17.12 68.71 16.40
C TRP H 179 -17.84 68.92 17.73
N VAL H 180 -17.30 69.82 18.55
CA VAL H 180 -17.98 70.26 19.75
C VAL H 180 -18.12 71.78 19.69
N ALA H 181 -19.26 72.29 20.14
CA ALA H 181 -19.45 73.71 20.34
C ALA H 181 -19.30 74.02 21.81
N ILE H 182 -18.53 75.05 22.13
CA ILE H 182 -18.44 75.61 23.48
C ILE H 182 -19.23 76.91 23.51
N SER H 183 -20.23 77.00 24.39
CA SER H 183 -21.07 78.19 24.45
C SER H 183 -20.76 78.96 25.73
N GLY H 184 -20.24 80.17 25.57
CA GLY H 184 -19.80 80.98 26.69
C GLY H 184 -18.31 80.82 26.94
N ILE H 185 -17.51 81.72 26.38
CA ILE H 185 -16.05 81.61 26.49
C ILE H 185 -15.60 82.49 27.64
N GLY H 186 -16.05 82.16 28.85
CA GLY H 186 -15.69 82.86 30.08
C GLY H 186 -14.66 82.07 30.85
N GLY H 187 -14.79 82.10 32.18
CA GLY H 187 -13.89 81.32 33.02
C GLY H 187 -13.86 79.85 32.62
N LEU H 188 -15.02 79.19 32.59
CA LEU H 188 -15.04 77.79 32.18
C LEU H 188 -14.76 77.64 30.68
N GLY H 189 -15.43 78.45 29.85
CA GLY H 189 -15.39 78.21 28.42
C GLY H 189 -14.02 78.34 27.81
N HIS H 190 -13.19 79.27 28.31
CA HIS H 190 -11.90 79.49 27.67
C HIS H 190 -10.94 78.34 27.93
N VAL H 191 -11.10 77.60 29.03
CA VAL H 191 -10.32 76.37 29.16
C VAL H 191 -11.03 75.19 28.50
N ALA H 192 -12.36 75.25 28.39
CA ALA H 192 -13.06 74.19 27.66
C ALA H 192 -12.57 74.09 26.22
N VAL H 193 -12.36 75.25 25.57
CA VAL H 193 -11.77 75.24 24.22
C VAL H 193 -10.48 74.44 24.21
N GLN H 194 -9.64 74.62 25.24
CA GLN H 194 -8.33 73.97 25.25
C GLN H 194 -8.41 72.47 25.53
N TYR H 195 -9.21 72.07 26.52
CA TYR H 195 -9.40 70.64 26.76
C TYR H 195 -9.96 69.96 25.52
N ALA H 196 -10.94 70.60 24.87
CA ALA H 196 -11.56 69.99 23.70
C ALA H 196 -10.52 69.74 22.60
N LYS H 197 -9.63 70.72 22.35
CA LYS H 197 -8.57 70.50 21.36
C LYS H 197 -7.60 69.41 21.79
N ALA H 198 -7.25 69.37 23.08
CA ALA H 198 -6.34 68.32 23.56
C ALA H 198 -7.00 66.95 23.53
N MET H 199 -8.33 66.91 23.45
CA MET H 199 -9.10 65.68 23.29
C MET H 199 -9.38 65.37 21.81
N GLY H 200 -8.72 66.05 20.88
CA GLY H 200 -8.86 65.73 19.48
C GLY H 200 -10.11 66.25 18.81
N MET H 201 -10.90 67.08 19.49
CA MET H 201 -12.12 67.59 18.90
C MET H 201 -11.82 68.82 18.05
N HIS H 202 -12.64 69.02 17.02
CA HIS H 202 -12.77 70.32 16.37
C HIS H 202 -13.68 71.19 17.23
N VAL H 203 -13.37 72.48 17.33
CA VAL H 203 -14.02 73.34 18.32
C VAL H 203 -14.65 74.55 17.65
N ALA H 204 -15.95 74.72 17.87
CA ALA H 204 -16.66 75.96 17.57
C ALA H 204 -16.96 76.68 18.88
N ALA H 205 -16.70 77.99 18.89
CA ALA H 205 -16.92 78.82 20.07
C ALA H 205 -18.09 79.79 19.83
N ILE H 206 -18.95 79.91 20.85
CA ILE H 206 -20.14 80.75 20.80
C ILE H 206 -20.10 81.69 22.00
N ASP H 207 -20.30 82.99 21.75
CA ASP H 207 -20.49 83.96 22.82
C ASP H 207 -21.25 85.14 22.22
N VAL H 208 -21.38 86.22 23.00
CA VAL H 208 -22.19 87.38 22.63
C VAL H 208 -21.36 88.66 22.57
N ALA H 209 -20.04 88.56 22.55
CA ALA H 209 -19.16 89.71 22.40
C ALA H 209 -17.92 89.28 21.63
N ASP H 210 -17.44 90.16 20.75
CA ASP H 210 -16.36 89.80 19.83
C ASP H 210 -15.04 89.53 20.56
N ASP H 211 -14.77 90.23 21.67
CA ASP H 211 -13.53 89.96 22.40
C ASP H 211 -13.52 88.56 23.01
N LYS H 212 -14.68 88.05 23.43
CA LYS H 212 -14.72 86.68 23.93
C LYS H 212 -14.38 85.70 22.82
N LEU H 213 -14.84 85.97 21.59
CA LEU H 213 -14.53 85.07 20.49
C LEU H 213 -13.09 85.21 20.06
N GLU H 214 -12.50 86.40 20.17
CA GLU H 214 -11.08 86.52 19.89
C GLU H 214 -10.26 85.70 20.87
N LEU H 215 -10.65 85.70 22.14
CA LEU H 215 -9.99 84.84 23.12
C LEU H 215 -10.09 83.38 22.71
N ALA H 216 -11.27 82.95 22.25
CA ALA H 216 -11.41 81.57 21.81
C ALA H 216 -10.48 81.26 20.63
N LYS H 217 -10.41 82.19 19.68
CA LYS H 217 -9.55 81.99 18.51
C LYS H 217 -8.10 81.78 18.92
N LYS H 218 -7.59 82.65 19.80
CA LYS H 218 -6.20 82.50 20.26
C LYS H 218 -5.99 81.21 21.03
N LEU H 219 -7.04 80.63 21.60
CA LEU H 219 -6.88 79.41 22.40
C LEU H 219 -7.16 78.15 21.60
N GLY H 220 -7.41 78.27 20.29
CA GLY H 220 -7.45 77.12 19.41
C GLY H 220 -8.78 76.86 18.74
N ALA H 221 -9.81 77.68 18.94
CA ALA H 221 -11.11 77.40 18.36
C ALA H 221 -11.01 77.41 16.83
N ASP H 222 -11.71 76.47 16.19
CA ASP H 222 -11.68 76.40 14.73
C ASP H 222 -12.73 77.29 14.07
N LEU H 223 -13.86 77.50 14.74
CA LEU H 223 -14.90 78.40 14.28
C LEU H 223 -15.34 79.27 15.46
N THR H 224 -15.82 80.47 15.16
CA THR H 224 -16.37 81.36 16.16
C THR H 224 -17.69 81.94 15.66
N VAL H 225 -18.60 82.23 16.59
CA VAL H 225 -19.88 82.82 16.22
C VAL H 225 -20.33 83.74 17.35
N ASN H 226 -20.73 84.96 16.98
CA ASN H 226 -21.31 85.91 17.92
C ASN H 226 -22.83 85.74 17.88
N ALA H 227 -23.39 85.21 18.96
CA ALA H 227 -24.81 84.91 19.00
C ALA H 227 -25.71 86.15 18.92
N LYS H 228 -25.23 87.36 19.23
CA LYS H 228 -26.11 88.51 18.97
C LYS H 228 -26.24 88.83 17.50
N THR H 229 -25.17 88.63 16.74
CA THR H 229 -25.14 89.02 15.35
C THR H 229 -25.52 87.89 14.41
N THR H 230 -25.38 86.65 14.83
CA THR H 230 -25.56 85.51 13.94
C THR H 230 -26.19 84.35 14.71
N ASP H 231 -27.21 83.73 14.11
CA ASP H 231 -27.83 82.56 14.73
C ASP H 231 -26.85 81.40 14.76
N PRO H 232 -26.47 80.88 15.93
CA PRO H 232 -25.45 79.82 15.97
C PRO H 232 -25.87 78.55 15.23
N GLY H 233 -27.10 78.09 15.45
CA GLY H 233 -27.53 76.87 14.80
C GLY H 233 -27.41 76.97 13.28
N THR H 234 -27.90 78.07 12.72
CA THR H 234 -27.85 78.23 11.27
C THR H 234 -26.41 78.24 10.77
N TYR H 235 -25.54 79.00 11.44
CA TYR H 235 -24.16 79.12 10.99
C TYR H 235 -23.44 77.78 11.05
N LEU H 236 -23.57 77.08 12.18
CA LEU H 236 -22.79 75.85 12.36
C LEU H 236 -23.32 74.70 11.53
N HIS H 237 -24.62 74.65 11.27
CA HIS H 237 -25.11 73.64 10.33
C HIS H 237 -24.64 73.96 8.92
N LYS H 238 -24.60 75.25 8.55
CA LYS H 238 -24.12 75.59 7.21
C LYS H 238 -22.64 75.24 7.05
N GLU H 239 -21.82 75.58 8.06
CA GLU H 239 -20.37 75.43 7.89
C GLU H 239 -19.97 73.96 7.86
N VAL H 240 -20.42 73.16 8.83
CA VAL H 240 -19.89 71.81 9.01
C VAL H 240 -20.98 70.77 9.25
N GLY H 241 -22.25 71.16 9.09
CA GLY H 241 -23.31 70.20 9.26
C GLY H 241 -23.69 69.91 10.70
N GLY H 242 -23.35 70.80 11.63
CA GLY H 242 -23.77 70.66 13.01
C GLY H 242 -22.74 69.97 13.88
N MET H 243 -22.94 70.11 15.19
CA MET H 243 -22.00 69.64 16.19
C MET H 243 -22.36 68.23 16.66
N HIS H 244 -21.33 67.40 16.86
CA HIS H 244 -21.53 66.12 17.54
C HIS H 244 -21.79 66.33 19.02
N GLY H 245 -21.23 67.39 19.61
CA GLY H 245 -21.43 67.67 21.01
C GLY H 245 -21.48 69.16 21.25
N ALA H 246 -21.96 69.53 22.42
CA ALA H 246 -21.92 70.92 22.85
C ALA H 246 -21.77 70.94 24.36
N LEU H 247 -21.08 71.96 24.86
CA LEU H 247 -20.92 72.19 26.30
C LEU H 247 -21.39 73.61 26.61
N ILE H 248 -22.40 73.74 27.46
CA ILE H 248 -22.99 75.04 27.79
C ILE H 248 -22.40 75.55 29.10
N THR H 249 -21.57 76.60 29.04
CA THR H 249 -21.05 77.25 30.23
C THR H 249 -21.59 78.66 30.40
N ALA H 250 -22.56 79.06 29.59
CA ALA H 250 -23.04 80.43 29.56
C ALA H 250 -23.98 80.66 30.75
N VAL H 251 -24.24 81.94 31.03
CA VAL H 251 -24.88 82.16 32.30
C VAL H 251 -26.28 82.67 31.94
N SER H 252 -26.80 82.29 30.75
CA SER H 252 -28.07 82.79 30.27
C SER H 252 -28.87 81.65 29.65
N PRO H 253 -30.15 81.49 30.04
CA PRO H 253 -30.97 80.37 29.52
C PRO H 253 -31.05 80.34 28.01
N ILE H 254 -31.05 81.48 27.31
CA ILE H 254 -31.16 81.46 25.87
C ILE H 254 -30.00 80.69 25.25
N ALA H 255 -28.82 80.74 25.88
CA ALA H 255 -27.69 79.99 25.36
C ALA H 255 -27.95 78.50 25.39
N PHE H 256 -28.74 78.03 26.36
CA PHE H 256 -29.09 76.61 26.39
C PHE H 256 -29.98 76.25 25.22
N LYS H 257 -30.94 77.12 24.91
CA LYS H 257 -31.83 76.91 23.77
C LYS H 257 -31.05 76.84 22.47
N GLN H 258 -30.14 77.81 22.25
CA GLN H 258 -29.37 77.83 21.02
C GLN H 258 -28.38 76.67 20.95
N GLY H 259 -27.94 76.15 22.10
CA GLY H 259 -27.09 74.96 22.10
C GLY H 259 -27.77 73.76 21.46
N ILE H 260 -29.06 73.58 21.72
CA ILE H 260 -29.79 72.50 21.05
C ILE H 260 -29.73 72.66 19.55
N ASP H 261 -29.89 73.90 19.05
CA ASP H 261 -29.92 74.16 17.60
C ASP H 261 -28.65 73.71 16.89
N VAL H 262 -27.49 73.81 17.54
CA VAL H 262 -26.23 73.58 16.81
C VAL H 262 -25.92 72.11 16.62
N LEU H 263 -26.66 71.21 17.27
CA LEU H 263 -26.36 69.78 17.20
C LEU H 263 -26.86 69.16 15.92
N ARG H 264 -26.10 68.20 15.41
CA ARG H 264 -26.60 67.27 14.41
C ARG H 264 -27.35 66.15 15.11
N ARG H 265 -27.94 65.25 14.32
CA ARG H 265 -28.66 64.12 14.91
C ARG H 265 -27.73 63.26 15.75
N LYS H 266 -28.26 62.75 16.85
CA LYS H 266 -27.52 61.99 17.87
C LYS H 266 -26.47 62.83 18.59
N GLY H 267 -26.55 64.15 18.52
CA GLY H 267 -25.63 64.96 19.30
C GLY H 267 -25.95 64.91 20.78
N THR H 268 -24.94 65.18 21.60
CA THR H 268 -25.11 65.26 23.04
C THR H 268 -24.64 66.62 23.52
N ILE H 269 -25.49 67.31 24.27
CA ILE H 269 -25.16 68.61 24.82
C ILE H 269 -25.09 68.46 26.34
N ALA H 270 -23.93 68.82 26.90
CA ALA H 270 -23.71 68.80 28.35
C ALA H 270 -23.85 70.21 28.92
N LEU H 271 -24.43 70.29 30.12
CA LEU H 271 -24.77 71.56 30.74
C LEU H 271 -23.90 71.78 31.98
N ASN H 272 -23.15 72.88 32.00
CA ASN H 272 -22.44 73.34 33.20
C ASN H 272 -23.07 74.58 33.82
N GLY H 273 -23.47 75.55 32.99
CA GLY H 273 -23.93 76.82 33.52
C GLY H 273 -25.13 76.69 34.43
N LEU H 274 -25.21 77.58 35.41
CA LEU H 274 -26.22 77.49 36.47
C LEU H 274 -27.00 78.78 36.64
N PRO H 275 -27.63 79.29 35.57
CA PRO H 275 -28.57 80.38 35.75
C PRO H 275 -29.80 79.89 36.50
N PRO H 276 -30.52 80.77 37.17
CA PRO H 276 -31.78 80.35 37.78
C PRO H 276 -32.81 80.01 36.71
N GLY H 277 -33.78 79.20 37.09
CA GLY H 277 -34.91 78.91 36.23
C GLY H 277 -34.69 77.78 35.24
N SER H 278 -35.52 77.81 34.20
CA SER H 278 -35.61 76.76 33.21
C SER H 278 -35.25 77.30 31.82
N PHE H 279 -35.06 76.39 30.87
CA PHE H 279 -35.05 76.77 29.47
C PHE H 279 -36.03 75.88 28.71
N GLU H 280 -36.46 76.38 27.56
CA GLU H 280 -37.46 75.72 26.73
C GLU H 280 -36.78 74.63 25.90
N LEU H 281 -37.00 73.37 26.27
CA LEU H 281 -36.48 72.24 25.50
CA LEU H 281 -36.48 72.25 25.49
C LEU H 281 -37.48 71.88 24.41
N PRO H 282 -37.14 72.02 23.12
CA PRO H 282 -38.12 71.70 22.06
C PRO H 282 -38.27 70.19 21.95
N ILE H 283 -39.51 69.71 22.10
CA ILE H 283 -39.78 68.28 22.23
CA ILE H 283 -39.72 68.28 22.24
C ILE H 283 -39.58 67.58 20.90
N PHE H 284 -40.29 68.04 19.88
CA PHE H 284 -40.28 67.37 18.58
C PHE H 284 -38.86 67.19 18.07
N GLU H 285 -38.08 68.27 18.10
CA GLU H 285 -36.69 68.24 17.65
C GLU H 285 -35.85 67.28 18.46
N THR H 286 -35.99 67.31 19.78
CA THR H 286 -35.16 66.47 20.63
C THR H 286 -35.43 64.98 20.38
N VAL H 287 -36.71 64.64 20.18
CA VAL H 287 -37.09 63.25 19.96
C VAL H 287 -36.64 62.77 18.60
N LEU H 288 -37.03 63.50 17.54
CA LEU H 288 -36.78 63.03 16.18
C LEU H 288 -35.29 62.98 15.86
N LYS H 289 -34.49 63.82 16.51
CA LYS H 289 -33.04 63.85 16.26
C LYS H 289 -32.26 63.01 17.26
N ARG H 290 -32.92 62.36 18.22
CA ARG H 290 -32.22 61.65 19.29
C ARG H 290 -31.16 62.54 19.94
N ILE H 291 -31.59 63.71 20.39
CA ILE H 291 -30.73 64.61 21.14
C ILE H 291 -30.64 64.15 22.59
N THR H 292 -29.45 64.19 23.17
CA THR H 292 -29.23 63.90 24.58
C THR H 292 -28.80 65.17 25.27
N VAL H 293 -29.51 65.56 26.34
CA VAL H 293 -29.17 66.70 27.18
C VAL H 293 -28.73 66.15 28.53
N ARG H 294 -27.54 66.55 28.99
CA ARG H 294 -26.96 65.93 30.18
C ARG H 294 -26.33 67.00 31.08
N GLY H 295 -26.80 67.06 32.31
CA GLY H 295 -26.14 67.92 33.29
C GLY H 295 -24.81 67.33 33.74
N SER H 296 -23.85 68.21 33.98
CA SER H 296 -22.52 67.75 34.40
C SER H 296 -22.07 68.63 35.55
N ILE H 297 -21.67 68.02 36.66
CA ILE H 297 -21.40 68.76 37.90
C ILE H 297 -19.96 68.48 38.34
N VAL H 298 -19.13 69.53 38.35
CA VAL H 298 -17.69 69.51 38.59
C VAL H 298 -17.06 68.18 38.12
N GLY H 299 -16.23 67.56 38.96
CA GLY H 299 -15.62 66.29 38.60
C GLY H 299 -15.12 65.58 39.84
N THR H 300 -14.92 64.27 39.71
CA THR H 300 -14.42 63.48 40.82
C THR H 300 -12.94 63.77 41.08
N ARG H 301 -12.42 63.17 42.16
CA ARG H 301 -10.99 63.27 42.41
C ARG H 301 -10.19 62.74 41.23
N LYS H 302 -10.70 61.71 40.54
CA LYS H 302 -10.00 61.21 39.36
C LYS H 302 -10.11 62.19 38.20
N ASP H 303 -11.32 62.74 37.96
CA ASP H 303 -11.46 63.81 36.97
C ASP H 303 -10.51 64.96 37.28
N LEU H 304 -10.40 65.32 38.57
CA LEU H 304 -9.55 66.46 38.94
C LEU H 304 -8.09 66.18 38.65
N GLN H 305 -7.61 64.99 39.04
CA GLN H 305 -6.22 64.64 38.74
C GLN H 305 -5.97 64.62 37.23
N GLU H 306 -6.89 64.05 36.45
CA GLU H 306 -6.75 64.05 35.01
C GLU H 306 -6.71 65.48 34.46
N ALA H 307 -7.62 66.34 34.93
CA ALA H 307 -7.65 67.72 34.46
C ALA H 307 -6.33 68.42 34.76
N LEU H 308 -5.77 68.19 35.95
CA LEU H 308 -4.49 68.81 36.29
C LEU H 308 -3.37 68.30 35.41
N ASP H 309 -3.41 67.04 35.00
CA ASP H 309 -2.36 66.50 34.16
C ASP H 309 -2.28 67.19 32.81
N PHE H 310 -3.44 67.54 32.21
CA PHE H 310 -3.43 68.30 30.97
C PHE H 310 -2.73 69.64 31.18
N ALA H 311 -3.02 70.31 32.29
CA ALA H 311 -2.38 71.59 32.56
C ALA H 311 -0.89 71.41 32.82
N ASN H 312 -0.53 70.41 33.63
CA ASN H 312 0.88 70.17 33.92
C ASN H 312 1.66 69.88 32.65
N GLU H 313 1.01 69.27 31.66
CA GLU H 313 1.69 68.98 30.40
C GLU H 313 1.64 70.14 29.42
N GLY H 314 1.08 71.28 29.82
CA GLY H 314 1.05 72.42 28.93
C GLY H 314 0.01 72.37 27.85
N LEU H 315 -0.92 71.41 27.91
CA LEU H 315 -1.98 71.33 26.90
C LEU H 315 -3.12 72.30 27.20
N VAL H 316 -3.29 72.70 28.45
CA VAL H 316 -4.30 73.64 28.88
C VAL H 316 -3.63 74.68 29.76
N LYS H 317 -3.91 75.95 29.51
CA LYS H 317 -3.37 77.03 30.32
C LYS H 317 -4.45 78.07 30.49
N ALA H 318 -4.85 78.32 31.73
CA ALA H 318 -5.88 79.33 32.00
C ALA H 318 -5.38 80.73 31.66
N THR H 319 -6.28 81.55 31.12
CA THR H 319 -6.06 82.99 30.97
C THR H 319 -6.47 83.66 32.28
N VAL H 320 -5.52 84.20 33.02
CA VAL H 320 -5.75 84.70 34.38
C VAL H 320 -5.26 86.14 34.48
N THR H 321 -5.99 86.95 35.24
CA THR H 321 -5.53 88.27 35.65
C THR H 321 -5.56 88.32 37.17
N SER H 322 -4.49 88.82 37.77
CA SER H 322 -4.37 88.88 39.22
CA SER H 322 -4.41 88.86 39.22
C SER H 322 -5.22 90.01 39.79
N ALA H 323 -5.65 89.83 41.04
CA ALA H 323 -6.38 90.85 41.78
C ALA H 323 -6.10 90.65 43.26
N LYS H 324 -6.21 91.72 44.04
CA LYS H 324 -6.05 91.63 45.48
C LYS H 324 -7.35 91.18 46.12
N LEU H 325 -7.24 90.51 47.29
CA LEU H 325 -8.40 89.96 47.99
C LEU H 325 -9.47 91.03 48.21
N GLU H 326 -8.99 92.20 48.49
CA GLU H 326 -9.55 93.47 48.83
C GLU H 326 -10.27 94.15 47.70
N ASP H 327 -10.01 93.70 46.50
CA ASP H 327 -10.69 94.19 45.33
C ASP H 327 -11.81 93.26 44.90
N ILE H 328 -12.21 92.33 45.77
CA ILE H 328 -13.13 91.26 45.38
C ILE H 328 -14.46 91.86 44.91
N ASN H 329 -14.88 92.96 45.52
CA ASN H 329 -16.13 93.57 45.08
C ASN H 329 -16.00 94.16 43.68
N ASP H 330 -14.88 94.80 43.39
CA ASP H 330 -14.60 95.25 42.01
C ASP H 330 -14.58 94.05 41.05
N VAL H 331 -14.04 92.92 41.50
CA VAL H 331 -13.97 91.74 40.65
C VAL H 331 -15.37 91.27 40.27
N PHE H 332 -16.27 91.18 41.26
CA PHE H 332 -17.63 90.73 41.00
C PHE H 332 -18.39 91.67 40.07
N ASP H 333 -18.12 92.98 40.16
CA ASP H 333 -18.80 93.90 39.26
C ASP H 333 -18.27 93.75 37.84
N LYS H 334 -16.94 93.55 37.70
CA LYS H 334 -16.37 93.15 36.41
C LYS H 334 -17.03 91.85 35.90
N MET H 335 -17.31 90.90 36.79
CA MET H 335 -17.94 89.65 36.36
C MET H 335 -19.38 89.85 35.92
N LYS H 336 -20.14 90.69 36.64
CA LYS H 336 -21.55 90.91 36.31
C LYS H 336 -21.72 91.52 34.92
N LYS H 337 -20.83 92.43 34.52
CA LYS H 337 -20.93 93.08 33.23
C LYS H 337 -20.12 92.39 32.14
N GLY H 338 -19.60 91.20 32.44
CA GLY H 338 -18.89 90.44 31.43
C GLY H 338 -17.59 91.02 30.94
N GLN H 339 -16.84 91.69 31.81
CA GLN H 339 -15.61 92.37 31.42
C GLN H 339 -14.35 91.60 31.79
N ILE H 340 -14.47 90.33 32.17
CA ILE H 340 -13.31 89.55 32.57
C ILE H 340 -12.82 88.76 31.36
N ASP H 341 -11.52 88.85 31.08
CA ASP H 341 -10.87 88.11 29.99
C ASP H 341 -10.43 86.77 30.56
N GLY H 342 -11.29 85.77 30.45
CA GLY H 342 -11.02 84.48 31.03
C GLY H 342 -11.36 84.41 32.51
N ARG H 343 -10.33 84.41 33.36
CA ARG H 343 -10.50 84.24 34.79
C ARG H 343 -9.74 85.34 35.52
N ILE H 344 -10.31 85.79 36.63
CA ILE H 344 -9.59 86.62 37.59
C ILE H 344 -9.25 85.73 38.77
N VAL H 345 -8.00 85.80 39.22
CA VAL H 345 -7.52 84.98 40.32
C VAL H 345 -6.99 85.90 41.41
N LEU H 346 -7.50 85.72 42.63
CA LEU H 346 -7.02 86.52 43.77
C LEU H 346 -5.60 86.08 44.12
N ASP H 347 -4.67 87.03 44.09
CA ASP H 347 -3.30 86.79 44.50
C ASP H 347 -3.24 87.08 45.99
N ILE H 348 -3.27 86.03 46.80
CA ILE H 348 -3.40 86.18 48.25
C ILE H 348 -2.05 86.19 48.94
N ALA H 349 -1.10 85.39 48.48
CA ALA H 349 0.24 85.40 49.06
C ALA H 349 0.88 86.79 48.94
N GLY H 350 0.65 87.47 47.82
CA GLY H 350 1.12 88.83 47.64
C GLY H 350 2.25 88.97 46.63
N MET I 9 9.77 -98.26 -27.26
CA MET I 9 8.85 -97.70 -28.23
C MET I 9 9.59 -97.12 -29.45
N ILE I 10 10.91 -97.11 -29.42
CA ILE I 10 11.71 -96.56 -30.50
C ILE I 10 12.48 -97.70 -31.17
N PRO I 11 12.35 -97.88 -32.47
CA PRO I 11 13.07 -98.96 -33.14
C PRO I 11 14.55 -98.65 -33.30
N LYS I 12 15.32 -99.71 -33.51
CA LYS I 12 16.75 -99.57 -33.80
C LYS I 12 16.98 -99.04 -35.21
N THR I 13 16.01 -99.23 -36.10
CA THR I 13 16.13 -98.86 -37.51
C THR I 13 14.91 -98.03 -37.92
N MET I 14 15.09 -97.23 -38.97
CA MET I 14 14.04 -96.36 -39.50
C MET I 14 14.23 -96.24 -41.00
N LYS I 15 13.19 -95.75 -41.67
CA LYS I 15 13.27 -95.42 -43.10
C LYS I 15 13.71 -93.97 -43.28
N ALA I 16 14.50 -93.73 -44.32
CA ALA I 16 14.97 -92.39 -44.63
C ALA I 16 15.26 -92.28 -46.12
N ALA I 17 14.98 -91.11 -46.69
CA ALA I 17 15.33 -90.83 -48.08
C ALA I 17 16.76 -90.30 -48.12
N VAL I 18 17.65 -91.01 -48.82
CA VAL I 18 19.07 -90.72 -48.81
C VAL I 18 19.53 -90.41 -50.23
N VAL I 19 20.32 -89.35 -50.38
CA VAL I 19 20.99 -89.02 -51.63
C VAL I 19 22.45 -89.44 -51.52
N GLN I 20 22.95 -90.10 -52.57
CA GLN I 20 24.32 -90.61 -52.58
C GLN I 20 25.31 -89.70 -53.28
N GLY I 21 24.92 -89.08 -54.38
CA GLY I 21 25.78 -88.20 -55.14
C GLY I 21 24.96 -87.10 -55.76
N TYR I 22 25.65 -86.05 -56.21
CA TYR I 22 24.94 -84.89 -56.74
C TYR I 22 24.13 -85.27 -57.98
N GLY I 23 22.88 -84.82 -58.01
CA GLY I 23 21.96 -84.96 -59.12
C GLY I 23 21.35 -86.33 -59.40
N GLU I 24 21.79 -87.39 -58.74
CA GLU I 24 21.12 -88.63 -59.09
C GLU I 24 20.01 -88.94 -58.08
N PRO I 25 18.99 -89.72 -58.48
CA PRO I 25 17.78 -89.86 -57.66
C PRO I 25 18.05 -90.39 -56.26
N LEU I 26 17.24 -89.93 -55.31
CA LEU I 26 17.29 -90.44 -53.94
C LEU I 26 16.63 -91.82 -53.87
N LYS I 27 17.14 -92.64 -52.95
CA LYS I 27 16.60 -93.97 -52.70
C LYS I 27 16.32 -94.10 -51.22
N ILE I 28 15.23 -94.80 -50.89
CA ILE I 28 14.86 -95.03 -49.50
C ILE I 28 15.71 -96.14 -48.91
N GLN I 29 16.39 -95.85 -47.80
CA GLN I 29 17.30 -96.77 -47.14
C GLN I 29 16.87 -97.01 -45.71
N GLU I 30 17.35 -98.11 -45.14
CA GLU I 30 17.18 -98.42 -43.73
C GLU I 30 18.41 -97.91 -42.99
N VAL I 31 18.22 -96.96 -42.09
CA VAL I 31 19.33 -96.28 -41.41
C VAL I 31 19.20 -96.54 -39.90
N PRO I 32 20.31 -96.63 -39.18
CA PRO I 32 20.21 -96.79 -37.72
C PRO I 32 19.65 -95.53 -37.08
N VAL I 33 18.89 -95.72 -36.01
CA VAL I 33 18.36 -94.61 -35.23
C VAL I 33 19.33 -94.29 -34.10
N ARG I 34 19.74 -93.03 -34.01
CA ARG I 34 20.78 -92.63 -33.06
C ARG I 34 20.17 -92.17 -31.74
N GLU I 35 20.94 -92.36 -30.66
CA GLU I 35 20.56 -91.86 -29.34
C GLU I 35 21.00 -90.40 -29.20
N PRO I 36 20.15 -89.55 -28.62
CA PRO I 36 20.53 -88.13 -28.49
C PRO I 36 21.63 -87.93 -27.47
N GLY I 37 22.62 -87.10 -27.83
CA GLY I 37 23.66 -86.68 -26.93
C GLY I 37 23.29 -85.40 -26.21
N ARG I 38 24.31 -84.75 -25.65
CA ARG I 38 24.11 -83.53 -24.88
C ARG I 38 23.40 -82.46 -25.70
N TYR I 39 22.37 -81.85 -25.10
CA TYR I 39 21.52 -80.81 -25.69
C TYR I 39 20.57 -81.31 -26.77
N GLU I 40 20.73 -82.56 -27.20
CA GLU I 40 19.99 -83.10 -28.33
C GLU I 40 18.69 -83.79 -27.90
N VAL I 41 17.75 -83.87 -28.85
CA VAL I 41 16.53 -84.66 -28.71
C VAL I 41 16.33 -85.50 -29.96
N LEU I 42 15.66 -86.63 -29.81
CA LEU I 42 15.22 -87.44 -30.95
C LEU I 42 13.76 -87.11 -31.23
N VAL I 43 13.47 -86.73 -32.48
CA VAL I 43 12.15 -86.32 -32.91
C VAL I 43 11.57 -87.39 -33.82
N LYS I 44 10.37 -87.85 -33.51
CA LYS I 44 9.60 -88.67 -34.44
C LYS I 44 8.89 -87.74 -35.40
N VAL I 45 9.26 -87.83 -36.68
CA VAL I 45 8.80 -86.84 -37.67
C VAL I 45 7.38 -87.19 -38.09
N MET I 46 6.47 -86.24 -37.88
CA MET I 46 5.11 -86.39 -38.39
C MET I 46 5.02 -85.96 -39.84
N ALA I 47 5.69 -84.86 -40.19
CA ALA I 47 5.71 -84.35 -41.55
C ALA I 47 7.00 -83.56 -41.75
N CYS I 48 7.37 -83.36 -43.01
CA CYS I 48 8.50 -82.49 -43.32
C CYS I 48 8.29 -81.85 -44.67
N GLY I 49 8.29 -80.52 -44.70
CA GLY I 49 8.12 -79.81 -45.97
C GLY I 49 9.33 -79.96 -46.86
N VAL I 50 9.10 -79.91 -48.17
CA VAL I 50 10.15 -80.01 -49.16
C VAL I 50 10.45 -78.61 -49.67
N CYS I 51 11.65 -78.13 -49.38
CA CYS I 51 12.09 -76.79 -49.75
C CYS I 51 13.02 -76.90 -50.96
N HIS I 52 13.03 -75.86 -51.79
CA HIS I 52 13.87 -75.90 -52.98
C HIS I 52 15.34 -75.99 -52.59
N THR I 53 15.66 -75.55 -51.38
CA THR I 53 16.99 -75.74 -50.81
C THR I 53 17.37 -77.21 -50.79
N ASP I 54 16.42 -78.10 -50.47
CA ASP I 54 16.70 -79.54 -50.52
C ASP I 54 17.18 -79.97 -51.90
N LEU I 55 16.58 -79.39 -52.96
CA LEU I 55 17.00 -79.73 -54.31
C LEU I 55 18.35 -79.11 -54.65
N HIS I 56 18.60 -77.86 -54.21
CA HIS I 56 19.93 -77.28 -54.37
C HIS I 56 20.98 -78.13 -53.67
N ALA I 57 20.62 -78.72 -52.53
CA ALA I 57 21.53 -79.63 -51.83
C ALA I 57 21.72 -80.92 -52.61
N VAL I 58 20.59 -81.54 -53.02
CA VAL I 58 20.65 -82.78 -53.79
C VAL I 58 21.53 -82.61 -55.02
N ASP I 59 21.44 -81.47 -55.68
CA ASP I 59 22.13 -81.21 -56.93
C ASP I 59 23.50 -80.57 -56.76
N GLY I 60 23.86 -80.17 -55.55
CA GLY I 60 25.14 -79.50 -55.35
C GLY I 60 25.28 -78.20 -56.11
N ASP I 61 24.20 -77.40 -56.16
CA ASP I 61 24.21 -76.16 -56.93
C ASP I 61 25.10 -75.09 -56.31
N TRP I 62 25.39 -75.18 -55.00
CA TRP I 62 25.97 -74.12 -54.20
C TRP I 62 27.47 -74.32 -54.00
N PRO I 63 28.23 -73.23 -53.80
CA PRO I 63 29.67 -73.37 -53.56
C PRO I 63 29.99 -74.03 -52.22
N ALA I 64 29.18 -73.75 -51.20
CA ALA I 64 29.28 -74.45 -49.92
C ALA I 64 28.54 -75.78 -50.04
N LYS I 65 29.30 -76.88 -50.08
CA LYS I 65 28.64 -78.13 -50.41
C LYS I 65 28.10 -78.82 -49.16
N PRO I 66 27.01 -79.59 -49.31
CA PRO I 66 26.47 -80.33 -48.17
C PRO I 66 27.30 -81.57 -47.88
N LYS I 67 26.98 -82.20 -46.75
CA LYS I 67 27.55 -83.52 -46.48
C LYS I 67 26.88 -84.53 -47.39
N MET I 68 27.68 -85.45 -47.96
CA MET I 68 27.20 -86.59 -48.72
C MET I 68 27.75 -87.86 -48.11
N PRO I 69 26.93 -88.92 -47.93
CA PRO I 69 25.49 -88.94 -48.21
C PRO I 69 24.66 -88.07 -47.24
N LEU I 70 23.40 -87.85 -47.58
CA LEU I 70 22.62 -86.86 -46.86
C LEU I 70 21.15 -87.27 -46.78
N ILE I 71 20.58 -87.07 -45.59
CA ILE I 71 19.13 -87.05 -45.42
C ILE I 71 18.70 -85.57 -45.47
N PRO I 72 18.06 -85.12 -46.54
CA PRO I 72 17.65 -83.72 -46.61
C PRO I 72 16.47 -83.43 -45.70
N GLY I 73 15.97 -82.19 -45.73
CA GLY I 73 14.77 -81.82 -45.03
C GLY I 73 14.99 -80.95 -43.80
N HIS I 74 14.55 -79.70 -43.87
CA HIS I 74 14.68 -78.80 -42.73
C HIS I 74 13.35 -78.09 -42.47
N GLU I 75 12.25 -78.74 -42.84
CA GLU I 75 10.92 -78.35 -42.44
C GLU I 75 10.21 -79.51 -41.73
N GLY I 76 10.97 -80.27 -40.94
CA GLY I 76 10.44 -81.43 -40.25
C GLY I 76 9.79 -81.04 -38.93
N VAL I 77 8.62 -81.60 -38.69
CA VAL I 77 7.84 -81.32 -37.49
C VAL I 77 7.41 -82.65 -36.88
N GLY I 78 7.38 -82.70 -35.55
CA GLY I 78 7.01 -83.94 -34.90
C GLY I 78 7.01 -83.80 -33.39
N ILE I 79 7.15 -84.96 -32.74
CA ILE I 79 7.05 -85.10 -31.29
C ILE I 79 8.39 -85.59 -30.76
N VAL I 80 8.87 -84.98 -29.67
CA VAL I 80 10.07 -85.44 -29.00
C VAL I 80 9.78 -86.76 -28.30
N VAL I 81 10.57 -87.79 -28.61
CA VAL I 81 10.39 -89.11 -28.01
C VAL I 81 11.55 -89.53 -27.14
N ALA I 82 12.68 -88.82 -27.17
CA ALA I 82 13.81 -89.10 -26.29
C ALA I 82 14.62 -87.83 -26.14
N CYS I 83 15.18 -87.62 -24.94
CA CYS I 83 15.93 -86.41 -24.63
C CYS I 83 17.32 -86.79 -24.14
N GLY I 84 18.34 -86.15 -24.69
CA GLY I 84 19.67 -86.25 -24.16
C GLY I 84 19.86 -85.40 -22.93
N PRO I 85 21.05 -85.48 -22.34
CA PRO I 85 21.37 -84.62 -21.19
C PRO I 85 21.27 -83.16 -21.58
N ASP I 86 20.74 -82.36 -20.65
CA ASP I 86 20.62 -80.90 -20.82
C ASP I 86 19.71 -80.52 -21.98
N ALA I 87 18.75 -81.38 -22.30
CA ALA I 87 17.78 -81.03 -23.33
C ALA I 87 16.86 -79.93 -22.83
N MET I 88 16.45 -79.07 -23.76
CA MET I 88 15.62 -77.91 -23.44
C MET I 88 14.15 -78.10 -23.80
N VAL I 89 13.77 -79.26 -24.33
CA VAL I 89 12.37 -79.61 -24.52
C VAL I 89 12.18 -81.01 -23.97
N LYS I 90 10.94 -81.33 -23.59
CA LYS I 90 10.64 -82.56 -22.89
C LYS I 90 9.97 -83.55 -23.84
N GLU I 91 9.96 -84.82 -23.42
CA GLU I 91 9.28 -85.83 -24.20
C GLU I 91 7.82 -85.46 -24.40
N GLY I 92 7.32 -85.65 -25.62
CA GLY I 92 5.97 -85.29 -25.97
C GLY I 92 5.78 -83.90 -26.55
N ASP I 93 6.78 -83.02 -26.44
CA ASP I 93 6.66 -81.69 -27.02
C ASP I 93 6.60 -81.75 -28.54
N ALA I 94 5.77 -80.91 -29.14
CA ALA I 94 5.73 -80.73 -30.59
C ALA I 94 6.77 -79.69 -30.99
N VAL I 95 7.69 -80.07 -31.88
CA VAL I 95 8.80 -79.20 -32.28
C VAL I 95 9.04 -79.31 -33.79
N GLY I 96 9.76 -78.33 -34.30
CA GLY I 96 10.22 -78.37 -35.68
C GLY I 96 11.73 -78.18 -35.74
N VAL I 97 12.33 -78.78 -36.76
CA VAL I 97 13.79 -78.76 -36.89
C VAL I 97 14.17 -77.95 -38.13
N PRO I 98 14.62 -76.69 -37.95
CA PRO I 98 14.76 -75.80 -39.12
C PRO I 98 16.15 -75.77 -39.73
N TRP I 99 16.32 -74.86 -40.71
CA TRP I 99 17.62 -74.70 -41.37
C TRP I 99 18.70 -74.33 -40.35
N LEU I 100 18.42 -73.33 -39.52
CA LEU I 100 19.34 -72.93 -38.45
C LEU I 100 19.24 -73.99 -37.35
N TYR I 101 19.93 -75.11 -37.59
CA TYR I 101 19.82 -76.27 -36.71
C TYR I 101 20.52 -76.02 -35.38
N SER I 102 21.62 -75.27 -35.39
CA SER I 102 22.37 -74.94 -34.19
C SER I 102 23.27 -73.74 -34.47
N ALA I 103 23.58 -73.01 -33.40
CA ALA I 103 24.51 -71.89 -33.48
C ALA I 103 25.36 -71.87 -32.22
N CYS I 104 26.46 -71.13 -32.28
CA CYS I 104 27.41 -71.11 -31.18
C CYS I 104 26.85 -70.39 -29.95
N GLY I 105 26.14 -69.27 -30.14
CA GLY I 105 25.64 -68.52 -29.00
C GLY I 105 26.67 -67.64 -28.33
N CYS I 106 27.89 -67.59 -28.85
CA CYS I 106 28.95 -66.86 -28.21
C CYS I 106 29.74 -65.99 -29.19
N CYS I 107 29.33 -65.90 -30.47
CA CYS I 107 30.05 -65.05 -31.42
C CYS I 107 29.42 -63.65 -31.52
N ASP I 108 30.14 -62.78 -32.24
CA ASP I 108 29.63 -61.45 -32.60
C ASP I 108 28.20 -61.50 -33.13
N TYR I 109 27.89 -62.44 -34.03
CA TYR I 109 26.57 -62.42 -34.64
C TYR I 109 25.49 -62.98 -33.71
N CYS I 110 25.79 -64.05 -32.97
CA CYS I 110 24.80 -64.61 -32.05
C CYS I 110 24.47 -63.63 -30.94
N ILE I 111 25.47 -62.90 -30.43
CA ILE I 111 25.27 -62.03 -29.29
C ILE I 111 24.46 -60.80 -29.67
N THR I 112 24.52 -60.36 -30.92
CA THR I 112 23.89 -59.13 -31.34
C THR I 112 22.54 -59.36 -31.98
N GLY I 113 21.98 -60.56 -31.86
CA GLY I 113 20.69 -60.84 -32.45
C GLY I 113 20.73 -61.31 -33.88
N TRP I 114 21.91 -61.68 -34.41
CA TRP I 114 22.03 -62.12 -35.79
C TRP I 114 22.58 -63.53 -35.87
N GLU I 115 22.02 -64.44 -35.06
CA GLU I 115 22.54 -65.81 -35.02
C GLU I 115 22.39 -66.53 -36.35
N THR I 116 21.55 -66.03 -37.26
CA THR I 116 21.49 -66.61 -38.61
C THR I 116 22.81 -66.47 -39.35
N LEU I 117 23.66 -65.55 -38.93
CA LEU I 117 24.94 -65.31 -39.57
C LEU I 117 26.07 -66.03 -38.87
N CYS I 118 25.76 -66.86 -37.87
CA CYS I 118 26.79 -67.55 -37.11
C CYS I 118 27.64 -68.41 -38.05
N GLU I 119 28.95 -68.16 -38.04
CA GLU I 119 29.86 -68.92 -38.89
C GLU I 119 30.10 -70.34 -38.38
N ALA I 120 29.69 -70.64 -37.15
CA ALA I 120 29.77 -71.99 -36.62
C ALA I 120 28.42 -72.71 -36.65
N GLN I 121 27.44 -72.17 -37.37
CA GLN I 121 26.13 -72.79 -37.41
C GLN I 121 26.18 -74.11 -38.16
N GLN I 122 25.27 -75.00 -37.81
CA GLN I 122 25.00 -76.23 -38.54
C GLN I 122 23.62 -76.13 -39.16
N ASN I 123 23.42 -76.75 -40.32
CA ASN I 123 22.21 -76.55 -41.10
C ASN I 123 21.46 -77.87 -41.29
N GLY I 124 20.19 -77.89 -40.87
CA GLY I 124 19.42 -79.12 -40.93
C GLY I 124 19.18 -79.58 -42.36
N GLY I 125 19.32 -80.89 -42.57
CA GLY I 125 19.20 -81.45 -43.91
C GLY I 125 20.25 -80.98 -44.87
N TYR I 126 21.42 -80.54 -44.37
CA TYR I 126 22.50 -80.07 -45.23
C TYR I 126 23.86 -80.47 -44.66
N SER I 127 24.23 -79.91 -43.50
CA SER I 127 25.44 -80.35 -42.82
C SER I 127 25.17 -81.43 -41.79
N VAL I 128 23.91 -81.60 -41.36
CA VAL I 128 23.48 -82.72 -40.54
C VAL I 128 22.20 -83.27 -41.15
N ASP I 129 21.93 -84.54 -40.89
CA ASP I 129 20.76 -85.20 -41.45
C ASP I 129 19.48 -84.52 -40.97
N GLY I 130 18.48 -84.49 -41.86
CA GLY I 130 17.27 -83.73 -41.60
C GLY I 130 16.01 -84.56 -41.52
N GLY I 131 14.87 -83.96 -41.89
CA GLY I 131 13.57 -84.51 -41.67
C GLY I 131 13.01 -85.43 -42.74
N PHE I 132 13.75 -85.73 -43.80
CA PHE I 132 13.28 -86.69 -44.78
C PHE I 132 13.44 -88.12 -44.24
N ALA I 133 12.91 -88.36 -43.05
CA ALA I 133 13.10 -89.63 -42.36
C ALA I 133 12.06 -89.73 -41.26
N GLU I 134 11.93 -90.92 -40.70
CA GLU I 134 10.96 -91.14 -39.62
C GLU I 134 11.43 -90.54 -38.30
N TYR I 135 12.74 -90.40 -38.09
CA TYR I 135 13.28 -89.79 -36.89
C TYR I 135 14.46 -88.89 -37.26
N VAL I 136 14.67 -87.85 -36.45
CA VAL I 136 15.80 -86.94 -36.63
C VAL I 136 16.26 -86.47 -35.26
N ILE I 137 17.58 -86.46 -34.99
CA ILE I 137 18.08 -85.71 -33.83
C ILE I 137 18.22 -84.26 -34.21
N ALA I 138 17.83 -83.41 -33.27
CA ALA I 138 17.86 -81.97 -33.37
C ALA I 138 18.54 -81.44 -32.13
N ASP I 139 19.12 -80.24 -32.26
CA ASP I 139 19.59 -79.49 -31.12
C ASP I 139 18.37 -78.85 -30.46
N SER I 140 18.08 -79.27 -29.22
CA SER I 140 16.86 -78.84 -28.54
C SER I 140 16.82 -77.34 -28.29
N ARG I 141 17.96 -76.66 -28.36
CA ARG I 141 17.99 -75.23 -28.07
C ARG I 141 17.51 -74.39 -29.25
N TYR I 142 17.43 -74.96 -30.45
CA TYR I 142 17.15 -74.17 -31.65
C TYR I 142 15.91 -74.64 -32.38
N VAL I 143 15.17 -75.60 -31.85
CA VAL I 143 13.96 -76.06 -32.53
C VAL I 143 12.87 -75.01 -32.41
N GLY I 144 11.96 -75.01 -33.38
CA GLY I 144 10.73 -74.25 -33.24
C GLY I 144 9.78 -74.94 -32.29
N HIS I 145 9.07 -74.13 -31.49
CA HIS I 145 8.14 -74.64 -30.49
C HIS I 145 6.72 -74.56 -31.05
N LEU I 146 6.04 -75.71 -31.13
CA LEU I 146 4.70 -75.82 -31.68
C LEU I 146 3.67 -76.10 -30.60
N LYS I 147 2.43 -75.69 -30.87
CA LYS I 147 1.30 -75.93 -29.98
C LYS I 147 0.94 -77.42 -29.92
N SER I 148 0.36 -77.82 -28.78
CA SER I 148 0.06 -79.23 -28.51
C SER I 148 -0.83 -79.84 -29.60
N ASN I 149 -1.75 -79.04 -30.13
CA ASN I 149 -2.74 -79.47 -31.11
C ASN I 149 -2.41 -79.02 -32.52
N VAL I 150 -1.11 -78.86 -32.83
CA VAL I 150 -0.75 -78.33 -34.14
C VAL I 150 -1.12 -79.32 -35.24
N ASN I 151 -1.54 -78.78 -36.38
CA ASN I 151 -1.73 -79.58 -37.59
C ASN I 151 -0.36 -79.69 -38.24
N PHE I 152 0.26 -80.86 -38.13
CA PHE I 152 1.66 -81.02 -38.52
C PHE I 152 1.85 -80.78 -40.01
N LEU I 153 0.93 -81.29 -40.83
CA LEU I 153 1.09 -81.15 -42.28
C LEU I 153 1.03 -79.68 -42.70
N GLU I 154 0.10 -78.92 -42.11
CA GLU I 154 -0.07 -77.54 -42.52
C GLU I 154 1.00 -76.63 -41.92
N ILE I 155 1.54 -76.98 -40.75
CA ILE I 155 2.49 -76.09 -40.08
C ILE I 155 3.91 -76.25 -40.59
N ALA I 156 4.25 -77.40 -41.19
CA ALA I 156 5.64 -77.67 -41.55
C ALA I 156 6.31 -76.56 -42.37
N PRO I 157 5.69 -75.98 -43.40
CA PRO I 157 6.40 -74.96 -44.20
C PRO I 157 6.74 -73.69 -43.43
N ILE I 158 6.08 -73.39 -42.31
CA ILE I 158 6.48 -72.22 -41.54
C ILE I 158 7.89 -72.38 -41.00
N LEU I 159 8.37 -73.62 -40.87
CA LEU I 159 9.70 -73.88 -40.31
C LEU I 159 10.83 -73.39 -41.20
N CYS I 160 10.57 -73.11 -42.47
CA CYS I 160 11.57 -72.44 -43.28
C CYS I 160 10.95 -71.40 -44.22
N ALA I 161 10.04 -71.85 -45.09
CA ALA I 161 9.39 -70.93 -46.02
C ALA I 161 8.79 -69.74 -45.28
N GLY I 162 8.03 -70.01 -44.21
CA GLY I 162 7.36 -68.96 -43.47
C GLY I 162 8.31 -68.01 -42.78
N VAL I 163 9.19 -68.55 -41.92
CA VAL I 163 10.12 -67.69 -41.20
C VAL I 163 11.02 -66.93 -42.16
N THR I 164 11.41 -67.55 -43.27
CA THR I 164 12.33 -66.90 -44.20
C THR I 164 11.71 -65.64 -44.79
N VAL I 165 10.49 -65.75 -45.35
CA VAL I 165 9.89 -64.59 -45.99
C VAL I 165 9.43 -63.59 -44.95
N TYR I 166 9.03 -64.05 -43.76
CA TYR I 166 8.66 -63.13 -42.70
C TYR I 166 9.84 -62.25 -42.34
N LYS I 167 11.00 -62.86 -42.08
CA LYS I 167 12.22 -62.08 -41.83
C LYS I 167 12.58 -61.24 -43.04
N GLY I 168 12.46 -61.81 -44.25
CA GLY I 168 12.74 -61.04 -45.45
C GLY I 168 11.87 -59.81 -45.58
N LEU I 169 10.59 -59.93 -45.21
CA LEU I 169 9.69 -58.79 -45.29
C LEU I 169 10.10 -57.70 -44.31
N LYS I 170 10.50 -58.08 -43.09
CA LYS I 170 11.03 -57.10 -42.14
C LYS I 170 12.27 -56.43 -42.72
N GLU I 171 13.13 -57.20 -43.40
CA GLU I 171 14.35 -56.64 -43.98
C GLU I 171 14.06 -55.64 -45.10
N THR I 172 12.89 -55.71 -45.75
CA THR I 172 12.54 -54.67 -46.73
C THR I 172 12.23 -53.35 -46.07
N GLU I 173 11.92 -53.37 -44.76
CA GLU I 173 11.51 -52.20 -43.98
C GLU I 173 10.23 -51.59 -44.55
N THR I 174 9.48 -52.32 -45.38
CA THR I 174 8.20 -51.82 -45.86
C THR I 174 7.23 -51.67 -44.70
N LYS I 175 6.58 -50.50 -44.61
CA LYS I 175 5.70 -50.12 -43.52
C LYS I 175 4.24 -50.44 -43.87
N PRO I 176 3.35 -50.53 -42.87
CA PRO I 176 1.92 -50.65 -43.18
C PRO I 176 1.45 -49.52 -44.08
N GLY I 177 0.68 -49.87 -45.10
CA GLY I 177 0.19 -48.92 -46.07
C GLY I 177 1.09 -48.71 -47.27
N GLU I 178 2.29 -49.29 -47.26
CA GLU I 178 3.22 -49.20 -48.38
C GLU I 178 3.11 -50.43 -49.27
N TRP I 179 3.71 -50.33 -50.46
CA TRP I 179 3.61 -51.38 -51.47
C TRP I 179 4.84 -52.28 -51.46
N VAL I 180 4.61 -53.59 -51.47
CA VAL I 180 5.67 -54.56 -51.66
C VAL I 180 5.32 -55.45 -52.85
N ALA I 181 6.33 -55.80 -53.64
CA ALA I 181 6.21 -56.81 -54.67
C ALA I 181 6.83 -58.11 -54.18
N ILE I 182 6.11 -59.22 -54.36
CA ILE I 182 6.64 -60.56 -54.13
C ILE I 182 6.95 -61.18 -55.48
N SER I 183 8.21 -61.55 -55.69
CA SER I 183 8.63 -62.10 -56.96
C SER I 183 8.88 -63.60 -56.80
N GLY I 184 8.06 -64.40 -57.47
CA GLY I 184 8.12 -65.84 -57.29
C GLY I 184 7.10 -66.29 -56.26
N ILE I 185 5.93 -66.74 -56.72
CA ILE I 185 4.87 -67.18 -55.82
C ILE I 185 4.92 -68.70 -55.70
N GLY I 186 6.03 -69.23 -55.20
CA GLY I 186 6.19 -70.65 -54.95
C GLY I 186 6.01 -70.98 -53.49
N GLY I 187 6.79 -71.95 -53.01
CA GLY I 187 6.74 -72.30 -51.59
C GLY I 187 6.92 -71.10 -50.69
N LEU I 188 7.98 -70.32 -50.92
CA LEU I 188 8.20 -69.11 -50.15
C LEU I 188 7.18 -68.02 -50.50
N GLY I 189 6.96 -67.78 -51.79
CA GLY I 189 6.20 -66.61 -52.20
C GLY I 189 4.75 -66.65 -51.76
N HIS I 190 4.14 -67.83 -51.76
CA HIS I 190 2.70 -67.87 -51.48
C HIS I 190 2.39 -67.59 -50.01
N VAL I 191 3.30 -67.88 -49.09
CA VAL I 191 3.09 -67.39 -47.73
C VAL I 191 3.63 -65.99 -47.55
N ALA I 192 4.60 -65.58 -48.37
CA ALA I 192 5.07 -64.20 -48.32
C ALA I 192 3.94 -63.23 -48.60
N VAL I 193 3.09 -63.54 -49.57
CA VAL I 193 1.91 -62.72 -49.82
C VAL I 193 1.11 -62.53 -48.54
N GLN I 194 0.92 -63.61 -47.78
CA GLN I 194 0.07 -63.54 -46.60
C GLN I 194 0.73 -62.79 -45.44
N TYR I 195 2.02 -63.02 -45.20
CA TYR I 195 2.71 -62.24 -44.19
C TYR I 195 2.68 -60.75 -44.53
N ALA I 196 2.89 -60.41 -45.80
CA ALA I 196 2.88 -59.01 -46.19
C ALA I 196 1.52 -58.37 -45.93
N LYS I 197 0.44 -59.08 -46.25
CA LYS I 197 -0.89 -58.56 -45.96
C LYS I 197 -1.12 -58.40 -44.45
N ALA I 198 -0.67 -59.39 -43.66
CA ALA I 198 -0.83 -59.31 -42.22
C ALA I 198 0.03 -58.21 -41.62
N MET I 199 1.06 -57.77 -42.31
CA MET I 199 1.88 -56.65 -41.88
C MET I 199 1.36 -55.32 -42.43
N GLY I 200 0.15 -55.31 -42.97
CA GLY I 200 -0.48 -54.09 -43.44
C GLY I 200 -0.03 -53.61 -44.79
N MET I 201 0.78 -54.39 -45.52
CA MET I 201 1.29 -53.97 -46.82
C MET I 201 0.28 -54.22 -47.93
N HIS I 202 0.32 -53.38 -48.95
CA HIS I 202 -0.28 -53.73 -50.24
C HIS I 202 0.69 -54.63 -50.99
N VAL I 203 0.16 -55.61 -51.72
CA VAL I 203 0.97 -56.67 -52.29
C VAL I 203 0.74 -56.76 -53.78
N ALA I 204 1.81 -56.63 -54.54
CA ALA I 204 1.84 -56.97 -55.96
C ALA I 204 2.62 -58.28 -56.09
N ALA I 205 2.08 -59.22 -56.87
CA ALA I 205 2.70 -60.52 -57.06
C ALA I 205 3.21 -60.63 -58.49
N ILE I 206 4.43 -61.15 -58.63
CA ILE I 206 5.09 -61.31 -59.92
C ILE I 206 5.45 -62.77 -60.08
N ASP I 207 5.12 -63.34 -61.24
CA ASP I 207 5.62 -64.66 -61.60
C ASP I 207 5.60 -64.78 -63.12
N VAL I 208 5.88 -65.98 -63.62
CA VAL I 208 5.99 -66.22 -65.05
C VAL I 208 5.00 -67.28 -65.52
N ALA I 209 4.02 -67.62 -64.68
CA ALA I 209 2.97 -68.57 -65.06
C ALA I 209 1.68 -68.16 -64.37
N ASP I 210 0.57 -68.23 -65.13
CA ASP I 210 -0.70 -67.67 -64.65
C ASP I 210 -1.25 -68.39 -63.43
N ASP I 211 -1.05 -69.70 -63.32
CA ASP I 211 -1.60 -70.40 -62.14
C ASP I 211 -0.91 -69.97 -60.86
N LYS I 212 0.38 -69.64 -60.91
CA LYS I 212 1.05 -69.13 -59.72
C LYS I 212 0.50 -67.73 -59.36
N LEU I 213 0.13 -66.93 -60.36
CA LEU I 213 -0.47 -65.63 -60.06
C LEU I 213 -1.90 -65.77 -59.55
N GLU I 214 -2.64 -66.78 -60.02
CA GLU I 214 -3.96 -67.06 -59.49
C GLU I 214 -3.89 -67.46 -58.02
N LEU I 215 -2.87 -68.22 -57.64
CA LEU I 215 -2.69 -68.58 -56.23
C LEU I 215 -2.49 -67.33 -55.39
N ALA I 216 -1.65 -66.39 -55.87
CA ALA I 216 -1.41 -65.16 -55.13
C ALA I 216 -2.69 -64.36 -54.96
N LYS I 217 -3.51 -64.27 -56.03
CA LYS I 217 -4.76 -63.55 -55.95
C LYS I 217 -5.65 -64.17 -54.88
N LYS I 218 -5.75 -65.50 -54.86
CA LYS I 218 -6.56 -66.18 -53.85
C LYS I 218 -6.07 -65.89 -52.43
N LEU I 219 -4.78 -65.67 -52.26
CA LEU I 219 -4.20 -65.47 -50.94
C LEU I 219 -4.07 -63.99 -50.55
N GLY I 220 -4.59 -63.09 -51.39
CA GLY I 220 -4.74 -61.69 -51.01
C GLY I 220 -3.94 -60.67 -51.82
N ALA I 221 -3.21 -61.06 -52.86
CA ALA I 221 -2.41 -60.08 -53.60
C ALA I 221 -3.31 -59.02 -54.22
N ASP I 222 -2.86 -57.78 -54.18
CA ASP I 222 -3.66 -56.70 -54.74
C ASP I 222 -3.44 -56.50 -56.22
N LEU I 223 -2.24 -56.80 -56.72
CA LEU I 223 -1.91 -56.72 -58.13
C LEU I 223 -1.14 -57.97 -58.53
N THR I 224 -1.26 -58.36 -59.81
CA THR I 224 -0.51 -59.49 -60.35
C THR I 224 0.13 -59.10 -61.67
N VAL I 225 1.33 -59.63 -61.92
CA VAL I 225 2.12 -59.35 -63.12
C VAL I 225 2.73 -60.64 -63.63
N ASN I 226 2.43 -61.02 -64.87
CA ASN I 226 3.14 -62.12 -65.50
C ASN I 226 4.35 -61.54 -66.24
N ALA I 227 5.54 -61.78 -65.68
CA ALA I 227 6.76 -61.19 -66.22
C ALA I 227 7.09 -61.69 -67.62
N LYS I 228 6.55 -62.84 -68.03
CA LYS I 228 6.78 -63.30 -69.39
C LYS I 228 5.99 -62.49 -70.41
N THR I 229 4.80 -62.02 -70.04
CA THR I 229 3.95 -61.26 -70.95
C THR I 229 4.07 -59.75 -70.76
N THR I 230 4.47 -59.29 -69.58
CA THR I 230 4.40 -57.87 -69.21
C THR I 230 5.60 -57.51 -68.35
N ASP I 231 6.25 -56.40 -68.67
CA ASP I 231 7.39 -55.94 -67.89
C ASP I 231 6.95 -55.53 -66.50
N PRO I 232 7.47 -56.15 -65.43
CA PRO I 232 6.98 -55.83 -64.08
C PRO I 232 7.21 -54.37 -63.69
N GLY I 233 8.39 -53.83 -63.96
CA GLY I 233 8.67 -52.44 -63.59
C GLY I 233 7.72 -51.45 -64.27
N THR I 234 7.53 -51.62 -65.58
CA THR I 234 6.66 -50.72 -66.32
C THR I 234 5.23 -50.76 -65.80
N TYR I 235 4.71 -51.96 -65.58
CA TYR I 235 3.32 -52.11 -65.13
C TYR I 235 3.13 -51.51 -63.74
N LEU I 236 4.01 -51.83 -62.79
CA LEU I 236 3.81 -51.42 -61.40
C LEU I 236 4.09 -49.93 -61.22
N HIS I 237 4.98 -49.35 -62.03
CA HIS I 237 5.15 -47.90 -61.98
C HIS I 237 3.94 -47.16 -62.54
N LYS I 238 3.35 -47.68 -63.63
CA LYS I 238 2.16 -47.05 -64.19
C LYS I 238 0.97 -47.15 -63.22
N GLU I 239 0.83 -48.34 -62.62
CA GLU I 239 -0.35 -48.72 -61.84
C GLU I 239 -0.37 -47.93 -60.51
N VAL I 240 0.74 -47.97 -59.74
CA VAL I 240 0.75 -47.33 -58.40
C VAL I 240 2.03 -46.53 -58.17
N GLY I 241 2.82 -46.31 -59.21
CA GLY I 241 4.04 -45.52 -59.04
C GLY I 241 5.20 -46.26 -58.40
N GLY I 242 5.21 -47.58 -58.41
CA GLY I 242 6.35 -48.33 -57.94
C GLY I 242 6.23 -48.78 -56.50
N MET I 243 7.08 -49.72 -56.14
CA MET I 243 7.03 -50.40 -54.87
C MET I 243 7.95 -49.73 -53.85
N HIS I 244 7.48 -49.66 -52.60
CA HIS I 244 8.37 -49.29 -51.50
C HIS I 244 9.37 -50.39 -51.20
N GLY I 245 8.98 -51.64 -51.45
CA GLY I 245 9.84 -52.78 -51.19
C GLY I 245 9.55 -53.91 -52.15
N ALA I 246 10.48 -54.86 -52.20
CA ALA I 246 10.30 -56.07 -52.98
C ALA I 246 11.01 -57.21 -52.27
N LEU I 247 10.45 -58.41 -52.42
CA LEU I 247 11.05 -59.64 -51.91
C LEU I 247 11.20 -60.62 -53.06
N ILE I 248 12.43 -61.01 -53.37
CA ILE I 248 12.69 -61.91 -54.50
C ILE I 248 12.85 -63.32 -53.97
N THR I 249 11.87 -64.18 -54.26
CA THR I 249 11.94 -65.60 -53.95
C THR I 249 12.14 -66.46 -55.18
N ALA I 250 12.32 -65.87 -56.36
CA ALA I 250 12.37 -66.62 -57.60
C ALA I 250 13.74 -67.26 -57.80
N VAL I 251 13.79 -68.25 -58.71
CA VAL I 251 14.96 -69.08 -58.94
C VAL I 251 15.62 -68.71 -60.28
N SER I 252 15.44 -67.43 -60.73
CA SER I 252 16.16 -66.73 -61.91
C SER I 252 16.82 -65.41 -61.53
N PRO I 253 18.06 -65.29 -61.95
CA PRO I 253 18.76 -64.02 -61.86
C PRO I 253 17.96 -62.92 -62.57
N ILE I 254 17.25 -63.23 -63.66
CA ILE I 254 16.45 -62.21 -64.34
C ILE I 254 15.33 -61.67 -63.45
N ALA I 255 14.79 -62.51 -62.56
CA ALA I 255 13.81 -62.00 -61.61
C ALA I 255 14.43 -61.00 -60.65
N PHE I 256 15.71 -61.19 -60.33
CA PHE I 256 16.36 -60.23 -59.44
C PHE I 256 16.53 -58.90 -60.16
N LYS I 257 16.89 -58.94 -61.45
CA LYS I 257 17.07 -57.71 -62.21
C LYS I 257 15.75 -56.96 -62.37
N GLN I 258 14.69 -57.67 -62.72
CA GLN I 258 13.38 -57.04 -62.85
C GLN I 258 12.86 -56.52 -61.51
N GLY I 259 13.28 -57.16 -60.41
CA GLY I 259 12.92 -56.65 -59.09
C GLY I 259 13.43 -55.24 -58.82
N ILE I 260 14.63 -54.94 -59.30
CA ILE I 260 15.16 -53.59 -59.17
C ILE I 260 14.22 -52.59 -59.84
N ASP I 261 13.72 -52.94 -61.02
CA ASP I 261 12.88 -52.05 -61.82
C ASP I 261 11.60 -51.63 -61.11
N VAL I 262 11.03 -52.50 -60.28
CA VAL I 262 9.70 -52.22 -59.73
C VAL I 262 9.75 -51.25 -58.56
N LEU I 263 10.94 -50.92 -58.06
CA LEU I 263 11.04 -50.06 -56.89
C LEU I 263 10.89 -48.59 -57.29
N ARG I 264 10.27 -47.82 -56.41
CA ARG I 264 10.40 -46.37 -56.47
C ARG I 264 11.68 -45.93 -55.76
N ARG I 265 11.99 -44.64 -55.83
CA ARG I 265 13.20 -44.16 -55.20
C ARG I 265 13.16 -44.43 -53.69
N LYS I 266 14.32 -44.77 -53.13
CA LYS I 266 14.51 -45.18 -51.74
C LYS I 266 13.83 -46.51 -51.42
N GLY I 267 13.48 -47.29 -52.44
CA GLY I 267 12.98 -48.63 -52.19
C GLY I 267 14.06 -49.57 -51.72
N THR I 268 13.64 -50.61 -51.01
CA THR I 268 14.54 -51.65 -50.54
C THR I 268 14.07 -53.01 -51.04
N ILE I 269 14.98 -53.75 -51.66
CA ILE I 269 14.66 -55.07 -52.19
C ILE I 269 15.45 -56.12 -51.40
N ALA I 270 14.74 -57.06 -50.80
CA ALA I 270 15.34 -58.16 -50.06
C ALA I 270 15.38 -59.44 -50.90
N LEU I 271 16.47 -60.18 -50.78
CA LEU I 271 16.73 -61.35 -51.61
C LEU I 271 16.65 -62.62 -50.77
N ASN I 272 15.76 -63.53 -51.13
CA ASN I 272 15.72 -64.87 -50.57
C ASN I 272 16.21 -65.95 -51.53
N GLY I 273 15.81 -65.87 -52.81
CA GLY I 273 16.11 -66.94 -53.74
C GLY I 273 17.60 -67.15 -53.90
N LEU I 274 17.98 -68.41 -54.12
CA LEU I 274 19.39 -68.82 -54.12
C LEU I 274 19.76 -69.59 -55.39
N PRO I 275 19.53 -69.03 -56.58
CA PRO I 275 20.08 -69.64 -57.78
C PRO I 275 21.59 -69.45 -57.83
N PRO I 276 22.32 -70.33 -58.51
CA PRO I 276 23.76 -70.12 -58.65
C PRO I 276 24.06 -68.90 -59.51
N GLY I 277 25.26 -68.36 -59.32
CA GLY I 277 25.73 -67.26 -60.15
C GLY I 277 25.33 -65.90 -59.62
N SER I 278 25.34 -64.92 -60.52
CA SER I 278 25.14 -63.50 -60.22
C SER I 278 23.88 -62.98 -60.90
N PHE I 279 23.56 -61.72 -60.64
CA PHE I 279 22.68 -60.97 -61.52
C PHE I 279 23.28 -59.59 -61.75
N GLU I 280 22.82 -58.93 -62.83
CA GLU I 280 23.38 -57.65 -63.28
C GLU I 280 22.72 -56.52 -62.51
N LEU I 281 23.43 -55.93 -61.55
CA LEU I 281 22.90 -54.79 -60.82
C LEU I 281 23.20 -53.51 -61.58
N PRO I 282 22.19 -52.74 -61.99
CA PRO I 282 22.45 -51.51 -62.75
C PRO I 282 22.91 -50.39 -61.83
N ILE I 283 24.14 -49.93 -62.04
CA ILE I 283 24.76 -49.01 -61.11
C ILE I 283 24.04 -47.67 -61.13
N PHE I 284 23.78 -47.14 -62.33
CA PHE I 284 23.18 -45.83 -62.44
C PHE I 284 21.84 -45.74 -61.72
N GLU I 285 20.86 -46.65 -61.93
CA GLU I 285 19.64 -46.36 -61.15
C GLU I 285 19.88 -46.54 -59.66
N THR I 286 20.65 -47.56 -59.28
CA THR I 286 20.80 -47.86 -57.86
C THR I 286 21.32 -46.64 -57.10
N VAL I 287 22.26 -45.91 -57.70
CA VAL I 287 22.80 -44.72 -57.04
C VAL I 287 21.78 -43.59 -57.05
N LEU I 288 21.29 -43.24 -58.24
CA LEU I 288 20.45 -42.05 -58.38
C LEU I 288 19.11 -42.20 -57.65
N LYS I 289 18.63 -43.43 -57.47
CA LYS I 289 17.36 -43.67 -56.80
C LYS I 289 17.51 -44.06 -55.33
N ARG I 290 18.74 -44.17 -54.83
CA ARG I 290 19.02 -44.67 -53.47
C ARG I 290 18.31 -46.01 -53.23
N ILE I 291 18.60 -46.98 -54.11
CA ILE I 291 18.08 -48.33 -53.98
C ILE I 291 18.91 -49.11 -52.97
N THR I 292 18.24 -49.88 -52.12
CA THR I 292 18.90 -50.77 -51.17
C THR I 292 18.59 -52.22 -51.53
N VAL I 293 19.64 -53.00 -51.75
CA VAL I 293 19.56 -54.43 -52.02
C VAL I 293 20.11 -55.17 -50.81
N ARG I 294 19.33 -56.09 -50.25
CA ARG I 294 19.69 -56.72 -48.98
C ARG I 294 19.41 -58.21 -49.04
N GLY I 295 20.45 -59.03 -48.87
CA GLY I 295 20.25 -60.45 -48.69
C GLY I 295 19.66 -60.77 -47.33
N SER I 296 18.80 -61.78 -47.28
CA SER I 296 18.13 -62.15 -46.03
C SER I 296 18.13 -63.67 -45.94
N ILE I 297 18.59 -64.22 -44.82
CA ILE I 297 18.84 -65.65 -44.71
C ILE I 297 18.02 -66.19 -43.54
N VAL I 298 17.06 -67.07 -43.85
CA VAL I 298 16.05 -67.62 -42.94
C VAL I 298 15.66 -66.62 -41.86
N GLY I 299 15.68 -67.05 -40.59
CA GLY I 299 15.34 -66.19 -39.48
C GLY I 299 15.90 -66.74 -38.19
N THR I 300 16.00 -65.86 -37.18
CA THR I 300 16.47 -66.24 -35.86
C THR I 300 15.39 -67.06 -35.14
N ARG I 301 15.75 -67.56 -33.96
CA ARG I 301 14.76 -68.23 -33.12
C ARG I 301 13.60 -67.29 -32.79
N LYS I 302 13.89 -66.00 -32.60
CA LYS I 302 12.82 -65.05 -32.34
C LYS I 302 11.97 -64.84 -33.59
N ASP I 303 12.62 -64.66 -34.74
CA ASP I 303 11.90 -64.58 -36.00
C ASP I 303 10.98 -65.79 -36.18
N LEU I 304 11.48 -66.97 -35.82
CA LEU I 304 10.73 -68.21 -36.00
C LEU I 304 9.48 -68.23 -35.13
N GLN I 305 9.60 -67.86 -33.85
CA GLN I 305 8.44 -67.84 -32.98
C GLN I 305 7.40 -66.84 -33.48
N GLU I 306 7.85 -65.64 -33.88
CA GLU I 306 6.94 -64.65 -34.41
C GLU I 306 6.24 -65.18 -35.65
N ALA I 307 7.00 -65.81 -36.56
CA ALA I 307 6.41 -66.36 -37.77
C ALA I 307 5.37 -67.42 -37.43
N LEU I 308 5.65 -68.24 -36.42
CA LEU I 308 4.69 -69.25 -35.97
C LEU I 308 3.46 -68.59 -35.34
N ASP I 309 3.63 -67.45 -34.67
CA ASP I 309 2.48 -66.78 -34.07
C ASP I 309 1.48 -66.32 -35.14
N PHE I 310 1.98 -65.81 -36.28
CA PHE I 310 1.09 -65.43 -37.38
C PHE I 310 0.28 -66.62 -37.87
N ALA I 311 0.92 -67.79 -37.99
CA ALA I 311 0.22 -68.99 -38.44
C ALA I 311 -0.77 -69.46 -37.40
N ASN I 312 -0.35 -69.49 -36.13
CA ASN I 312 -1.23 -69.95 -35.06
C ASN I 312 -2.49 -69.09 -34.97
N GLU I 313 -2.38 -67.81 -35.33
CA GLU I 313 -3.52 -66.91 -35.30
C GLU I 313 -4.36 -66.96 -36.58
N GLY I 314 -4.04 -67.84 -37.51
CA GLY I 314 -4.84 -67.95 -38.72
C GLY I 314 -4.63 -66.85 -39.72
N LEU I 315 -3.62 -66.00 -39.52
CA LEU I 315 -3.33 -64.95 -40.48
C LEU I 315 -2.53 -65.48 -41.66
N VAL I 316 -1.83 -66.59 -41.48
CA VAL I 316 -1.03 -67.23 -42.51
C VAL I 316 -1.34 -68.71 -42.49
N LYS I 317 -1.76 -69.24 -43.66
CA LYS I 317 -1.93 -70.67 -43.84
C LYS I 317 -1.26 -71.08 -45.14
N ALA I 318 -0.32 -72.01 -45.06
CA ALA I 318 0.38 -72.49 -46.24
C ALA I 318 -0.52 -73.42 -47.05
N THR I 319 -0.36 -73.35 -48.38
CA THR I 319 -1.01 -74.29 -49.28
C THR I 319 -0.13 -75.53 -49.45
N VAL I 320 -0.64 -76.68 -49.02
CA VAL I 320 0.14 -77.90 -48.92
C VAL I 320 -0.56 -79.01 -49.69
N THR I 321 0.24 -79.84 -50.36
CA THR I 321 -0.22 -81.08 -50.95
C THR I 321 0.51 -82.23 -50.26
N SER I 322 -0.24 -83.26 -49.90
CA SER I 322 0.28 -84.44 -49.24
C SER I 322 1.11 -85.27 -50.22
N ALA I 323 2.17 -85.88 -49.70
CA ALA I 323 2.88 -86.91 -50.44
C ALA I 323 3.59 -87.85 -49.47
N LYS I 324 3.79 -89.08 -49.93
CA LYS I 324 4.50 -90.07 -49.16
C LYS I 324 6.01 -89.88 -49.34
N LEU I 325 6.76 -90.37 -48.36
CA LEU I 325 8.22 -90.28 -48.40
C LEU I 325 8.79 -90.91 -49.68
N GLU I 326 8.22 -92.04 -50.11
CA GLU I 326 8.72 -92.76 -51.28
C GLU I 326 8.59 -91.98 -52.57
N ASP I 327 7.75 -90.96 -52.62
CA ASP I 327 7.51 -90.21 -53.84
C ASP I 327 8.40 -88.97 -53.99
N ILE I 328 9.46 -88.86 -53.19
CA ILE I 328 10.24 -87.63 -53.15
C ILE I 328 10.82 -87.28 -54.51
N ASN I 329 11.20 -88.29 -55.30
CA ASN I 329 11.78 -88.03 -56.61
C ASN I 329 10.75 -87.43 -57.57
N ASP I 330 9.52 -87.97 -57.58
CA ASP I 330 8.45 -87.32 -58.34
C ASP I 330 8.19 -85.92 -57.82
N VAL I 331 8.32 -85.71 -56.50
CA VAL I 331 8.13 -84.38 -55.93
C VAL I 331 9.17 -83.41 -56.48
N PHE I 332 10.44 -83.84 -56.48
CA PHE I 332 11.49 -83.00 -57.03
C PHE I 332 11.30 -82.75 -58.53
N ASP I 333 10.80 -83.76 -59.25
CA ASP I 333 10.53 -83.58 -60.68
C ASP I 333 9.43 -82.55 -60.92
N LYS I 334 8.39 -82.57 -60.08
CA LYS I 334 7.35 -81.55 -60.19
C LYS I 334 7.89 -80.17 -59.83
N MET I 335 8.81 -80.10 -58.86
CA MET I 335 9.38 -78.81 -58.47
C MET I 335 10.22 -78.22 -59.61
N LYS I 336 11.00 -79.05 -60.30
CA LYS I 336 11.80 -78.56 -61.42
C LYS I 336 10.91 -78.00 -62.52
N LYS I 337 9.73 -78.58 -62.74
CA LYS I 337 8.82 -78.13 -63.77
C LYS I 337 7.84 -77.09 -63.26
N GLY I 338 8.00 -76.63 -62.03
CA GLY I 338 7.14 -75.60 -61.48
C GLY I 338 5.69 -76.02 -61.33
N GLN I 339 5.44 -77.30 -61.05
CA GLN I 339 4.09 -77.83 -61.06
C GLN I 339 3.52 -77.97 -59.65
N ILE I 340 4.17 -77.38 -58.65
CA ILE I 340 3.73 -77.47 -57.26
C ILE I 340 2.90 -76.24 -56.93
N ASP I 341 1.71 -76.47 -56.39
CA ASP I 341 0.81 -75.40 -55.98
C ASP I 341 1.19 -75.02 -54.55
N GLY I 342 2.12 -74.09 -54.43
CA GLY I 342 2.63 -73.76 -53.11
C GLY I 342 3.71 -74.72 -52.65
N ARG I 343 3.36 -75.57 -51.68
CA ARG I 343 4.32 -76.44 -51.02
CA ARG I 343 4.32 -76.44 -51.02
C ARG I 343 3.84 -77.88 -51.08
N ILE I 344 4.80 -78.81 -51.11
CA ILE I 344 4.53 -80.22 -50.87
C ILE I 344 5.18 -80.56 -49.54
N VAL I 345 4.42 -81.22 -48.67
CA VAL I 345 4.91 -81.67 -47.37
C VAL I 345 4.77 -83.19 -47.32
N LEU I 346 5.88 -83.86 -47.00
CA LEU I 346 5.88 -85.31 -46.86
C LEU I 346 5.12 -85.72 -45.61
N ASP I 347 4.10 -86.56 -45.76
CA ASP I 347 3.36 -87.08 -44.62
C ASP I 347 4.11 -88.32 -44.16
N ILE I 348 5.05 -88.13 -43.24
CA ILE I 348 5.92 -89.22 -42.81
C ILE I 348 5.18 -90.19 -41.91
N ALA I 349 4.41 -89.67 -40.95
CA ALA I 349 3.68 -90.52 -40.01
C ALA I 349 2.49 -91.20 -40.69
N MET J 9 47.77 -75.39 -4.48
CA MET J 9 48.22 -74.06 -4.86
C MET J 9 47.17 -72.98 -4.56
N ILE J 10 45.89 -73.34 -4.74
CA ILE J 10 44.78 -72.42 -4.49
C ILE J 10 44.41 -72.51 -3.01
N PRO J 11 44.32 -71.38 -2.30
CA PRO J 11 44.07 -71.44 -0.86
C PRO J 11 42.66 -71.88 -0.51
N LYS J 12 42.52 -72.40 0.71
CA LYS J 12 41.21 -72.80 1.22
C LYS J 12 40.36 -71.62 1.66
N THR J 13 40.97 -70.52 2.12
CA THR J 13 40.24 -69.36 2.60
C THR J 13 40.91 -68.09 2.07
N MET J 14 40.14 -67.00 2.02
CA MET J 14 40.62 -65.75 1.43
C MET J 14 40.08 -64.54 2.21
N LYS J 15 40.70 -63.39 1.97
CA LYS J 15 40.21 -62.13 2.52
C LYS J 15 39.18 -61.50 1.58
N ALA J 16 38.17 -60.86 2.17
CA ALA J 16 37.11 -60.20 1.41
C ALA J 16 36.46 -59.11 2.24
N ALA J 17 36.05 -58.03 1.57
CA ALA J 17 35.26 -56.98 2.22
C ALA J 17 33.79 -57.37 2.16
N VAL J 18 33.16 -57.54 3.32
CA VAL J 18 31.81 -58.09 3.39
C VAL J 18 30.88 -57.08 4.07
N VAL J 19 29.70 -56.89 3.48
CA VAL J 19 28.64 -56.11 4.09
C VAL J 19 27.63 -57.07 4.71
N GLN J 20 27.27 -56.82 5.96
CA GLN J 20 26.30 -57.66 6.66
C GLN J 20 24.90 -57.06 6.70
N GLY J 21 24.79 -55.73 6.82
CA GLY J 21 23.50 -55.08 6.86
C GLY J 21 23.59 -53.74 6.18
N TYR J 22 22.42 -53.23 5.77
CA TYR J 22 22.36 -52.01 4.98
C TYR J 22 22.91 -50.82 5.76
N GLY J 23 23.72 -50.01 5.09
CA GLY J 23 24.33 -48.84 5.70
C GLY J 23 25.46 -49.12 6.66
N GLU J 24 25.75 -50.39 6.93
CA GLU J 24 26.80 -50.74 7.87
C GLU J 24 28.18 -50.64 7.23
N PRO J 25 29.21 -50.37 8.02
CA PRO J 25 30.57 -50.43 7.49
C PRO J 25 30.88 -51.85 7.03
N LEU J 26 31.68 -51.96 5.98
CA LEU J 26 32.16 -53.27 5.58
C LEU J 26 33.26 -53.71 6.53
N LYS J 27 33.39 -55.02 6.72
CA LYS J 27 34.43 -55.59 7.55
C LYS J 27 35.18 -56.61 6.72
N ILE J 28 36.50 -56.65 6.87
CA ILE J 28 37.31 -57.62 6.15
C ILE J 28 37.18 -58.96 6.87
N GLN J 29 36.73 -59.98 6.16
CA GLN J 29 36.49 -61.28 6.74
C GLN J 29 37.30 -62.34 6.02
N GLU J 30 37.51 -63.46 6.72
CA GLU J 30 38.10 -64.65 6.12
C GLU J 30 36.95 -65.50 5.59
N VAL J 31 36.92 -65.69 4.28
CA VAL J 31 35.79 -66.38 3.63
C VAL J 31 36.33 -67.61 2.90
N PRO J 32 35.59 -68.71 2.85
CA PRO J 32 36.07 -69.88 2.11
C PRO J 32 36.12 -69.59 0.61
N VAL J 33 37.10 -70.22 -0.05
CA VAL J 33 37.24 -70.16 -1.50
C VAL J 33 36.52 -71.34 -2.10
N ARG J 34 35.64 -71.09 -3.07
CA ARG J 34 34.80 -72.14 -3.61
C ARG J 34 35.45 -72.78 -4.83
N GLU J 35 35.17 -74.06 -5.03
CA GLU J 35 35.64 -74.71 -6.23
C GLU J 35 34.67 -74.41 -7.37
N PRO J 36 35.18 -74.07 -8.55
CA PRO J 36 34.27 -73.68 -9.65
C PRO J 36 33.49 -74.86 -10.18
N GLY J 37 32.19 -74.64 -10.39
CA GLY J 37 31.33 -75.62 -10.98
C GLY J 37 31.24 -75.51 -12.48
N ARG J 38 30.18 -76.11 -13.03
CA ARG J 38 29.94 -76.13 -14.47
C ARG J 38 29.88 -74.70 -15.03
N TYR J 39 30.60 -74.47 -16.12
CA TYR J 39 30.70 -73.20 -16.82
C TYR J 39 31.49 -72.18 -16.01
N GLU J 40 31.80 -72.50 -14.75
CA GLU J 40 32.41 -71.53 -13.86
C GLU J 40 33.93 -71.60 -13.93
N VAL J 41 34.57 -70.48 -13.58
CA VAL J 41 36.00 -70.41 -13.36
C VAL J 41 36.23 -69.70 -12.03
N LEU J 42 37.36 -70.00 -11.40
CA LEU J 42 37.83 -69.24 -10.24
C LEU J 42 38.88 -68.26 -10.70
N VAL J 43 38.68 -66.98 -10.41
CA VAL J 43 39.59 -65.93 -10.85
C VAL J 43 40.33 -65.39 -9.63
N LYS J 44 41.67 -65.33 -9.72
CA LYS J 44 42.50 -64.60 -8.77
C LYS J 44 42.35 -63.12 -9.09
N VAL J 45 41.81 -62.33 -8.18
CA VAL J 45 41.55 -60.93 -8.52
C VAL J 45 42.86 -60.12 -8.37
N MET J 46 43.26 -59.40 -9.42
CA MET J 46 44.39 -58.49 -9.29
CA MET J 46 44.39 -58.47 -9.35
C MET J 46 43.99 -57.06 -8.92
N ALA J 47 42.86 -56.59 -9.40
CA ALA J 47 42.31 -55.28 -9.06
C ALA J 47 40.80 -55.35 -9.14
N CYS J 48 40.14 -54.40 -8.49
CA CYS J 48 38.69 -54.30 -8.62
C CYS J 48 38.27 -52.84 -8.48
N GLY J 49 37.61 -52.33 -9.51
CA GLY J 49 37.13 -50.96 -9.45
C GLY J 49 35.99 -50.83 -8.47
N VAL J 50 35.87 -49.63 -7.89
CA VAL J 50 34.79 -49.32 -6.97
C VAL J 50 33.75 -48.49 -7.73
N CYS J 51 32.57 -49.07 -7.93
CA CYS J 51 31.49 -48.42 -8.64
C CYS J 51 30.46 -47.91 -7.65
N HIS J 52 29.80 -46.81 -8.01
CA HIS J 52 28.82 -46.24 -7.09
C HIS J 52 27.66 -47.20 -6.85
N THR J 53 27.41 -48.11 -7.81
CA THR J 53 26.45 -49.19 -7.59
C THR J 53 26.79 -50.00 -6.35
N ASP J 54 28.09 -50.27 -6.11
CA ASP J 54 28.48 -50.98 -4.89
C ASP J 54 28.00 -50.23 -3.65
N LEU J 55 28.05 -48.90 -3.68
CA LEU J 55 27.55 -48.14 -2.54
C LEU J 55 26.03 -48.22 -2.46
N HIS J 56 25.35 -48.15 -3.61
CA HIS J 56 23.90 -48.36 -3.64
C HIS J 56 23.54 -49.73 -3.08
N ALA J 57 24.39 -50.73 -3.34
CA ALA J 57 24.15 -52.07 -2.80
C ALA J 57 24.33 -52.07 -1.29
N VAL J 58 25.47 -51.56 -0.82
CA VAL J 58 25.78 -51.55 0.60
C VAL J 58 24.69 -50.83 1.39
N ASP J 59 24.13 -49.77 0.81
CA ASP J 59 23.15 -48.95 1.51
C ASP J 59 21.72 -49.42 1.29
N GLY J 60 21.49 -50.38 0.40
CA GLY J 60 20.13 -50.82 0.10
C GLY J 60 19.23 -49.74 -0.49
N ASP J 61 19.78 -48.93 -1.40
CA ASP J 61 19.02 -47.82 -1.99
C ASP J 61 17.91 -48.30 -2.92
N TRP J 62 18.03 -49.52 -3.50
CA TRP J 62 17.18 -49.88 -4.63
C TRP J 62 16.01 -50.77 -4.20
N PRO J 63 14.90 -50.74 -4.96
CA PRO J 63 13.78 -51.63 -4.62
C PRO J 63 14.11 -53.10 -4.83
N ALA J 64 14.89 -53.42 -5.86
CA ALA J 64 15.44 -54.76 -6.03
C ALA J 64 16.69 -54.87 -5.16
N LYS J 65 16.59 -55.63 -4.04
CA LYS J 65 17.63 -55.61 -3.02
C LYS J 65 18.73 -56.61 -3.34
N PRO J 66 19.95 -56.35 -2.89
CA PRO J 66 21.04 -57.33 -3.06
C PRO J 66 20.93 -58.44 -2.03
N LYS J 67 21.61 -59.55 -2.32
CA LYS J 67 21.71 -60.59 -1.32
C LYS J 67 22.54 -60.09 -0.14
N MET J 68 22.27 -60.67 1.04
CA MET J 68 22.97 -60.29 2.27
C MET J 68 23.28 -61.58 3.01
N PRO J 69 24.52 -61.74 3.52
CA PRO J 69 25.67 -60.84 3.38
C PRO J 69 26.19 -60.81 1.95
N LEU J 70 27.08 -59.88 1.63
CA LEU J 70 27.48 -59.65 0.24
C LEU J 70 28.93 -59.22 0.16
N ILE J 71 29.65 -59.79 -0.81
CA ILE J 71 30.93 -59.24 -1.26
C ILE J 71 30.64 -58.42 -2.52
N PRO J 72 30.69 -57.09 -2.45
CA PRO J 72 30.40 -56.28 -3.64
C PRO J 72 31.52 -56.33 -4.66
N GLY J 73 31.39 -55.55 -5.73
CA GLY J 73 32.46 -55.39 -6.69
C GLY J 73 32.19 -56.10 -8.00
N HIS J 74 32.01 -55.34 -9.08
CA HIS J 74 31.79 -55.91 -10.40
C HIS J 74 32.65 -55.22 -11.44
N GLU J 75 33.80 -54.69 -11.02
CA GLU J 75 34.86 -54.25 -11.91
C GLU J 75 36.14 -55.01 -11.59
N GLY J 76 35.99 -56.28 -11.20
CA GLY J 76 37.13 -57.09 -10.81
C GLY J 76 37.82 -57.71 -12.00
N VAL J 77 39.15 -57.63 -12.02
CA VAL J 77 39.94 -58.15 -13.12
C VAL J 77 41.06 -59.00 -12.52
N GLY J 78 41.41 -60.08 -13.20
CA GLY J 78 42.44 -60.96 -12.67
C GLY J 78 42.72 -62.12 -13.60
N ILE J 79 43.27 -63.19 -13.01
CA ILE J 79 43.79 -64.34 -13.75
C ILE J 79 42.99 -65.58 -13.36
N VAL J 80 42.58 -66.35 -14.38
CA VAL J 80 41.91 -67.62 -14.14
C VAL J 80 42.91 -68.61 -13.54
N VAL J 81 42.56 -69.19 -12.39
CA VAL J 81 43.43 -70.17 -11.72
C VAL J 81 42.82 -71.55 -11.67
N ALA J 82 41.53 -71.71 -11.96
CA ALA J 82 40.90 -73.03 -11.98
C ALA J 82 39.66 -72.95 -12.86
N CYS J 83 39.37 -74.04 -13.55
CA CYS J 83 38.24 -74.11 -14.46
C CYS J 83 37.33 -75.28 -14.07
N GLY J 84 36.03 -75.00 -14.02
CA GLY J 84 35.06 -76.07 -13.90
C GLY J 84 34.82 -76.73 -15.24
N PRO J 85 33.98 -77.76 -15.23
CA PRO J 85 33.58 -78.41 -16.49
C PRO J 85 32.89 -77.42 -17.40
N ASP J 86 33.14 -77.56 -18.71
CA ASP J 86 32.51 -76.72 -19.73
C ASP J 86 32.91 -75.26 -19.61
N ALA J 87 34.09 -74.98 -19.05
CA ALA J 87 34.58 -73.62 -18.96
C ALA J 87 34.95 -73.08 -20.35
N MET J 88 34.72 -71.79 -20.55
CA MET J 88 34.97 -71.15 -21.84
C MET J 88 36.24 -70.31 -21.86
N VAL J 89 36.97 -70.24 -20.75
CA VAL J 89 38.30 -69.64 -20.70
C VAL J 89 39.22 -70.61 -19.99
N LYS J 90 40.52 -70.46 -20.24
CA LYS J 90 41.54 -71.38 -19.75
C LYS J 90 42.32 -70.78 -18.60
N GLU J 91 43.00 -71.65 -17.85
CA GLU J 91 43.87 -71.20 -16.76
C GLU J 91 44.93 -70.25 -17.30
N GLY J 92 45.16 -69.16 -16.56
CA GLY J 92 46.08 -68.13 -17.00
C GLY J 92 45.48 -67.03 -17.83
N ASP J 93 44.26 -67.18 -18.33
CA ASP J 93 43.64 -66.10 -19.09
C ASP J 93 43.36 -64.91 -18.19
N ALA J 94 43.55 -63.71 -18.72
CA ALA J 94 43.18 -62.48 -18.04
C ALA J 94 41.73 -62.16 -18.37
N VAL J 95 40.90 -62.01 -17.34
CA VAL J 95 39.47 -61.81 -17.52
C VAL J 95 38.95 -60.75 -16.55
N GLY J 96 37.76 -60.23 -16.87
CA GLY J 96 37.06 -59.35 -15.96
C GLY J 96 35.66 -59.87 -15.69
N VAL J 97 35.17 -59.60 -14.49
CA VAL J 97 33.86 -60.12 -14.07
C VAL J 97 32.90 -58.96 -13.87
N PRO J 98 31.95 -58.73 -14.83
CA PRO J 98 31.17 -57.49 -14.80
C PRO J 98 29.82 -57.59 -14.10
N TRP J 99 29.04 -56.51 -14.21
CA TRP J 99 27.69 -56.51 -13.65
C TRP J 99 26.85 -57.61 -14.26
N LEU J 100 26.85 -57.73 -15.59
CA LEU J 100 26.13 -58.80 -16.27
C LEU J 100 26.95 -60.08 -16.11
N TYR J 101 26.78 -60.71 -14.95
CA TYR J 101 27.61 -61.86 -14.58
C TYR J 101 27.22 -63.10 -15.37
N SER J 102 25.93 -63.27 -15.67
CA SER J 102 25.41 -64.39 -16.46
C SER J 102 24.02 -64.03 -16.96
N ALA J 103 23.62 -64.66 -18.06
CA ALA J 103 22.27 -64.48 -18.62
C ALA J 103 21.80 -65.82 -19.20
N CYS J 104 20.51 -65.89 -19.48
CA CYS J 104 19.91 -67.18 -19.87
C CYS J 104 20.44 -67.69 -21.21
N GLY J 105 20.61 -66.81 -22.21
CA GLY J 105 21.05 -67.24 -23.53
C GLY J 105 19.98 -67.79 -24.45
N CYS J 106 18.73 -67.85 -24.00
CA CYS J 106 17.64 -68.39 -24.80
C CYS J 106 16.34 -67.60 -24.73
N CYS J 107 16.29 -66.46 -24.03
CA CYS J 107 15.03 -65.70 -23.94
C CYS J 107 14.90 -64.70 -25.10
N ASP J 108 13.71 -64.08 -25.18
CA ASP J 108 13.44 -62.98 -26.11
C ASP J 108 14.59 -61.97 -26.14
N TYR J 109 15.07 -61.56 -24.96
CA TYR J 109 16.07 -60.50 -24.91
C TYR J 109 17.47 -61.00 -25.26
N CYS J 110 17.86 -62.20 -24.81
CA CYS J 110 19.17 -62.71 -25.16
C CYS J 110 19.29 -62.97 -26.67
N ILE J 111 18.22 -63.48 -27.27
CA ILE J 111 18.29 -63.89 -28.67
C ILE J 111 18.31 -62.69 -29.61
N THR J 112 17.76 -61.56 -29.19
CA THR J 112 17.62 -60.40 -30.07
C THR J 112 18.71 -59.36 -29.86
N GLY J 113 19.80 -59.72 -29.18
CA GLY J 113 20.89 -58.81 -28.98
C GLY J 113 20.77 -57.95 -27.74
N TRP J 114 19.86 -58.30 -26.83
CA TRP J 114 19.63 -57.47 -25.66
C TRP J 114 19.82 -58.26 -24.36
N GLU J 115 20.91 -59.01 -24.25
CA GLU J 115 21.12 -59.85 -23.07
C GLU J 115 21.22 -59.04 -21.79
N THR J 116 21.47 -57.73 -21.88
CA THR J 116 21.47 -56.86 -20.70
C THR J 116 20.10 -56.79 -20.05
N LEU J 117 19.04 -57.16 -20.78
CA LEU J 117 17.69 -57.09 -20.27
C LEU J 117 17.17 -58.44 -19.79
N CYS J 118 18.02 -59.47 -19.81
CA CYS J 118 17.55 -60.82 -19.47
C CYS J 118 17.02 -60.85 -18.04
N GLU J 119 15.80 -61.36 -17.89
CA GLU J 119 15.16 -61.38 -16.58
C GLU J 119 15.70 -62.46 -15.67
N ALA J 120 16.43 -63.43 -16.23
CA ALA J 120 17.10 -64.45 -15.43
C ALA J 120 18.58 -64.13 -15.19
N GLN J 121 19.01 -62.90 -15.46
CA GLN J 121 20.41 -62.59 -15.29
C GLN J 121 20.81 -62.63 -13.81
N GLN J 122 22.11 -62.86 -13.58
CA GLN J 122 22.72 -62.70 -12.27
C GLN J 122 23.73 -61.56 -12.34
N ASN J 123 23.87 -60.83 -11.22
CA ASN J 123 24.63 -59.58 -11.21
C ASN J 123 25.82 -59.67 -10.26
N GLY J 124 27.01 -59.41 -10.80
CA GLY J 124 28.22 -59.54 -10.01
C GLY J 124 28.28 -58.51 -8.89
N GLY J 125 28.69 -58.96 -7.71
CA GLY J 125 28.72 -58.09 -6.55
C GLY J 125 27.37 -57.60 -6.11
N TYR J 126 26.29 -58.31 -6.44
CA TYR J 126 24.95 -57.90 -6.04
C TYR J 126 24.09 -59.10 -5.71
N SER J 127 23.78 -59.93 -6.72
CA SER J 127 23.07 -61.19 -6.48
C SER J 127 24.03 -62.36 -6.27
N VAL J 128 25.27 -62.22 -6.70
CA VAL J 128 26.35 -63.17 -6.41
C VAL J 128 27.53 -62.36 -5.90
N ASP J 129 28.39 -63.02 -5.12
CA ASP J 129 29.55 -62.34 -4.56
C ASP J 129 30.48 -61.85 -5.67
N GLY J 130 31.12 -60.70 -5.42
CA GLY J 130 31.91 -60.05 -6.45
C GLY J 130 33.40 -59.92 -6.16
N GLY J 131 34.02 -58.88 -6.73
CA GLY J 131 35.45 -58.70 -6.77
C GLY J 131 36.12 -58.00 -5.61
N PHE J 132 35.38 -57.59 -4.58
CA PHE J 132 36.00 -57.04 -3.37
C PHE J 132 36.60 -58.18 -2.55
N ALA J 133 37.47 -58.99 -3.16
CA ALA J 133 38.00 -60.18 -2.53
C ALA J 133 39.23 -60.64 -3.30
N GLU J 134 39.97 -61.56 -2.68
CA GLU J 134 41.18 -62.09 -3.31
C GLU J 134 40.86 -63.01 -4.47
N TYR J 135 39.70 -63.66 -4.44
CA TYR J 135 39.28 -64.54 -5.49
C TYR J 135 37.78 -64.34 -5.73
N VAL J 136 37.34 -64.62 -6.96
CA VAL J 136 35.94 -64.51 -7.33
C VAL J 136 35.61 -65.66 -8.26
N ILE J 137 34.45 -66.30 -8.03
CA ILE J 137 33.89 -67.26 -8.99
C ILE J 137 33.14 -66.50 -10.07
N ALA J 138 33.39 -66.85 -11.33
CA ALA J 138 32.74 -66.19 -12.44
C ALA J 138 32.15 -67.21 -13.41
N ASP J 139 31.12 -66.78 -14.14
CA ASP J 139 30.59 -67.53 -15.28
C ASP J 139 31.49 -67.25 -16.48
N SER J 140 32.22 -68.27 -16.93
CA SER J 140 33.23 -68.10 -17.97
C SER J 140 32.63 -67.63 -19.28
N ARG J 141 31.32 -67.77 -19.46
CA ARG J 141 30.68 -67.38 -20.70
C ARG J 141 30.44 -65.87 -20.80
N TYR J 142 30.52 -65.15 -19.68
CA TYR J 142 30.14 -63.73 -19.65
C TYR J 142 31.25 -62.82 -19.16
N VAL J 143 32.45 -63.34 -18.91
CA VAL J 143 33.56 -62.50 -18.45
C VAL J 143 34.06 -61.65 -19.62
N GLY J 144 34.63 -60.49 -19.31
CA GLY J 144 35.39 -59.75 -20.30
C GLY J 144 36.76 -60.40 -20.51
N HIS J 145 37.21 -60.40 -21.77
CA HIS J 145 38.48 -60.98 -22.15
C HIS J 145 39.52 -59.88 -22.28
N LEU J 146 40.59 -59.97 -21.49
CA LEU J 146 41.63 -58.94 -21.43
C LEU J 146 42.91 -59.45 -22.07
N LYS J 147 43.72 -58.52 -22.58
CA LYS J 147 45.02 -58.88 -23.12
C LYS J 147 45.93 -59.39 -22.00
N SER J 148 46.81 -60.33 -22.35
CA SER J 148 47.68 -60.96 -21.35
C SER J 148 48.59 -59.95 -20.67
N ASN J 149 48.95 -58.87 -21.36
CA ASN J 149 49.82 -57.84 -20.80
C ASN J 149 49.03 -56.62 -20.36
N VAL J 150 47.77 -56.81 -19.99
CA VAL J 150 46.91 -55.69 -19.59
C VAL J 150 47.42 -55.09 -18.29
N ASN J 151 47.22 -53.79 -18.12
CA ASN J 151 47.45 -53.15 -16.83
C ASN J 151 46.18 -53.33 -16.00
N PHE J 152 46.23 -54.22 -15.00
CA PHE J 152 45.01 -54.61 -14.29
C PHE J 152 44.38 -53.43 -13.56
N LEU J 153 45.19 -52.61 -12.89
CA LEU J 153 44.65 -51.50 -12.12
C LEU J 153 43.97 -50.48 -13.04
N GLU J 154 44.55 -50.22 -14.21
CA GLU J 154 44.02 -49.17 -15.08
C GLU J 154 42.82 -49.65 -15.90
N ILE J 155 42.72 -50.95 -16.16
CA ILE J 155 41.65 -51.46 -17.00
C ILE J 155 40.36 -51.73 -16.23
N ALA J 156 40.44 -51.91 -14.92
CA ALA J 156 39.27 -52.33 -14.15
C ALA J 156 38.02 -51.49 -14.40
N PRO J 157 38.07 -50.15 -14.47
CA PRO J 157 36.82 -49.39 -14.67
C PRO J 157 36.14 -49.66 -16.00
N ILE J 158 36.86 -50.17 -17.01
CA ILE J 158 36.21 -50.45 -18.29
C ILE J 158 35.17 -51.54 -18.14
N LEU J 159 35.32 -52.41 -17.14
CA LEU J 159 34.39 -53.53 -16.96
C LEU J 159 33.00 -53.09 -16.52
N CYS J 160 32.84 -51.86 -16.02
CA CYS J 160 31.49 -51.34 -15.79
C CYS J 160 31.34 -49.88 -16.20
N ALA J 161 32.14 -48.99 -15.61
CA ALA J 161 32.09 -47.58 -16.00
C ALA J 161 32.24 -47.43 -17.50
N GLY J 162 33.26 -48.09 -18.06
CA GLY J 162 33.57 -47.98 -19.47
C GLY J 162 32.49 -48.56 -20.36
N VAL J 163 32.13 -49.83 -20.14
CA VAL J 163 31.14 -50.46 -21.00
C VAL J 163 29.80 -49.73 -20.89
N THR J 164 29.45 -49.27 -19.68
CA THR J 164 28.15 -48.63 -19.48
C THR J 164 28.01 -47.35 -20.30
N VAL J 165 28.98 -46.43 -20.17
CA VAL J 165 28.83 -45.14 -20.84
C VAL J 165 29.02 -45.28 -22.35
N TYR J 166 29.83 -46.24 -22.79
CA TYR J 166 29.98 -46.48 -24.21
C TYR J 166 28.65 -46.88 -24.83
N LYS J 167 27.97 -47.86 -24.22
CA LYS J 167 26.64 -48.24 -24.67
C LYS J 167 25.64 -47.10 -24.53
N GLY J 168 25.69 -46.37 -23.40
CA GLY J 168 24.79 -45.24 -23.22
C GLY J 168 24.94 -44.20 -24.32
N LEU J 169 26.20 -43.92 -24.71
CA LEU J 169 26.45 -42.98 -25.79
C LEU J 169 25.87 -43.50 -27.11
N LYS J 170 25.99 -44.80 -27.38
CA LYS J 170 25.31 -45.37 -28.53
C LYS J 170 23.80 -45.19 -28.41
N GLU J 171 23.28 -45.34 -27.18
CA GLU J 171 21.84 -45.22 -26.97
C GLU J 171 21.34 -43.78 -27.21
N THR J 172 22.21 -42.77 -27.06
CA THR J 172 21.77 -41.42 -27.40
C THR J 172 21.62 -41.21 -28.90
N GLU J 173 22.24 -42.07 -29.72
CA GLU J 173 22.24 -41.95 -31.18
C GLU J 173 22.93 -40.65 -31.66
N THR J 174 23.73 -40.00 -30.80
CA THR J 174 24.49 -38.83 -31.24
C THR J 174 25.52 -39.24 -32.28
N LYS J 175 25.56 -38.50 -33.39
CA LYS J 175 26.43 -38.84 -34.50
C LYS J 175 27.74 -38.09 -34.42
N PRO J 176 28.78 -38.53 -35.14
CA PRO J 176 29.99 -37.70 -35.25
C PRO J 176 29.65 -36.30 -35.73
N GLY J 177 30.22 -35.30 -35.07
CA GLY J 177 29.95 -33.92 -35.39
C GLY J 177 28.80 -33.30 -34.63
N GLU J 178 28.06 -34.08 -33.85
CA GLU J 178 26.98 -33.56 -33.03
C GLU J 178 27.45 -33.36 -31.59
N TRP J 179 26.62 -32.69 -30.79
CA TRP J 179 26.92 -32.33 -29.41
C TRP J 179 26.27 -33.30 -28.43
N VAL J 180 27.05 -33.77 -27.45
CA VAL J 180 26.51 -34.53 -26.32
C VAL J 180 26.90 -33.85 -25.02
N ALA J 181 25.99 -33.86 -24.06
CA ALA J 181 26.33 -33.45 -22.70
C ALA J 181 26.52 -34.69 -21.83
N ILE J 182 27.63 -34.73 -21.10
CA ILE J 182 27.86 -35.70 -20.05
C ILE J 182 27.58 -35.00 -18.74
N SER J 183 26.62 -35.52 -17.98
CA SER J 183 26.20 -34.92 -16.72
C SER J 183 26.71 -35.80 -15.57
N GLY J 184 27.62 -35.25 -14.78
CA GLY J 184 28.28 -36.03 -13.74
C GLY J 184 29.60 -36.57 -14.22
N ILE J 185 30.71 -35.90 -13.88
CA ILE J 185 32.03 -36.33 -14.33
C ILE J 185 32.69 -37.14 -13.23
N GLY J 186 32.08 -38.26 -12.86
CA GLY J 186 32.63 -39.15 -11.84
C GLY J 186 33.28 -40.36 -12.46
N GLY J 187 33.13 -41.52 -11.81
CA GLY J 187 33.66 -42.76 -12.37
C GLY J 187 33.18 -43.01 -13.78
N LEU J 188 31.86 -42.99 -13.98
CA LEU J 188 31.31 -43.17 -15.33
C LEU J 188 31.61 -41.96 -16.21
N GLY J 189 31.33 -40.75 -15.70
CA GLY J 189 31.36 -39.57 -16.56
C GLY J 189 32.72 -39.24 -17.13
N HIS J 190 33.79 -39.49 -16.36
CA HIS J 190 35.10 -39.08 -16.83
C HIS J 190 35.60 -39.96 -17.98
N VAL J 191 35.17 -41.22 -18.05
CA VAL J 191 35.47 -42.01 -19.25
C VAL J 191 34.44 -41.77 -20.34
N ALA J 192 33.21 -41.36 -19.97
CA ALA J 192 32.21 -41.03 -20.99
C ALA J 192 32.71 -39.90 -21.87
N VAL J 193 33.33 -38.88 -21.27
CA VAL J 193 33.92 -37.79 -22.04
C VAL J 193 34.85 -38.34 -23.11
N GLN J 194 35.66 -39.35 -22.75
CA GLN J 194 36.67 -39.86 -23.69
C GLN J 194 36.04 -40.69 -24.79
N TYR J 195 35.09 -41.58 -24.43
CA TYR J 195 34.39 -42.36 -25.45
C TYR J 195 33.66 -41.46 -26.43
N ALA J 196 32.99 -40.43 -25.91
CA ALA J 196 32.26 -39.53 -26.79
C ALA J 196 33.20 -38.85 -27.78
N LYS J 197 34.36 -38.39 -27.31
CA LYS J 197 35.35 -37.80 -28.21
C LYS J 197 35.81 -38.80 -29.25
N ALA J 198 36.07 -40.04 -28.84
CA ALA J 198 36.50 -41.05 -29.81
C ALA J 198 35.39 -41.42 -30.78
N MET J 199 34.14 -41.12 -30.44
CA MET J 199 33.01 -41.34 -31.35
C MET J 199 32.68 -40.11 -32.20
N GLY J 200 33.58 -39.12 -32.23
CA GLY J 200 33.42 -37.96 -33.09
C GLY J 200 32.49 -36.88 -32.57
N MET J 201 32.01 -36.99 -31.34
CA MET J 201 31.09 -36.01 -30.79
C MET J 201 31.84 -34.84 -30.18
N HIS J 202 31.20 -33.67 -30.23
CA HIS J 202 31.58 -32.55 -29.37
C HIS J 202 30.98 -32.78 -27.99
N VAL J 203 31.71 -32.41 -26.95
CA VAL J 203 31.39 -32.82 -25.58
C VAL J 203 31.23 -31.60 -24.69
N ALA J 204 30.07 -31.49 -24.06
CA ALA J 204 29.84 -30.57 -22.96
C ALA J 204 29.76 -31.36 -21.67
N ALA J 205 30.47 -30.89 -20.64
CA ALA J 205 30.51 -31.55 -19.34
C ALA J 205 29.73 -30.75 -18.30
N ILE J 206 28.91 -31.44 -17.52
CA ILE J 206 28.11 -30.82 -16.47
C ILE J 206 28.42 -31.49 -15.14
N ASP J 207 28.67 -30.69 -14.11
CA ASP J 207 28.79 -31.18 -12.75
C ASP J 207 28.48 -30.01 -11.82
N VAL J 208 28.70 -30.22 -10.51
CA VAL J 208 28.38 -29.23 -9.50
C VAL J 208 29.60 -28.84 -8.69
N ALA J 209 30.80 -29.16 -9.15
CA ALA J 209 32.05 -28.78 -8.51
C ALA J 209 33.10 -28.56 -9.60
N ASP J 210 33.92 -27.52 -9.42
CA ASP J 210 34.85 -27.12 -10.47
C ASP J 210 35.93 -28.17 -10.74
N ASP J 211 36.34 -28.92 -9.71
CA ASP J 211 37.36 -29.94 -9.90
C ASP J 211 36.90 -31.05 -10.82
N LYS J 212 35.61 -31.38 -10.79
CA LYS J 212 35.07 -32.35 -11.73
C LYS J 212 35.12 -31.83 -13.15
N LEU J 213 34.88 -30.52 -13.32
CA LEU J 213 34.95 -29.94 -14.65
C LEU J 213 36.39 -29.78 -15.11
N GLU J 214 37.32 -29.56 -14.18
CA GLU J 214 38.72 -29.55 -14.58
C GLU J 214 39.15 -30.91 -15.10
N LEU J 215 38.70 -31.99 -14.45
CA LEU J 215 39.01 -33.32 -14.97
C LEU J 215 38.46 -33.50 -16.38
N ALA J 216 37.21 -33.06 -16.60
CA ALA J 216 36.61 -33.19 -17.93
C ALA J 216 37.41 -32.43 -18.97
N LYS J 217 37.83 -31.21 -18.64
CA LYS J 217 38.63 -30.42 -19.57
C LYS J 217 39.93 -31.13 -19.90
N LYS J 218 40.59 -31.68 -18.87
CA LYS J 218 41.82 -32.45 -19.08
C LYS J 218 41.59 -33.63 -20.02
N LEU J 219 40.40 -34.23 -19.99
CA LEU J 219 40.13 -35.45 -20.73
C LEU J 219 39.44 -35.20 -22.08
N GLY J 220 39.28 -33.93 -22.48
CA GLY J 220 38.88 -33.59 -23.83
C GLY J 220 37.56 -32.84 -23.98
N ALA J 221 36.86 -32.46 -22.90
CA ALA J 221 35.58 -31.79 -23.05
C ALA J 221 35.76 -30.46 -23.77
N ASP J 222 34.79 -30.12 -24.63
CA ASP J 222 34.88 -28.86 -25.37
C ASP J 222 34.25 -27.69 -24.61
N LEU J 223 33.23 -27.97 -23.79
CA LEU J 223 32.62 -26.98 -22.92
C LEU J 223 32.42 -27.60 -21.55
N THR J 224 32.46 -26.78 -20.51
CA THR J 224 32.19 -27.24 -19.16
C THR J 224 31.24 -26.26 -18.50
N VAL J 225 30.40 -26.77 -17.61
CA VAL J 225 29.48 -25.90 -16.87
C VAL J 225 29.22 -26.47 -15.49
N ASN J 226 29.38 -25.61 -14.49
CA ASN J 226 29.04 -25.90 -13.09
C ASN J 226 27.59 -25.46 -12.88
N ALA J 227 26.70 -26.43 -12.66
CA ALA J 227 25.27 -26.14 -12.56
C ALA J 227 24.93 -25.23 -11.40
N LYS J 228 25.78 -25.18 -10.39
CA LYS J 228 25.59 -24.24 -9.29
C LYS J 228 25.97 -22.83 -9.69
N THR J 229 26.84 -22.69 -10.69
CA THR J 229 27.31 -21.40 -11.13
C THR J 229 26.39 -20.80 -12.18
N THR J 230 25.82 -21.63 -13.06
CA THR J 230 25.01 -21.13 -14.14
C THR J 230 24.07 -22.25 -14.60
N ASP J 231 22.84 -21.89 -14.96
CA ASP J 231 21.85 -22.86 -15.40
C ASP J 231 22.32 -23.59 -16.65
N PRO J 232 22.49 -24.92 -16.60
CA PRO J 232 23.09 -25.63 -17.75
C PRO J 232 22.27 -25.52 -19.03
N GLY J 233 20.94 -25.64 -18.95
CA GLY J 233 20.14 -25.56 -20.15
C GLY J 233 20.29 -24.23 -20.87
N THR J 234 20.19 -23.13 -20.13
CA THR J 234 20.31 -21.81 -20.73
C THR J 234 21.70 -21.62 -21.33
N TYR J 235 22.74 -22.04 -20.60
CA TYR J 235 24.11 -21.83 -21.07
C TYR J 235 24.40 -22.61 -22.35
N LEU J 236 24.01 -23.88 -22.40
CA LEU J 236 24.37 -24.69 -23.56
C LEU J 236 23.54 -24.30 -24.77
N HIS J 237 22.31 -23.82 -24.57
CA HIS J 237 21.55 -23.29 -25.70
C HIS J 237 22.18 -21.99 -26.21
N LYS J 238 22.65 -21.14 -25.30
CA LYS J 238 23.29 -19.89 -25.71
C LYS J 238 24.56 -20.18 -26.49
N GLU J 239 25.37 -21.13 -26.02
CA GLU J 239 26.68 -21.39 -26.63
C GLU J 239 26.56 -22.06 -28.00
N VAL J 240 25.81 -23.17 -28.10
CA VAL J 240 25.83 -23.95 -29.33
C VAL J 240 24.43 -24.37 -29.77
N GLY J 241 23.39 -23.79 -29.17
CA GLY J 241 22.03 -24.12 -29.56
C GLY J 241 21.52 -25.43 -29.01
N GLY J 242 22.13 -25.95 -27.95
CA GLY J 242 21.63 -27.15 -27.31
C GLY J 242 22.28 -28.43 -27.81
N MET J 243 22.07 -29.49 -27.05
CA MET J 243 22.72 -30.76 -27.28
C MET J 243 21.85 -31.66 -28.16
N HIS J 244 22.50 -32.36 -29.09
CA HIS J 244 21.82 -33.43 -29.82
C HIS J 244 21.57 -34.64 -28.91
N GLY J 245 22.43 -34.85 -27.90
CA GLY J 245 22.26 -35.97 -26.98
C GLY J 245 22.74 -35.58 -25.60
N ALA J 246 22.35 -36.39 -24.61
CA ALA J 246 22.85 -36.22 -23.25
C ALA J 246 22.93 -37.59 -22.60
N LEU J 247 23.93 -37.75 -21.74
CA LEU J 247 24.12 -38.98 -20.97
C LEU J 247 24.21 -38.58 -19.50
N ILE J 248 23.27 -39.08 -18.70
CA ILE J 248 23.18 -38.75 -17.29
C ILE J 248 23.86 -39.85 -16.50
N THR J 249 25.03 -39.54 -15.95
CA THR J 249 25.78 -40.42 -15.06
C THR J 249 25.78 -39.90 -13.63
N ALA J 250 24.99 -38.88 -13.33
CA ALA J 250 24.96 -38.27 -12.01
C ALA J 250 24.04 -39.04 -11.06
N VAL J 251 24.23 -38.79 -9.76
CA VAL J 251 23.50 -39.51 -8.72
C VAL J 251 22.52 -38.55 -8.04
N SER J 252 22.00 -37.57 -8.77
CA SER J 252 21.07 -36.60 -8.18
C SER J 252 19.95 -36.39 -9.18
N PRO J 253 18.69 -36.54 -8.74
CA PRO J 253 17.56 -36.38 -9.66
C PRO J 253 17.55 -35.03 -10.38
N ILE J 254 18.01 -33.96 -9.74
CA ILE J 254 17.99 -32.65 -10.39
C ILE J 254 18.86 -32.65 -11.65
N ALA J 255 19.93 -33.46 -11.67
CA ALA J 255 20.73 -33.56 -12.89
C ALA J 255 19.92 -34.11 -14.04
N PHE J 256 18.96 -34.99 -13.73
CA PHE J 256 18.09 -35.54 -14.77
C PHE J 256 17.16 -34.47 -15.34
N LYS J 257 16.57 -33.64 -14.48
CA LYS J 257 15.73 -32.53 -14.96
C LYS J 257 16.53 -31.54 -15.79
N GLN J 258 17.73 -31.17 -15.31
CA GLN J 258 18.57 -30.28 -16.09
C GLN J 258 19.08 -30.96 -17.35
N GLY J 259 19.21 -32.28 -17.36
CA GLY J 259 19.54 -32.98 -18.59
C GLY J 259 18.52 -32.74 -19.69
N ILE J 260 17.23 -32.72 -19.34
CA ILE J 260 16.20 -32.38 -20.31
C ILE J 260 16.41 -30.96 -20.86
N ASP J 261 16.72 -30.01 -19.98
CA ASP J 261 16.87 -28.61 -20.40
C ASP J 261 17.93 -28.42 -21.47
N VAL J 262 19.01 -29.22 -21.44
CA VAL J 262 20.12 -28.91 -22.34
C VAL J 262 19.89 -29.40 -23.76
N LEU J 263 18.86 -30.20 -24.00
CA LEU J 263 18.65 -30.79 -25.32
C LEU J 263 18.05 -29.80 -26.31
N ARG J 264 18.48 -29.91 -27.56
CA ARG J 264 17.72 -29.27 -28.63
C ARG J 264 16.55 -30.15 -29.04
N ARG J 265 15.68 -29.63 -29.91
CA ARG J 265 14.55 -30.42 -30.37
C ARG J 265 15.05 -31.68 -31.06
N LYS J 266 14.31 -32.78 -30.87
CA LYS J 266 14.66 -34.11 -31.32
C LYS J 266 15.90 -34.65 -30.62
N GLY J 267 16.28 -34.05 -29.49
CA GLY J 267 17.39 -34.60 -28.72
C GLY J 267 16.99 -35.90 -28.04
N THR J 268 17.99 -36.73 -27.77
CA THR J 268 17.80 -37.97 -27.03
C THR J 268 18.70 -37.95 -25.80
N ILE J 269 18.13 -38.20 -24.63
CA ILE J 269 18.88 -38.25 -23.38
C ILE J 269 18.85 -39.69 -22.86
N ALA J 270 20.04 -40.27 -22.68
CA ALA J 270 20.15 -41.62 -22.14
C ALA J 270 20.47 -41.55 -20.66
N LEU J 271 19.90 -42.46 -19.87
CA LEU J 271 20.02 -42.44 -18.41
C LEU J 271 20.87 -43.61 -17.90
N ASN J 272 21.98 -43.29 -17.23
CA ASN J 272 22.75 -44.30 -16.51
C ASN J 272 22.60 -44.20 -15.01
N GLY J 273 22.58 -42.99 -14.46
CA GLY J 273 22.61 -42.83 -13.02
C GLY J 273 21.41 -43.48 -12.37
N LEU J 274 21.62 -43.98 -11.16
CA LEU J 274 20.61 -44.78 -10.45
C LEU J 274 20.35 -44.25 -9.05
N PRO J 275 20.02 -42.96 -8.90
CA PRO J 275 19.55 -42.50 -7.60
C PRO J 275 18.18 -43.11 -7.31
N PRO J 276 17.82 -43.26 -6.05
CA PRO J 276 16.46 -43.76 -5.75
C PRO J 276 15.42 -42.74 -6.17
N GLY J 277 14.21 -43.24 -6.44
CA GLY J 277 13.09 -42.37 -6.73
C GLY J 277 12.99 -41.97 -8.19
N SER J 278 12.34 -40.83 -8.40
CA SER J 278 11.96 -40.37 -9.73
C SER J 278 12.51 -38.97 -9.98
N PHE J 279 12.30 -38.48 -11.19
CA PHE J 279 12.46 -37.07 -11.49
C PHE J 279 11.26 -36.61 -12.31
N GLU J 280 11.05 -35.30 -12.30
CA GLU J 280 9.89 -34.68 -12.94
C GLU J 280 10.13 -34.53 -14.44
N LEU J 281 9.38 -35.27 -15.25
CA LEU J 281 9.46 -35.14 -16.70
C LEU J 281 8.45 -34.11 -17.18
N PRO J 282 8.87 -32.96 -17.71
CA PRO J 282 7.92 -31.92 -18.13
C PRO J 282 7.23 -32.33 -19.43
N ILE J 283 5.91 -32.45 -19.37
CA ILE J 283 5.19 -33.12 -20.46
C ILE J 283 5.13 -32.24 -21.70
N PHE J 284 4.59 -31.02 -21.57
CA PHE J 284 4.47 -30.11 -22.71
C PHE J 284 5.79 -29.98 -23.47
N GLU J 285 6.87 -29.71 -22.75
CA GLU J 285 8.19 -29.57 -23.36
C GLU J 285 8.63 -30.87 -24.04
N THR J 286 8.47 -32.00 -23.36
CA THR J 286 8.92 -33.26 -23.95
C THR J 286 8.16 -33.55 -25.24
N VAL J 287 6.87 -33.24 -25.26
CA VAL J 287 6.05 -33.55 -26.43
C VAL J 287 6.40 -32.62 -27.59
N LEU J 288 6.34 -31.31 -27.34
CA LEU J 288 6.49 -30.33 -28.42
C LEU J 288 7.90 -30.39 -29.02
N LYS J 289 8.90 -30.80 -28.25
CA LYS J 289 10.28 -30.85 -28.72
C LYS J 289 10.68 -32.23 -29.24
N ARG J 290 9.79 -33.22 -29.19
CA ARG J 290 10.12 -34.61 -29.56
C ARG J 290 11.39 -35.06 -28.84
N ILE J 291 11.37 -34.92 -27.51
CA ILE J 291 12.48 -35.40 -26.68
C ILE J 291 12.33 -36.90 -26.47
N THR J 292 13.45 -37.63 -26.56
CA THR J 292 13.48 -39.05 -26.23
C THR J 292 14.32 -39.26 -24.97
N VAL J 293 13.73 -39.90 -23.98
CA VAL J 293 14.40 -40.28 -22.74
C VAL J 293 14.53 -41.80 -22.73
N ARG J 294 15.75 -42.30 -22.53
CA ARG J 294 15.98 -43.74 -22.69
C ARG J 294 16.89 -44.26 -21.59
N GLY J 295 16.40 -45.23 -20.83
CA GLY J 295 17.26 -45.90 -19.87
C GLY J 295 18.29 -46.78 -20.56
N SER J 296 19.49 -46.85 -19.98
CA SER J 296 20.55 -47.67 -20.56
C SER J 296 21.26 -48.42 -19.45
N ILE J 297 21.38 -49.74 -19.59
CA ILE J 297 21.85 -50.58 -18.50
C ILE J 297 23.05 -51.38 -18.99
N VAL J 298 24.23 -51.12 -18.40
CA VAL J 298 25.54 -51.68 -18.76
C VAL J 298 25.67 -51.93 -20.27
N GLY J 299 26.18 -53.10 -20.65
CA GLY J 299 26.31 -53.44 -22.06
C GLY J 299 26.42 -54.94 -22.25
N THR J 300 26.14 -55.38 -23.48
CA THR J 300 26.24 -56.79 -23.80
C THR J 300 27.70 -57.22 -23.87
N ARG J 301 27.91 -58.53 -24.05
CA ARG J 301 29.27 -59.02 -24.23
C ARG J 301 29.94 -58.35 -25.43
N LYS J 302 29.17 -58.05 -26.47
CA LYS J 302 29.72 -57.34 -27.62
C LYS J 302 30.05 -55.90 -27.27
N ASP J 303 29.13 -55.21 -26.58
CA ASP J 303 29.44 -53.88 -26.08
C ASP J 303 30.72 -53.88 -25.25
N LEU J 304 30.89 -54.89 -24.39
CA LEU J 304 32.05 -54.92 -23.51
C LEU J 304 33.35 -55.06 -24.31
N GLN J 305 33.38 -55.97 -25.27
CA GLN J 305 34.58 -56.12 -26.10
C GLN J 305 34.87 -54.85 -26.89
N GLU J 306 33.82 -54.22 -27.44
CA GLU J 306 34.02 -52.95 -28.12
C GLU J 306 34.56 -51.89 -27.16
N ALA J 307 34.00 -51.81 -25.95
CA ALA J 307 34.49 -50.84 -24.98
C ALA J 307 35.96 -51.09 -24.64
N LEU J 308 36.36 -52.36 -24.50
CA LEU J 308 37.76 -52.67 -24.23
C LEU J 308 38.66 -52.30 -25.39
N ASP J 309 38.17 -52.44 -26.64
CA ASP J 309 38.98 -52.10 -27.80
C ASP J 309 39.37 -50.62 -27.80
N PHE J 310 38.45 -49.74 -27.40
CA PHE J 310 38.81 -48.33 -27.27
C PHE J 310 39.93 -48.13 -26.27
N ALA J 311 39.85 -48.81 -25.12
CA ALA J 311 40.89 -48.67 -24.12
C ALA J 311 42.19 -49.28 -24.61
N ASN J 312 42.11 -50.47 -25.24
CA ASN J 312 43.31 -51.12 -25.73
C ASN J 312 44.02 -50.26 -26.78
N GLU J 313 43.27 -49.45 -27.53
CA GLU J 313 43.87 -48.59 -28.53
C GLU J 313 44.32 -47.25 -27.96
N GLY J 314 44.20 -47.04 -26.66
CA GLY J 314 44.62 -45.82 -26.03
C GLY J 314 43.67 -44.65 -26.21
N LEU J 315 42.46 -44.88 -26.74
CA LEU J 315 41.52 -43.78 -26.91
C LEU J 315 40.78 -43.45 -25.62
N VAL J 316 40.70 -44.39 -24.69
CA VAL J 316 40.06 -44.17 -23.40
C VAL J 316 41.03 -44.66 -22.33
N LYS J 317 41.27 -43.82 -21.33
CA LYS J 317 42.09 -44.21 -20.18
C LYS J 317 41.38 -43.72 -18.93
N ALA J 318 41.01 -44.66 -18.05
CA ALA J 318 40.41 -44.28 -16.78
C ALA J 318 41.41 -43.52 -15.93
N THR J 319 40.94 -42.51 -15.22
CA THR J 319 41.75 -41.84 -14.19
C THR J 319 41.55 -42.60 -12.90
N VAL J 320 42.62 -43.21 -12.40
CA VAL J 320 42.53 -44.21 -11.35
C VAL J 320 43.47 -43.85 -10.20
N THR J 321 42.99 -44.05 -8.97
CA THR J 321 43.81 -44.00 -7.76
C THR J 321 43.64 -45.32 -7.03
N SER J 322 44.76 -45.90 -6.60
CA SER J 322 44.75 -47.18 -5.90
CA SER J 322 44.74 -47.18 -5.90
C SER J 322 44.31 -47.01 -4.46
N ALA J 323 43.67 -48.04 -3.92
CA ALA J 323 43.36 -48.12 -2.50
C ALA J 323 43.42 -49.58 -2.10
N LYS J 324 43.72 -49.82 -0.83
CA LYS J 324 43.80 -51.17 -0.30
C LYS J 324 42.41 -51.70 0.01
N LEU J 325 42.28 -53.03 0.01
CA LEU J 325 40.99 -53.64 0.29
C LEU J 325 40.46 -53.22 1.65
N GLU J 326 41.33 -53.15 2.67
CA GLU J 326 40.90 -52.77 4.02
C GLU J 326 40.44 -51.32 4.12
N ASP J 327 40.77 -50.48 3.15
CA ASP J 327 40.41 -49.07 3.20
C ASP J 327 39.07 -48.75 2.52
N ILE J 328 38.27 -49.78 2.20
CA ILE J 328 37.07 -49.58 1.39
C ILE J 328 36.10 -48.60 2.05
N ASN J 329 36.04 -48.60 3.38
CA ASN J 329 35.11 -47.69 4.06
C ASN J 329 35.49 -46.23 3.84
N ASP J 330 36.79 -45.91 3.90
CA ASP J 330 37.18 -44.55 3.57
C ASP J 330 36.98 -44.25 2.08
N VAL J 331 37.11 -45.26 1.21
CA VAL J 331 36.78 -45.06 -0.20
C VAL J 331 35.33 -44.63 -0.35
N PHE J 332 34.42 -45.36 0.30
CA PHE J 332 33.00 -45.02 0.23
C PHE J 332 32.73 -43.65 0.82
N ASP J 333 33.44 -43.31 1.90
CA ASP J 333 33.33 -41.97 2.49
C ASP J 333 33.68 -40.91 1.46
N LYS J 334 34.80 -41.09 0.76
CA LYS J 334 35.20 -40.14 -0.28
C LYS J 334 34.17 -40.09 -1.39
N MET J 335 33.59 -41.24 -1.74
CA MET J 335 32.58 -41.27 -2.79
C MET J 335 31.33 -40.48 -2.39
N LYS J 336 30.87 -40.64 -1.14
CA LYS J 336 29.71 -39.90 -0.68
C LYS J 336 29.95 -38.39 -0.71
N LYS J 337 31.17 -37.97 -0.42
CA LYS J 337 31.49 -36.55 -0.37
C LYS J 337 31.97 -36.01 -1.72
N GLY J 338 31.93 -36.83 -2.77
CA GLY J 338 32.35 -36.37 -4.08
C GLY J 338 33.83 -36.07 -4.19
N GLN J 339 34.68 -36.80 -3.47
CA GLN J 339 36.11 -36.51 -3.38
C GLN J 339 36.99 -37.45 -4.20
N ILE J 340 36.42 -38.26 -5.07
CA ILE J 340 37.20 -39.15 -5.91
C ILE J 340 37.44 -38.48 -7.26
N ASP J 341 38.70 -38.43 -7.68
CA ASP J 341 39.09 -37.86 -8.97
C ASP J 341 38.99 -38.99 -10.00
N GLY J 342 37.81 -39.15 -10.57
CA GLY J 342 37.56 -40.26 -11.46
C GLY J 342 37.18 -41.55 -10.74
N ARG J 343 38.11 -42.50 -10.62
CA ARG J 343 37.82 -43.83 -10.13
CA ARG J 343 37.82 -43.83 -10.12
C ARG J 343 38.86 -44.26 -9.11
N ILE J 344 38.41 -44.94 -8.06
CA ILE J 344 39.27 -45.63 -7.13
C ILE J 344 39.21 -47.10 -7.50
N VAL J 345 40.38 -47.75 -7.57
CA VAL J 345 40.46 -49.16 -7.93
C VAL J 345 41.21 -49.89 -6.82
N LEU J 346 40.59 -50.93 -6.28
CA LEU J 346 41.19 -51.69 -5.20
C LEU J 346 42.36 -52.51 -5.74
N ASP J 347 43.54 -52.31 -5.15
CA ASP J 347 44.73 -53.07 -5.51
C ASP J 347 44.73 -54.36 -4.71
N ILE J 348 43.99 -55.35 -5.21
CA ILE J 348 43.83 -56.60 -4.48
C ILE J 348 45.13 -57.38 -4.46
N ALA J 349 45.84 -57.39 -5.59
CA ALA J 349 47.08 -58.15 -5.72
C ALA J 349 48.26 -57.51 -4.99
N GLY J 350 48.21 -56.21 -4.68
CA GLY J 350 49.23 -55.59 -3.88
C GLY J 350 50.38 -54.94 -4.63
N SER J 351 50.14 -54.46 -5.84
CA SER J 351 51.14 -53.69 -6.56
C SER J 351 51.44 -52.40 -5.81
N MET K 9 -19.67 -13.66 -54.55
CA MET K 9 -19.29 -14.99 -54.07
C MET K 9 -19.01 -15.02 -52.57
N ILE K 10 -17.99 -14.29 -52.14
CA ILE K 10 -17.44 -14.40 -50.78
C ILE K 10 -17.94 -13.22 -49.95
N PRO K 11 -18.53 -13.47 -48.77
CA PRO K 11 -19.06 -12.36 -47.98
C PRO K 11 -17.95 -11.51 -47.38
N LYS K 12 -18.30 -10.26 -47.06
CA LYS K 12 -17.34 -9.35 -46.44
C LYS K 12 -17.09 -9.69 -44.98
N THR K 13 -18.08 -10.29 -44.31
CA THR K 13 -17.99 -10.63 -42.88
C THR K 13 -18.52 -12.03 -42.65
N MET K 14 -18.15 -12.60 -41.50
CA MET K 14 -18.52 -13.97 -41.17
C MET K 14 -18.74 -14.14 -39.67
N LYS K 15 -19.39 -15.24 -39.31
CA LYS K 15 -19.53 -15.64 -37.92
C LYS K 15 -18.35 -16.51 -37.51
N ALA K 16 -17.89 -16.32 -36.26
CA ALA K 16 -16.77 -17.08 -35.71
C ALA K 16 -16.91 -17.16 -34.21
N ALA K 17 -16.49 -18.29 -33.64
CA ALA K 17 -16.44 -18.41 -32.19
C ALA K 17 -15.13 -17.84 -31.70
N VAL K 18 -15.19 -16.80 -30.86
CA VAL K 18 -14.01 -16.06 -30.44
C VAL K 18 -13.89 -16.15 -28.92
N VAL K 19 -12.68 -16.43 -28.44
CA VAL K 19 -12.39 -16.32 -27.01
C VAL K 19 -11.61 -15.02 -26.80
N GLN K 20 -12.02 -14.24 -25.81
CA GLN K 20 -11.39 -12.95 -25.55
C GLN K 20 -10.35 -13.02 -24.44
N GLY K 21 -10.59 -13.85 -23.43
CA GLY K 21 -9.67 -13.98 -22.31
C GLY K 21 -9.70 -15.41 -21.81
N TYR K 22 -8.65 -15.78 -21.08
CA TYR K 22 -8.52 -17.17 -20.65
C TYR K 22 -9.66 -17.55 -19.71
N GLY K 23 -10.20 -18.74 -19.94
CA GLY K 23 -11.29 -19.24 -19.13
C GLY K 23 -12.64 -18.62 -19.42
N GLU K 24 -12.69 -17.63 -20.30
CA GLU K 24 -13.95 -16.96 -20.58
C GLU K 24 -14.78 -17.79 -21.55
N PRO K 25 -16.10 -17.70 -21.46
CA PRO K 25 -16.94 -18.36 -22.47
C PRO K 25 -16.68 -17.74 -23.83
N LEU K 26 -16.75 -18.56 -24.86
CA LEU K 26 -16.65 -18.06 -26.22
C LEU K 26 -17.95 -17.39 -26.62
N LYS K 27 -17.85 -16.38 -27.50
CA LYS K 27 -19.02 -15.70 -28.01
C LYS K 27 -18.96 -15.70 -29.53
N ILE K 28 -20.10 -15.88 -30.18
CA ILE K 28 -20.13 -15.80 -31.63
C ILE K 28 -20.10 -14.33 -32.02
N GLN K 29 -19.10 -13.93 -32.78
CA GLN K 29 -18.96 -12.54 -33.18
C GLN K 29 -18.97 -12.48 -34.71
N GLU K 30 -19.27 -11.32 -35.25
CA GLU K 30 -19.11 -11.09 -36.68
C GLU K 30 -17.72 -10.52 -36.92
N VAL K 31 -16.91 -11.23 -37.68
CA VAL K 31 -15.51 -10.87 -37.89
C VAL K 31 -15.33 -10.64 -39.38
N PRO K 32 -14.49 -9.71 -39.81
CA PRO K 32 -14.30 -9.51 -41.25
C PRO K 32 -13.63 -10.70 -41.90
N VAL K 33 -14.01 -10.95 -43.15
CA VAL K 33 -13.39 -12.00 -43.95
C VAL K 33 -12.24 -11.35 -44.72
N ARG K 34 -11.06 -11.96 -44.63
CA ARG K 34 -9.83 -11.38 -45.15
C ARG K 34 -9.49 -11.91 -46.54
N GLU K 35 -8.76 -11.10 -47.29
CA GLU K 35 -8.27 -11.48 -48.60
C GLU K 35 -7.02 -12.34 -48.44
N PRO K 36 -6.89 -13.45 -49.18
CA PRO K 36 -5.68 -14.26 -49.06
C PRO K 36 -4.51 -13.59 -49.74
N GLY K 37 -3.38 -13.56 -49.02
CA GLY K 37 -2.12 -13.05 -49.55
C GLY K 37 -1.28 -14.15 -50.15
N ARG K 38 0.01 -13.85 -50.30
CA ARG K 38 0.95 -14.78 -50.92
C ARG K 38 0.97 -16.12 -50.19
N TYR K 39 0.88 -17.20 -50.98
CA TYR K 39 0.86 -18.59 -50.54
C TYR K 39 -0.45 -18.95 -49.85
N GLU K 40 -1.29 -17.97 -49.57
CA GLU K 40 -2.49 -18.20 -48.78
C GLU K 40 -3.69 -18.53 -49.66
N VAL K 41 -4.66 -19.21 -49.04
CA VAL K 41 -5.99 -19.43 -49.62
C VAL K 41 -7.02 -19.11 -48.57
N LEU K 42 -8.22 -18.75 -49.02
CA LEU K 42 -9.38 -18.67 -48.15
C LEU K 42 -10.20 -19.94 -48.31
N VAL K 43 -10.47 -20.60 -47.19
CA VAL K 43 -11.20 -21.87 -47.17
C VAL K 43 -12.57 -21.61 -46.58
N LYS K 44 -13.62 -22.05 -47.27
CA LYS K 44 -14.94 -22.07 -46.68
C LYS K 44 -15.08 -23.32 -45.82
N VAL K 45 -15.26 -23.11 -44.52
CA VAL K 45 -15.20 -24.22 -43.56
C VAL K 45 -16.52 -24.97 -43.60
N MET K 46 -16.46 -26.25 -43.98
CA MET K 46 -17.64 -27.10 -43.93
C MET K 46 -17.85 -27.68 -42.54
N ALA K 47 -16.77 -28.14 -41.91
CA ALA K 47 -16.82 -28.67 -40.56
C ALA K 47 -15.48 -28.41 -39.89
N CYS K 48 -15.47 -28.48 -38.55
CA CYS K 48 -14.21 -28.34 -37.81
C CYS K 48 -14.30 -29.16 -36.53
N GLY K 49 -13.36 -30.11 -36.37
CA GLY K 49 -13.37 -30.91 -35.17
C GLY K 49 -12.95 -30.11 -33.96
N VAL K 50 -13.45 -30.50 -32.79
CA VAL K 50 -13.10 -29.87 -31.53
C VAL K 50 -12.06 -30.74 -30.84
N CYS K 51 -10.84 -30.23 -30.72
CA CYS K 51 -9.73 -30.95 -30.12
C CYS K 51 -9.53 -30.42 -28.71
N HIS K 52 -9.02 -31.29 -27.82
CA HIS K 52 -8.82 -30.86 -26.44
C HIS K 52 -7.79 -29.74 -26.37
N THR K 53 -6.91 -29.67 -27.37
CA THR K 53 -5.98 -28.55 -27.48
C THR K 53 -6.73 -27.23 -27.56
N ASP K 54 -7.87 -27.20 -28.27
CA ASP K 54 -8.68 -25.97 -28.27
C ASP K 54 -9.06 -25.57 -26.85
N LEU K 55 -9.38 -26.56 -26.00
CA LEU K 55 -9.72 -26.25 -24.62
C LEU K 55 -8.49 -25.82 -23.82
N HIS K 56 -7.35 -26.47 -24.04
CA HIS K 56 -6.11 -26.01 -23.41
C HIS K 56 -5.80 -24.58 -23.81
N ALA K 57 -6.12 -24.23 -25.06
CA ALA K 57 -5.91 -22.87 -25.55
C ALA K 57 -6.84 -21.89 -24.85
N VAL K 58 -8.14 -22.19 -24.85
CA VAL K 58 -9.11 -21.30 -24.23
C VAL K 58 -8.80 -21.09 -22.77
N ASP K 59 -8.31 -22.14 -22.09
CA ASP K 59 -8.03 -22.06 -20.67
C ASP K 59 -6.64 -21.53 -20.36
N GLY K 60 -5.78 -21.36 -21.36
CA GLY K 60 -4.41 -20.93 -21.10
C GLY K 60 -3.61 -21.91 -20.25
N ASP K 61 -3.81 -23.21 -20.48
CA ASP K 61 -3.18 -24.25 -19.67
C ASP K 61 -1.67 -24.34 -19.87
N TRP K 62 -1.15 -23.87 -21.02
CA TRP K 62 0.22 -24.14 -21.44
C TRP K 62 1.15 -22.97 -21.17
N PRO K 63 2.46 -23.22 -20.99
CA PRO K 63 3.39 -22.10 -20.80
C PRO K 63 3.54 -21.26 -22.06
N ALA K 64 3.51 -21.88 -23.24
CA ALA K 64 3.44 -21.15 -24.50
C ALA K 64 1.98 -20.80 -24.80
N LYS K 65 1.63 -19.51 -24.68
CA LYS K 65 0.25 -19.04 -24.72
C LYS K 65 -0.19 -18.75 -26.16
N PRO K 66 -1.49 -18.85 -26.45
CA PRO K 66 -2.00 -18.48 -27.78
C PRO K 66 -2.15 -16.98 -27.90
N LYS K 67 -2.40 -16.53 -29.14
CA LYS K 67 -2.83 -15.16 -29.34
C LYS K 67 -4.19 -14.97 -28.69
N MET K 68 -4.46 -13.73 -28.24
CA MET K 68 -5.76 -13.37 -27.71
C MET K 68 -6.12 -12.00 -28.30
N PRO K 69 -7.35 -11.81 -28.82
CA PRO K 69 -8.41 -12.83 -28.94
C PRO K 69 -8.07 -13.91 -29.98
N LEU K 70 -8.86 -14.98 -30.01
CA LEU K 70 -8.51 -16.15 -30.80
C LEU K 70 -9.76 -16.82 -31.34
N ILE K 71 -9.71 -17.20 -32.61
CA ILE K 71 -10.63 -18.18 -33.20
C ILE K 71 -9.92 -19.54 -33.16
N PRO K 72 -10.33 -20.46 -32.31
CA PRO K 72 -9.64 -21.76 -32.24
C PRO K 72 -9.98 -22.65 -33.43
N GLY K 73 -9.46 -23.88 -33.39
CA GLY K 73 -9.87 -24.86 -34.38
C GLY K 73 -8.80 -25.17 -35.40
N HIS K 74 -8.30 -26.41 -35.36
CA HIS K 74 -7.31 -26.90 -36.30
C HIS K 74 -7.67 -28.29 -36.76
N GLU K 75 -8.96 -28.62 -36.76
CA GLU K 75 -9.49 -29.76 -37.49
C GLU K 75 -10.52 -29.28 -38.50
N GLY K 76 -10.28 -28.09 -39.06
CA GLY K 76 -11.23 -27.48 -39.99
C GLY K 76 -11.02 -28.03 -41.39
N VAL K 77 -12.11 -28.38 -42.05
CA VAL K 77 -12.08 -28.93 -43.40
C VAL K 77 -13.13 -28.20 -44.23
N GLY K 78 -12.82 -27.98 -45.50
CA GLY K 78 -13.75 -27.26 -46.36
C GLY K 78 -13.22 -27.14 -47.77
N ILE K 79 -13.73 -26.13 -48.48
CA ILE K 79 -13.46 -25.93 -49.90
C ILE K 79 -12.72 -24.62 -50.08
N VAL K 80 -11.66 -24.64 -50.89
CA VAL K 80 -10.94 -23.42 -51.25
C VAL K 80 -11.83 -22.56 -52.15
N VAL K 81 -12.07 -21.32 -51.74
CA VAL K 81 -12.92 -20.40 -52.48
C VAL K 81 -12.18 -19.19 -53.03
N ALA K 82 -10.94 -18.94 -52.61
CA ALA K 82 -10.14 -17.85 -53.13
C ALA K 82 -8.68 -18.18 -52.88
N CYS K 83 -7.81 -17.77 -53.80
CA CYS K 83 -6.38 -18.07 -53.75
C CYS K 83 -5.58 -16.78 -53.85
N GLY K 84 -4.60 -16.62 -52.97
CA GLY K 84 -3.63 -15.56 -53.13
C GLY K 84 -2.61 -15.91 -54.19
N PRO K 85 -1.70 -14.98 -54.46
CA PRO K 85 -0.61 -15.27 -55.40
C PRO K 85 0.25 -16.42 -54.89
N ASP K 86 0.68 -17.27 -55.84
CA ASP K 86 1.56 -18.39 -55.55
C ASP K 86 0.88 -19.41 -54.62
N ALA K 87 -0.44 -19.47 -54.66
CA ALA K 87 -1.12 -20.50 -53.89
C ALA K 87 -0.81 -21.86 -54.52
N MET K 88 -0.72 -22.88 -53.67
CA MET K 88 -0.34 -24.21 -54.10
C MET K 88 -1.53 -25.17 -54.21
N VAL K 89 -2.74 -24.70 -53.92
CA VAL K 89 -3.95 -25.46 -54.18
C VAL K 89 -4.90 -24.54 -54.93
N LYS K 90 -5.84 -25.15 -55.65
CA LYS K 90 -6.71 -24.41 -56.54
C LYS K 90 -8.12 -24.30 -55.95
N GLU K 91 -8.87 -23.34 -56.48
CA GLU K 91 -10.26 -23.13 -56.10
C GLU K 91 -11.07 -24.39 -56.34
N GLY K 92 -11.97 -24.70 -55.40
CA GLY K 92 -12.75 -25.91 -55.46
C GLY K 92 -12.14 -27.11 -54.78
N ASP K 93 -10.84 -27.05 -54.44
CA ASP K 93 -10.19 -28.14 -53.74
C ASP K 93 -10.74 -28.32 -52.33
N ALA K 94 -10.92 -29.56 -51.92
CA ALA K 94 -11.26 -29.87 -50.54
C ALA K 94 -9.96 -30.01 -49.76
N VAL K 95 -9.83 -29.21 -48.68
CA VAL K 95 -8.58 -29.17 -47.92
C VAL K 95 -8.91 -29.13 -46.44
N GLY K 96 -7.88 -29.46 -45.64
CA GLY K 96 -7.96 -29.32 -44.20
C GLY K 96 -6.81 -28.47 -43.69
N VAL K 97 -7.09 -27.74 -42.62
CA VAL K 97 -6.16 -26.76 -42.06
C VAL K 97 -5.77 -27.24 -40.67
N PRO K 98 -4.56 -27.83 -40.52
CA PRO K 98 -4.21 -28.55 -39.28
C PRO K 98 -3.40 -27.72 -38.28
N TRP K 99 -2.94 -28.39 -37.22
CA TRP K 99 -2.12 -27.73 -36.21
C TRP K 99 -0.85 -27.14 -36.82
N LEU K 100 -0.13 -27.94 -37.61
CA LEU K 100 1.07 -27.48 -38.31
C LEU K 100 0.61 -26.64 -39.50
N TYR K 101 0.25 -25.38 -39.19
CA TYR K 101 -0.36 -24.48 -40.18
C TYR K 101 0.64 -23.97 -41.20
N SER K 102 1.89 -23.78 -40.78
CA SER K 102 2.96 -23.29 -41.63
C SER K 102 4.29 -23.68 -41.00
N ALA K 103 5.31 -23.84 -41.84
CA ALA K 103 6.67 -24.09 -41.37
C ALA K 103 7.65 -23.39 -42.31
N CYS K 104 8.89 -23.22 -41.86
CA CYS K 104 9.86 -22.43 -42.62
C CYS K 104 10.29 -23.13 -43.92
N GLY K 105 10.47 -24.45 -43.91
CA GLY K 105 10.91 -25.18 -45.07
C GLY K 105 12.40 -25.18 -45.36
N CYS K 106 13.21 -24.49 -44.54
CA CYS K 106 14.64 -24.42 -44.81
C CYS K 106 15.50 -24.60 -43.55
N CYS K 107 14.93 -24.95 -42.40
CA CYS K 107 15.72 -25.16 -41.21
C CYS K 107 16.18 -26.62 -41.10
N ASP K 108 17.08 -26.87 -40.14
CA ASP K 108 17.51 -28.23 -39.81
C ASP K 108 16.35 -29.21 -39.72
N TYR K 109 15.27 -28.82 -39.04
CA TYR K 109 14.20 -29.79 -38.82
C TYR K 109 13.37 -29.98 -40.08
N CYS K 110 13.10 -28.89 -40.80
CA CYS K 110 12.30 -29.00 -42.01
C CYS K 110 13.01 -29.84 -43.07
N ILE K 111 14.32 -29.65 -43.20
CA ILE K 111 15.06 -30.30 -44.29
C ILE K 111 15.28 -31.79 -44.02
N THR K 112 15.28 -32.20 -42.76
CA THR K 112 15.59 -33.57 -42.39
C THR K 112 14.33 -34.40 -42.15
N GLY K 113 13.16 -33.92 -42.54
CA GLY K 113 11.94 -34.67 -42.37
C GLY K 113 11.24 -34.47 -41.05
N TRP K 114 11.61 -33.45 -40.28
CA TRP K 114 10.99 -33.19 -38.98
C TRP K 114 10.37 -31.81 -38.92
N GLU K 115 9.61 -31.44 -39.97
CA GLU K 115 9.02 -30.11 -40.02
C GLU K 115 8.04 -29.85 -38.88
N THR K 116 7.58 -30.90 -38.19
CA THR K 116 6.79 -30.70 -36.99
C THR K 116 7.56 -30.01 -35.87
N LEU K 117 8.89 -30.00 -35.96
CA LEU K 117 9.73 -29.38 -34.95
C LEU K 117 10.25 -28.00 -35.36
N CYS K 118 9.80 -27.48 -36.51
CA CYS K 118 10.26 -26.20 -37.00
C CYS K 118 10.00 -25.11 -35.97
N GLU K 119 11.06 -24.42 -35.54
CA GLU K 119 10.87 -23.41 -34.50
C GLU K 119 10.17 -22.17 -35.03
N ALA K 120 10.02 -22.03 -36.35
CA ALA K 120 9.30 -20.90 -36.91
C ALA K 120 7.89 -21.26 -37.33
N GLN K 121 7.37 -22.41 -36.88
CA GLN K 121 6.03 -22.81 -37.32
C GLN K 121 4.97 -21.89 -36.76
N GLN K 122 3.84 -21.83 -37.46
CA GLN K 122 2.62 -21.22 -36.95
C GLN K 122 1.61 -22.33 -36.72
N ASN K 123 0.75 -22.16 -35.73
CA ASN K 123 -0.15 -23.22 -35.31
C ASN K 123 -1.60 -22.76 -35.47
N GLY K 124 -2.36 -23.53 -36.25
CA GLY K 124 -3.73 -23.14 -36.56
C GLY K 124 -4.60 -23.15 -35.32
N GLY K 125 -5.46 -22.13 -35.22
CA GLY K 125 -6.30 -21.99 -34.05
C GLY K 125 -5.54 -21.76 -32.76
N TYR K 126 -4.32 -21.24 -32.85
CA TYR K 126 -3.53 -20.99 -31.65
C TYR K 126 -2.71 -19.72 -31.80
N SER K 127 -1.74 -19.72 -32.72
CA SER K 127 -1.01 -18.51 -33.05
C SER K 127 -1.65 -17.75 -34.21
N VAL K 128 -2.47 -18.42 -35.01
CA VAL K 128 -3.28 -17.77 -36.04
C VAL K 128 -4.72 -18.29 -35.91
N ASP K 129 -5.65 -17.47 -36.40
CA ASP K 129 -7.06 -17.83 -36.30
C ASP K 129 -7.33 -19.12 -37.07
N GLY K 130 -8.24 -19.92 -36.53
CA GLY K 130 -8.48 -21.26 -37.05
C GLY K 130 -9.88 -21.50 -37.58
N GLY K 131 -10.33 -22.75 -37.51
CA GLY K 131 -11.53 -23.23 -38.17
C GLY K 131 -12.86 -23.09 -37.44
N PHE K 132 -12.88 -22.54 -36.22
CA PHE K 132 -14.15 -22.28 -35.53
C PHE K 132 -14.83 -21.08 -36.15
N ALA K 133 -15.02 -21.10 -37.47
CA ALA K 133 -15.52 -19.95 -38.20
C ALA K 133 -16.02 -20.43 -39.55
N GLU K 134 -16.76 -19.54 -40.23
CA GLU K 134 -17.31 -19.89 -41.54
C GLU K 134 -16.24 -19.92 -42.62
N TYR K 135 -15.16 -19.15 -42.44
CA TYR K 135 -14.05 -19.13 -43.38
C TYR K 135 -12.75 -19.05 -42.59
N VAL K 136 -11.67 -19.58 -43.18
CA VAL K 136 -10.36 -19.54 -42.55
C VAL K 136 -9.30 -19.32 -43.62
N ILE K 137 -8.36 -18.42 -43.32
CA ILE K 137 -7.16 -18.24 -44.14
C ILE K 137 -6.18 -19.35 -43.79
N ALA K 138 -5.61 -19.99 -44.82
CA ALA K 138 -4.66 -21.08 -44.61
C ALA K 138 -3.42 -20.86 -45.46
N ASP K 139 -2.31 -21.46 -45.03
CA ASP K 139 -1.12 -21.56 -45.87
C ASP K 139 -1.31 -22.75 -46.79
N SER K 140 -1.45 -22.48 -48.10
CA SER K 140 -1.80 -23.53 -49.05
C SER K 140 -0.75 -24.63 -49.13
N ARG K 141 0.47 -24.37 -48.65
CA ARG K 141 1.54 -25.35 -48.76
C ARG K 141 1.46 -26.43 -47.69
N TYR K 142 0.70 -26.22 -46.61
CA TYR K 142 0.72 -27.13 -45.49
C TYR K 142 -0.64 -27.72 -45.17
N VAL K 143 -1.66 -27.43 -45.98
CA VAL K 143 -2.99 -27.97 -45.76
C VAL K 143 -3.01 -29.44 -46.11
N GLY K 144 -3.92 -30.18 -45.48
CA GLY K 144 -4.20 -31.53 -45.91
C GLY K 144 -5.02 -31.53 -47.19
N HIS K 145 -4.75 -32.51 -48.05
CA HIS K 145 -5.44 -32.64 -49.32
C HIS K 145 -6.51 -33.72 -49.19
N LEU K 146 -7.77 -33.33 -49.37
CA LEU K 146 -8.88 -34.24 -49.19
C LEU K 146 -9.47 -34.60 -50.55
N LYS K 147 -10.06 -35.79 -50.63
CA LYS K 147 -10.72 -36.15 -51.86
C LYS K 147 -11.93 -35.24 -52.04
N SER K 148 -12.10 -34.75 -53.28
CA SER K 148 -13.37 -34.80 -54.01
C SER K 148 -14.64 -34.96 -53.22
N ASN K 149 -15.01 -36.22 -52.94
CA ASN K 149 -16.30 -36.60 -52.38
C ASN K 149 -16.21 -36.89 -50.89
N VAL K 150 -15.31 -36.22 -50.17
CA VAL K 150 -15.10 -36.51 -48.76
C VAL K 150 -16.34 -36.16 -47.94
N ASN K 151 -16.60 -36.94 -46.90
CA ASN K 151 -17.59 -36.60 -45.89
C ASN K 151 -16.89 -35.69 -44.88
N PHE K 152 -17.19 -34.41 -44.94
CA PHE K 152 -16.42 -33.43 -44.18
C PHE K 152 -16.57 -33.66 -42.67
N LEU K 153 -17.77 -33.98 -42.21
CA LEU K 153 -17.97 -34.17 -40.77
C LEU K 153 -17.17 -35.36 -40.23
N GLU K 154 -17.07 -36.44 -41.01
CA GLU K 154 -16.38 -37.62 -40.51
CA GLU K 154 -16.38 -37.64 -40.54
C GLU K 154 -14.87 -37.52 -40.68
N ILE K 155 -14.40 -36.88 -41.76
CA ILE K 155 -12.96 -36.79 -42.01
C ILE K 155 -12.25 -35.80 -41.07
N ALA K 156 -12.98 -34.84 -40.51
CA ALA K 156 -12.35 -33.75 -39.77
C ALA K 156 -11.36 -34.20 -38.70
N PRO K 157 -11.68 -35.18 -37.84
CA PRO K 157 -10.71 -35.53 -36.78
C PRO K 157 -9.39 -36.07 -37.29
N ILE K 158 -9.33 -36.53 -38.55
CA ILE K 158 -8.06 -37.05 -39.07
C ILE K 158 -7.03 -35.93 -39.16
N LEU K 159 -7.48 -34.68 -39.30
CA LEU K 159 -6.58 -33.56 -39.49
C LEU K 159 -5.75 -33.25 -38.26
N CYS K 160 -6.14 -33.74 -37.08
CA CYS K 160 -5.27 -33.60 -35.93
C CYS K 160 -5.26 -34.88 -35.11
N ALA K 161 -6.42 -35.31 -34.62
CA ALA K 161 -6.50 -36.56 -33.87
C ALA K 161 -5.87 -37.71 -34.65
N GLY K 162 -6.24 -37.87 -35.93
CA GLY K 162 -5.77 -39.00 -36.72
C GLY K 162 -4.28 -38.98 -37.01
N VAL K 163 -3.80 -37.91 -37.65
CA VAL K 163 -2.39 -37.81 -38.00
C VAL K 163 -1.53 -37.91 -36.74
N THR K 164 -2.00 -37.35 -35.63
CA THR K 164 -1.22 -37.36 -34.39
C THR K 164 -0.99 -38.77 -33.87
N VAL K 165 -2.06 -39.55 -33.70
CA VAL K 165 -1.91 -40.88 -33.11
C VAL K 165 -1.25 -41.81 -34.11
N TYR K 166 -1.46 -41.59 -35.41
CA TYR K 166 -0.78 -42.39 -36.41
C TYR K 166 0.72 -42.20 -36.31
N LYS K 167 1.17 -40.94 -36.31
CA LYS K 167 2.59 -40.66 -36.10
C LYS K 167 3.06 -41.17 -34.74
N GLY K 168 2.26 -40.97 -33.70
CA GLY K 168 2.64 -41.46 -32.38
C GLY K 168 2.86 -42.97 -32.36
N LEU K 169 1.99 -43.71 -33.05
CA LEU K 169 2.15 -45.16 -33.11
C LEU K 169 3.44 -45.54 -33.84
N LYS K 170 3.78 -44.82 -34.91
CA LYS K 170 5.08 -45.03 -35.55
C LYS K 170 6.22 -44.74 -34.59
N GLU K 171 6.07 -43.70 -33.76
CA GLU K 171 7.12 -43.32 -32.82
C GLU K 171 7.35 -44.37 -31.76
N THR K 172 6.33 -45.19 -31.44
CA THR K 172 6.51 -46.30 -30.50
C THR K 172 7.35 -47.43 -31.11
N GLU K 173 7.44 -47.48 -32.43
CA GLU K 173 8.16 -48.54 -33.14
C GLU K 173 7.55 -49.92 -32.88
N THR K 174 6.31 -49.97 -32.40
CA THR K 174 5.61 -51.24 -32.27
C THR K 174 5.39 -51.82 -33.65
N LYS K 175 5.74 -53.09 -33.77
CA LYS K 175 5.88 -54.07 -34.85
C LYS K 175 4.48 -54.63 -35.13
N PRO K 176 4.17 -55.10 -36.34
CA PRO K 176 2.98 -55.96 -36.47
C PRO K 176 3.12 -57.21 -35.60
N GLY K 177 2.04 -57.57 -34.88
CA GLY K 177 2.07 -58.71 -33.99
C GLY K 177 2.46 -58.43 -32.55
N GLU K 178 2.90 -57.21 -32.25
CA GLU K 178 3.26 -56.79 -30.90
C GLU K 178 2.09 -56.07 -30.22
N TRP K 179 2.26 -55.84 -28.92
CA TRP K 179 1.22 -55.25 -28.07
C TRP K 179 1.48 -53.77 -27.86
N VAL K 180 0.44 -52.96 -28.07
CA VAL K 180 0.47 -51.54 -27.73
C VAL K 180 -0.70 -51.25 -26.77
N ALA K 181 -0.46 -50.40 -25.79
CA ALA K 181 -1.53 -49.87 -24.95
C ALA K 181 -1.85 -48.45 -25.40
N ILE K 182 -3.14 -48.17 -25.58
CA ILE K 182 -3.64 -46.82 -25.82
C ILE K 182 -4.25 -46.31 -24.52
N SER K 183 -3.71 -45.21 -23.99
CA SER K 183 -4.19 -44.67 -22.74
C SER K 183 -4.96 -43.38 -23.02
N GLY K 184 -6.25 -43.40 -22.70
CA GLY K 184 -7.15 -42.30 -23.01
C GLY K 184 -7.88 -42.54 -24.32
N ILE K 185 -9.10 -43.06 -24.25
CA ILE K 185 -9.86 -43.38 -25.46
C ILE K 185 -10.82 -42.24 -25.73
N GLY K 186 -10.26 -41.07 -25.97
CA GLY K 186 -11.02 -39.87 -26.30
C GLY K 186 -10.99 -39.61 -27.78
N GLY K 187 -10.91 -38.32 -28.15
CA GLY K 187 -10.78 -37.97 -29.55
C GLY K 187 -9.60 -38.67 -30.21
N LEU K 188 -8.41 -38.49 -29.66
CA LEU K 188 -7.22 -39.12 -30.20
C LEU K 188 -7.27 -40.63 -30.01
N GLY K 189 -7.59 -41.08 -28.80
CA GLY K 189 -7.43 -42.50 -28.48
C GLY K 189 -8.32 -43.41 -29.30
N HIS K 190 -9.54 -42.96 -29.58
CA HIS K 190 -10.47 -43.87 -30.26
C HIS K 190 -10.07 -44.11 -31.71
N VAL K 191 -9.37 -43.16 -32.34
CA VAL K 191 -8.81 -43.47 -33.65
C VAL K 191 -7.44 -44.15 -33.54
N ALA K 192 -6.72 -43.92 -32.43
CA ALA K 192 -5.47 -44.65 -32.19
C ALA K 192 -5.69 -46.15 -32.14
N VAL K 193 -6.77 -46.59 -31.48
CA VAL K 193 -7.14 -48.00 -31.45
C VAL K 193 -7.20 -48.54 -32.87
N GLN K 194 -7.81 -47.79 -33.78
CA GLN K 194 -8.04 -48.27 -35.13
C GLN K 194 -6.76 -48.27 -35.95
N TYR K 195 -5.97 -47.19 -35.86
CA TYR K 195 -4.69 -47.17 -36.56
C TYR K 195 -3.81 -48.32 -36.09
N ALA K 196 -3.77 -48.58 -34.78
CA ALA K 196 -2.92 -49.63 -34.25
C ALA K 196 -3.31 -51.00 -34.80
N LYS K 197 -4.61 -51.30 -34.85
CA LYS K 197 -5.06 -52.55 -35.47
C LYS K 197 -4.68 -52.58 -36.94
N ALA K 198 -4.77 -51.45 -37.64
CA ALA K 198 -4.43 -51.39 -39.05
C ALA K 198 -2.93 -51.54 -39.28
N MET K 199 -2.13 -51.28 -38.26
CA MET K 199 -0.69 -51.50 -38.32
C MET K 199 -0.30 -52.87 -37.78
N GLY K 200 -1.28 -53.76 -37.59
CA GLY K 200 -1.00 -55.11 -37.18
C GLY K 200 -0.73 -55.31 -35.71
N MET K 201 -0.96 -54.28 -34.88
CA MET K 201 -0.72 -54.41 -33.45
C MET K 201 -1.93 -55.01 -32.73
N HIS K 202 -1.66 -55.75 -31.66
CA HIS K 202 -2.68 -56.05 -30.68
C HIS K 202 -2.84 -54.82 -29.78
N VAL K 203 -4.07 -54.54 -29.35
CA VAL K 203 -4.39 -53.27 -28.70
C VAL K 203 -5.02 -53.53 -27.34
N ALA K 204 -4.40 -52.96 -26.31
CA ALA K 204 -5.00 -52.84 -24.99
C ALA K 204 -5.40 -51.39 -24.79
N ALA K 205 -6.62 -51.17 -24.32
CA ALA K 205 -7.16 -49.84 -24.09
C ALA K 205 -7.30 -49.55 -22.60
N ILE K 206 -6.89 -48.36 -22.19
CA ILE K 206 -6.93 -47.91 -20.80
C ILE K 206 -7.70 -46.60 -20.73
N ASP K 207 -8.67 -46.52 -19.83
CA ASP K 207 -9.32 -45.24 -19.52
C ASP K 207 -9.86 -45.34 -18.10
N VAL K 208 -10.65 -44.34 -17.70
CA VAL K 208 -11.13 -44.27 -16.33
C VAL K 208 -12.64 -44.28 -16.28
N ALA K 209 -13.29 -44.66 -17.38
CA ALA K 209 -14.74 -44.78 -17.43
C ALA K 209 -15.10 -45.92 -18.37
N ASP K 210 -16.10 -46.70 -17.98
CA ASP K 210 -16.45 -47.91 -18.72
C ASP K 210 -17.00 -47.60 -20.11
N ASP K 211 -17.69 -46.47 -20.28
CA ASP K 211 -18.20 -46.11 -21.59
C ASP K 211 -17.06 -45.87 -22.58
N LYS K 212 -15.92 -45.35 -22.09
CA LYS K 212 -14.76 -45.17 -22.95
C LYS K 212 -14.18 -46.52 -23.37
N LEU K 213 -14.17 -47.50 -22.47
CA LEU K 213 -13.66 -48.81 -22.82
C LEU K 213 -14.62 -49.57 -23.72
N GLU K 214 -15.93 -49.33 -23.58
CA GLU K 214 -16.89 -49.93 -24.50
C GLU K 214 -16.67 -49.42 -25.92
N LEU K 215 -16.37 -48.13 -26.06
CA LEU K 215 -16.05 -47.58 -27.37
C LEU K 215 -14.79 -48.25 -27.94
N ALA K 216 -13.78 -48.45 -27.10
CA ALA K 216 -12.54 -49.09 -27.56
C ALA K 216 -12.81 -50.49 -28.07
N LYS K 217 -13.65 -51.25 -27.34
CA LYS K 217 -13.99 -52.60 -27.75
C LYS K 217 -14.64 -52.63 -29.12
N LYS K 218 -15.66 -51.78 -29.32
CA LYS K 218 -16.35 -51.75 -30.60
C LYS K 218 -15.43 -51.30 -31.74
N LEU K 219 -14.34 -50.62 -31.43
CA LEU K 219 -13.42 -50.18 -32.48
C LEU K 219 -12.23 -51.11 -32.64
N GLY K 220 -12.20 -52.23 -31.93
CA GLY K 220 -11.24 -53.29 -32.19
C GLY K 220 -10.27 -53.58 -31.06
N ALA K 221 -10.36 -52.92 -29.90
CA ALA K 221 -9.38 -53.17 -28.85
C ALA K 221 -9.45 -54.63 -28.41
N ASP K 222 -8.30 -55.21 -28.14
CA ASP K 222 -8.25 -56.61 -27.71
C ASP K 222 -8.37 -56.77 -26.20
N LEU K 223 -7.88 -55.80 -25.43
CA LEU K 223 -8.02 -55.80 -23.98
C LEU K 223 -8.46 -54.41 -23.53
N THR K 224 -9.19 -54.36 -22.41
CA THR K 224 -9.61 -53.08 -21.84
C THR K 224 -9.34 -53.07 -20.34
N VAL K 225 -8.95 -51.90 -19.82
CA VAL K 225 -8.66 -51.72 -18.40
C VAL K 225 -9.25 -50.39 -17.93
N ASN K 226 -10.02 -50.43 -16.85
CA ASN K 226 -10.45 -49.21 -16.16
C ASN K 226 -9.44 -48.92 -15.04
N ALA K 227 -8.63 -47.89 -15.24
CA ALA K 227 -7.56 -47.60 -14.28
C ALA K 227 -8.09 -47.21 -12.91
N LYS K 228 -9.35 -46.77 -12.80
CA LYS K 228 -9.89 -46.45 -11.49
C LYS K 228 -10.18 -47.71 -10.68
N THR K 229 -10.61 -48.79 -11.34
CA THR K 229 -10.93 -50.04 -10.66
C THR K 229 -9.78 -51.04 -10.69
N THR K 230 -8.84 -50.91 -11.62
CA THR K 230 -7.83 -51.94 -11.85
C THR K 230 -6.50 -51.29 -12.20
N ASP K 231 -5.43 -51.74 -11.57
CA ASP K 231 -4.09 -51.23 -11.88
C ASP K 231 -3.67 -51.65 -13.28
N PRO K 232 -3.42 -50.72 -14.20
CA PRO K 232 -3.07 -51.13 -15.57
C PRO K 232 -1.83 -52.00 -15.65
N GLY K 233 -0.75 -51.61 -14.97
CA GLY K 233 0.48 -52.38 -15.04
C GLY K 233 0.31 -53.81 -14.58
N THR K 234 -0.34 -54.00 -13.43
CA THR K 234 -0.55 -55.34 -12.89
C THR K 234 -1.38 -56.20 -13.84
N TYR K 235 -2.47 -55.64 -14.36
CA TYR K 235 -3.36 -56.41 -15.22
C TYR K 235 -2.67 -56.80 -16.53
N LEU K 236 -2.02 -55.85 -17.21
CA LEU K 236 -1.49 -56.15 -18.54
C LEU K 236 -0.26 -57.04 -18.48
N HIS K 237 0.55 -56.92 -17.42
CA HIS K 237 1.66 -57.86 -17.27
C HIS K 237 1.15 -59.26 -16.98
N LYS K 238 0.10 -59.39 -16.15
CA LYS K 238 -0.47 -60.71 -15.90
C LYS K 238 -1.08 -61.29 -17.17
N GLU K 239 -1.81 -60.48 -17.94
CA GLU K 239 -2.54 -61.02 -19.10
C GLU K 239 -1.60 -61.46 -20.20
N VAL K 240 -0.69 -60.58 -20.64
CA VAL K 240 0.11 -60.86 -21.83
C VAL K 240 1.59 -60.55 -21.61
N GLY K 241 1.96 -60.25 -20.36
CA GLY K 241 3.37 -60.00 -20.08
C GLY K 241 3.84 -58.60 -20.41
N GLY K 242 2.95 -57.63 -20.50
CA GLY K 242 3.33 -56.25 -20.72
C GLY K 242 3.33 -55.87 -22.19
N MET K 243 3.36 -54.56 -22.41
CA MET K 243 3.22 -53.98 -23.73
C MET K 243 4.59 -53.72 -24.38
N HIS K 244 4.68 -53.97 -25.68
CA HIS K 244 5.86 -53.52 -26.42
C HIS K 244 5.87 -52.00 -26.59
N GLY K 245 4.70 -51.40 -26.65
CA GLY K 245 4.62 -49.96 -26.83
C GLY K 245 3.42 -49.43 -26.08
N ALA K 246 3.42 -48.11 -25.89
CA ALA K 246 2.26 -47.45 -25.30
C ALA K 246 2.18 -46.06 -25.91
N LEU K 247 0.94 -45.59 -26.09
CA LEU K 247 0.66 -44.26 -26.60
C LEU K 247 -0.25 -43.55 -25.60
N ILE K 248 0.22 -42.46 -25.03
CA ILE K 248 -0.52 -41.76 -23.99
C ILE K 248 -1.22 -40.56 -24.59
N THR K 249 -2.54 -40.63 -24.66
CA THR K 249 -3.36 -39.51 -25.09
C THR K 249 -4.18 -38.93 -23.94
N ALA K 250 -3.96 -39.39 -22.70
CA ALA K 250 -4.80 -38.94 -21.60
C ALA K 250 -4.39 -37.56 -21.13
N VAL K 251 -5.30 -36.92 -20.39
CA VAL K 251 -5.10 -35.53 -19.97
C VAL K 251 -4.80 -35.47 -18.48
N SER K 252 -4.12 -36.50 -17.95
CA SER K 252 -3.78 -36.50 -16.52
C SER K 252 -2.40 -37.16 -16.31
N PRO K 253 -1.52 -36.53 -15.52
CA PRO K 253 -0.15 -37.07 -15.35
C PRO K 253 -0.10 -38.50 -14.86
N ILE K 254 -1.03 -38.92 -14.01
CA ILE K 254 -0.96 -40.29 -13.50
C ILE K 254 -1.08 -41.31 -14.62
N ALA K 255 -1.77 -40.97 -15.71
CA ALA K 255 -1.83 -41.86 -16.86
C ALA K 255 -0.46 -42.07 -17.48
N PHE K 256 0.42 -41.06 -17.41
CA PHE K 256 1.77 -41.22 -17.94
C PHE K 256 2.59 -42.19 -17.09
N LYS K 257 2.52 -42.06 -15.76
CA LYS K 257 3.21 -42.99 -14.86
C LYS K 257 2.69 -44.42 -15.02
N GLN K 258 1.38 -44.57 -15.18
CA GLN K 258 0.84 -45.91 -15.38
C GLN K 258 1.19 -46.44 -16.77
N GLY K 259 1.37 -45.54 -17.74
CA GLY K 259 1.88 -45.98 -19.04
C GLY K 259 3.23 -46.64 -18.91
N ILE K 260 4.10 -46.08 -18.07
CA ILE K 260 5.38 -46.74 -17.80
C ILE K 260 5.15 -48.13 -17.24
N ASP K 261 4.19 -48.25 -16.30
CA ASP K 261 3.95 -49.52 -15.62
C ASP K 261 3.62 -50.65 -16.60
N VAL K 262 2.90 -50.34 -17.68
CA VAL K 262 2.37 -51.41 -18.53
C VAL K 262 3.40 -51.97 -19.50
N LEU K 263 4.57 -51.34 -19.62
CA LEU K 263 5.56 -51.77 -20.60
C LEU K 263 6.35 -52.98 -20.11
N ARG K 264 6.71 -53.85 -21.06
CA ARG K 264 7.75 -54.84 -20.80
C ARG K 264 9.12 -54.20 -21.04
N ARG K 265 10.18 -54.95 -20.74
CA ARG K 265 11.51 -54.43 -20.96
C ARG K 265 11.71 -54.10 -22.44
N LYS K 266 12.44 -53.01 -22.70
CA LYS K 266 12.67 -52.45 -24.02
C LYS K 266 11.41 -51.91 -24.67
N GLY K 267 10.35 -51.71 -23.91
CA GLY K 267 9.17 -51.07 -24.46
C GLY K 267 9.42 -49.59 -24.71
N THR K 268 8.66 -49.04 -25.64
CA THR K 268 8.72 -47.62 -25.95
C THR K 268 7.36 -46.99 -25.75
N ILE K 269 7.32 -45.89 -25.01
CA ILE K 269 6.07 -45.18 -24.73
C ILE K 269 6.16 -43.81 -25.39
N ALA K 270 5.25 -43.54 -26.32
CA ALA K 270 5.17 -42.25 -26.99
C ALA K 270 4.09 -41.40 -26.32
N LEU K 271 4.35 -40.11 -26.18
CA LEU K 271 3.47 -39.20 -25.44
C LEU K 271 2.79 -38.22 -26.40
N ASN K 272 1.45 -38.23 -26.42
CA ASN K 272 0.66 -37.23 -27.12
C ASN K 272 -0.04 -36.25 -26.18
N GLY K 273 -0.60 -36.74 -25.07
CA GLY K 273 -1.42 -35.89 -24.21
C GLY K 273 -0.63 -34.72 -23.64
N LEU K 274 -1.34 -33.61 -23.42
CA LEU K 274 -0.69 -32.36 -23.01
C LEU K 274 -1.34 -31.72 -21.78
N PRO K 275 -1.51 -32.46 -20.69
CA PRO K 275 -1.92 -31.81 -19.46
C PRO K 275 -0.79 -30.92 -18.96
N PRO K 276 -1.10 -29.88 -18.19
CA PRO K 276 -0.03 -29.05 -17.63
C PRO K 276 0.81 -29.85 -16.65
N GLY K 277 2.04 -29.37 -16.45
CA GLY K 277 2.90 -29.92 -15.44
C GLY K 277 3.72 -31.11 -15.90
N SER K 278 4.03 -31.98 -14.94
CA SER K 278 4.99 -33.06 -15.12
C SER K 278 4.38 -34.37 -14.64
N PHE K 279 5.07 -35.46 -14.91
CA PHE K 279 4.80 -36.71 -14.21
C PHE K 279 6.11 -37.29 -13.68
N GLU K 280 5.98 -38.13 -12.68
CA GLU K 280 7.14 -38.71 -12.00
C GLU K 280 7.66 -39.88 -12.84
N LEU K 281 8.86 -39.71 -13.40
CA LEU K 281 9.48 -40.78 -14.17
C LEU K 281 10.38 -41.58 -13.23
N PRO K 282 10.07 -42.85 -12.97
CA PRO K 282 10.90 -43.64 -12.03
C PRO K 282 12.22 -44.00 -12.69
N ILE K 283 13.31 -43.59 -12.05
CA ILE K 283 14.61 -43.68 -12.71
C ILE K 283 15.10 -45.12 -12.74
N PHE K 284 15.12 -45.78 -11.58
CA PHE K 284 15.64 -47.14 -11.49
C PHE K 284 14.99 -48.06 -12.51
N GLU K 285 13.64 -48.05 -12.55
CA GLU K 285 12.88 -48.89 -13.46
C GLU K 285 13.17 -48.57 -14.92
N THR K 286 13.24 -47.27 -15.26
CA THR K 286 13.48 -46.87 -16.64
C THR K 286 14.85 -47.32 -17.12
N VAL K 287 15.85 -47.27 -16.24
CA VAL K 287 17.21 -47.66 -16.60
C VAL K 287 17.29 -49.18 -16.75
N LEU K 288 16.89 -49.92 -15.72
CA LEU K 288 17.11 -51.36 -15.72
C LEU K 288 16.30 -52.06 -16.81
N LYS K 289 15.18 -51.47 -17.23
CA LYS K 289 14.30 -52.07 -18.22
C LYS K 289 14.52 -51.55 -19.63
N ARG K 290 15.47 -50.62 -19.81
CA ARG K 290 15.66 -49.95 -21.10
C ARG K 290 14.33 -49.43 -21.64
N ILE K 291 13.64 -48.63 -20.82
CA ILE K 291 12.42 -47.97 -21.26
C ILE K 291 12.80 -46.75 -22.08
N THR K 292 12.09 -46.53 -23.18
CA THR K 292 12.21 -45.33 -24.00
C THR K 292 10.92 -44.53 -23.88
N VAL K 293 11.03 -43.27 -23.46
CA VAL K 293 9.91 -42.34 -23.39
C VAL K 293 10.14 -41.29 -24.47
N ARG K 294 9.13 -41.09 -25.33
CA ARG K 294 9.31 -40.26 -26.51
C ARG K 294 8.12 -39.33 -26.71
N GLY K 295 8.36 -38.03 -26.72
CA GLY K 295 7.31 -37.11 -27.11
C GLY K 295 7.06 -37.18 -28.61
N SER K 296 5.78 -37.04 -28.99
CA SER K 296 5.39 -37.04 -30.41
C SER K 296 4.37 -35.95 -30.64
N ILE K 297 4.64 -35.09 -31.62
CA ILE K 297 3.87 -33.87 -31.85
C ILE K 297 3.34 -33.90 -33.28
N VAL K 298 2.00 -33.95 -33.41
CA VAL K 298 1.23 -34.10 -34.64
C VAL K 298 1.94 -34.94 -35.71
N GLY K 299 2.03 -34.45 -36.94
CA GLY K 299 2.73 -35.18 -37.98
C GLY K 299 3.08 -34.27 -39.13
N THR K 300 4.05 -34.69 -39.93
CA THR K 300 4.44 -33.91 -41.09
C THR K 300 3.35 -33.98 -42.16
N ARG K 301 3.53 -33.20 -43.23
CA ARG K 301 2.62 -33.30 -44.37
C ARG K 301 2.57 -34.73 -44.91
N LYS K 302 3.70 -35.45 -44.88
CA LYS K 302 3.71 -36.84 -45.32
C LYS K 302 2.93 -37.72 -44.35
N ASP K 303 3.16 -37.56 -43.05
CA ASP K 303 2.38 -38.28 -42.05
C ASP K 303 0.89 -38.04 -42.23
N LEU K 304 0.52 -36.79 -42.50
CA LEU K 304 -0.90 -36.43 -42.66
C LEU K 304 -1.51 -37.12 -43.87
N GLN K 305 -0.82 -37.11 -45.00
CA GLN K 305 -1.34 -37.81 -46.17
C GLN K 305 -1.47 -39.31 -45.90
N GLU K 306 -0.48 -39.92 -45.27
CA GLU K 306 -0.58 -41.34 -44.95
C GLU K 306 -1.79 -41.61 -44.06
N ALA K 307 -1.98 -40.77 -43.03
CA ALA K 307 -3.10 -40.94 -42.10
C ALA K 307 -4.44 -40.83 -42.83
N LEU K 308 -4.55 -39.88 -43.76
CA LEU K 308 -5.79 -39.77 -44.53
C LEU K 308 -6.01 -41.00 -45.40
N ASP K 309 -4.93 -41.61 -45.88
CA ASP K 309 -5.09 -42.80 -46.72
C ASP K 309 -5.74 -43.94 -45.94
N PHE K 310 -5.37 -44.10 -44.66
CA PHE K 310 -6.04 -45.10 -43.82
C PHE K 310 -7.54 -44.83 -43.73
N ALA K 311 -7.92 -43.56 -43.55
CA ALA K 311 -9.34 -43.22 -43.48
C ALA K 311 -10.00 -43.43 -44.83
N ASN K 312 -9.32 -43.00 -45.90
CA ASN K 312 -9.87 -43.13 -47.23
C ASN K 312 -10.13 -44.59 -47.60
N GLU K 313 -9.35 -45.51 -47.05
CA GLU K 313 -9.55 -46.92 -47.30
C GLU K 313 -10.53 -47.56 -46.32
N GLY K 314 -11.14 -46.78 -45.43
CA GLY K 314 -12.10 -47.35 -44.51
C GLY K 314 -11.50 -48.11 -43.35
N LEU K 315 -10.18 -48.03 -43.16
CA LEU K 315 -9.56 -48.72 -42.04
C LEU K 315 -9.68 -47.94 -40.74
N VAL K 316 -9.88 -46.62 -40.84
CA VAL K 316 -10.06 -45.76 -39.68
C VAL K 316 -11.27 -44.89 -39.94
N LYS K 317 -12.22 -44.91 -39.01
CA LYS K 317 -13.39 -44.05 -39.06
C LYS K 317 -13.57 -43.40 -37.70
N ALA K 318 -13.55 -42.08 -37.66
CA ALA K 318 -13.77 -41.37 -36.41
C ALA K 318 -15.23 -41.51 -35.98
N THR K 319 -15.44 -41.64 -34.66
CA THR K 319 -16.78 -41.59 -34.08
C THR K 319 -17.10 -40.13 -33.82
N VAL K 320 -18.08 -39.60 -34.56
CA VAL K 320 -18.31 -38.17 -34.62
C VAL K 320 -19.75 -37.89 -34.23
N THR K 321 -19.94 -36.84 -33.44
CA THR K 321 -21.25 -36.27 -33.18
C THR K 321 -21.19 -34.82 -33.61
N SER K 322 -22.18 -34.38 -34.37
CA SER K 322 -22.20 -33.02 -34.88
CA SER K 322 -22.16 -33.01 -34.87
C SER K 322 -22.69 -32.06 -33.81
N ALA K 323 -22.28 -30.80 -33.94
CA ALA K 323 -22.74 -29.76 -33.03
C ALA K 323 -22.73 -28.43 -33.78
N LYS K 324 -23.58 -27.51 -33.33
CA LYS K 324 -23.60 -26.19 -33.92
C LYS K 324 -22.48 -25.33 -33.33
N LEU K 325 -22.01 -24.35 -34.13
CA LEU K 325 -20.94 -23.44 -33.68
C LEU K 325 -21.30 -22.74 -32.37
N GLU K 326 -22.58 -22.38 -32.26
CA GLU K 326 -23.33 -21.73 -31.21
C GLU K 326 -23.24 -22.47 -29.90
N ASP K 327 -23.02 -23.77 -29.96
CA ASP K 327 -23.02 -24.64 -28.82
C ASP K 327 -21.61 -25.00 -28.34
N ILE K 328 -20.59 -24.28 -28.82
CA ILE K 328 -19.19 -24.63 -28.53
C ILE K 328 -18.94 -24.60 -27.04
N ASN K 329 -19.60 -23.70 -26.31
CA ASN K 329 -19.39 -23.66 -24.87
C ASN K 329 -19.90 -24.93 -24.20
N ASP K 330 -21.05 -25.44 -24.67
CA ASP K 330 -21.54 -26.70 -24.13
C ASP K 330 -20.69 -27.89 -24.60
N VAL K 331 -20.15 -27.83 -25.81
CA VAL K 331 -19.19 -28.85 -26.23
C VAL K 331 -18.02 -28.91 -25.26
N PHE K 332 -17.46 -27.76 -24.93
CA PHE K 332 -16.34 -27.73 -24.01
C PHE K 332 -16.72 -28.26 -22.64
N ASP K 333 -17.96 -28.02 -22.21
CA ASP K 333 -18.36 -28.48 -20.89
C ASP K 333 -18.51 -30.00 -20.88
N LYS K 334 -19.04 -30.58 -21.95
CA LYS K 334 -19.05 -32.04 -22.06
C LYS K 334 -17.63 -32.58 -22.09
N MET K 335 -16.72 -31.86 -22.75
CA MET K 335 -15.33 -32.29 -22.81
C MET K 335 -14.67 -32.26 -21.43
N LYS K 336 -14.91 -31.19 -20.65
CA LYS K 336 -14.35 -31.10 -19.32
C LYS K 336 -14.82 -32.25 -18.44
N LYS K 337 -16.07 -32.68 -18.63
CA LYS K 337 -16.65 -33.75 -17.85
C LYS K 337 -16.45 -35.11 -18.48
N GLY K 338 -15.72 -35.20 -19.58
CA GLY K 338 -15.48 -36.49 -20.20
C GLY K 338 -16.71 -37.17 -20.74
N GLN K 339 -17.66 -36.40 -21.26
CA GLN K 339 -18.95 -36.92 -21.70
C GLN K 339 -19.05 -37.07 -23.22
N ILE K 340 -17.96 -36.92 -23.95
CA ILE K 340 -17.95 -37.02 -25.41
C ILE K 340 -17.58 -38.44 -25.81
N ASP K 341 -18.37 -39.04 -26.71
CA ASP K 341 -18.07 -40.36 -27.24
C ASP K 341 -17.20 -40.18 -28.47
N GLY K 342 -15.87 -40.16 -28.27
CA GLY K 342 -14.95 -39.87 -29.34
C GLY K 342 -14.75 -38.39 -29.61
N ARG K 343 -15.30 -37.89 -30.72
CA ARG K 343 -15.09 -36.52 -31.17
CA ARG K 343 -15.09 -36.53 -31.18
C ARG K 343 -16.42 -35.81 -31.39
N ILE K 344 -16.47 -34.52 -31.04
CA ILE K 344 -17.49 -33.60 -31.49
C ILE K 344 -16.91 -32.84 -32.68
N VAL K 345 -17.69 -32.69 -33.74
CA VAL K 345 -17.28 -31.91 -34.90
C VAL K 345 -18.33 -30.85 -35.14
N LEU K 346 -17.89 -29.59 -35.21
CA LEU K 346 -18.80 -28.49 -35.50
C LEU K 346 -19.26 -28.55 -36.95
N ASP K 347 -20.58 -28.61 -37.17
CA ASP K 347 -21.14 -28.58 -38.51
C ASP K 347 -21.31 -27.12 -38.90
N ILE K 348 -20.32 -26.59 -39.61
CA ILE K 348 -20.28 -25.16 -39.88
C ILE K 348 -21.09 -24.81 -41.12
N ALA K 349 -21.06 -25.67 -42.14
CA ALA K 349 -21.91 -25.44 -43.31
C ALA K 349 -23.37 -25.69 -42.99
N GLY K 350 -23.68 -26.75 -42.23
CA GLY K 350 -25.04 -27.11 -41.92
C GLY K 350 -25.63 -28.15 -42.87
N ILE L 10 28.55 -5.44 -62.85
CA ILE L 10 28.54 -6.76 -63.48
C ILE L 10 28.50 -6.59 -64.99
N PRO L 11 29.43 -7.24 -65.69
CA PRO L 11 29.50 -7.09 -67.15
C PRO L 11 28.34 -7.78 -67.85
N LYS L 12 28.08 -7.33 -69.08
CA LYS L 12 27.03 -7.94 -69.89
C LYS L 12 27.45 -9.30 -70.42
N THR L 13 28.74 -9.55 -70.57
CA THR L 13 29.24 -10.79 -71.15
C THR L 13 30.35 -11.36 -70.28
N MET L 14 30.55 -12.68 -70.40
CA MET L 14 31.55 -13.37 -69.60
C MET L 14 32.15 -14.52 -70.41
N LYS L 15 33.30 -15.00 -69.95
CA LYS L 15 33.91 -16.20 -70.54
C LYS L 15 33.41 -17.45 -69.82
N ALA L 16 33.21 -18.51 -70.60
CA ALA L 16 32.73 -19.78 -70.05
C ALA L 16 33.17 -20.92 -70.97
N ALA L 17 33.46 -22.07 -70.37
CA ALA L 17 33.78 -23.28 -71.12
C ALA L 17 32.49 -24.00 -71.50
N VAL L 18 32.27 -24.17 -72.80
CA VAL L 18 31.02 -24.71 -73.32
C VAL L 18 31.33 -25.96 -74.13
N VAL L 19 30.54 -27.01 -73.90
CA VAL L 19 30.57 -28.21 -74.73
C VAL L 19 29.37 -28.14 -75.66
N GLN L 20 29.61 -28.37 -76.95
CA GLN L 20 28.57 -28.30 -77.97
C GLN L 20 28.00 -29.67 -78.32
N GLY L 21 28.81 -30.73 -78.25
CA GLY L 21 28.34 -32.07 -78.55
C GLY L 21 29.07 -33.08 -77.70
N TYR L 22 28.48 -34.28 -77.61
CA TYR L 22 29.05 -35.32 -76.77
C TYR L 22 30.44 -35.69 -77.27
N GLY L 23 31.39 -35.79 -76.34
CA GLY L 23 32.75 -36.15 -76.67
C GLY L 23 33.56 -35.07 -77.36
N GLU L 24 32.96 -33.93 -77.72
CA GLU L 24 33.72 -32.91 -78.39
C GLU L 24 34.53 -32.11 -77.38
N PRO L 25 35.69 -31.58 -77.78
CA PRO L 25 36.44 -30.71 -76.87
C PRO L 25 35.66 -29.45 -76.57
N LEU L 26 35.78 -28.99 -75.33
CA LEU L 26 35.18 -27.72 -74.94
C LEU L 26 36.04 -26.55 -75.41
N LYS L 27 35.38 -25.43 -75.70
CA LYS L 27 36.05 -24.20 -76.08
C LYS L 27 35.54 -23.05 -75.22
N ILE L 28 36.43 -22.13 -74.88
CA ILE L 28 36.03 -20.96 -74.10
C ILE L 28 35.28 -20.01 -75.03
N GLN L 29 34.03 -19.72 -74.68
CA GLN L 29 33.15 -18.90 -75.50
C GLN L 29 32.67 -17.69 -74.71
N GLU L 30 32.22 -16.68 -75.44
CA GLU L 30 31.63 -15.48 -74.84
C GLU L 30 30.12 -15.66 -74.72
N VAL L 31 29.64 -15.69 -73.48
CA VAL L 31 28.23 -15.96 -73.18
C VAL L 31 27.66 -14.75 -72.44
N PRO L 32 26.41 -14.38 -72.67
CA PRO L 32 25.84 -13.26 -71.92
C PRO L 32 25.65 -13.59 -70.45
N VAL L 33 25.83 -12.58 -69.60
CA VAL L 33 25.58 -12.73 -68.17
C VAL L 33 24.14 -12.34 -67.89
N ARG L 34 23.46 -13.20 -67.14
CA ARG L 34 22.02 -13.26 -67.01
C ARG L 34 21.57 -12.50 -65.76
N GLU L 35 20.38 -11.91 -65.83
CA GLU L 35 19.90 -11.26 -64.61
C GLU L 35 19.18 -12.27 -63.70
N PRO L 36 19.43 -12.25 -62.39
CA PRO L 36 18.79 -13.23 -61.50
C PRO L 36 17.29 -12.97 -61.37
N GLY L 37 16.51 -14.03 -61.52
CA GLY L 37 15.08 -13.99 -61.34
C GLY L 37 14.64 -14.35 -59.94
N ARG L 38 13.35 -14.71 -59.84
CA ARG L 38 12.78 -15.07 -58.56
C ARG L 38 13.57 -16.20 -57.91
N TYR L 39 13.92 -16.01 -56.64
CA TYR L 39 14.72 -16.93 -55.82
C TYR L 39 16.18 -16.98 -56.24
N GLU L 40 16.52 -16.37 -57.38
CA GLU L 40 17.86 -16.53 -57.92
C GLU L 40 18.82 -15.48 -57.41
N VAL L 41 20.10 -15.85 -57.41
CA VAL L 41 21.21 -14.92 -57.17
C VAL L 41 22.25 -15.15 -58.26
N LEU L 42 23.00 -14.12 -58.58
CA LEU L 42 24.15 -14.25 -59.45
C LEU L 42 25.41 -14.29 -58.60
N VAL L 43 26.20 -15.34 -58.78
CA VAL L 43 27.42 -15.56 -58.02
C VAL L 43 28.61 -15.36 -58.96
N LYS L 44 29.56 -14.52 -58.55
CA LYS L 44 30.83 -14.41 -59.25
C LYS L 44 31.71 -15.56 -58.80
N VAL L 45 32.05 -16.44 -59.74
CA VAL L 45 32.69 -17.71 -59.41
C VAL L 45 34.18 -17.48 -59.14
N MET L 46 34.60 -17.74 -57.90
CA MET L 46 36.01 -17.67 -57.54
C MET L 46 36.75 -18.92 -58.00
N ALA L 47 36.22 -20.09 -57.66
CA ALA L 47 36.77 -21.38 -58.04
C ALA L 47 35.62 -22.33 -58.34
N CYS L 48 35.93 -23.40 -59.07
CA CYS L 48 34.95 -24.47 -59.26
C CYS L 48 35.69 -25.77 -59.47
N GLY L 49 35.45 -26.75 -58.60
CA GLY L 49 36.13 -28.02 -58.73
C GLY L 49 35.63 -28.80 -59.93
N VAL L 50 36.51 -29.61 -60.51
CA VAL L 50 36.19 -30.45 -61.65
C VAL L 50 35.93 -31.85 -61.14
N CYS L 51 34.68 -32.30 -61.27
CA CYS L 51 34.24 -33.61 -60.83
C CYS L 51 34.12 -34.53 -62.04
N HIS L 52 34.33 -35.82 -61.81
CA HIS L 52 34.28 -36.77 -62.92
C HIS L 52 32.89 -36.78 -63.57
N THR L 53 31.86 -36.40 -62.80
CA THR L 53 30.53 -36.25 -63.37
C THR L 53 30.51 -35.28 -64.53
N ASP L 54 31.25 -34.17 -64.42
CA ASP L 54 31.35 -33.24 -65.54
C ASP L 54 31.87 -33.94 -66.78
N LEU L 55 32.80 -34.88 -66.61
CA LEU L 55 33.32 -35.64 -67.75
C LEU L 55 32.27 -36.61 -68.28
N HIS L 56 31.54 -37.29 -67.39
CA HIS L 56 30.42 -38.12 -67.82
C HIS L 56 29.38 -37.29 -68.58
N ALA L 57 29.19 -36.04 -68.16
CA ALA L 57 28.20 -35.16 -68.81
C ALA L 57 28.60 -34.84 -70.24
N VAL L 58 29.80 -34.32 -70.45
CA VAL L 58 30.22 -33.91 -71.78
C VAL L 58 30.36 -35.10 -72.71
N ASP L 59 30.57 -36.31 -72.19
CA ASP L 59 30.62 -37.49 -73.03
C ASP L 59 29.24 -38.12 -73.23
N GLY L 60 28.23 -37.68 -72.50
CA GLY L 60 26.90 -38.27 -72.56
C GLY L 60 26.86 -39.73 -72.14
N ASP L 61 27.65 -40.09 -71.13
CA ASP L 61 27.78 -41.49 -70.72
C ASP L 61 26.49 -42.06 -70.15
N TRP L 62 25.59 -41.18 -69.64
CA TRP L 62 24.43 -41.60 -68.86
C TRP L 62 23.17 -41.61 -69.71
N PRO L 63 22.20 -42.46 -69.37
CA PRO L 63 20.95 -42.46 -70.13
C PRO L 63 20.14 -41.19 -69.96
N ALA L 64 20.20 -40.57 -68.79
CA ALA L 64 19.60 -39.25 -68.61
C ALA L 64 20.58 -38.24 -69.15
N LYS L 65 20.26 -37.63 -70.34
CA LYS L 65 21.27 -36.83 -71.01
C LYS L 65 21.25 -35.39 -70.51
N PRO L 66 22.39 -34.70 -70.54
CA PRO L 66 22.42 -33.29 -70.14
C PRO L 66 21.89 -32.37 -71.24
N LYS L 67 21.70 -31.11 -70.87
CA LYS L 67 21.27 -30.12 -71.84
C LYS L 67 22.42 -29.76 -72.77
N MET L 68 22.07 -29.38 -74.00
CA MET L 68 23.07 -28.93 -74.96
C MET L 68 22.63 -27.60 -75.56
N PRO L 69 23.53 -26.61 -75.67
CA PRO L 69 24.91 -26.61 -75.18
C PRO L 69 25.00 -26.53 -73.64
N LEU L 70 26.19 -26.73 -73.08
CA LEU L 70 26.31 -26.89 -71.63
C LEU L 70 27.57 -26.20 -71.10
N ILE L 71 27.40 -25.44 -70.02
CA ILE L 71 28.51 -25.03 -69.17
C ILE L 71 28.52 -25.94 -67.95
N PRO L 72 29.49 -26.86 -67.83
CA PRO L 72 29.50 -27.77 -66.68
C PRO L 72 29.94 -27.11 -65.38
N GLY L 73 30.12 -27.91 -64.33
CA GLY L 73 30.69 -27.44 -63.09
C GLY L 73 29.66 -27.33 -61.99
N HIS L 74 29.79 -28.18 -60.97
CA HIS L 74 28.88 -28.14 -59.84
C HIS L 74 29.64 -28.20 -58.52
N GLU L 75 30.89 -27.73 -58.53
CA GLU L 75 31.66 -27.45 -57.33
C GLU L 75 32.07 -25.98 -57.33
N GLY L 76 31.19 -25.13 -57.85
CA GLY L 76 31.51 -23.72 -57.99
C GLY L 76 31.26 -22.95 -56.70
N VAL L 77 32.23 -22.10 -56.34
CA VAL L 77 32.17 -21.29 -55.13
C VAL L 77 32.51 -19.85 -55.49
N GLY L 78 31.85 -18.91 -54.82
CA GLY L 78 32.10 -17.52 -55.11
C GLY L 78 31.28 -16.59 -54.25
N ILE L 79 31.12 -15.37 -54.75
CA ILE L 79 30.51 -14.28 -54.01
C ILE L 79 29.22 -13.88 -54.72
N VAL L 80 28.14 -13.71 -53.95
CA VAL L 80 26.90 -13.22 -54.51
C VAL L 80 27.07 -11.76 -54.91
N VAL L 81 26.79 -11.45 -56.17
CA VAL L 81 26.94 -10.10 -56.69
C VAL L 81 25.62 -9.45 -57.07
N ALA L 82 24.53 -10.21 -57.18
CA ALA L 82 23.20 -9.65 -57.45
C ALA L 82 22.15 -10.65 -56.98
N CYS L 83 21.02 -10.13 -56.52
CA CYS L 83 19.94 -10.96 -55.99
C CYS L 83 18.65 -10.65 -56.72
N GLY L 84 17.94 -11.70 -57.12
CA GLY L 84 16.59 -11.55 -57.57
C GLY L 84 15.63 -11.40 -56.41
N PRO L 85 14.36 -11.18 -56.73
CA PRO L 85 13.35 -11.12 -55.68
C PRO L 85 13.27 -12.43 -54.91
N ASP L 86 13.03 -12.32 -53.59
CA ASP L 86 12.83 -13.45 -52.70
C ASP L 86 14.08 -14.31 -52.55
N ALA L 87 15.25 -13.72 -52.73
CA ALA L 87 16.51 -14.42 -52.52
C ALA L 87 16.74 -14.70 -51.03
N MET L 88 17.38 -15.84 -50.76
CA MET L 88 17.66 -16.29 -49.40
C MET L 88 19.10 -16.05 -48.97
N VAL L 89 19.93 -15.46 -49.82
CA VAL L 89 21.27 -15.04 -49.45
C VAL L 89 21.45 -13.61 -49.91
N LYS L 90 22.37 -12.91 -49.26
CA LYS L 90 22.55 -11.49 -49.55
C LYS L 90 23.82 -11.29 -50.37
N GLU L 91 23.89 -10.18 -51.09
CA GLU L 91 25.19 -9.79 -51.63
C GLU L 91 26.32 -9.66 -50.65
N GLY L 92 27.47 -10.17 -51.13
CA GLY L 92 28.68 -10.33 -50.39
C GLY L 92 28.84 -11.69 -49.74
N ASP L 93 27.77 -12.47 -49.68
CA ASP L 93 27.83 -13.80 -49.06
C ASP L 93 28.69 -14.74 -49.89
N ALA L 94 29.47 -15.57 -49.20
CA ALA L 94 30.21 -16.64 -49.84
C ALA L 94 29.30 -17.88 -49.89
N VAL L 95 29.08 -18.40 -51.10
CA VAL L 95 28.16 -19.51 -51.31
C VAL L 95 28.76 -20.47 -52.32
N GLY L 96 28.23 -21.69 -52.33
CA GLY L 96 28.61 -22.68 -53.32
C GLY L 96 27.41 -23.24 -54.04
N VAL L 97 27.62 -23.64 -55.29
CA VAL L 97 26.53 -24.10 -56.15
C VAL L 97 26.71 -25.58 -56.48
N PRO L 98 25.97 -26.49 -55.81
CA PRO L 98 26.27 -27.94 -55.92
C PRO L 98 25.45 -28.68 -56.97
N TRP L 99 25.59 -30.00 -56.99
CA TRP L 99 24.81 -30.83 -57.92
C TRP L 99 23.32 -30.67 -57.70
N LEU L 100 22.86 -30.75 -56.44
CA LEU L 100 21.45 -30.53 -56.11
C LEU L 100 21.21 -29.03 -56.19
N TYR L 101 20.99 -28.57 -57.42
CA TYR L 101 20.86 -27.14 -57.69
C TYR L 101 19.52 -26.60 -57.18
N SER L 102 18.46 -27.41 -57.24
CA SER L 102 17.15 -27.02 -56.75
C SER L 102 16.30 -28.26 -56.58
N ALA L 103 15.31 -28.18 -55.67
CA ALA L 103 14.32 -29.23 -55.50
C ALA L 103 12.98 -28.58 -55.21
N CYS L 104 11.91 -29.38 -55.37
CA CYS L 104 10.55 -28.84 -55.23
C CYS L 104 10.24 -28.41 -53.80
N GLY L 105 10.67 -29.20 -52.82
CA GLY L 105 10.36 -28.89 -51.43
C GLY L 105 8.99 -29.32 -50.96
N CYS L 106 8.18 -29.93 -51.82
CA CYS L 106 6.84 -30.29 -51.41
C CYS L 106 6.46 -31.72 -51.81
N CYS L 107 7.39 -32.53 -52.33
CA CYS L 107 7.07 -33.92 -52.65
C CYS L 107 7.38 -34.86 -51.47
N ASP L 108 6.97 -36.12 -51.63
CA ASP L 108 7.29 -37.18 -50.68
C ASP L 108 8.77 -37.18 -50.26
N TYR L 109 9.68 -37.03 -51.22
CA TYR L 109 11.08 -37.16 -50.86
C TYR L 109 11.58 -35.89 -50.17
N CYS L 110 11.16 -34.72 -50.65
CA CYS L 110 11.61 -33.48 -50.02
C CYS L 110 11.11 -33.40 -48.57
N ILE L 111 9.86 -33.81 -48.33
CA ILE L 111 9.24 -33.63 -47.02
C ILE L 111 9.82 -34.59 -45.99
N THR L 112 10.33 -35.73 -46.43
CA THR L 112 10.81 -36.74 -45.50
C THR L 112 12.32 -36.71 -45.29
N GLY L 113 12.97 -35.62 -45.72
CA GLY L 113 14.40 -35.54 -45.52
C GLY L 113 15.22 -36.15 -46.65
N TRP L 114 14.61 -36.44 -47.80
CA TRP L 114 15.34 -37.09 -48.88
C TRP L 114 15.30 -36.24 -50.16
N GLU L 115 15.58 -34.94 -50.02
CA GLU L 115 15.49 -34.04 -51.16
C GLU L 115 16.46 -34.39 -52.29
N THR L 116 17.50 -35.18 -52.00
CA THR L 116 18.36 -35.68 -53.07
C THR L 116 17.62 -36.56 -54.06
N LEU L 117 16.45 -37.08 -53.69
CA LEU L 117 15.67 -37.97 -54.56
C LEU L 117 14.52 -37.25 -55.26
N CYS L 118 14.39 -35.94 -55.08
CA CYS L 118 13.30 -35.19 -55.70
C CYS L 118 13.34 -35.37 -57.22
N GLU L 119 12.25 -35.86 -57.81
CA GLU L 119 12.21 -36.08 -59.23
C GLU L 119 12.03 -34.79 -60.03
N ALA L 120 11.77 -33.68 -59.35
CA ALA L 120 11.71 -32.38 -60.00
C ALA L 120 12.97 -31.57 -59.76
N GLN L 121 14.05 -32.19 -59.30
CA GLN L 121 15.28 -31.45 -59.02
C GLN L 121 15.92 -30.98 -60.32
N GLN L 122 16.72 -29.92 -60.21
CA GLN L 122 17.61 -29.48 -61.26
C GLN L 122 19.05 -29.69 -60.82
N ASN L 123 19.92 -30.00 -61.77
CA ASN L 123 21.28 -30.39 -61.45
C ASN L 123 22.26 -29.39 -62.03
N GLY L 124 23.08 -28.81 -61.18
CA GLY L 124 24.00 -27.76 -61.61
C GLY L 124 25.04 -28.32 -62.56
N GLY L 125 25.32 -27.55 -63.61
CA GLY L 125 26.24 -27.99 -64.62
C GLY L 125 25.80 -29.22 -65.38
N TYR L 126 24.48 -29.50 -65.39
CA TYR L 126 23.95 -30.66 -66.09
C TYR L 126 22.61 -30.31 -66.75
N SER L 127 21.59 -30.03 -65.95
CA SER L 127 20.34 -29.53 -66.52
C SER L 127 20.31 -28.01 -66.58
N VAL L 128 21.15 -27.33 -65.80
CA VAL L 128 21.32 -25.88 -65.89
C VAL L 128 22.82 -25.59 -65.93
N ASP L 129 23.15 -24.42 -66.48
CA ASP L 129 24.55 -24.04 -66.62
C ASP L 129 25.21 -23.96 -65.25
N GLY L 130 26.49 -24.32 -65.20
CA GLY L 130 27.17 -24.47 -63.93
C GLY L 130 28.35 -23.53 -63.72
N GLY L 131 29.32 -23.98 -62.94
CA GLY L 131 30.42 -23.19 -62.44
C GLY L 131 31.64 -23.09 -63.32
N PHE L 132 31.64 -23.72 -64.51
CA PHE L 132 32.74 -23.55 -65.46
C PHE L 132 32.61 -22.21 -66.17
N ALA L 133 32.53 -21.12 -65.41
CA ALA L 133 32.26 -19.81 -65.96
C ALA L 133 32.65 -18.75 -64.94
N GLU L 134 32.70 -17.49 -65.40
CA GLU L 134 33.04 -16.39 -64.51
C GLU L 134 31.90 -16.02 -63.58
N TYR L 135 30.66 -16.30 -63.99
CA TYR L 135 29.49 -16.08 -63.16
C TYR L 135 28.51 -17.23 -63.37
N VAL L 136 27.70 -17.50 -62.35
CA VAL L 136 26.67 -18.54 -62.43
C VAL L 136 25.42 -18.07 -61.69
N ILE L 137 24.27 -18.26 -62.32
CA ILE L 137 22.97 -18.08 -61.67
C ILE L 137 22.67 -19.30 -60.81
N ALA L 138 22.26 -19.07 -59.56
CA ALA L 138 21.97 -20.15 -58.63
C ALA L 138 20.63 -19.95 -57.96
N ASP L 139 20.03 -21.06 -57.52
CA ASP L 139 18.87 -21.03 -56.65
C ASP L 139 19.33 -20.76 -55.22
N SER L 140 18.98 -19.59 -54.69
CA SER L 140 19.49 -19.16 -53.39
C SER L 140 19.07 -20.08 -52.25
N ARG L 141 18.03 -20.89 -52.46
CA ARG L 141 17.55 -21.75 -51.39
C ARG L 141 18.37 -23.01 -51.22
N TYR L 142 19.19 -23.38 -52.21
CA TYR L 142 19.89 -24.66 -52.20
C TYR L 142 21.40 -24.53 -52.28
N VAL L 143 21.93 -23.31 -52.24
CA VAL L 143 23.38 -23.14 -52.28
C VAL L 143 23.98 -23.54 -50.94
N GLY L 144 25.24 -23.98 -50.98
CA GLY L 144 25.99 -24.15 -49.74
C GLY L 144 26.44 -22.80 -49.19
N HIS L 145 26.43 -22.70 -47.87
CA HIS L 145 26.81 -21.48 -47.18
C HIS L 145 28.25 -21.61 -46.70
N LEU L 146 29.10 -20.69 -47.15
CA LEU L 146 30.52 -20.68 -46.80
C LEU L 146 30.84 -19.52 -45.88
N LYS L 147 31.88 -19.70 -45.06
CA LYS L 147 32.36 -18.60 -44.21
C LYS L 147 33.01 -17.53 -45.08
N SER L 148 32.93 -16.28 -44.60
CA SER L 148 33.41 -15.14 -45.39
C SER L 148 34.90 -15.23 -45.73
N ASN L 149 35.70 -15.84 -44.85
CA ASN L 149 37.15 -15.94 -45.04
C ASN L 149 37.57 -17.30 -45.59
N VAL L 150 36.68 -17.96 -46.31
CA VAL L 150 36.97 -19.29 -46.81
C VAL L 150 38.06 -19.23 -47.88
N ASN L 151 38.86 -20.28 -47.95
CA ASN L 151 39.77 -20.49 -49.06
C ASN L 151 38.98 -21.13 -50.19
N PHE L 152 38.68 -20.33 -51.22
CA PHE L 152 37.76 -20.77 -52.26
C PHE L 152 38.29 -21.97 -53.02
N LEU L 153 39.59 -21.98 -53.30
CA LEU L 153 40.18 -23.06 -54.07
C LEU L 153 40.06 -24.40 -53.33
N GLU L 154 40.38 -24.40 -52.04
CA GLU L 154 40.42 -25.66 -51.31
C GLU L 154 39.05 -26.10 -50.78
N ILE L 155 38.10 -25.18 -50.65
CA ILE L 155 36.77 -25.58 -50.19
C ILE L 155 35.92 -26.16 -51.30
N ALA L 156 36.23 -25.81 -52.56
CA ALA L 156 35.37 -26.19 -53.70
C ALA L 156 35.03 -27.66 -53.76
N PRO L 157 35.96 -28.61 -53.57
CA PRO L 157 35.59 -30.03 -53.65
C PRO L 157 34.58 -30.47 -52.61
N ILE L 158 34.44 -29.76 -51.49
CA ILE L 158 33.45 -30.20 -50.51
C ILE L 158 32.04 -30.11 -51.06
N LEU L 159 31.81 -29.25 -52.04
CA LEU L 159 30.47 -29.04 -52.58
C LEU L 159 29.94 -30.23 -53.37
N CYS L 160 30.78 -31.18 -53.76
CA CYS L 160 30.21 -32.40 -54.30
C CYS L 160 30.99 -33.62 -53.79
N ALA L 161 32.30 -33.66 -54.04
CA ALA L 161 33.10 -34.76 -53.56
C ALA L 161 32.92 -34.95 -52.06
N GLY L 162 33.02 -33.87 -51.29
CA GLY L 162 32.94 -33.93 -49.85
C GLY L 162 31.58 -34.36 -49.33
N VAL L 163 30.53 -33.61 -49.68
CA VAL L 163 29.20 -33.94 -49.21
C VAL L 163 28.80 -35.35 -49.64
N THR L 164 29.20 -35.76 -50.85
CA THR L 164 28.79 -37.07 -51.38
C THR L 164 29.35 -38.22 -50.54
N VAL L 165 30.67 -38.21 -50.31
CA VAL L 165 31.26 -39.33 -49.57
C VAL L 165 30.86 -39.28 -48.11
N TYR L 166 30.66 -38.08 -47.55
CA TYR L 166 30.19 -37.98 -46.18
C TYR L 166 28.82 -38.64 -46.02
N LYS L 167 27.88 -38.27 -46.89
CA LYS L 167 26.59 -38.95 -46.88
C LYS L 167 26.75 -40.43 -47.20
N GLY L 168 27.62 -40.75 -48.17
CA GLY L 168 27.84 -42.15 -48.50
C GLY L 168 28.32 -42.95 -47.30
N LEU L 169 29.23 -42.37 -46.51
CA LEU L 169 29.72 -43.04 -45.31
C LEU L 169 28.62 -43.23 -44.29
N LYS L 170 27.75 -42.22 -44.11
CA LYS L 170 26.59 -42.40 -43.24
C LYS L 170 25.71 -43.53 -43.75
N GLU L 171 25.55 -43.62 -45.07
CA GLU L 171 24.71 -44.67 -45.65
C GLU L 171 25.28 -46.07 -45.42
N THR L 172 26.60 -46.20 -45.23
CA THR L 172 27.12 -47.52 -44.91
C THR L 172 26.77 -47.96 -43.51
N GLU L 173 26.41 -47.01 -42.64
CA GLU L 173 26.09 -47.24 -41.23
C GLU L 173 27.27 -47.80 -40.43
N THR L 174 28.49 -47.66 -40.95
CA THR L 174 29.68 -48.05 -40.20
C THR L 174 29.84 -47.17 -38.96
N LYS L 175 30.04 -47.81 -37.79
CA LYS L 175 30.09 -47.15 -36.50
C LYS L 175 31.54 -46.83 -36.12
N PRO L 176 31.75 -45.89 -35.19
CA PRO L 176 33.10 -45.67 -34.66
C PRO L 176 33.72 -46.97 -34.18
N GLY L 177 34.97 -47.19 -34.55
CA GLY L 177 35.70 -48.39 -34.19
C GLY L 177 35.56 -49.54 -35.18
N GLU L 178 34.69 -49.42 -36.17
CA GLU L 178 34.51 -50.45 -37.19
C GLU L 178 35.34 -50.10 -38.43
N TRP L 179 35.43 -51.08 -39.33
CA TRP L 179 36.27 -50.98 -40.52
C TRP L 179 35.43 -50.58 -41.74
N VAL L 180 35.91 -49.57 -42.48
CA VAL L 180 35.34 -49.22 -43.77
C VAL L 180 36.44 -49.29 -44.83
N ALA L 181 36.09 -49.79 -46.01
CA ALA L 181 36.97 -49.74 -47.17
C ALA L 181 36.52 -48.63 -48.12
N ILE L 182 37.46 -47.82 -48.57
CA ILE L 182 37.23 -46.84 -49.62
C ILE L 182 37.86 -47.39 -50.89
N SER L 183 37.05 -47.56 -51.93
CA SER L 183 37.52 -48.10 -53.20
C SER L 183 37.50 -46.99 -54.23
N GLY L 184 38.68 -46.64 -54.74
CA GLY L 184 38.84 -45.52 -55.65
C GLY L 184 39.25 -44.27 -54.90
N ILE L 185 40.55 -43.99 -54.85
CA ILE L 185 41.04 -42.86 -54.09
C ILE L 185 41.27 -41.67 -55.03
N GLY L 186 40.21 -41.19 -55.65
CA GLY L 186 40.26 -40.05 -56.54
C GLY L 186 39.77 -38.79 -55.86
N GLY L 187 39.06 -37.95 -56.62
CA GLY L 187 38.48 -36.76 -56.03
C GLY L 187 37.62 -37.09 -54.83
N LEU L 188 36.68 -38.02 -55.00
CA LEU L 188 35.82 -38.45 -53.90
C LEU L 188 36.60 -39.22 -52.85
N GLY L 189 37.41 -40.20 -53.29
CA GLY L 189 37.99 -41.14 -52.35
C GLY L 189 38.95 -40.49 -51.36
N HIS L 190 39.73 -39.51 -51.82
CA HIS L 190 40.75 -38.94 -50.95
C HIS L 190 40.16 -38.07 -49.85
N VAL L 191 38.95 -37.52 -50.03
CA VAL L 191 38.28 -36.89 -48.90
C VAL L 191 37.47 -37.90 -48.10
N ALA L 192 37.02 -38.99 -48.75
CA ALA L 192 36.31 -40.04 -48.04
C ALA L 192 37.17 -40.64 -46.93
N VAL L 193 38.46 -40.86 -47.22
CA VAL L 193 39.39 -41.33 -46.19
C VAL L 193 39.33 -40.41 -44.98
N GLN L 194 39.30 -39.11 -45.22
CA GLN L 194 39.36 -38.17 -44.11
C GLN L 194 38.05 -38.12 -43.35
N TYR L 195 36.92 -38.08 -44.07
CA TYR L 195 35.62 -38.11 -43.38
C TYR L 195 35.50 -39.37 -42.53
N ALA L 196 35.93 -40.52 -43.08
CA ALA L 196 35.84 -41.79 -42.36
C ALA L 196 36.67 -41.78 -41.07
N LYS L 197 37.91 -41.30 -41.16
CA LYS L 197 38.74 -41.20 -39.96
C LYS L 197 38.11 -40.26 -38.93
N ALA L 198 37.56 -39.12 -39.40
CA ALA L 198 36.90 -38.18 -38.49
C ALA L 198 35.62 -38.77 -37.89
N MET L 199 35.04 -39.79 -38.52
CA MET L 199 33.90 -40.48 -37.96
C MET L 199 34.32 -41.67 -37.12
N GLY L 200 35.60 -41.78 -36.77
CA GLY L 200 36.09 -42.81 -35.88
C GLY L 200 36.28 -44.17 -36.51
N MET L 201 36.15 -44.29 -37.82
CA MET L 201 36.30 -45.56 -38.50
C MET L 201 37.76 -45.86 -38.78
N HIS L 202 38.10 -47.15 -38.80
CA HIS L 202 39.34 -47.60 -39.43
C HIS L 202 39.14 -47.72 -40.94
N VAL L 203 40.18 -47.38 -41.70
CA VAL L 203 40.06 -47.18 -43.14
C VAL L 203 41.04 -48.09 -43.89
N ALA L 204 40.51 -48.88 -44.81
CA ALA L 204 41.31 -49.57 -45.83
C ALA L 204 41.06 -48.91 -47.17
N ALA L 205 42.11 -48.60 -47.90
CA ALA L 205 42.02 -47.91 -49.18
C ALA L 205 42.37 -48.86 -50.32
N ILE L 206 41.56 -48.83 -51.39
CA ILE L 206 41.74 -49.70 -52.55
C ILE L 206 41.82 -48.83 -53.80
N ASP L 207 42.80 -49.09 -54.65
CA ASP L 207 42.87 -48.45 -55.96
C ASP L 207 43.69 -49.35 -56.88
N VAL L 208 44.02 -48.84 -58.06
CA VAL L 208 44.72 -49.60 -59.10
C VAL L 208 46.06 -48.98 -59.45
N ALA L 209 46.53 -48.03 -58.65
CA ALA L 209 47.83 -47.40 -58.86
C ALA L 209 48.42 -47.04 -57.52
N ASP L 210 49.73 -47.25 -57.38
CA ASP L 210 50.39 -47.06 -56.10
C ASP L 210 50.37 -45.59 -55.66
N ASP L 211 50.38 -44.66 -56.61
CA ASP L 211 50.35 -43.24 -56.26
C ASP L 211 49.03 -42.87 -55.58
N LYS L 212 47.93 -43.51 -55.97
CA LYS L 212 46.65 -43.25 -55.29
C LYS L 212 46.67 -43.77 -53.86
N LEU L 213 47.33 -44.90 -53.62
CA LEU L 213 47.40 -45.45 -52.27
C LEU L 213 48.33 -44.66 -51.36
N GLU L 214 49.41 -44.10 -51.92
CA GLU L 214 50.28 -43.24 -51.12
C GLU L 214 49.52 -42.01 -50.63
N LEU L 215 48.67 -41.43 -51.49
CA LEU L 215 47.81 -40.34 -51.07
C LEU L 215 46.90 -40.79 -49.93
N ALA L 216 46.35 -42.00 -50.05
CA ALA L 216 45.48 -42.52 -49.00
C ALA L 216 46.23 -42.68 -47.68
N LYS L 217 47.45 -43.21 -47.72
CA LYS L 217 48.24 -43.38 -46.50
C LYS L 217 48.51 -42.04 -45.83
N LYS L 218 48.94 -41.05 -46.61
CA LYS L 218 49.25 -39.73 -46.07
C LYS L 218 48.03 -39.07 -45.46
N LEU L 219 46.84 -39.38 -45.96
CA LEU L 219 45.61 -38.79 -45.48
C LEU L 219 44.95 -39.59 -44.36
N GLY L 220 45.60 -40.64 -43.88
CA GLY L 220 45.17 -41.33 -42.67
C GLY L 220 44.74 -42.78 -42.84
N ALA L 221 44.84 -43.37 -44.03
CA ALA L 221 44.39 -44.75 -44.20
C ALA L 221 45.22 -45.70 -43.35
N ASP L 222 44.56 -46.70 -42.77
CA ASP L 222 45.23 -47.69 -41.94
C ASP L 222 45.73 -48.89 -42.75
N LEU L 223 45.08 -49.20 -43.87
CA LEU L 223 45.53 -50.25 -44.78
C LEU L 223 45.43 -49.74 -46.20
N THR L 224 46.28 -50.28 -47.07
CA THR L 224 46.29 -49.97 -48.49
C THR L 224 46.33 -51.26 -49.30
N VAL L 225 45.59 -51.28 -50.42
CA VAL L 225 45.48 -52.45 -51.29
C VAL L 225 45.51 -51.99 -52.74
N ASN L 226 46.40 -52.58 -53.55
CA ASN L 226 46.42 -52.37 -54.98
C ASN L 226 45.69 -53.54 -55.63
N ALA L 227 44.47 -53.29 -56.10
CA ALA L 227 43.62 -54.36 -56.63
C ALA L 227 44.21 -55.00 -57.87
N LYS L 228 45.14 -54.33 -58.55
CA LYS L 228 45.78 -54.96 -59.71
C LYS L 228 46.79 -56.02 -59.27
N THR L 229 47.43 -55.84 -58.11
CA THR L 229 48.43 -56.80 -57.64
C THR L 229 47.89 -57.81 -56.64
N THR L 230 46.81 -57.50 -55.91
CA THR L 230 46.34 -58.34 -54.82
C THR L 230 44.82 -58.33 -54.77
N ASP L 231 44.23 -59.49 -54.53
CA ASP L 231 42.79 -59.57 -54.36
C ASP L 231 42.37 -58.79 -53.11
N PRO L 232 41.58 -57.73 -53.23
CA PRO L 232 41.22 -56.95 -52.04
C PRO L 232 40.47 -57.77 -51.00
N GLY L 233 39.51 -58.60 -51.43
CA GLY L 233 38.79 -59.41 -50.47
C GLY L 233 39.69 -60.34 -49.68
N THR L 234 40.58 -61.04 -50.38
CA THR L 234 41.48 -61.99 -49.72
C THR L 234 42.37 -61.29 -48.69
N TYR L 235 42.95 -60.14 -49.07
CA TYR L 235 43.87 -59.44 -48.18
C TYR L 235 43.15 -58.90 -46.95
N LEU L 236 42.02 -58.22 -47.14
CA LEU L 236 41.35 -57.56 -46.03
C LEU L 236 40.68 -58.54 -45.09
N HIS L 237 40.19 -59.68 -45.62
CA HIS L 237 39.70 -60.71 -44.71
C HIS L 237 40.85 -61.33 -43.92
N LYS L 238 42.00 -61.52 -44.57
CA LYS L 238 43.17 -62.05 -43.86
C LYS L 238 43.66 -61.07 -42.78
N GLU L 239 43.75 -59.78 -43.12
CA GLU L 239 44.33 -58.81 -42.18
C GLU L 239 43.43 -58.59 -40.97
N VAL L 240 42.15 -58.27 -41.18
CA VAL L 240 41.30 -57.83 -40.08
C VAL L 240 39.94 -58.51 -40.10
N GLY L 241 39.78 -59.54 -40.93
CA GLY L 241 38.52 -60.25 -40.93
C GLY L 241 37.38 -59.61 -41.67
N GLY L 242 37.67 -58.71 -42.60
CA GLY L 242 36.67 -58.12 -43.46
C GLY L 242 36.14 -56.79 -42.94
N MET L 243 35.48 -56.06 -43.84
CA MET L 243 35.03 -54.70 -43.55
C MET L 243 33.58 -54.71 -43.06
N HIS L 244 33.31 -53.86 -42.06
CA HIS L 244 31.92 -53.61 -41.70
C HIS L 244 31.21 -52.80 -42.78
N GLY L 245 31.95 -51.97 -43.51
CA GLY L 245 31.36 -51.15 -44.55
C GLY L 245 32.32 -50.94 -45.69
N ALA L 246 31.76 -50.47 -46.82
CA ALA L 246 32.57 -50.12 -47.97
C ALA L 246 31.90 -48.98 -48.72
N LEU L 247 32.71 -48.12 -49.31
CA LEU L 247 32.23 -47.03 -50.15
C LEU L 247 32.93 -47.13 -51.49
N ILE L 248 32.16 -47.33 -52.55
CA ILE L 248 32.71 -47.49 -53.90
C ILE L 248 32.62 -46.14 -54.60
N THR L 249 33.76 -45.50 -54.81
CA THR L 249 33.84 -44.26 -55.58
C THR L 249 34.54 -44.46 -56.91
N ALA L 250 34.82 -45.70 -57.29
CA ALA L 250 35.62 -45.95 -58.48
C ALA L 250 34.75 -45.82 -59.74
N VAL L 251 35.44 -45.67 -60.88
CA VAL L 251 34.83 -45.38 -62.17
C VAL L 251 34.92 -46.64 -63.03
N SER L 252 34.95 -47.80 -62.37
CA SER L 252 35.12 -49.06 -63.08
C SER L 252 34.28 -50.17 -62.41
N PRO L 253 33.46 -50.89 -63.18
CA PRO L 253 32.58 -51.90 -62.55
C PRO L 253 33.26 -52.98 -61.73
N ILE L 254 34.47 -53.41 -62.10
CA ILE L 254 35.12 -54.49 -61.36
C ILE L 254 35.34 -54.12 -59.89
N ALA L 255 35.55 -52.83 -59.60
CA ALA L 255 35.71 -52.39 -58.21
C ALA L 255 34.44 -52.61 -57.40
N PHE L 256 33.28 -52.56 -58.06
CA PHE L 256 32.02 -52.81 -57.38
C PHE L 256 31.92 -54.27 -56.95
N LYS L 257 32.28 -55.20 -57.85
CA LYS L 257 32.29 -56.61 -57.49
C LYS L 257 33.29 -56.88 -56.37
N GLN L 258 34.50 -56.32 -56.48
CA GLN L 258 35.50 -56.56 -55.45
C GLN L 258 35.10 -55.93 -54.12
N GLY L 259 34.30 -54.87 -54.17
CA GLY L 259 33.76 -54.32 -52.93
C GLY L 259 32.92 -55.30 -52.14
N ILE L 260 32.14 -56.13 -52.86
CA ILE L 260 31.36 -57.17 -52.18
C ILE L 260 32.28 -58.12 -51.42
N ASP L 261 33.40 -58.51 -52.04
CA ASP L 261 34.30 -59.48 -51.43
C ASP L 261 34.87 -59.01 -50.09
N VAL L 262 35.09 -57.70 -49.93
CA VAL L 262 35.82 -57.24 -48.74
C VAL L 262 34.95 -57.18 -47.49
N LEU L 263 33.63 -57.32 -47.63
CA LEU L 263 32.71 -57.18 -46.52
C LEU L 263 32.71 -58.44 -45.65
N ARG L 264 32.59 -58.24 -44.34
CA ARG L 264 32.23 -59.33 -43.45
C ARG L 264 30.71 -59.50 -43.44
N ARG L 265 30.25 -60.55 -42.75
CA ARG L 265 28.81 -60.78 -42.66
C ARG L 265 28.11 -59.58 -42.03
N LYS L 266 26.93 -59.27 -42.57
CA LYS L 266 26.13 -58.08 -42.22
C LYS L 266 26.81 -56.77 -42.62
N GLY L 267 27.79 -56.82 -43.51
CA GLY L 267 28.37 -55.58 -44.00
C GLY L 267 27.44 -54.83 -44.93
N THR L 268 27.66 -53.52 -45.03
CA THR L 268 26.92 -52.65 -45.93
C THR L 268 27.88 -51.91 -46.85
N ILE L 269 27.61 -51.96 -48.15
CA ILE L 269 28.44 -51.30 -49.15
C ILE L 269 27.60 -50.21 -49.82
N ALA L 270 28.07 -48.97 -49.76
CA ALA L 270 27.42 -47.84 -50.38
C ALA L 270 28.08 -47.51 -51.71
N LEU L 271 27.27 -47.16 -52.71
CA LEU L 271 27.73 -46.94 -54.07
C LEU L 271 27.62 -45.45 -54.41
N ASN L 272 28.76 -44.84 -54.74
CA ASN L 272 28.82 -43.49 -55.30
C ASN L 272 29.21 -43.47 -56.77
N GLY L 273 30.18 -44.30 -57.18
CA GLY L 273 30.68 -44.21 -58.55
C GLY L 273 29.61 -44.49 -59.58
N LEU L 274 29.74 -43.85 -60.74
CA LEU L 274 28.70 -43.90 -61.78
C LEU L 274 29.28 -44.30 -63.13
N PRO L 275 29.95 -45.45 -63.23
CA PRO L 275 30.31 -45.97 -64.54
C PRO L 275 29.06 -46.43 -65.26
N PRO L 276 29.06 -46.45 -66.59
CA PRO L 276 27.91 -46.98 -67.31
C PRO L 276 27.76 -48.47 -67.07
N GLY L 277 26.53 -48.95 -67.20
CA GLY L 277 26.28 -50.38 -67.15
C GLY L 277 26.06 -50.97 -65.76
N SER L 278 26.31 -52.26 -65.66
CA SER L 278 26.01 -53.08 -64.49
C SER L 278 27.28 -53.65 -63.89
N PHE L 279 27.14 -54.32 -62.74
CA PHE L 279 28.17 -55.22 -62.26
C PHE L 279 27.50 -56.48 -61.72
N GLU L 280 28.31 -57.53 -61.59
CA GLU L 280 27.82 -58.84 -61.18
C GLU L 280 27.71 -58.90 -59.66
N LEU L 281 26.49 -58.95 -59.15
CA LEU L 281 26.28 -59.15 -57.72
C LEU L 281 26.09 -60.63 -57.45
N PRO L 282 26.96 -61.27 -56.65
CA PRO L 282 26.85 -62.72 -56.41
C PRO L 282 25.75 -63.01 -55.39
N ILE L 283 24.79 -63.82 -55.79
CA ILE L 283 23.52 -63.93 -55.04
C ILE L 283 23.70 -64.74 -53.77
N PHE L 284 24.16 -65.98 -53.93
CA PHE L 284 24.34 -66.87 -52.78
C PHE L 284 25.00 -66.13 -51.63
N GLU L 285 25.98 -65.30 -51.94
CA GLU L 285 26.90 -64.85 -50.91
C GLU L 285 26.20 -63.69 -50.22
N THR L 286 25.54 -62.85 -51.03
CA THR L 286 24.80 -61.70 -50.54
C THR L 286 23.70 -62.16 -49.62
N VAL L 287 23.04 -63.27 -49.94
CA VAL L 287 21.96 -63.78 -49.10
C VAL L 287 22.53 -64.35 -47.81
N LEU L 288 23.45 -65.32 -47.94
CA LEU L 288 23.93 -66.04 -46.77
C LEU L 288 24.68 -65.14 -45.81
N LYS L 289 25.28 -64.05 -46.30
CA LYS L 289 26.05 -63.13 -45.45
C LYS L 289 25.27 -61.90 -45.01
N ARG L 290 24.00 -61.78 -45.42
CA ARG L 290 23.21 -60.57 -45.15
C ARG L 290 23.98 -59.32 -45.57
N ILE L 291 24.40 -59.31 -46.82
CA ILE L 291 25.05 -58.13 -47.38
C ILE L 291 23.99 -57.10 -47.77
N THR L 292 24.24 -55.84 -47.48
CA THR L 292 23.39 -54.74 -47.92
C THR L 292 24.18 -53.90 -48.92
N VAL L 293 23.60 -53.69 -50.11
CA VAL L 293 24.16 -52.81 -51.13
C VAL L 293 23.20 -51.63 -51.30
N ARG L 294 23.75 -50.41 -51.25
CA ARG L 294 22.92 -49.21 -51.18
C ARG L 294 23.50 -48.09 -52.05
N GLY L 295 22.71 -47.61 -53.01
CA GLY L 295 23.12 -46.43 -53.75
C GLY L 295 23.02 -45.19 -52.88
N SER L 296 23.95 -44.24 -53.09
CA SER L 296 23.95 -42.99 -52.34
C SER L 296 24.26 -41.84 -53.27
N ILE L 297 23.40 -40.82 -53.27
CA ILE L 297 23.45 -39.76 -54.27
C ILE L 297 23.60 -38.42 -53.56
N VAL L 298 24.74 -37.76 -53.80
CA VAL L 298 25.17 -36.52 -53.16
C VAL L 298 24.66 -36.41 -51.73
N GLY L 299 24.11 -35.25 -51.35
CA GLY L 299 23.57 -35.08 -50.01
C GLY L 299 22.60 -33.93 -49.93
N THR L 300 21.78 -33.94 -48.87
CA THR L 300 20.81 -32.87 -48.67
C THR L 300 21.52 -31.57 -48.29
N ARG L 301 20.72 -30.49 -48.21
CA ARG L 301 21.28 -29.24 -47.69
C ARG L 301 21.85 -29.46 -46.29
N LYS L 302 21.22 -30.34 -45.49
CA LYS L 302 21.73 -30.62 -44.16
C LYS L 302 23.06 -31.38 -44.23
N ASP L 303 23.13 -32.43 -45.07
CA ASP L 303 24.39 -33.13 -45.30
C ASP L 303 25.49 -32.17 -45.72
N LEU L 304 25.16 -31.23 -46.61
CA LEU L 304 26.15 -30.30 -47.13
C LEU L 304 26.70 -29.42 -46.03
N GLN L 305 25.82 -28.89 -45.17
CA GLN L 305 26.32 -28.07 -44.06
C GLN L 305 27.20 -28.88 -43.13
N GLU L 306 26.78 -30.12 -42.80
CA GLU L 306 27.60 -30.98 -41.95
C GLU L 306 28.97 -31.25 -42.56
N ALA L 307 29.01 -31.55 -43.86
CA ALA L 307 30.28 -31.80 -44.53
C ALA L 307 31.18 -30.56 -44.48
N LEU L 308 30.60 -29.38 -44.71
CA LEU L 308 31.39 -28.15 -44.63
C LEU L 308 31.91 -27.92 -43.22
N ASP L 309 31.15 -28.32 -42.21
CA ASP L 309 31.60 -28.14 -40.83
C ASP L 309 32.86 -28.95 -40.57
N PHE L 310 32.92 -30.17 -41.11
CA PHE L 310 34.13 -30.99 -40.98
C PHE L 310 35.33 -30.29 -41.59
N ALA L 311 35.15 -29.70 -42.77
CA ALA L 311 36.26 -28.99 -43.42
C ALA L 311 36.63 -27.73 -42.64
N ASN L 312 35.62 -26.98 -42.20
CA ASN L 312 35.90 -25.76 -41.44
C ASN L 312 36.66 -26.06 -40.14
N GLU L 313 36.45 -27.24 -39.56
CA GLU L 313 37.17 -27.59 -38.34
C GLU L 313 38.54 -28.17 -38.61
N GLY L 314 38.94 -28.26 -39.88
CA GLY L 314 40.24 -28.79 -40.22
C GLY L 314 40.35 -30.29 -40.20
N LEU L 315 39.22 -31.01 -40.09
CA LEU L 315 39.24 -32.46 -40.08
C LEU L 315 39.33 -33.04 -41.48
N VAL L 316 38.89 -32.29 -42.49
CA VAL L 316 38.97 -32.71 -43.88
C VAL L 316 39.55 -31.56 -44.68
N LYS L 317 40.59 -31.83 -45.45
CA LYS L 317 41.20 -30.84 -46.34
C LYS L 317 41.42 -31.51 -47.68
N ALA L 318 40.71 -31.05 -48.71
CA ALA L 318 40.87 -31.62 -50.04
C ALA L 318 42.28 -31.37 -50.55
N THR L 319 42.82 -32.37 -51.24
CA THR L 319 44.10 -32.22 -51.93
C THR L 319 43.84 -31.57 -53.28
N VAL L 320 44.30 -30.33 -53.46
CA VAL L 320 43.88 -29.51 -54.58
C VAL L 320 45.11 -28.99 -55.33
N THR L 321 45.03 -29.03 -56.65
CA THR L 321 45.95 -28.29 -57.48
C THR L 321 45.15 -27.49 -58.51
N SER L 322 45.61 -26.26 -58.77
CA SER L 322 44.84 -25.26 -59.50
C SER L 322 45.19 -25.27 -60.99
N ALA L 323 44.17 -25.17 -61.83
CA ALA L 323 44.33 -25.05 -63.27
C ALA L 323 43.57 -23.84 -63.77
N LYS L 324 44.00 -23.31 -64.92
CA LYS L 324 43.30 -22.18 -65.50
C LYS L 324 42.05 -22.67 -66.24
N LEU L 325 41.08 -21.77 -66.38
CA LEU L 325 39.85 -22.12 -67.08
C LEU L 325 40.15 -22.65 -68.49
N GLU L 326 41.14 -22.05 -69.17
CA GLU L 326 41.46 -22.46 -70.53
C GLU L 326 41.98 -23.89 -70.63
N ASP L 327 42.42 -24.49 -69.52
CA ASP L 327 43.04 -25.81 -69.54
C ASP L 327 42.04 -26.95 -69.35
N ILE L 328 40.74 -26.68 -69.46
CA ILE L 328 39.74 -27.67 -69.06
C ILE L 328 39.89 -28.96 -69.83
N ASN L 329 40.27 -28.88 -71.11
CA ASN L 329 40.44 -30.07 -71.92
C ASN L 329 41.63 -30.91 -71.45
N ASP L 330 42.76 -30.26 -71.18
CA ASP L 330 43.89 -30.98 -70.61
C ASP L 330 43.58 -31.51 -69.21
N VAL L 331 42.70 -30.81 -68.48
CA VAL L 331 42.26 -31.31 -67.18
C VAL L 331 41.49 -32.61 -67.34
N PHE L 332 40.53 -32.63 -68.27
CA PHE L 332 39.78 -33.86 -68.53
C PHE L 332 40.69 -34.95 -69.05
N ASP L 333 41.65 -34.60 -69.92
CA ASP L 333 42.57 -35.60 -70.46
C ASP L 333 43.39 -36.25 -69.34
N LYS L 334 43.83 -35.45 -68.36
CA LYS L 334 44.54 -36.02 -67.21
C LYS L 334 43.61 -36.92 -66.39
N MET L 335 42.33 -36.56 -66.30
CA MET L 335 41.38 -37.37 -65.55
C MET L 335 41.16 -38.73 -66.21
N LYS L 336 41.07 -38.75 -67.55
CA LYS L 336 40.87 -40.02 -68.25
C LYS L 336 42.02 -40.98 -67.99
N LYS L 337 43.23 -40.47 -67.86
CA LYS L 337 44.40 -41.31 -67.64
C LYS L 337 44.69 -41.50 -66.16
N GLY L 338 43.81 -41.02 -65.27
CA GLY L 338 44.00 -41.21 -63.85
C GLY L 338 45.22 -40.49 -63.31
N GLN L 339 45.58 -39.35 -63.89
CA GLN L 339 46.81 -38.64 -63.56
C GLN L 339 46.56 -37.45 -62.64
N ILE L 340 45.37 -37.34 -62.05
CA ILE L 340 45.04 -36.24 -61.14
C ILE L 340 45.27 -36.72 -59.71
N ASP L 341 46.03 -35.93 -58.95
CA ASP L 341 46.29 -36.22 -57.54
C ASP L 341 45.20 -35.55 -56.72
N GLY L 342 44.13 -36.30 -56.45
CA GLY L 342 42.98 -35.76 -55.77
C GLY L 342 42.00 -35.02 -56.66
N ARG L 343 41.99 -33.70 -56.56
CA ARG L 343 41.05 -32.84 -57.27
CA ARG L 343 41.06 -32.86 -57.30
C ARG L 343 41.78 -31.72 -58.00
N ILE L 344 41.39 -31.45 -59.23
CA ILE L 344 41.81 -30.25 -59.94
C ILE L 344 40.67 -29.24 -59.82
N VAL L 345 40.98 -28.02 -59.40
CA VAL L 345 39.99 -26.98 -59.19
C VAL L 345 40.32 -25.82 -60.10
N LEU L 346 39.34 -25.38 -60.88
CA LEU L 346 39.54 -24.25 -61.79
C LEU L 346 39.66 -22.94 -60.99
N ASP L 347 40.77 -22.23 -61.18
CA ASP L 347 40.98 -20.93 -60.57
C ASP L 347 40.43 -19.87 -61.51
N ILE L 348 39.18 -19.45 -61.27
CA ILE L 348 38.55 -18.43 -62.12
C ILE L 348 38.82 -17.02 -61.58
N ALA L 349 38.98 -16.87 -60.26
CA ALA L 349 39.42 -15.60 -59.69
C ALA L 349 40.91 -15.38 -59.95
C1 EDO M . 15.39 11.27 1.21
O1 EDO M . 14.82 12.44 1.85
C2 EDO M . 16.44 10.47 2.00
O2 EDO M . 17.13 11.22 3.03
PA NAD N . 26.13 -6.47 -13.08
O1A NAD N . 26.51 -5.04 -13.16
O2A NAD N . 26.64 -7.32 -14.23
O5B NAD N . 26.69 -7.11 -11.73
C5B NAD N . 26.59 -8.49 -11.35
C4B NAD N . 27.54 -8.66 -10.19
O4B NAD N . 27.40 -9.97 -9.61
C3B NAD N . 29.03 -8.48 -10.53
O3B NAD N . 29.63 -7.56 -9.62
C2B NAD N . 29.59 -9.89 -10.34
O2B NAD N . 30.96 -9.88 -9.94
C1B NAD N . 28.69 -10.37 -9.22
N9A NAD N . 28.69 -11.81 -8.99
C8A NAD N . 28.78 -12.82 -9.93
N7A NAD N . 28.81 -14.02 -9.41
C5A NAD N . 28.73 -13.80 -8.04
C6A NAD N . 28.71 -14.67 -6.94
N6A NAD N . 28.79 -16.00 -7.04
N1A NAD N . 28.60 -14.12 -5.71
C2A NAD N . 28.52 -12.79 -5.60
N3A NAD N . 28.55 -11.87 -6.57
C4A NAD N . 28.65 -12.45 -7.78
O3 NAD N . 24.55 -6.61 -13.13
PN NAD N . 23.40 -5.65 -12.56
O1N NAD N . 23.02 -4.66 -13.59
O2N NAD N . 23.80 -5.19 -11.21
O5D NAD N . 22.20 -6.69 -12.47
C5D NAD N . 22.28 -7.80 -11.58
C4D NAD N . 21.06 -8.68 -11.74
O4D NAD N . 19.89 -8.03 -11.19
C3D NAD N . 20.71 -9.09 -13.17
O3D NAD N . 20.19 -10.42 -13.13
C2D NAD N . 19.58 -8.13 -13.51
O2D NAD N . 18.71 -8.61 -14.53
C1D NAD N . 18.87 -8.06 -12.16
N1N NAD N . 17.98 -6.84 -11.96
C2N NAD N . 16.84 -7.08 -11.31
C3N NAD N . 15.98 -6.06 -10.98
C7N NAD N . 14.78 -6.28 -10.08
O7N NAD N . 13.93 -5.40 -9.98
N7N NAD N . 14.66 -7.47 -9.49
C4N NAD N . 16.32 -4.76 -11.38
C5N NAD N . 17.52 -4.53 -12.05
C6N NAD N . 18.34 -5.60 -12.34
C1 EDO O . 8.66 -4.49 4.21
O1 EDO O . 7.45 -5.23 4.12
C2 EDO O . 8.56 -3.24 3.35
O2 EDO O . 8.31 -3.60 1.97
C1 EDO P . 8.92 -10.14 -18.86
O1 EDO P . 7.88 -9.59 -19.68
C2 EDO P . 8.68 -9.80 -17.40
O2 EDO P . 7.31 -10.08 -17.05
C1 EDO Q . -4.53 4.32 -7.95
O1 EDO Q . -5.15 4.52 -9.23
C2 EDO Q . -3.40 3.30 -8.08
O2 EDO Q . -2.50 3.71 -9.12
C1 EDO R . 23.09 -24.90 -4.83
O1 EDO R . 23.91 -24.73 -3.68
C2 EDO R . 23.45 -23.84 -5.85
O2 EDO R . 22.27 -23.09 -5.96
C1 EDO S . 32.04 -19.08 -5.22
O1 EDO S . 31.72 -19.79 -4.00
C2 EDO S . 30.75 -18.57 -5.88
O2 EDO S . 30.05 -17.68 -5.00
C1 EDO T . 13.10 -1.89 -34.06
O1 EDO T . 13.43 -0.50 -34.05
C2 EDO T . 12.54 -2.25 -32.70
O2 EDO T . 11.29 -1.59 -32.53
C1 EDO U . -1.75 6.26 -13.11
C1 EDO U . -1.64 6.80 -13.46
O1 EDO U . -1.54 7.54 -12.51
O1 EDO U . -1.55 7.80 -12.43
C2 EDO U . -3.00 5.60 -12.55
C2 EDO U . -2.57 5.67 -13.05
O2 EDO U . -2.86 5.40 -11.13
O2 EDO U . -2.55 4.66 -14.08
C1 EDO V . -11.38 -4.99 -6.79
O1 EDO V . -11.02 -6.38 -6.83
C2 EDO V . -10.15 -4.14 -6.45
O2 EDO V . -9.31 -4.04 -7.60
C1 EDO W . 39.51 -11.97 5.02
O1 EDO W . 38.94 -13.28 5.16
C2 EDO W . 38.64 -11.16 4.06
O2 EDO W . 37.30 -11.68 4.10
C1 EDO X . 21.89 7.24 8.73
O1 EDO X . 21.86 8.65 8.49
C2 EDO X . 23.35 6.88 8.92
O2 EDO X . 24.09 7.75 8.05
ZN ZN Y . 17.03 -2.93 -14.88
ZN ZN Z . -2.71 -2.84 -12.37
CL CL AA . 16.90 14.30 -9.75
C1 EDO BA . -15.03 -13.06 1.30
O1 EDO BA . -13.99 -13.68 0.51
C2 EDO BA . -14.92 -13.33 2.79
O2 EDO BA . -15.05 -14.73 3.10
PA NAD CA . -26.22 5.78 13.53
O1A NAD CA . -26.98 4.83 12.67
O2A NAD CA . -27.02 7.01 13.91
O5B NAD CA . -25.71 5.06 14.86
C5B NAD CA . -25.06 5.75 15.95
C4B NAD CA . -25.14 4.80 17.12
O4B NAD CA . -24.31 5.26 18.20
C3B NAD CA . -26.54 4.59 17.71
O3B NAD CA . -26.79 3.19 17.81
C2B NAD CA . -26.44 5.24 19.09
O2B NAD CA . -27.27 4.61 20.06
C1B NAD CA . -24.97 4.96 19.39
N9A NAD CA . -24.40 5.74 20.48
C8A NAD CA . -24.72 7.03 20.84
N7A NAD CA . -24.13 7.45 21.93
C5A NAD CA . -23.34 6.37 22.31
C6A NAD CA . -22.47 6.17 23.40
N6A NAD CA . -22.27 7.07 24.38
N1A NAD CA . -21.82 4.98 23.47
C2A NAD CA . -22.04 4.07 22.51
N3A NAD CA . -22.85 4.14 21.47
C4A NAD CA . -23.49 5.32 21.42
O3 NAD CA . -24.96 6.31 12.73
PN NAD CA . -24.04 5.61 11.62
O1N NAD CA . -24.65 5.80 10.29
O2N NAD CA . -23.76 4.24 12.09
O5D NAD CA . -22.72 6.51 11.72
C5D NAD CA . -22.12 6.80 13.00
C4D NAD CA . -20.97 7.77 12.86
O4D NAD CA . -19.97 7.25 11.95
C3D NAD CA . -21.35 9.16 12.33
O3D NAD CA . -20.60 10.16 13.00
C2D NAD CA . -20.96 9.07 10.86
O2D NAD CA . -20.72 10.34 10.26
C1D NAD CA . -19.68 8.24 10.99
N1N NAD CA . -19.20 7.56 9.71
C2N NAD CA . -17.86 7.53 9.54
C3N NAD CA . -17.31 6.89 8.45
C7N NAD CA . -15.83 6.75 8.30
O7N NAD CA . -15.35 6.33 7.24
N7N NAD CA . -15.06 7.13 9.33
C4N NAD CA . -18.16 6.31 7.52
C5N NAD CA . -19.54 6.34 7.71
C6N NAD CA . -20.04 7.00 8.83
C1 EDO DA . -15.09 17.33 3.34
O1 EDO DA . -15.01 17.18 1.92
C2 EDO DA . -14.45 16.14 4.03
O2 EDO DA . -13.03 16.26 3.96
C1 EDO EA . -14.50 12.33 28.40
O1 EDO EA . -13.67 12.67 29.52
C2 EDO EA . -14.00 13.04 27.15
O2 EDO EA . -14.99 12.86 26.15
C1 EDO FA . -27.78 15.90 -10.37
O1 EDO FA . -27.20 15.39 -11.57
C2 EDO FA . -27.40 17.38 -10.23
O2 EDO FA . -25.98 17.46 -10.09
C1 EDO GA . -16.14 -17.83 11.96
O1 EDO GA . -14.98 -17.45 12.71
C2 EDO GA . -15.67 -18.58 10.74
O2 EDO GA . -14.46 -17.97 10.29
C1 EDO HA . -22.99 6.93 29.03
O1 EDO HA . -22.05 6.36 29.97
C2 EDO HA . -22.27 7.42 27.78
O2 EDO HA . -21.62 6.36 27.07
C1 EDO IA . -29.51 20.20 -6.48
O1 EDO IA . -29.70 20.35 -7.90
C2 EDO IA . -28.13 20.70 -6.11
O2 EDO IA . -27.19 20.25 -7.10
ZN ZN JA . -21.22 7.25 5.01
ZN ZN KA . -4.51 10.89 -5.00
CL CL LA . -22.84 -7.66 -4.73
C1 EDO MA . 24.10 -0.31 16.60
O1 EDO MA . 24.96 -1.19 15.83
C2 EDO MA . 23.94 1.13 16.10
O2 EDO MA . 24.47 1.35 14.78
PA NAD NA . 12.89 17.58 30.88
O1A NAD NA . 14.34 17.35 30.93
O2A NAD NA . 12.42 18.44 32.01
O5B NAD NA . 12.45 18.23 29.47
C5B NAD NA . 11.11 18.62 29.13
C4B NAD NA . 11.21 19.48 27.91
O4B NAD NA . 9.88 19.80 27.43
C3B NAD NA . 11.93 20.82 28.11
O3B NAD NA . 12.86 21.08 27.07
C2B NAD NA . 10.78 21.84 28.01
O2B NAD NA . 11.25 23.07 27.49
C1B NAD NA . 9.93 21.13 26.96
N9A NAD NA . 8.58 21.66 26.82
C8A NAD NA . 7.81 22.23 27.80
N7A NAD NA . 6.67 22.72 27.36
C5A NAD NA . 6.70 22.45 26.01
C6A NAD NA . 5.78 22.71 24.96
N6A NAD NA . 4.66 23.41 25.12
N1A NAD NA . 6.09 22.28 23.73
C2A NAD NA . 7.26 21.67 23.54
N3A NAD NA . 8.21 21.38 24.43
C4A NAD NA . 7.86 21.79 25.65
O3 NAD NA . 12.19 16.16 31.06
PN NAD NA . 12.62 14.72 30.52
O1N NAD NA . 13.49 14.04 31.50
O2N NAD NA . 13.09 14.87 29.11
O5D NAD NA . 11.20 14.00 30.55
C5D NAD NA . 10.09 14.50 29.77
C4D NAD NA . 8.85 13.69 30.06
O4D NAD NA . 9.04 12.32 29.62
C3D NAD NA . 8.46 13.60 31.55
O3D NAD NA . 7.06 13.70 31.72
C2D NAD NA . 8.96 12.21 31.93
O2D NAD NA . 8.31 11.67 33.08
C1D NAD NA . 8.65 11.45 30.64
N1N NAD NA . 9.38 10.13 30.46
C2N NAD NA . 8.66 9.14 29.91
C3N NAD NA . 9.23 7.91 29.65
C7N NAD NA . 8.47 6.84 28.90
O7N NAD NA . 8.95 5.70 28.82
N7N NAD NA . 7.28 7.15 28.38
C4N NAD NA . 10.56 7.72 29.99
C5N NAD NA . 11.29 8.75 30.56
C6N NAD NA . 10.68 9.96 30.79
C1 EDO OA . 3.92 3.13 37.90
O1 EDO OA . 3.09 2.57 36.88
C2 EDO OA . 3.53 2.52 39.24
O2 EDO OA . 4.52 1.57 39.65
C1 EDO PA . 18.32 0.78 49.73
O1 EDO PA . 18.68 -0.59 49.53
C2 EDO PA . 17.19 0.84 50.74
O2 EDO PA . 16.16 -0.03 50.24
C1 EDO QA . 10.56 29.00 12.59
O1 EDO QA . 10.32 30.05 13.54
C2 EDO QA . 11.99 29.11 12.06
O2 EDO QA . 12.91 28.60 13.03
C1 EDO RA . -0.92 16.70 4.72
O1 EDO RA . -0.84 15.40 4.11
C2 EDO RA . -1.75 16.68 6.01
O2 EDO RA . -2.83 17.63 5.99
C1 EDO SA . 5.41 -11.96 39.47
O1 EDO SA . 6.84 -12.07 39.35
C2 EDO SA . 4.81 -12.89 38.43
O2 EDO SA . 3.38 -12.89 38.47
C1 EDO TA . -9.77 17.61 7.35
O1 EDO TA . -10.48 17.67 6.10
C2 EDO TA . -8.64 16.61 7.24
O2 EDO TA . -7.54 17.15 6.48
C1 EDO UA . 31.63 9.21 37.53
O1 EDO UA . 32.14 7.92 37.91
C2 EDO UA . 32.74 10.24 37.73
O2 EDO UA . 33.14 10.26 39.11
C1 EDO VA . 14.06 5.12 52.83
O1 EDO VA . 15.04 4.37 53.54
C2 EDO VA . 13.93 4.54 51.42
O2 EDO VA . 13.54 3.18 51.48
C1 EDO WA . 7.73 -0.50 16.50
O1 EDO WA . 7.25 -1.13 17.70
C2 EDO WA . 6.99 -1.06 15.28
O2 EDO WA . 5.58 -0.87 15.44
C1 EDO XA . 18.60 23.87 12.26
O1 EDO XA . 19.36 23.47 11.13
C2 EDO XA . 17.52 24.86 11.82
O2 EDO XA . 17.12 25.66 12.94
C1 EDO YA . 1.46 29.11 21.39
O1 EDO YA . 1.65 28.45 20.12
C2 EDO YA . 1.14 28.13 22.51
O2 EDO YA . 2.32 27.53 23.10
ZN ZN ZA . 12.98 7.92 33.28
ZN ZN AB . 5.35 -10.44 32.67
CL CL BB . 28.28 0.85 27.13
PA NAD CB . 2.35 -37.12 8.33
O1A NAD CB . 1.24 -37.38 9.27
O2A NAD CB . 3.15 -38.37 8.02
O5B NAD CB . 1.72 -36.56 6.94
C5B NAD CB . 2.48 -36.20 5.77
C4B NAD CB . 1.52 -35.92 4.65
O4B NAD CB . 2.21 -35.43 3.48
C3B NAD CB . 0.68 -37.13 4.18
O3B NAD CB . -0.70 -36.77 4.24
C2B NAD CB . 1.19 -37.36 2.75
O2B NAD CB . 0.20 -37.91 1.88
C1B NAD CB . 1.53 -35.93 2.35
N9A NAD CB . 2.37 -35.78 1.17
C8A NAD CB . 3.42 -36.57 0.78
N7A NAD CB . 3.92 -36.24 -0.38
C5A NAD CB . 3.16 -35.15 -0.77
C6A NAD CB . 3.19 -34.33 -1.93
N6A NAD CB . 3.99 -34.55 -2.97
N1A NAD CB . 2.32 -33.30 -1.98
C2A NAD CB . 1.46 -33.11 -0.97
N3A NAD CB . 1.32 -33.83 0.15
C4A NAD CB . 2.20 -34.84 0.18
O3 NAD CB . 3.39 -36.13 9.01
PN NAD CB . 3.16 -34.94 10.06
O1N NAD CB . 3.18 -35.47 11.44
O2N NAD CB . 1.99 -34.17 9.59
O5D NAD CB . 4.49 -34.09 9.79
C5D NAD CB . 4.74 -33.63 8.44
C4D NAD CB . 6.10 -32.97 8.38
O4D NAD CB . 6.10 -31.79 9.23
C3D NAD CB . 7.28 -33.83 8.86
O3D NAD CB . 8.44 -33.59 8.07
C2D NAD CB . 7.53 -33.32 10.27
O2D NAD CB . 8.90 -33.54 10.64
C1D NAD CB . 7.21 -31.84 10.07
N1N NAD CB . 6.88 -31.06 11.35
C2N NAD CB . 7.37 -29.81 11.39
C3N NAD CB . 7.14 -29.01 12.49
C7N NAD CB . 7.60 -27.57 12.49
O7N NAD CB . 7.48 -26.90 13.50
N7N NAD CB . 8.15 -27.09 11.38
C4N NAD CB . 6.42 -29.52 13.55
C5N NAD CB . 5.93 -30.82 13.50
C6N NAD CB . 6.15 -31.58 12.37
C1 EDO DB . 16.87 -29.20 15.88
O1 EDO DB . 17.80 -28.13 16.04
C2 EDO DB . 17.52 -30.51 16.31
O2 EDO DB . 18.19 -30.38 17.57
C1 EDO EB . 11.33 -13.59 27.71
O1 EDO EB . 10.82 -12.87 28.84
C2 EDO EB . 10.83 -15.02 27.76
O2 EDO EB . 11.09 -15.57 29.06
C1 EDO FB . -9.30 -18.23 20.70
O1 EDO FB . -10.10 -17.65 21.75
C2 EDO FB . -10.08 -19.16 19.75
O2 EDO FB . -11.20 -18.53 19.06
C1 EDO GB . 17.22 -44.18 28.24
O1 EDO GB . 15.92 -44.30 28.80
C2 EDO GB . 17.25 -42.99 27.28
O2 EDO GB . 17.07 -41.80 28.04
C1 EDO HB . 13.34 -40.74 31.31
O1 EDO HB . 12.80 -40.07 32.47
C2 EDO HB . 14.81 -41.07 31.54
O2 EDO HB . 15.61 -39.91 31.31
C1 EDO IB . -6.70 -42.39 27.74
O1 EDO IB . -5.88 -41.30 28.18
C2 EDO IB . -6.82 -43.41 28.87
O2 EDO IB . -7.54 -44.56 28.41
C1 EDO JB . 3.12 -13.89 11.75
O1 EDO JB . 4.21 -14.02 12.67
C2 EDO JB . 3.03 -12.50 11.12
O2 EDO JB . 4.29 -12.15 10.52
C1 EDO KB . -10.70 -39.69 5.28
O1 EDO KB . -10.84 -40.04 6.66
C2 EDO KB . -10.99 -40.88 4.38
O2 EDO KB . -9.92 -41.83 4.49
ZN ZN LB . 6.32 -32.54 16.16
ZN ZN MB . 16.80 -17.83 24.62
CL CL NB . -7.28 -27.89 27.01
C1 EDO OB . -36.56 38.18 23.28
O1 EDO OB . -36.07 36.84 23.02
C2 EDO OB . -37.66 38.21 24.35
O2 EDO OB . -37.27 37.57 25.58
PA NAD PB . -52.40 58.02 23.77
O1A NAD PB . -52.93 56.67 23.51
O2A NAD PB . -53.47 59.08 23.43
O5B NAD PB . -52.00 58.15 25.31
C5B NAD PB . -51.38 59.25 26.00
C4B NAD PB . -51.52 58.97 27.48
O4B NAD PB . -50.89 60.03 28.25
C3B NAD PB . -52.96 58.86 28.01
O3B NAD PB . -53.11 57.65 28.74
C2B NAD PB . -53.10 60.11 28.90
O2B NAD PB . -53.99 59.95 29.99
C1B NAD PB . -51.67 60.24 29.40
N9A NAD PB . -51.34 61.53 30.00
C8A NAD PB . -51.85 62.75 29.65
N7A NAD PB . -51.42 63.74 30.42
C5A NAD PB . -50.58 63.11 31.32
C6A NAD PB . -49.81 63.60 32.40
N6A NAD PB . -49.82 64.88 32.81
N1A NAD PB . -49.04 62.71 33.07
C2A NAD PB . -49.07 61.43 32.70
N3A NAD PB . -49.77 60.85 31.72
C4A NAD PB . -50.51 61.74 31.08
O3 NAD PB . -51.16 58.25 22.79
PN NAD PB . -50.04 57.25 22.26
O1N NAD PB . -50.49 56.57 21.02
O2N NAD PB . -49.60 56.44 23.42
O5D NAD PB . -48.87 58.25 21.83
C5D NAD PB . -48.25 59.08 22.83
C4D NAD PB . -47.37 60.14 22.20
O4D NAD PB . -46.17 59.54 21.68
C3D NAD PB . -48.00 60.91 21.04
O3D NAD PB . -47.61 62.27 21.11
C2D NAD PB . -47.42 60.19 19.82
O2D NAD PB . -47.35 61.04 18.67
C1D NAD PB . -46.02 59.87 20.32
N1N NAD PB . -45.32 58.69 19.60
C2N NAD PB . -43.99 58.83 19.48
C3N NAD PB . -43.24 57.83 18.89
C7N NAD PB . -41.73 57.91 18.89
O7N NAD PB . -41.07 57.09 18.22
N7N NAD PB . -41.16 58.91 19.59
C4N NAD PB . -43.89 56.69 18.41
C5N NAD PB . -45.26 56.58 18.55
C6N NAD PB . -45.97 57.60 19.15
C1 EDO QB . -23.62 58.26 15.11
O1 EDO QB . -24.37 57.08 14.80
C2 EDO QB . -22.46 58.43 14.14
O2 EDO QB . -23.02 58.75 12.86
C1 EDO RB . -40.71 63.89 10.76
O1 EDO RB . -39.56 64.41 10.10
C2 EDO RB . -41.68 63.36 9.72
O2 EDO RB . -41.88 64.39 8.73
C1 EDO SB . -28.43 49.62 6.66
O1 EDO SB . -28.78 49.05 5.39
C2 EDO SB . -26.93 49.89 6.75
O2 EDO SB . -26.21 48.72 6.38
C1 EDO TB . -44.00 74.14 32.26
O1 EDO TB . -43.68 74.53 33.59
C2 EDO TB . -43.18 72.91 31.88
O2 EDO TB . -43.90 72.21 30.90
C1 EDO UB . -48.93 37.02 18.91
O1 EDO UB . -49.66 36.98 17.68
C2 EDO UB . -47.44 37.15 18.65
O2 EDO UB . -47.01 36.25 17.61
C1 EDO VB . -29.65 69.50 44.59
O1 EDO VB . -30.27 68.25 44.95
C2 EDO VB . -30.18 69.89 43.22
O2 EDO VB . -31.54 69.43 43.11
C1 EDO WB . -38.01 37.74 34.23
O1 EDO WB . -37.22 38.21 33.13
C2 EDO WB . -38.72 38.93 34.83
O2 EDO WB . -37.71 39.88 35.15
C1 EDO XB . -33.21 42.93 42.53
O1 EDO XB . -33.04 44.35 42.60
C2 EDO XB . -33.98 42.55 41.27
O2 EDO XB . -35.31 43.03 41.33
ZN ZN YB . -46.58 55.68 15.59
ZN ZN ZB . -29.47 56.64 5.77
CL CL AC . -45.02 37.83 15.12
C1 EDO BC . -11.26 63.71 11.64
O1 EDO BC . -11.82 65.01 11.33
C2 EDO BC . -9.77 63.83 11.95
O2 EDO BC . -9.53 64.80 13.01
PA NAD CC . 3.97 43.63 8.78
O1A NAD CC . 4.14 44.88 7.99
O2A NAD CC . 4.71 42.44 8.20
O5B NAD CC . 4.45 43.89 10.28
C5B NAD CC . 4.45 42.93 11.36
C4B NAD CC . 5.30 43.55 12.44
O4B NAD CC . 5.28 42.73 13.64
C3B NAD CC . 6.77 43.77 12.09
O3B NAD CC . 7.18 45.09 12.40
C2B NAD CC . 7.49 42.77 13.01
O2B NAD CC . 8.79 43.25 13.38
C1B NAD CC . 6.56 42.79 14.21
N9A NAD CC . 6.73 41.70 15.16
C8A NAD CC . 7.10 40.41 14.88
N7A NAD CC . 7.27 39.66 15.94
C5A NAD CC . 6.99 40.51 17.00
C6A NAD CC . 6.99 40.33 18.39
N6A NAD CC . 7.26 39.15 18.99
N1A NAD CC . 6.69 41.40 19.17
C2A NAD CC . 6.38 42.55 18.57
N3A NAD CC . 6.32 42.84 17.27
C4A NAD CC . 6.64 41.77 16.53
O3 NAD CC . 2.44 43.23 8.70
PN NAD CC . 1.12 44.13 8.68
O1N NAD CC . 0.73 44.43 7.28
O2N NAD CC . 1.36 45.23 9.64
O5D NAD CC . 0.05 43.11 9.29
C5D NAD CC . 0.20 42.64 10.65
C4D NAD CC . -0.82 41.56 10.94
O4D NAD CC . -2.16 42.14 11.00
C3D NAD CC . -0.91 40.44 9.90
O3D NAD CC . -1.13 39.19 10.53
C2D NAD CC . -2.12 40.86 9.05
O2D NAD CC . -2.76 39.76 8.42
C1D NAD CC . -3.01 41.44 10.15
N1N NAD CC . -4.12 42.39 9.67
C2N NAD CC . -5.27 42.33 10.34
C3N NAD CC . -6.32 43.17 10.02
C7N NAD CC . -7.56 43.24 10.88
O7N NAD CC . -8.53 43.88 10.50
N7N NAD CC . -7.57 42.55 12.02
C4N NAD CC . -6.15 44.07 8.97
C5N NAD CC . -4.95 44.13 8.30
C6N NAD CC . -3.92 43.27 8.65
C1 EDO DC . -12.11 35.08 4.66
O1 EDO DC . -13.11 34.14 4.24
C2 EDO DC . -11.77 34.83 6.12
O2 EDO DC . -13.00 34.69 6.84
C1 EDO EC . 2.56 32.35 25.48
O1 EDO EC . 3.68 32.44 26.35
C2 EDO EC . 2.97 32.64 24.04
O2 EDO EC . 1.85 32.25 23.27
C1 EDO FC . 10.55 38.43 22.23
O1 EDO FC . 10.40 38.45 23.66
C2 EDO FC . 9.22 38.10 21.54
O2 EDO FC . 8.30 39.19 21.66
C1 EDO GC . -7.56 35.07 -10.93
O1 EDO GC . -8.96 34.86 -10.81
C2 EDO GC . -7.25 35.66 -12.31
O2 EDO GC . -7.58 34.70 -13.33
C1 EDO HC . -15.91 51.16 21.76
O1 EDO HC . -16.59 50.04 22.35
C2 EDO HC . -15.19 50.73 20.48
O2 EDO HC . -16.09 50.15 19.54
C1 EDO IC . -3.49 65.71 19.34
O1 EDO IC . -3.37 65.04 20.61
C2 EDO IC . -4.90 66.25 19.21
O2 EDO IC . -5.14 67.12 20.33
C1 EDO JC . -2.68 39.84 40.46
O1 EDO JC . -2.28 39.25 39.23
C2 EDO JC . -1.82 41.07 40.73
O2 EDO JC . -1.99 42.03 39.68
C1 EDO KC . 15.43 50.62 27.41
O1 EDO KC . 15.19 49.64 28.44
C2 EDO KC . 14.13 50.99 26.70
O2 EDO KC . 13.52 49.83 26.09
C1 EDO LC . -8.16 51.32 31.94
O1 EDO LC . -8.74 52.59 32.30
C2 EDO LC . -6.86 51.08 32.72
O2 EDO LC . -7.11 51.13 34.12
ZN ZN MC . -5.28 44.07 5.06
ZN ZN NC . -24.87 41.61 6.62
CL CL OC . -8.51 61.15 0.79
PA NAD PC . -17.46 24.24 42.36
O1A NAD PC . -18.57 24.25 43.34
O2A NAD PC . -16.42 23.18 42.66
O5B NAD PC . -18.06 23.97 40.88
C5B NAD PC . -17.25 23.74 39.71
C4B NAD PC . -18.20 23.30 38.63
O4B NAD PC . -17.52 23.28 37.34
C3B NAD PC . -18.77 21.89 38.82
O3B NAD PC . -20.18 21.88 38.55
C2B NAD PC . -18.03 21.06 37.77
O2B NAD PC . -18.79 19.93 37.37
C1B NAD PC . -17.92 22.11 36.66
N9A NAD PC . -16.97 21.80 35.60
C8A NAD PC . -15.75 21.18 35.72
N7A NAD PC . -15.17 20.92 34.57
C5A NAD PC . -16.07 21.43 33.63
C6A NAD PC . -16.04 21.49 32.23
N6A NAD PC . -15.07 20.95 31.47
N1A NAD PC . -17.06 22.11 31.60
C2A NAD PC . -18.06 22.60 32.34
N3A NAD PC . -18.21 22.59 33.67
C4A NAD PC . -17.17 21.99 34.26
O3 NAD PC . -16.69 25.63 42.48
PN NAD PC . -17.21 27.13 42.70
O1N NAD PC . -17.23 27.48 44.14
O2N NAD PC . -18.45 27.32 41.91
O5D NAD PC . -16.01 27.95 42.03
C5D NAD PC . -15.61 27.73 40.66
C4D NAD PC . -14.37 28.53 40.34
O4D NAD PC . -14.64 29.95 40.46
C3D NAD PC . -13.15 28.24 41.23
O3D NAD PC . -11.96 28.27 40.45
C2D NAD PC . -13.17 29.43 42.21
O2D NAD PC . -11.88 29.67 42.77
C1D NAD PC . -13.66 30.53 41.27
N1N NAD PC . -14.25 31.77 41.96
C2N NAD PC . -13.93 32.93 41.37
C3N NAD PC . -14.43 34.12 41.89
C7N NAD PC . -14.23 35.42 41.14
O7N NAD PC . -14.58 36.47 41.66
N7N NAD PC . -13.67 35.37 39.93
C4N NAD PC . -15.22 34.07 43.03
C5N NAD PC . -15.53 32.85 43.60
C6N NAD PC . -15.04 31.69 43.05
C1 EDO QC . -14.66 54.13 47.43
O1 EDO QC . -14.45 54.43 48.82
C2 EDO QC . -15.36 55.31 46.79
O2 EDO QC . -14.52 56.46 46.82
C1 EDO RC . -24.61 18.98 17.52
O1 EDO RC . -24.02 17.97 16.69
C2 EDO RC . -23.99 18.88 18.90
O2 EDO RC . -22.57 18.75 18.82
C1 EDO SC . -4.81 31.59 62.15
O1 EDO SC . -4.82 33.00 62.36
C2 EDO SC . -4.63 30.86 63.47
O2 EDO SC . -5.35 31.56 64.50
C1 EDO TC . -14.09 33.02 11.53
O1 EDO TC . -14.40 33.23 10.15
C2 EDO TC . -15.12 32.09 12.14
O2 EDO TC . -16.44 32.58 11.86
C1 EDO UC . -28.32 27.82 61.29
O1 EDO UC . -27.83 27.39 62.56
C2 EDO UC . -28.40 29.34 61.27
O2 EDO UC . -27.16 29.88 61.73
C1 EDO VC . -33.42 21.42 29.22
O1 EDO VC . -33.70 21.79 27.87
C2 EDO VC . -33.75 22.57 30.16
O2 EDO VC . -35.17 22.73 30.26
C1 EDO WC . -27.11 17.55 26.16
O1 EDO WC . -26.02 16.79 26.67
C2 EDO WC . -27.33 17.28 24.68
O2 EDO WC . -28.53 18.00 24.32
ZN ZN XC . -15.22 33.03 46.92
ZN ZN YC . -8.03 51.56 46.46
CL CL ZC . -30.63 39.96 53.08
C1 EDO AD . -30.91 61.16 44.73
O1 EDO AD . -30.50 59.84 45.13
C2 EDO AD . -32.42 61.32 44.88
O2 EDO AD . -32.79 62.62 44.39
C1 EDO BD . -2.85 63.30 30.65
O1 EDO BD . -1.59 62.59 30.76
C2 EDO BD . -2.81 64.44 29.63
O2 EDO BD . -2.37 64.03 28.31
PA NAD CD . -18.17 83.64 33.53
O1A NAD CD . -16.70 83.80 33.69
O2A NAD CD . -18.93 84.86 34.06
O5B NAD CD . -18.54 83.42 32.01
C5B NAD CD . -19.88 83.51 31.50
C4B NAD CD . -19.72 83.60 30.01
O4B NAD CD . -20.99 83.32 29.36
C3B NAD CD . -19.26 84.97 29.49
O3B NAD CD . -18.15 84.83 28.59
C2B NAD CD . -20.50 85.51 28.76
O2B NAD CD . -20.19 86.37 27.67
C1B NAD CD . -21.10 84.19 28.26
N9A NAD CD . -22.50 84.27 27.83
C8A NAD CD . -23.49 85.02 28.39
N7A NAD CD . -24.61 85.03 27.71
C5A NAD CD . -24.34 84.20 26.63
C6A NAD CD . -25.11 83.79 25.54
N6A NAD CD . -26.36 84.22 25.30
N1A NAD CD . -24.56 82.93 24.66
C2A NAD CD . -23.30 82.53 24.86
N3A NAD CD . -22.46 82.85 25.85
C4A NAD CD . -23.04 83.71 26.70
O3 NAD CD . -18.66 82.38 34.39
PN NAD CD . -17.90 81.03 34.76
O1N NAD CD . -17.10 81.18 36.00
O2N NAD CD . -17.25 80.54 33.52
O5D NAD CD . -19.14 80.09 35.11
C5D NAD CD . -20.24 79.94 34.18
C4D NAD CD . -21.42 79.25 34.83
O4D NAD CD . -21.08 77.89 35.16
C3D NAD CD . -21.91 79.89 36.12
O3D NAD CD . -23.33 79.83 36.19
C2D NAD CD . -21.27 79.02 37.19
O2D NAD CD . -21.96 79.09 38.44
C1D NAD CD . -21.36 77.66 36.51
N1N NAD CD . -20.38 76.60 37.05
C2N NAD CD . -20.86 75.35 37.03
C3N NAD CD . -20.07 74.29 37.48
C7N NAD CD . -20.53 72.88 37.31
O7N NAD CD . -19.89 71.95 37.85
N7N NAD CD . -21.65 72.66 36.61
C4N NAD CD . -18.79 74.58 37.95
C5N NAD CD . -18.32 75.88 37.93
C6N NAD CD . -19.14 76.88 37.48
C1 EDO DD . -25.08 73.66 47.28
O1 EDO DD . -25.95 73.48 48.41
C2 EDO DD . -25.73 73.21 45.99
O2 EDO DD . -26.08 71.82 46.11
C1 EDO ED . -28.43 86.10 21.41
O1 EDO ED . -28.97 85.29 20.36
C2 EDO ED . -28.39 85.37 22.75
O2 EDO ED . -27.57 84.21 22.66
C1 EDO FD . -16.93 83.88 58.56
O1 EDO FD . -15.87 83.92 59.53
C2 EDO FD . -17.32 82.42 58.36
O2 EDO FD . -17.59 81.81 59.63
C1 EDO GD . 1.08 84.67 43.16
O1 EDO GD . 2.07 85.32 43.97
C2 EDO GD . 1.05 83.17 43.45
O2 EDO GD . 1.02 82.95 44.86
ZN ZN HD . -16.83 76.82 40.67
ZN ZN ID . -21.32 59.52 49.25
CL CL JD . 0.04 70.69 39.05
C1 EDO KD . 1.79 -62.17 -33.80
O1 EDO KD . 1.09 -62.20 -32.53
C2 EDO KD . 0.84 -62.20 -35.00
O2 EDO KD . -0.18 -61.18 -34.97
PA NAD LD . 9.79 -72.90 -55.51
O1A NAD LD . 8.68 -73.53 -54.73
O2A NAD LD . 10.38 -73.90 -56.49
O5B NAD LD . 9.23 -71.64 -56.35
C5B NAD LD . 10.00 -70.75 -57.19
C4B NAD LD . 9.00 -69.84 -57.84
O4B NAD LD . 9.69 -68.84 -58.64
C3B NAD LD . 8.00 -70.52 -58.79
O3B NAD LD . 6.65 -70.21 -58.44
C2B NAD LD . 8.34 -69.94 -60.16
O2B NAD LD . 7.17 -69.79 -60.97
C1B NAD LD . 8.91 -68.59 -59.78
N9A NAD LD . 9.74 -67.95 -60.81
C8A NAD LD . 10.66 -68.56 -61.61
N7A NAD LD . 11.22 -67.74 -62.47
C5A NAD LD . 10.64 -66.51 -62.21
C6A NAD LD . 10.82 -65.24 -62.75
N6A NAD LD . 11.66 -64.96 -63.75
N1A NAD LD . 10.10 -64.22 -62.22
C2A NAD LD . 9.26 -64.48 -61.22
N3A NAD LD . 9.00 -65.65 -60.63
C4A NAD LD . 9.71 -66.63 -61.16
O3 NAD LD . 10.98 -72.46 -54.53
PN NAD LD . 11.01 -72.09 -52.98
O1N NAD LD . 10.95 -73.32 -52.16
O2N NAD LD . 9.99 -71.03 -52.75
O5D NAD LD . 12.45 -71.44 -52.85
C5D NAD LD . 12.83 -70.43 -53.81
C4D NAD LD . 14.29 -70.11 -53.65
O4D NAD LD . 14.53 -69.57 -52.33
C3D NAD LD . 15.26 -71.28 -53.83
O3D NAD LD . 16.41 -70.82 -54.52
C2D NAD LD . 15.58 -71.66 -52.39
O2D NAD LD . 16.85 -72.28 -52.28
C1D NAD LD . 15.58 -70.28 -51.73
N1N NAD LD . 15.37 -70.27 -50.19
C2N NAD LD . 16.02 -69.29 -49.53
C3N NAD LD . 15.90 -69.17 -48.16
C7N NAD LD . 16.61 -68.06 -47.43
O7N NAD LD . 16.54 -68.01 -46.19
N7N NAD LD . 17.31 -67.19 -48.14
C4N NAD LD . 15.08 -70.07 -47.49
C5N NAD LD . 14.39 -71.05 -48.19
C6N NAD LD . 14.56 -71.14 -49.54
C1 EDO MD . 22.08 -65.70 -27.97
O1 EDO MD . 22.55 -66.94 -28.52
C2 EDO MD . 23.01 -65.25 -26.85
O2 EDO MD . 23.26 -66.36 -25.98
C1 EDO ND . 20.74 -60.23 -65.15
O1 EDO ND . 21.13 -60.44 -66.51
C2 EDO ND . 20.56 -61.56 -64.46
O2 EDO ND . 19.90 -62.46 -65.35
C1 EDO OD . 16.99 -59.63 -34.29
O1 EDO OD . 16.93 -60.72 -33.35
C2 EDO OD . 17.50 -58.36 -33.62
O2 EDO OD . 17.77 -57.38 -34.64
C1 EDO PD . -4.90 -56.53 -40.28
O1 EDO PD . -3.80 -56.24 -39.40
C2 EDO PD . -4.71 -55.70 -41.54
O2 EDO PD . -3.30 -55.62 -41.80
C1 EDO QD . 19.94 -36.19 -64.70
O1 EDO QD . 21.18 -36.90 -64.65
C2 EDO QD . 18.81 -37.09 -64.21
O2 EDO QD . 19.29 -37.91 -63.12
ZN ZN RD . 14.63 -74.03 -46.82
ZN ZN SD . 27.61 -67.91 -33.16
CL CL TD . 1.92 -73.74 -33.76
C1 EDO UD . 37.57 -49.97 -31.75
O1 EDO UD . 38.51 -50.53 -32.68
C2 EDO UD . 38.05 -48.63 -31.20
O2 EDO UD . 38.44 -47.70 -32.23
PA NAD VD . 30.50 -41.33 -8.86
O1A NAD VD . 31.91 -41.68 -9.19
O2A NAD VD . 30.30 -41.18 -7.35
O5B NAD VD . 30.14 -39.94 -9.60
C5B NAD VD . 28.91 -39.20 -9.44
C4B NAD VD . 29.13 -37.87 -10.10
O4B NAD VD . 27.89 -37.14 -10.20
C3B NAD VD . 30.11 -36.94 -9.37
O3B NAD VD . 31.06 -36.39 -10.28
C2B NAD VD . 29.19 -35.84 -8.81
O2B NAD VD . 29.84 -34.59 -8.63
C1B NAD VD . 28.18 -35.78 -9.93
N9A NAD VD . 26.95 -35.07 -9.62
C8A NAD VD . 26.27 -35.06 -8.42
N7A NAD VD . 25.23 -34.26 -8.41
C5A NAD VD . 25.21 -33.73 -9.69
C6A NAD VD . 24.36 -32.79 -10.32
N6A NAD VD . 23.33 -32.20 -9.71
N1A NAD VD . 24.62 -32.47 -11.60
C2A NAD VD . 25.66 -33.05 -12.21
N3A NAD VD . 26.53 -33.93 -11.73
C4A NAD VD . 26.25 -34.22 -10.45
O3 NAD VD . 29.54 -42.50 -9.33
PN NAD VD . 29.66 -43.50 -10.57
O1N NAD VD . 30.43 -44.70 -10.19
O2N NAD VD . 30.14 -42.69 -11.73
O5D NAD VD . 28.14 -43.94 -10.76
C5D NAD VD . 27.17 -42.92 -11.11
C4D NAD VD . 25.79 -43.52 -11.11
O4D NAD VD . 25.63 -44.45 -12.21
C3D NAD VD . 25.40 -44.30 -9.85
O3D NAD VD . 24.04 -44.02 -9.55
C2D NAD VD . 25.57 -45.75 -10.28
O2D NAD VD . 24.75 -46.64 -9.52
C1D NAD VD . 25.12 -45.66 -11.72
N1N NAD VD . 25.62 -46.80 -12.63
C2N NAD VD . 24.73 -47.21 -13.55
C3N NAD VD . 25.08 -48.19 -14.46
C7N NAD VD . 24.09 -48.57 -15.55
O7N NAD VD . 24.36 -49.51 -16.32
N7N NAD VD . 22.94 -47.89 -15.62
C4N NAD VD . 26.36 -48.73 -14.40
C5N NAD VD . 27.26 -48.28 -13.44
C6N NAD VD . 26.87 -47.31 -12.56
C1 EDO WD . 30.48 -63.41 2.17
O1 EDO WD . 30.63 -64.81 2.47
C2 EDO WD . 29.13 -63.20 1.52
O2 EDO WD . 28.81 -64.36 0.74
C1 EDO XD . 12.40 -66.46 -28.21
O1 EDO XD . 12.12 -66.68 -26.82
C2 EDO XD . 11.55 -67.40 -29.04
O2 EDO XD . 10.25 -67.54 -28.45
C1 EDO YD . 18.24 -56.45 -11.46
O1 EDO YD . 19.36 -56.56 -12.36
C2 EDO YD . 18.57 -55.56 -10.26
O2 EDO YD . 19.16 -56.31 -9.20
C1 EDO ZD . 37.11 -39.84 -34.17
O1 EDO ZD . 36.67 -38.68 -33.46
C2 EDO ZD . 38.50 -39.57 -34.69
O2 EDO ZD . 39.04 -38.48 -33.93
C1 EDO AE . 30.14 -21.27 -16.47
O1 EDO AE . 30.29 -21.25 -17.89
C2 EDO AE . 30.32 -22.72 -16.04
O2 EDO AE . 30.78 -22.86 -14.69
C1 EDO BE . 12.17 -57.91 -28.59
O1 EDO BE . 12.38 -58.74 -27.43
C2 EDO BE . 13.51 -57.30 -28.99
O2 EDO BE . 14.35 -57.25 -27.83
ZN ZN CE . 28.78 -50.68 -11.89
ZN ZN DE . 17.86 -64.43 -21.27
CL CL EE . 42.28 -55.34 -22.64
C1 EDO FE . -2.39 -46.60 -46.57
O1 EDO FE . -2.47 -47.10 -47.91
C2 EDO FE . -3.31 -47.39 -45.64
O2 EDO FE . -3.34 -48.78 -46.03
PA NAD GE . -10.37 -35.94 -25.04
O1A NAD GE . -11.34 -36.15 -26.15
O2A NAD GE . -10.96 -35.04 -23.99
O5B NAD GE . -10.02 -37.36 -24.38
C5B NAD GE . -9.18 -37.53 -23.22
C4B NAD GE . -9.42 -38.90 -22.68
O4B NAD GE . -8.51 -39.20 -21.60
C3B NAD GE . -10.83 -39.17 -22.13
O3B NAD GE . -11.36 -40.36 -22.72
C2B NAD GE . -10.59 -39.37 -20.63
O2B NAD GE . -11.54 -40.25 -20.04
C1B NAD GE . -9.20 -39.99 -20.67
N9A NAD GE . -8.48 -40.02 -19.39
C8A NAD GE . -8.54 -39.10 -18.38
N7A NAD GE . -7.85 -39.45 -17.33
C5A NAD GE . -7.28 -40.66 -17.67
C6A NAD GE . -6.44 -41.56 -16.99
N6A NAD GE . -6.02 -41.38 -15.73
N1A NAD GE . -6.05 -42.69 -17.63
C2A NAD GE . -6.48 -42.89 -18.88
N3A NAD GE . -7.28 -42.12 -19.63
C4A NAD GE . -7.66 -41.02 -18.97
O3 NAD GE . -9.06 -35.21 -25.58
PN NAD GE . -8.31 -35.37 -26.98
O1N NAD GE . -8.88 -34.42 -27.96
O2N NAD GE . -8.26 -36.82 -27.29
O5D NAD GE . -6.83 -34.89 -26.63
C5D NAD GE . -6.14 -35.55 -25.54
C4D NAD GE . -4.86 -34.80 -25.22
O4D NAD GE . -3.94 -34.88 -26.33
C3D NAD GE . -5.04 -33.31 -24.91
O3D NAD GE . -4.16 -32.91 -23.87
C2D NAD GE . -4.63 -32.65 -26.23
O2D NAD GE . -4.19 -31.31 -26.08
C1D NAD GE . -3.50 -33.58 -26.65
N1N NAD GE . -3.17 -33.54 -28.14
C2N NAD GE . -1.86 -33.64 -28.44
C3N NAD GE . -1.46 -33.65 -29.76
C7N NAD GE . -0.01 -33.86 -30.14
O7N NAD GE . 0.35 -33.70 -31.31
N7N NAD GE . 0.85 -34.14 -29.15
C4N NAD GE . -2.42 -33.55 -30.76
C5N NAD GE . -3.76 -33.45 -30.41
C6N NAD GE . -4.12 -33.45 -29.09
C1 EDO HE . 3.20 -24.36 -28.85
O1 EDO HE . 4.56 -23.91 -28.99
C2 EDO HE . 2.33 -23.15 -28.61
O2 EDO HE . 2.82 -22.06 -29.40
C1 EDO IE . -5.92 -42.87 -12.60
O1 EDO IE . -5.53 -43.42 -13.87
C2 EDO IE . -6.60 -43.93 -11.74
O2 EDO IE . -5.69 -45.00 -11.44
C1 EDO JE . -9.82 -13.17 -33.56
O1 EDO JE . -8.80 -12.48 -34.29
C2 EDO JE . -11.11 -12.34 -33.63
O2 EDO JE . -11.30 -11.90 -34.99
ZN ZN KE . -5.32 -30.90 -32.00
ZN ZN LE . 11.65 -24.91 -40.43
CL CL ME . -9.78 -37.70 -47.83
C1 EDO NE . 31.14 -31.35 -37.52
O1 EDO NE . 30.97 -30.39 -36.45
C2 EDO NE . 32.55 -31.94 -37.51
O2 EDO NE . 32.98 -32.28 -36.19
PA NAD OE . 38.23 -39.58 -60.13
O1A NAD OE . 38.83 -38.35 -59.54
O2A NAD OE . 38.67 -39.76 -61.58
O5B NAD OE . 38.64 -40.91 -59.33
C5B NAD OE . 38.34 -42.24 -59.80
C4B NAD OE . 39.31 -43.16 -59.10
O4B NAD OE . 38.90 -44.54 -59.28
C3B NAD OE . 40.77 -43.08 -59.57
O3B NAD OE . 41.61 -42.63 -58.51
C2B NAD OE . 41.11 -44.51 -60.00
O2B NAD OE . 42.44 -44.86 -59.63
C1B NAD OE . 40.07 -45.32 -59.24
N9A NAD OE . 39.78 -46.64 -59.80
C8A NAD OE . 39.55 -46.96 -61.11
N7A NAD OE . 39.33 -48.24 -61.33
C5A NAD OE . 39.43 -48.80 -60.07
C6A NAD OE . 39.32 -50.12 -59.61
N6A NAD OE . 39.08 -51.17 -60.40
N1A NAD OE . 39.46 -50.34 -58.28
C2A NAD OE . 39.70 -49.30 -57.48
N3A NAD OE . 39.83 -48.01 -57.79
C4A NAD OE . 39.70 -47.83 -59.12
O3 NAD OE . 36.65 -39.43 -60.10
PN NAD OE . 35.74 -38.81 -58.95
O1N NAD OE . 35.58 -37.36 -59.18
O2N NAD OE . 36.30 -39.28 -57.66
O5D NAD OE . 34.34 -39.51 -59.24
C5D NAD OE . 34.22 -40.95 -59.17
C4D NAD OE . 32.84 -41.37 -59.65
O4D NAD OE . 31.82 -40.93 -58.72
C3D NAD OE . 32.41 -40.85 -61.03
O3D NAD OE . 31.72 -41.87 -61.74
C2D NAD OE . 31.49 -39.69 -60.66
O2D NAD OE . 30.54 -39.44 -61.70
C1D NAD OE . 30.82 -40.27 -59.43
N1N NAD OE . 30.16 -39.23 -58.49
C2N NAD OE . 29.07 -39.67 -57.86
C3N NAD OE . 28.37 -38.84 -57.00
C7N NAD OE . 27.16 -39.34 -56.26
O7N NAD OE . 26.48 -38.55 -55.59
N7N NAD OE . 26.86 -40.64 -56.39
C4N NAD OE . 28.83 -37.55 -56.81
C5N NAD OE . 29.98 -37.12 -57.46
C6N NAD OE . 30.64 -37.98 -58.31
C1 EDO PE . 10.46 -28.99 -46.38
O1 EDO PE . 9.99 -27.99 -47.27
C2 EDO PE . 11.35 -29.96 -47.14
O2 EDO PE . 12.17 -29.24 -48.08
C1 EDO QE . 20.99 -43.12 -43.38
O1 EDO QE . 21.84 -42.20 -44.08
C2 EDO QE . 21.83 -44.16 -42.65
O2 EDO QE . 21.01 -45.30 -42.38
ZN ZN RE . 29.93 -34.16 -58.74
ZN ZN SE . 10.73 -32.56 -54.19
CL CL TE . 33.02 -22.98 -44.95
#